data_3KP0
#
_entry.id   3KP0
#
_cell.length_a   66.090
_cell.length_b   231.950
_cell.length_c   124.320
_cell.angle_alpha   90.00
_cell.angle_beta   103.24
_cell.angle_gamma   90.00
#
_symmetry.space_group_name_H-M   'P 1 21 1'
#
loop_
_entity.id
_entity.type
_entity.pdbx_description
1 polymer 'D-ornithine aminomutase E component'
2 polymer 'D-ornithine aminomutase S component'
3 non-polymer "5'-DEOXYADENOSINE"
4 non-polymer '(2S)-2-amino-4-{[(1Z)-{3-hydroxy-2-methyl-5-[(phosphonooxy)methyl]pyridin-4-yl}methylidene]amino}butanoic acid'
5 non-polymer COBALAMIN
#
loop_
_entity_poly.entity_id
_entity_poly.type
_entity_poly.pdbx_seq_one_letter_code
_entity_poly.pdbx_strand_id
1 'polypeptide(L)'
;MEKDLQLRVNEKLDVENILKDLDKYTPKRRGWTWRQPAENLQMGPFIYKDASTPLENSVALPSAKYFGDIDPQPLPVITT
EIASGRFEDDIRRMRMAAWHGADHIMVIRTAGQSHYDGLIEGTPQGIGGVPITRKQVRAQRKALDLIEEEVGRPINYHSY
VSGVAGPDIAVMFAEEGVNGAHQDPQYNVLYRNINMIRSFIDACESKTIMAWADMAQIDGAHNANATAREAWKVMPELMV
QHALNSIFSLKVGMKKSNICLSTVPPTAPPAPSMYLDLPYAVALREMFEGYRMRAQMNTKYMEASTREATVTHVLNLLIS
KLTRADIQSTITPDEGRNVPWHIYNIEACDTAKQALIGMDGLMDMVQLKREGVLGDTVRELKERAVLFMEEIIEAGGYFN
AVEQGFFVDSGYYPERNGDGIARQINGGIGAGTVFERDEDYMAPVTAHFGYNNVKQYDEALVSEPSKLIDGCTLEVPEKI
VYIDELDENDNVNVRMEETKEFRHSSMIKPEVEWQADGTVLLTMFLPTSKRVAEFAAIEFAKKMNLEEVEVINREVMQEA
EGTRIELKGRVPFSIDINSLVIPPEPEILSEDEIREDIEKTPLKIVAATVGEDEHSVGLREVIDIKHGGIEKYGVEVHYL
GTSVPVEKLVDAAIELKADAILASTIISHDDIHYKNMKRIHELAVEKGIRDKIMIGCGGTQVTPEVAVKQGVDAGFGRGS
KGIHVATFLVKKRREMREGKSEDPNSSSVDKLAAALEHHHHHH
;
A,B,C,D
2 'polypeptide(L)'
;MKRADDFQQRRAHLANLSDEELQTRFWEMAEKIVDPLLDLGKKNTTPSIERSVLLRMGFSSLEAKAIVDKTMDRGLMGKG
AGHIVYKIAKEKNISVREAGLALSEGKYWDDAIQIFKGGVK
;
E,F,G,H
#
loop_
_chem_comp.id
_chem_comp.type
_chem_comp.name
_chem_comp.formula
5AD non-polymer 5'-DEOXYADENOSINE 'C10 H13 N5 O3'
B12 non-polymer COBALAMIN 'C62 H89 Co N13 O14 P 2'
Z98 non-polymer '(2S)-2-amino-4-{[(1Z)-{3-hydroxy-2-methyl-5-[(phosphonooxy)methyl]pyridin-4-yl}methylidene]amino}butanoic acid' 'C12 H18 N3 O7 P'
#
# COMPACT_ATOMS: atom_id res chain seq x y z
N LEU A 5 10.50 -31.87 -27.37
CA LEU A 5 10.61 -32.90 -28.41
C LEU A 5 9.35 -33.75 -28.58
N GLN A 6 8.95 -33.93 -29.84
CA GLN A 6 7.69 -34.60 -30.22
C GLN A 6 6.51 -33.62 -30.17
N LEU A 7 5.34 -34.12 -30.56
CA LEU A 7 4.06 -33.39 -30.57
C LEU A 7 3.66 -32.78 -31.93
N ARG A 8 2.77 -33.49 -32.60
CA ARG A 8 2.25 -33.07 -33.89
C ARG A 8 0.78 -32.72 -33.67
N VAL A 9 0.36 -31.56 -34.17
CA VAL A 9 -0.97 -31.05 -33.89
C VAL A 9 -2.09 -31.97 -34.37
N ASN A 10 -1.76 -32.97 -35.18
CA ASN A 10 -2.77 -33.90 -35.69
C ASN A 10 -2.68 -35.32 -35.15
N GLU A 11 -1.76 -35.55 -34.21
CA GLU A 11 -1.60 -36.84 -33.56
C GLU A 11 -1.96 -36.72 -32.10
N LYS A 12 -2.76 -37.65 -31.60
CA LYS A 12 -3.15 -37.66 -30.20
C LYS A 12 -1.93 -37.77 -29.28
N LEU A 13 -2.13 -37.40 -28.02
CA LEU A 13 -1.11 -37.50 -27.01
C LEU A 13 -0.85 -38.96 -26.69
N ASP A 14 0.40 -39.40 -26.83
CA ASP A 14 0.78 -40.76 -26.47
C ASP A 14 0.89 -40.88 -24.95
N VAL A 15 -0.25 -41.04 -24.28
CA VAL A 15 -0.25 -41.13 -22.83
C VAL A 15 0.43 -42.40 -22.31
N GLU A 16 0.56 -43.40 -23.18
CA GLU A 16 1.35 -44.60 -22.87
C GLU A 16 2.83 -44.24 -22.72
N ASN A 17 3.31 -43.36 -23.61
CA ASN A 17 4.71 -42.95 -23.60
C ASN A 17 5.07 -41.93 -22.48
N ILE A 18 4.13 -41.04 -22.16
CA ILE A 18 4.33 -40.05 -21.10
C ILE A 18 4.49 -40.72 -19.75
N LEU A 19 3.76 -41.80 -19.53
CA LEU A 19 3.83 -42.58 -18.30
C LEU A 19 5.14 -43.35 -18.13
N LYS A 20 5.94 -43.48 -19.19
CA LYS A 20 7.20 -44.22 -19.10
C LYS A 20 8.33 -43.31 -18.62
N ASP A 21 9.22 -43.85 -17.80
CA ASP A 21 10.40 -43.13 -17.35
C ASP A 21 10.07 -41.97 -16.43
N LEU A 22 9.00 -42.11 -15.66
CA LEU A 22 8.64 -41.05 -14.75
C LEU A 22 9.63 -40.98 -13.62
N ASP A 23 10.45 -42.02 -13.48
CA ASP A 23 11.49 -41.99 -12.47
C ASP A 23 12.64 -41.02 -12.84
N LYS A 24 12.67 -40.53 -14.06
CA LYS A 24 13.78 -39.68 -14.47
C LYS A 24 13.33 -38.31 -14.97
N TYR A 25 12.07 -37.98 -14.72
CA TYR A 25 11.51 -36.71 -15.16
C TYR A 25 11.85 -35.57 -14.21
N THR A 26 12.04 -34.38 -14.78
CA THR A 26 12.29 -33.18 -14.00
C THR A 26 11.47 -32.00 -14.54
N PRO A 27 10.81 -31.24 -13.65
CA PRO A 27 10.07 -30.05 -14.06
C PRO A 27 10.94 -29.14 -14.91
N LYS A 28 10.37 -28.52 -15.94
CA LYS A 28 11.16 -27.75 -16.90
C LYS A 28 11.43 -26.34 -16.42
N ARG A 29 10.54 -25.83 -15.58
CA ARG A 29 10.75 -24.54 -14.92
C ARG A 29 10.09 -24.52 -13.54
N ARG A 30 10.17 -23.38 -12.84
CA ARG A 30 9.60 -23.28 -11.49
C ARG A 30 8.78 -21.99 -11.31
N GLY A 31 7.76 -22.08 -10.46
CA GLY A 31 6.98 -20.93 -10.04
C GLY A 31 5.91 -20.45 -10.99
N TRP A 32 5.33 -19.30 -10.67
CA TRP A 32 4.20 -18.78 -11.40
C TRP A 32 4.67 -18.01 -12.62
N THR A 33 3.87 -18.09 -13.68
CA THR A 33 3.97 -17.17 -14.83
C THR A 33 2.64 -16.40 -15.08
N TRP A 34 2.75 -15.10 -15.38
CA TRP A 34 1.60 -14.32 -15.81
C TRP A 34 1.62 -14.19 -17.33
N ARG A 35 0.59 -13.57 -17.92
CA ARG A 35 0.55 -13.35 -19.36
C ARG A 35 1.34 -12.13 -19.72
N GLN A 36 2.02 -12.18 -20.88
CA GLN A 36 2.77 -11.03 -21.42
C GLN A 36 1.82 -10.00 -22.05
N PRO A 37 1.77 -8.78 -21.48
CA PRO A 37 0.97 -7.72 -22.10
C PRO A 37 1.46 -7.51 -23.51
N ALA A 38 0.55 -7.40 -24.47
CA ALA A 38 0.90 -7.07 -25.84
C ALA A 38 0.19 -5.77 -26.15
N GLU A 39 0.92 -4.66 -26.01
CA GLU A 39 0.41 -3.30 -26.24
C GLU A 39 -0.19 -3.15 -27.63
N ASN A 40 -1.06 -2.14 -27.78
CA ASN A 40 -1.81 -1.90 -29.01
C ASN A 40 -1.81 -3.00 -30.05
N LEU A 41 -2.10 -4.23 -29.64
CA LEU A 41 -1.98 -5.42 -30.49
C LEU A 41 -2.90 -5.39 -31.69
N GLN A 42 -2.37 -5.77 -32.85
CA GLN A 42 -3.15 -5.79 -34.08
C GLN A 42 -3.37 -7.24 -34.52
N MET A 43 -4.63 -7.64 -34.55
CA MET A 43 -5.06 -8.95 -35.03
C MET A 43 -6.19 -8.77 -36.02
N GLY A 44 -5.99 -9.25 -37.25
CA GLY A 44 -6.92 -8.97 -38.32
C GLY A 44 -7.02 -7.47 -38.57
N PRO A 45 -8.25 -6.96 -38.72
CA PRO A 45 -8.54 -5.53 -38.90
C PRO A 45 -8.70 -4.75 -37.58
N PHE A 46 -8.36 -5.38 -36.46
CA PHE A 46 -8.68 -4.82 -35.15
C PHE A 46 -7.46 -4.54 -34.31
N ILE A 47 -7.64 -3.59 -33.39
CA ILE A 47 -6.62 -3.23 -32.43
C ILE A 47 -7.17 -3.41 -31.03
N TYR A 48 -6.40 -4.12 -30.21
CA TYR A 48 -6.86 -4.46 -28.87
C TYR A 48 -6.09 -3.68 -27.85
N LYS A 49 -6.81 -3.20 -26.84
CA LYS A 49 -6.23 -2.38 -25.78
C LYS A 49 -5.78 -3.22 -24.61
N ASP A 50 -6.58 -4.21 -24.21
CA ASP A 50 -6.28 -5.03 -23.03
C ASP A 50 -5.96 -6.49 -23.36
N ALA A 51 -5.09 -6.73 -24.35
CA ALA A 51 -4.72 -8.11 -24.73
C ALA A 51 -3.36 -8.56 -24.25
N SER A 52 -3.14 -9.86 -24.33
CA SER A 52 -1.87 -10.46 -24.00
C SER A 52 -1.37 -11.11 -25.27
N THR A 53 -0.12 -11.57 -25.24
CA THR A 53 0.50 -12.22 -26.38
C THR A 53 -0.36 -13.33 -26.96
N PRO A 54 -0.40 -13.42 -28.30
CA PRO A 54 -1.17 -14.46 -29.02
C PRO A 54 -0.60 -15.88 -28.84
N LEU A 55 -1.47 -16.89 -28.88
CA LEU A 55 -1.00 -18.28 -28.88
C LEU A 55 -0.50 -18.66 -30.28
N GLU A 56 0.41 -19.62 -30.37
CA GLU A 56 0.98 -20.05 -31.65
C GLU A 56 0.11 -21.12 -32.27
N ASN A 57 -0.65 -21.81 -31.44
CA ASN A 57 -1.52 -22.89 -31.86
C ASN A 57 -2.74 -22.88 -30.96
N SER A 58 -3.93 -22.71 -31.54
CA SER A 58 -5.15 -22.74 -30.73
C SER A 58 -6.41 -22.87 -31.54
N VAL A 59 -7.51 -23.12 -30.84
CA VAL A 59 -8.82 -23.20 -31.46
C VAL A 59 -9.50 -21.90 -31.18
N ALA A 60 -9.81 -21.14 -32.22
CA ALA A 60 -10.45 -19.85 -32.07
C ALA A 60 -11.95 -20.04 -32.00
N LEU A 61 -12.68 -18.93 -31.75
CA LEU A 61 -14.11 -19.01 -31.50
C LEU A 61 -14.87 -19.34 -32.79
N PRO A 62 -15.99 -20.09 -32.69
CA PRO A 62 -16.67 -20.40 -33.95
C PRO A 62 -16.74 -19.16 -34.84
N SER A 63 -17.28 -18.07 -34.32
CA SER A 63 -17.45 -16.86 -35.13
C SER A 63 -16.18 -16.17 -35.58
N ALA A 64 -15.03 -16.68 -35.14
CA ALA A 64 -13.76 -16.15 -35.61
C ALA A 64 -13.54 -16.49 -37.08
N LYS A 65 -14.50 -17.19 -37.68
CA LYS A 65 -14.42 -17.49 -39.11
C LYS A 65 -14.74 -16.27 -39.95
N TYR A 66 -15.55 -15.36 -39.42
CA TYR A 66 -15.86 -14.14 -40.16
C TYR A 66 -14.71 -13.16 -40.09
N PHE A 67 -13.64 -13.51 -39.37
CA PHE A 67 -12.51 -12.59 -39.19
C PHE A 67 -11.15 -13.27 -39.27
N GLY A 68 -11.02 -14.25 -40.15
CA GLY A 68 -9.71 -14.82 -40.43
C GLY A 68 -9.19 -15.72 -39.33
N ASP A 69 -10.14 -16.28 -38.56
CA ASP A 69 -9.82 -17.14 -37.42
C ASP A 69 -8.84 -16.51 -36.42
N ILE A 70 -8.95 -15.19 -36.21
CA ILE A 70 -8.16 -14.54 -35.19
C ILE A 70 -8.52 -15.07 -33.78
N ASP A 71 -7.53 -15.19 -32.91
CA ASP A 71 -7.80 -15.65 -31.54
C ASP A 71 -7.26 -14.77 -30.42
N PRO A 72 -7.81 -13.54 -30.27
CA PRO A 72 -7.38 -12.63 -29.20
C PRO A 72 -7.49 -13.26 -27.81
N GLN A 73 -6.47 -13.01 -26.99
CA GLN A 73 -6.36 -13.50 -25.63
C GLN A 73 -6.39 -12.32 -24.68
N PRO A 74 -7.18 -12.37 -23.59
CA PRO A 74 -7.18 -11.20 -22.71
C PRO A 74 -5.96 -11.21 -21.78
N LEU A 75 -5.86 -10.24 -20.86
CA LEU A 75 -4.69 -10.15 -19.96
C LEU A 75 -4.67 -11.14 -18.77
N PRO A 76 -5.84 -11.44 -18.17
CA PRO A 76 -5.82 -12.31 -16.99
C PRO A 76 -5.48 -13.77 -17.29
N VAL A 77 -4.74 -14.40 -16.37
CA VAL A 77 -4.55 -15.83 -16.43
C VAL A 77 -5.90 -16.51 -16.25
N ILE A 78 -6.16 -17.53 -17.06
CA ILE A 78 -7.47 -18.18 -17.16
C ILE A 78 -7.45 -19.65 -16.69
N THR A 79 -8.16 -19.91 -15.57
CA THR A 79 -8.18 -21.24 -14.94
C THR A 79 -9.27 -22.16 -15.51
N THR A 80 -8.99 -23.46 -15.56
CA THR A 80 -10.05 -24.46 -15.71
C THR A 80 -9.75 -25.60 -14.74
N GLU A 81 -10.77 -26.21 -14.17
CA GLU A 81 -10.50 -27.26 -13.19
C GLU A 81 -10.85 -28.68 -13.69
N ILE A 82 -9.84 -29.55 -13.69
CA ILE A 82 -9.97 -30.86 -14.28
C ILE A 82 -9.45 -31.96 -13.39
N ALA A 83 -10.36 -32.70 -12.77
CA ALA A 83 -9.98 -33.83 -11.92
C ALA A 83 -11.12 -34.86 -11.85
N SER A 84 -10.98 -35.96 -12.61
CA SER A 84 -12.08 -36.93 -12.78
C SER A 84 -11.98 -38.20 -11.94
N GLY A 85 -10.79 -38.48 -11.42
CA GLY A 85 -10.54 -39.74 -10.73
C GLY A 85 -9.43 -40.48 -11.43
N ARG A 86 -9.34 -40.28 -12.75
CA ARG A 86 -8.30 -40.88 -13.57
C ARG A 86 -7.45 -39.83 -14.22
N PHE A 87 -6.37 -39.43 -13.57
CA PHE A 87 -5.46 -38.44 -14.16
C PHE A 87 -5.06 -38.75 -15.62
N GLU A 88 -5.17 -40.02 -16.01
CA GLU A 88 -4.64 -40.45 -17.32
C GLU A 88 -5.53 -40.04 -18.49
N ASP A 89 -6.85 -40.04 -18.27
CA ASP A 89 -7.81 -39.53 -19.25
C ASP A 89 -7.78 -37.99 -19.33
N ASP A 90 -7.60 -37.37 -18.17
CA ASP A 90 -7.67 -35.93 -18.01
C ASP A 90 -6.53 -35.22 -18.70
N ILE A 91 -5.38 -35.88 -18.78
CA ILE A 91 -4.27 -35.34 -19.55
C ILE A 91 -4.69 -35.00 -20.99
N ARG A 92 -5.78 -35.58 -21.46
CA ARG A 92 -6.27 -35.25 -22.79
C ARG A 92 -7.18 -34.03 -22.71
N ARG A 93 -8.02 -33.97 -21.68
CA ARG A 93 -8.89 -32.81 -21.48
C ARG A 93 -8.02 -31.57 -21.26
N MET A 94 -6.88 -31.76 -20.62
CA MET A 94 -5.93 -30.66 -20.51
C MET A 94 -5.56 -30.13 -21.87
N ARG A 95 -5.18 -31.01 -22.79
CA ARG A 95 -4.70 -30.54 -24.10
C ARG A 95 -5.77 -29.72 -24.85
N MET A 96 -7.03 -30.09 -24.66
CA MET A 96 -8.17 -29.40 -25.29
C MET A 96 -8.41 -28.03 -24.65
N ALA A 97 -8.24 -27.93 -23.34
CA ALA A 97 -8.42 -26.65 -22.68
C ALA A 97 -7.29 -25.72 -23.07
N ALA A 98 -6.07 -26.22 -23.08
CA ALA A 98 -4.91 -25.44 -23.44
C ALA A 98 -5.11 -24.79 -24.80
N TRP A 99 -5.58 -25.56 -25.76
CA TRP A 99 -5.87 -25.02 -27.08
C TRP A 99 -6.97 -23.95 -27.06
N HIS A 100 -7.80 -23.96 -26.02
CA HIS A 100 -8.93 -23.05 -25.94
C HIS A 100 -8.69 -21.83 -25.08
N GLY A 101 -7.48 -21.73 -24.54
CA GLY A 101 -7.06 -20.52 -23.87
C GLY A 101 -6.59 -20.68 -22.43
N ALA A 102 -6.95 -21.80 -21.80
CA ALA A 102 -6.60 -22.02 -20.40
C ALA A 102 -5.10 -22.19 -20.22
N ASP A 103 -4.51 -21.36 -19.38
CA ASP A 103 -3.09 -21.47 -19.08
C ASP A 103 -2.90 -21.65 -17.58
N HIS A 104 -3.97 -22.08 -16.91
CA HIS A 104 -3.89 -22.39 -15.50
C HIS A 104 -4.75 -23.62 -15.23
N ILE A 105 -4.09 -24.76 -15.09
CA ILE A 105 -4.78 -26.04 -14.98
C ILE A 105 -4.75 -26.48 -13.53
N MET A 106 -5.93 -26.59 -12.93
CA MET A 106 -6.09 -26.75 -11.51
C MET A 106 -6.71 -28.11 -11.16
N VAL A 107 -6.07 -28.87 -10.28
CA VAL A 107 -6.48 -30.27 -10.04
C VAL A 107 -6.95 -30.62 -8.61
N ILE A 108 -8.21 -31.07 -8.50
CA ILE A 108 -8.83 -31.37 -7.21
C ILE A 108 -8.40 -32.72 -6.62
N ARG A 109 -8.02 -32.71 -5.35
CA ARG A 109 -7.63 -33.92 -4.64
C ARG A 109 -8.80 -34.92 -4.41
N THR A 110 -8.49 -36.20 -4.55
CA THR A 110 -9.44 -37.27 -4.33
C THR A 110 -10.14 -37.13 -2.99
N ALA A 111 -11.40 -37.52 -2.94
CA ALA A 111 -12.20 -37.32 -1.73
C ALA A 111 -11.45 -37.72 -0.48
N GLY A 112 -11.40 -36.82 0.50
CA GLY A 112 -10.79 -37.13 1.78
C GLY A 112 -9.28 -36.97 1.89
N GLN A 113 -8.62 -36.51 0.83
CA GLN A 113 -7.17 -36.35 0.91
C GLN A 113 -6.74 -35.44 2.06
N SER A 114 -7.63 -34.53 2.46
CA SER A 114 -7.37 -33.67 3.59
C SER A 114 -6.95 -34.45 4.83
N HIS A 115 -7.42 -35.67 4.95
CA HIS A 115 -7.22 -36.45 6.16
C HIS A 115 -6.09 -37.46 6.05
N TYR A 116 -5.42 -37.49 4.89
CA TYR A 116 -4.24 -38.33 4.72
C TYR A 116 -3.13 -37.72 5.56
N ASP A 117 -2.71 -38.41 6.61
CA ASP A 117 -1.62 -37.92 7.47
C ASP A 117 -0.26 -38.32 6.88
N GLY A 118 -0.03 -37.96 5.62
CA GLY A 118 1.23 -38.22 4.96
C GLY A 118 0.97 -38.21 3.47
N LEU A 119 2.02 -38.34 2.64
CA LEU A 119 1.82 -38.38 1.21
C LEU A 119 1.25 -39.73 0.91
N ILE A 120 0.60 -39.87 -0.24
CA ILE A 120 0.32 -41.19 -0.78
C ILE A 120 1.24 -41.39 -1.97
N GLU A 121 1.36 -42.61 -2.47
CA GLU A 121 2.28 -42.86 -3.59
C GLU A 121 1.59 -43.58 -4.73
N GLY A 122 2.00 -43.27 -5.96
CA GLY A 122 1.56 -44.06 -7.07
C GLY A 122 0.29 -43.51 -7.68
N THR A 123 -0.56 -44.39 -8.21
CA THR A 123 -1.73 -43.92 -8.93
C THR A 123 -3.01 -44.72 -8.70
N PRO A 124 -3.56 -44.69 -7.48
CA PRO A 124 -4.86 -45.37 -7.40
C PRO A 124 -5.91 -44.56 -8.17
N GLN A 125 -7.11 -45.12 -8.31
CA GLN A 125 -8.20 -44.38 -8.94
C GLN A 125 -8.84 -43.43 -7.90
N GLY A 126 -9.18 -42.21 -8.32
CA GLY A 126 -9.80 -41.24 -7.44
C GLY A 126 -11.32 -41.32 -7.29
N ILE A 127 -11.85 -40.65 -6.26
CA ILE A 127 -13.29 -40.45 -6.15
C ILE A 127 -13.57 -38.95 -6.14
N GLY A 128 -14.35 -38.48 -7.11
CA GLY A 128 -14.59 -37.06 -7.26
C GLY A 128 -13.33 -36.21 -7.23
N GLY A 129 -12.19 -36.81 -7.61
CA GLY A 129 -10.93 -36.09 -7.71
C GLY A 129 -9.76 -37.04 -7.93
N VAL A 130 -8.64 -36.51 -8.41
CA VAL A 130 -7.41 -37.25 -8.60
C VAL A 130 -6.71 -37.44 -7.25
N PRO A 131 -6.16 -38.64 -7.00
CA PRO A 131 -5.31 -38.74 -5.79
C PRO A 131 -3.92 -38.18 -6.11
N ILE A 132 -3.51 -37.15 -5.37
CA ILE A 132 -2.27 -36.45 -5.66
C ILE A 132 -1.09 -37.18 -5.07
N THR A 133 -0.19 -37.64 -5.94
CA THR A 133 1.04 -38.32 -5.52
C THR A 133 2.19 -37.80 -6.37
N ARG A 134 3.38 -38.33 -6.19
CA ARG A 134 4.49 -37.88 -7.02
C ARG A 134 4.43 -38.39 -8.45
N LYS A 135 4.13 -39.67 -8.64
CA LYS A 135 4.10 -40.20 -10.00
C LYS A 135 3.10 -39.41 -10.84
N GLN A 136 1.88 -39.31 -10.33
CA GLN A 136 0.78 -38.64 -10.99
C GLN A 136 1.09 -37.19 -11.29
N VAL A 137 1.66 -36.49 -10.32
CA VAL A 137 2.05 -35.09 -10.48
C VAL A 137 3.20 -34.87 -11.48
N ARG A 138 4.18 -35.77 -11.43
CA ARG A 138 5.26 -35.79 -12.40
C ARG A 138 4.70 -36.08 -13.78
N ALA A 139 3.78 -37.04 -13.84
CA ALA A 139 3.10 -37.37 -15.11
C ALA A 139 2.43 -36.14 -15.69
N GLN A 140 1.35 -35.68 -15.07
CA GLN A 140 0.64 -34.50 -15.57
C GLN A 140 1.55 -33.26 -15.86
N ARG A 141 2.60 -33.03 -15.06
CA ARG A 141 3.47 -31.87 -15.30
C ARG A 141 4.36 -32.10 -16.54
N LYS A 142 4.70 -33.35 -16.78
CA LYS A 142 5.43 -33.77 -17.98
C LYS A 142 4.56 -33.63 -19.22
N ALA A 143 3.28 -33.92 -19.09
CA ALA A 143 2.37 -33.77 -20.22
C ALA A 143 2.14 -32.30 -20.51
N LEU A 144 1.94 -31.49 -19.47
CA LEU A 144 1.85 -30.04 -19.65
C LEU A 144 3.10 -29.36 -20.26
N ASP A 145 4.30 -29.90 -20.01
CA ASP A 145 5.50 -29.39 -20.68
C ASP A 145 5.38 -29.50 -22.21
N LEU A 146 4.88 -30.65 -22.64
CA LEU A 146 4.58 -30.91 -24.05
C LEU A 146 3.47 -29.97 -24.56
N ILE A 147 2.29 -30.07 -23.94
CA ILE A 147 1.16 -29.22 -24.27
C ILE A 147 1.47 -27.70 -24.33
N GLU A 148 2.37 -27.20 -23.48
CA GLU A 148 2.67 -25.78 -23.48
C GLU A 148 3.64 -25.35 -24.60
N GLU A 149 4.51 -26.24 -25.07
CA GLU A 149 5.33 -25.96 -26.25
C GLU A 149 4.46 -25.99 -27.51
N GLU A 150 3.56 -26.97 -27.58
CA GLU A 150 2.53 -27.01 -28.62
C GLU A 150 1.79 -25.68 -28.80
N VAL A 151 1.21 -25.15 -27.72
CA VAL A 151 0.44 -23.92 -27.82
C VAL A 151 1.32 -22.66 -27.87
N GLY A 152 2.50 -22.71 -27.26
CA GLY A 152 3.45 -21.62 -27.35
C GLY A 152 3.31 -20.61 -26.23
N ARG A 153 2.85 -21.08 -25.08
CA ARG A 153 2.71 -20.24 -23.91
C ARG A 153 2.57 -21.10 -22.68
N PRO A 154 3.42 -20.88 -21.67
CA PRO A 154 3.48 -21.64 -20.42
C PRO A 154 2.11 -21.82 -19.73
N ILE A 155 2.01 -22.87 -18.91
CA ILE A 155 0.77 -23.28 -18.26
C ILE A 155 1.05 -23.63 -16.79
N ASN A 156 0.32 -23.01 -15.87
CA ASN A 156 0.56 -23.21 -14.45
C ASN A 156 -0.24 -24.37 -13.91
N TYR A 157 0.49 -25.42 -13.54
CA TYR A 157 -0.11 -26.56 -12.87
C TYR A 157 -0.41 -26.18 -11.41
N HIS A 158 -1.62 -26.44 -10.97
CA HIS A 158 -2.06 -26.02 -9.65
C HIS A 158 -2.71 -27.17 -8.91
N SER A 159 -2.55 -27.22 -7.59
CA SER A 159 -3.29 -28.18 -6.78
C SER A 159 -3.50 -27.66 -5.34
N TYR A 160 -3.80 -28.56 -4.41
CA TYR A 160 -4.16 -28.12 -3.07
C TYR A 160 -3.13 -28.54 -2.03
N VAL A 161 -2.82 -27.63 -1.11
CA VAL A 161 -1.84 -27.88 -0.06
C VAL A 161 -2.54 -27.88 1.30
N SER A 162 -3.71 -28.47 1.41
CA SER A 162 -4.37 -28.53 2.72
C SER A 162 -4.09 -29.83 3.46
N GLY A 163 -4.95 -30.13 4.45
CA GLY A 163 -4.90 -31.38 5.17
C GLY A 163 -4.01 -31.40 6.40
N VAL A 164 -4.01 -32.52 7.11
CA VAL A 164 -3.11 -32.76 8.24
C VAL A 164 -1.68 -33.10 7.80
N ALA A 165 -1.44 -33.12 6.49
CA ALA A 165 -0.09 -33.22 5.98
C ALA A 165 0.11 -32.20 4.86
N GLY A 166 -0.21 -30.94 5.16
CA GLY A 166 0.06 -29.85 4.24
C GLY A 166 1.55 -29.70 4.00
N PRO A 167 2.31 -29.45 5.06
CA PRO A 167 3.77 -29.36 5.00
C PRO A 167 4.40 -30.48 4.16
N ASP A 168 3.94 -31.73 4.36
CA ASP A 168 4.32 -32.87 3.52
C ASP A 168 4.23 -32.56 2.02
N ILE A 169 3.01 -32.28 1.55
CA ILE A 169 2.76 -32.03 0.14
C ILE A 169 3.40 -30.73 -0.36
N ALA A 170 3.61 -29.77 0.53
CA ALA A 170 4.32 -28.53 0.17
C ALA A 170 5.70 -28.87 -0.42
N VAL A 171 6.46 -29.66 0.31
CA VAL A 171 7.73 -30.17 -0.19
C VAL A 171 7.60 -30.76 -1.59
N MET A 172 6.91 -31.91 -1.68
CA MET A 172 6.67 -32.60 -2.93
C MET A 172 6.22 -31.67 -4.07
N PHE A 173 5.37 -30.69 -3.75
CA PHE A 173 4.99 -29.68 -4.73
C PHE A 173 6.20 -28.82 -5.09
N ALA A 174 7.00 -28.47 -4.08
CA ALA A 174 8.20 -27.67 -4.29
C ALA A 174 9.19 -28.40 -5.19
N GLU A 175 9.43 -29.67 -4.91
CA GLU A 175 10.36 -30.47 -5.69
C GLU A 175 9.91 -30.61 -7.15
N GLU A 176 8.62 -30.86 -7.36
CA GLU A 176 8.10 -31.27 -8.67
C GLU A 176 7.53 -30.15 -9.51
N GLY A 177 7.84 -28.92 -9.13
CA GLY A 177 7.54 -27.74 -9.92
C GLY A 177 6.08 -27.49 -10.16
N VAL A 178 5.26 -27.81 -9.17
CA VAL A 178 3.87 -27.39 -9.17
C VAL A 178 3.87 -25.87 -9.01
N ASN A 179 3.26 -25.17 -9.97
CA ASN A 179 3.33 -23.72 -10.04
C ASN A 179 2.45 -22.96 -9.07
N GLY A 180 1.31 -23.53 -8.68
CA GLY A 180 0.41 -22.80 -7.81
C GLY A 180 -0.37 -23.72 -6.89
N ALA A 181 -0.77 -23.21 -5.73
CA ALA A 181 -1.57 -24.01 -4.79
C ALA A 181 -2.46 -23.18 -3.85
N HIS A 182 -3.57 -23.77 -3.47
CA HIS A 182 -4.36 -23.27 -2.35
C HIS A 182 -3.63 -23.50 -1.03
N GLN A 183 -3.66 -22.50 -0.15
CA GLN A 183 -3.07 -22.65 1.17
C GLN A 183 -3.71 -21.65 2.11
N ASP A 184 -4.59 -22.12 2.98
CA ASP A 184 -5.28 -21.27 3.92
C ASP A 184 -5.67 -22.10 5.11
N PRO A 185 -4.91 -22.00 6.20
CA PRO A 185 -5.15 -22.87 7.36
C PRO A 185 -6.56 -22.75 7.96
N GLN A 186 -7.33 -21.75 7.53
CA GLN A 186 -8.72 -21.58 7.96
C GLN A 186 -9.59 -22.65 7.31
N TYR A 187 -9.18 -23.14 6.16
CA TYR A 187 -9.95 -24.18 5.50
C TYR A 187 -9.98 -25.44 6.37
N ASN A 188 -8.82 -25.82 6.91
CA ASN A 188 -8.68 -27.00 7.74
C ASN A 188 -9.59 -26.97 8.93
N VAL A 189 -9.64 -25.83 9.58
CA VAL A 189 -10.41 -25.66 10.79
C VAL A 189 -11.89 -25.69 10.45
N LEU A 190 -12.36 -24.74 9.65
CA LEU A 190 -13.80 -24.58 9.42
C LEU A 190 -14.47 -25.72 8.68
N TYR A 191 -13.83 -26.23 7.64
CA TYR A 191 -14.49 -27.21 6.81
C TYR A 191 -14.08 -28.66 7.06
N ARG A 192 -12.82 -28.89 7.42
CA ARG A 192 -12.39 -30.26 7.71
C ARG A 192 -12.25 -30.60 9.20
N ASN A 193 -12.47 -29.63 10.08
CA ASN A 193 -12.34 -29.84 11.52
C ASN A 193 -10.99 -30.45 11.91
N ILE A 194 -9.93 -30.02 11.23
CA ILE A 194 -8.58 -30.31 11.68
C ILE A 194 -8.32 -29.37 12.85
N ASN A 195 -7.45 -29.76 13.78
CA ASN A 195 -7.24 -28.95 14.99
C ASN A 195 -6.50 -27.65 14.66
N MET A 196 -6.94 -26.56 15.27
CA MET A 196 -6.46 -25.22 14.89
C MET A 196 -5.01 -24.92 15.25
N ILE A 197 -4.54 -25.41 16.39
CA ILE A 197 -3.15 -25.15 16.79
C ILE A 197 -2.16 -25.85 15.84
N ARG A 198 -2.50 -27.06 15.45
CA ARG A 198 -1.65 -27.83 14.58
C ARG A 198 -1.81 -27.33 13.14
N SER A 199 -3.02 -26.87 12.83
CA SER A 199 -3.31 -26.43 11.48
C SER A 199 -2.49 -25.18 11.12
N PHE A 200 -2.43 -24.23 12.06
CA PHE A 200 -1.72 -22.97 11.84
C PHE A 200 -0.21 -23.07 12.04
N ILE A 201 0.23 -23.88 12.99
CA ILE A 201 1.65 -24.15 13.13
C ILE A 201 2.21 -24.83 11.89
N ASP A 202 1.36 -25.63 11.24
CA ASP A 202 1.71 -26.33 10.00
C ASP A 202 1.78 -25.40 8.80
N ALA A 203 0.89 -24.42 8.74
CA ALA A 203 0.84 -23.51 7.61
C ALA A 203 2.11 -22.67 7.53
N CYS A 204 2.76 -22.41 8.66
CA CYS A 204 4.00 -21.64 8.63
C CYS A 204 5.03 -22.33 7.75
N GLU A 205 5.19 -23.63 7.96
CA GLU A 205 6.13 -24.41 7.17
C GLU A 205 5.61 -24.50 5.72
N SER A 206 4.43 -25.09 5.55
CA SER A 206 3.74 -25.11 4.27
C SER A 206 4.00 -23.86 3.44
N LYS A 207 3.76 -22.70 4.03
CA LYS A 207 3.85 -21.43 3.32
C LYS A 207 5.29 -21.07 3.01
N THR A 208 6.21 -21.42 3.91
CA THR A 208 7.61 -21.08 3.68
C THR A 208 8.13 -21.85 2.47
N ILE A 209 7.95 -23.16 2.49
CA ILE A 209 8.22 -24.03 1.35
C ILE A 209 7.60 -23.51 0.06
N MET A 210 6.36 -23.03 0.13
CA MET A 210 5.68 -22.46 -1.02
C MET A 210 6.34 -21.15 -1.47
N ALA A 211 6.85 -20.35 -0.54
CA ALA A 211 7.47 -19.09 -0.92
C ALA A 211 8.83 -19.34 -1.55
N TRP A 212 9.50 -20.38 -1.08
CA TRP A 212 10.77 -20.77 -1.65
C TRP A 212 10.58 -21.13 -3.12
N ALA A 213 9.54 -21.92 -3.40
CA ALA A 213 9.27 -22.38 -4.76
C ALA A 213 8.72 -21.29 -5.71
N ASP A 214 8.54 -20.08 -5.20
CA ASP A 214 7.98 -18.99 -6.01
C ASP A 214 6.54 -19.26 -6.43
N MET A 215 5.85 -20.15 -5.74
CA MET A 215 4.50 -20.52 -6.14
C MET A 215 3.49 -19.41 -5.84
N ALA A 216 2.38 -19.43 -6.56
CA ALA A 216 1.31 -18.49 -6.30
C ALA A 216 0.34 -19.12 -5.32
N GLN A 217 -0.23 -18.32 -4.44
CA GLN A 217 -1.06 -18.83 -3.36
C GLN A 217 -2.46 -18.29 -3.42
N ILE A 218 -3.42 -19.20 -3.46
CA ILE A 218 -4.82 -18.81 -3.52
C ILE A 218 -5.46 -19.20 -2.20
N ASP A 219 -6.30 -18.34 -1.64
CA ASP A 219 -6.90 -18.66 -0.36
C ASP A 219 -8.28 -19.27 -0.51
N GLY A 220 -8.93 -19.53 0.61
CA GLY A 220 -10.22 -20.17 0.61
C GLY A 220 -11.20 -19.47 1.49
N ALA A 221 -11.39 -18.17 1.25
CA ALA A 221 -12.41 -17.39 1.93
C ALA A 221 -13.71 -17.59 1.18
N HIS A 222 -13.61 -17.72 -0.14
CA HIS A 222 -14.78 -17.97 -1.00
C HIS A 222 -15.58 -19.22 -0.58
N ASN A 223 -14.93 -20.17 0.10
CA ASN A 223 -15.64 -21.32 0.62
C ASN A 223 -16.82 -20.91 1.48
N ALA A 224 -16.63 -19.87 2.30
CA ALA A 224 -17.69 -19.34 3.14
C ALA A 224 -18.82 -18.75 2.33
N ASN A 225 -18.59 -18.58 1.02
CA ASN A 225 -19.57 -18.13 0.05
C ASN A 225 -20.68 -19.13 -0.18
N ALA A 226 -20.35 -20.41 -0.06
CA ALA A 226 -21.23 -21.52 -0.48
C ALA A 226 -22.03 -22.07 0.68
N THR A 227 -21.29 -22.65 1.63
CA THR A 227 -21.83 -23.11 2.89
C THR A 227 -22.57 -21.98 3.64
N ALA A 228 -23.19 -21.07 2.90
CA ALA A 228 -23.80 -19.89 3.51
C ALA A 228 -25.16 -19.49 2.91
N ARG A 229 -26.17 -19.47 3.77
CA ARG A 229 -27.57 -19.25 3.40
C ARG A 229 -27.84 -18.13 2.37
N GLU A 230 -27.71 -16.88 2.81
CA GLU A 230 -27.92 -15.72 1.94
C GLU A 230 -26.60 -15.01 1.61
N ALA A 231 -25.77 -15.63 0.77
CA ALA A 231 -24.40 -15.17 0.48
C ALA A 231 -24.04 -13.67 0.52
N TRP A 232 -24.98 -12.75 0.34
CA TRP A 232 -24.60 -11.32 0.37
C TRP A 232 -24.30 -10.81 1.78
N LYS A 233 -24.78 -11.52 2.78
CA LYS A 233 -24.58 -11.16 4.17
C LYS A 233 -23.23 -11.63 4.72
N VAL A 234 -22.47 -12.35 3.90
CA VAL A 234 -21.16 -12.91 4.35
C VAL A 234 -19.97 -11.98 4.07
N MET A 235 -20.25 -10.78 3.58
CA MET A 235 -19.22 -9.90 3.02
C MET A 235 -18.25 -9.29 4.04
N PRO A 236 -18.72 -9.02 5.26
CA PRO A 236 -17.75 -8.56 6.27
C PRO A 236 -16.78 -9.67 6.67
N GLU A 237 -17.26 -10.91 6.69
CA GLU A 237 -16.42 -12.02 7.11
C GLU A 237 -15.43 -12.49 6.03
N LEU A 238 -15.79 -12.29 4.77
CA LEU A 238 -14.88 -12.56 3.68
C LEU A 238 -13.64 -11.70 3.84
N MET A 239 -13.85 -10.41 4.04
CA MET A 239 -12.75 -9.49 4.26
C MET A 239 -11.90 -9.96 5.44
N VAL A 240 -12.55 -10.46 6.49
CA VAL A 240 -11.83 -10.99 7.65
C VAL A 240 -11.03 -12.27 7.35
N GLN A 241 -11.59 -13.20 6.57
CA GLN A 241 -10.85 -14.42 6.22
C GLN A 241 -9.77 -14.12 5.18
N HIS A 242 -10.01 -13.16 4.28
CA HIS A 242 -8.99 -12.75 3.33
C HIS A 242 -7.84 -12.08 4.09
N ALA A 243 -8.17 -11.25 5.06
CA ALA A 243 -7.12 -10.52 5.78
C ALA A 243 -6.23 -11.40 6.65
N LEU A 244 -6.85 -12.31 7.40
CA LEU A 244 -6.05 -13.13 8.29
C LEU A 244 -5.01 -13.91 7.53
N ASN A 245 -5.43 -14.69 6.54
CA ASN A 245 -4.48 -15.47 5.76
C ASN A 245 -3.43 -14.63 5.01
N SER A 246 -3.80 -13.42 4.60
CA SER A 246 -2.88 -12.56 3.83
C SER A 246 -1.78 -11.94 4.69
N ILE A 247 -2.16 -11.38 5.84
CA ILE A 247 -1.17 -10.74 6.71
C ILE A 247 -0.31 -11.84 7.29
N PHE A 248 -0.94 -12.98 7.52
CA PHE A 248 -0.24 -14.18 7.93
C PHE A 248 0.79 -14.59 6.87
N SER A 249 0.31 -14.92 5.68
CA SER A 249 1.22 -15.36 4.63
C SER A 249 2.33 -14.34 4.44
N LEU A 250 1.99 -13.05 4.49
CA LEU A 250 2.97 -11.98 4.33
C LEU A 250 4.11 -12.04 5.34
N LYS A 251 3.76 -12.17 6.62
CA LYS A 251 4.77 -12.19 7.68
C LYS A 251 5.56 -13.50 7.75
N VAL A 252 5.06 -14.56 7.12
CA VAL A 252 5.84 -15.80 7.06
C VAL A 252 7.03 -15.57 6.16
N GLY A 253 6.83 -14.84 5.07
CA GLY A 253 7.91 -14.57 4.13
C GLY A 253 7.43 -14.49 2.70
N MET A 254 6.17 -14.87 2.48
CA MET A 254 5.62 -14.94 1.12
C MET A 254 5.55 -13.52 0.54
N LYS A 255 5.82 -13.38 -0.76
CA LYS A 255 5.74 -12.05 -1.41
C LYS A 255 4.29 -11.60 -1.59
N LYS A 256 4.04 -10.30 -1.46
CA LYS A 256 2.69 -9.74 -1.61
C LYS A 256 2.18 -9.99 -3.02
N SER A 257 3.09 -9.98 -3.99
CA SER A 257 2.71 -10.19 -5.38
C SER A 257 2.39 -11.66 -5.71
N ASN A 258 2.58 -12.56 -4.75
CA ASN A 258 2.26 -13.97 -4.96
C ASN A 258 1.07 -14.42 -4.12
N ILE A 259 0.44 -13.49 -3.41
CA ILE A 259 -0.68 -13.79 -2.53
C ILE A 259 -2.03 -13.44 -3.17
N CYS A 260 -2.80 -14.46 -3.55
CA CYS A 260 -4.03 -14.20 -4.25
C CYS A 260 -5.23 -14.40 -3.35
N LEU A 261 -6.12 -13.41 -3.35
CA LEU A 261 -7.45 -13.53 -2.75
C LEU A 261 -8.41 -14.26 -3.69
N SER A 262 -9.19 -15.17 -3.14
CA SER A 262 -10.04 -16.00 -3.96
C SER A 262 -11.43 -15.42 -3.85
N THR A 263 -11.77 -14.51 -4.77
CA THR A 263 -12.96 -13.66 -4.62
C THR A 263 -14.07 -13.85 -5.66
N VAL A 264 -15.19 -14.40 -5.16
CA VAL A 264 -16.36 -14.72 -5.97
C VAL A 264 -17.49 -13.74 -5.69
N PRO A 265 -18.06 -13.10 -6.74
CA PRO A 265 -19.29 -12.33 -6.55
C PRO A 265 -20.35 -13.17 -5.86
N PRO A 266 -20.81 -12.75 -4.66
CA PRO A 266 -21.71 -13.61 -3.87
C PRO A 266 -23.08 -13.90 -4.45
N THR A 267 -23.60 -13.08 -5.37
CA THR A 267 -24.97 -13.30 -5.82
C THR A 267 -25.13 -13.55 -7.31
N ALA A 268 -26.36 -13.87 -7.67
CA ALA A 268 -26.75 -14.20 -9.03
C ALA A 268 -28.25 -13.90 -9.17
N PRO A 269 -28.69 -13.52 -10.38
CA PRO A 269 -30.09 -13.16 -10.61
C PRO A 269 -30.97 -14.32 -10.20
N PRO A 270 -32.21 -14.05 -9.76
CA PRO A 270 -32.94 -12.79 -9.84
C PRO A 270 -32.60 -11.73 -8.77
N ALA A 271 -31.60 -11.94 -7.93
CA ALA A 271 -31.16 -10.85 -7.06
C ALA A 271 -30.61 -9.72 -7.94
N PRO A 272 -30.70 -8.47 -7.47
CA PRO A 272 -29.97 -7.48 -8.26
C PRO A 272 -28.51 -7.73 -7.99
N SER A 273 -27.89 -8.71 -8.64
CA SER A 273 -26.54 -9.08 -8.21
C SER A 273 -25.45 -8.05 -8.54
N MET A 274 -25.53 -7.37 -9.68
CA MET A 274 -24.49 -6.37 -9.87
C MET A 274 -24.55 -5.41 -8.67
N TYR A 275 -25.69 -4.74 -8.51
CA TYR A 275 -25.85 -3.76 -7.43
C TYR A 275 -25.30 -4.27 -6.07
N LEU A 276 -25.57 -5.54 -5.74
CA LEU A 276 -25.08 -6.12 -4.50
C LEU A 276 -23.57 -6.45 -4.47
N ASP A 277 -23.04 -7.01 -5.56
CA ASP A 277 -21.68 -7.54 -5.53
C ASP A 277 -20.60 -6.54 -5.89
N LEU A 278 -20.99 -5.41 -6.48
CA LEU A 278 -19.98 -4.46 -6.95
C LEU A 278 -19.39 -3.59 -5.84
N PRO A 279 -20.23 -3.13 -4.88
CA PRO A 279 -19.56 -2.35 -3.84
C PRO A 279 -18.58 -3.22 -3.12
N TYR A 280 -18.96 -4.48 -2.93
CA TYR A 280 -18.06 -5.42 -2.29
C TYR A 280 -16.74 -5.59 -3.06
N ALA A 281 -16.83 -5.75 -4.38
CA ALA A 281 -15.68 -5.91 -5.26
C ALA A 281 -14.74 -4.74 -5.16
N VAL A 282 -15.31 -3.53 -5.17
CA VAL A 282 -14.54 -2.32 -5.00
C VAL A 282 -13.97 -2.17 -3.57
N ALA A 283 -14.80 -2.36 -2.56
CA ALA A 283 -14.31 -2.35 -1.19
C ALA A 283 -13.08 -3.25 -1.03
N LEU A 284 -13.21 -4.51 -1.39
CA LEU A 284 -12.10 -5.45 -1.27
C LEU A 284 -10.83 -5.00 -1.98
N ARG A 285 -10.96 -4.47 -3.19
CA ARG A 285 -9.78 -4.12 -3.97
C ARG A 285 -9.11 -2.86 -3.46
N GLU A 286 -9.90 -1.98 -2.86
CA GLU A 286 -9.37 -0.82 -2.19
C GLU A 286 -8.66 -1.20 -0.88
N MET A 287 -9.25 -2.10 -0.12
CA MET A 287 -8.69 -2.48 1.18
C MET A 287 -7.49 -3.42 1.06
N PHE A 288 -7.29 -4.05 -0.10
CA PHE A 288 -6.21 -5.02 -0.28
C PHE A 288 -5.28 -4.66 -1.43
N GLU A 289 -4.85 -3.40 -1.52
CA GLU A 289 -3.96 -3.03 -2.63
C GLU A 289 -2.61 -3.72 -2.53
N GLY A 290 -2.13 -4.19 -3.68
CA GLY A 290 -0.84 -4.86 -3.77
C GLY A 290 -0.93 -6.36 -3.57
N TYR A 291 -2.13 -6.82 -3.24
CA TYR A 291 -2.39 -8.23 -3.18
C TYR A 291 -3.03 -8.58 -4.49
N ARG A 292 -2.88 -9.83 -4.92
CA ARG A 292 -3.52 -10.31 -6.14
C ARG A 292 -5.01 -10.67 -5.99
N MET A 293 -5.73 -10.48 -7.07
CA MET A 293 -7.14 -10.77 -7.09
C MET A 293 -7.37 -11.98 -7.99
N ARG A 294 -7.71 -13.10 -7.38
CA ARG A 294 -8.08 -14.27 -8.15
C ARG A 294 -9.59 -14.33 -8.08
N ALA A 295 -10.22 -13.92 -9.15
CA ALA A 295 -11.67 -14.00 -9.26
C ALA A 295 -12.07 -15.42 -9.59
N GLN A 296 -13.04 -15.95 -8.84
CA GLN A 296 -13.70 -17.19 -9.22
C GLN A 296 -15.14 -16.88 -9.61
N MET A 297 -15.82 -17.80 -10.28
CA MET A 297 -17.22 -17.63 -10.63
C MET A 297 -18.18 -18.32 -9.67
N ASN A 298 -19.44 -17.95 -9.80
CA ASN A 298 -20.51 -18.43 -8.92
C ASN A 298 -20.74 -19.93 -9.02
N THR A 299 -20.82 -20.60 -7.88
CA THR A 299 -21.23 -22.00 -7.89
C THR A 299 -22.48 -22.30 -7.02
N LYS A 300 -22.74 -21.46 -6.02
CA LYS A 300 -23.79 -21.75 -5.04
C LYS A 300 -25.22 -21.60 -5.57
N TYR A 301 -25.44 -20.53 -6.33
CA TYR A 301 -26.74 -20.24 -6.94
C TYR A 301 -26.79 -20.76 -8.39
N MET A 302 -26.31 -21.99 -8.54
CA MET A 302 -26.27 -22.67 -9.83
C MET A 302 -27.42 -23.68 -9.88
N GLU A 303 -27.74 -24.18 -11.07
CA GLU A 303 -28.77 -25.21 -11.18
C GLU A 303 -28.52 -26.11 -12.39
N ALA A 304 -29.56 -26.75 -12.90
CA ALA A 304 -29.38 -27.74 -13.96
C ALA A 304 -29.27 -27.15 -15.37
N SER A 305 -29.40 -25.84 -15.48
CA SER A 305 -29.35 -25.21 -16.81
C SER A 305 -27.96 -24.66 -17.17
N THR A 306 -27.35 -25.19 -18.22
CA THR A 306 -26.12 -24.58 -18.72
C THR A 306 -26.39 -23.14 -19.15
N ARG A 307 -27.43 -22.91 -19.95
CA ARG A 307 -27.70 -21.54 -20.39
C ARG A 307 -27.62 -20.53 -19.22
N GLU A 308 -28.35 -20.83 -18.14
CA GLU A 308 -28.39 -19.97 -16.96
C GLU A 308 -27.02 -19.81 -16.32
N ALA A 309 -26.26 -20.89 -16.23
CA ALA A 309 -24.93 -20.81 -15.65
C ALA A 309 -24.09 -19.80 -16.43
N THR A 310 -24.11 -19.92 -17.75
CA THR A 310 -23.35 -19.04 -18.61
C THR A 310 -23.70 -17.57 -18.42
N VAL A 311 -24.97 -17.22 -18.52
CA VAL A 311 -25.35 -15.82 -18.30
C VAL A 311 -24.87 -15.30 -16.94
N THR A 312 -25.03 -16.07 -15.86
CA THR A 312 -24.55 -15.56 -14.60
C THR A 312 -23.04 -15.36 -14.66
N HIS A 313 -22.35 -16.22 -15.41
CA HIS A 313 -20.89 -16.14 -15.47
C HIS A 313 -20.43 -14.90 -16.20
N VAL A 314 -21.16 -14.51 -17.24
CA VAL A 314 -20.79 -13.32 -17.99
C VAL A 314 -20.89 -12.10 -17.10
N LEU A 315 -21.96 -12.02 -16.31
CA LEU A 315 -22.07 -11.00 -15.27
C LEU A 315 -20.89 -11.09 -14.26
N ASN A 316 -20.38 -12.29 -14.04
CA ASN A 316 -19.21 -12.47 -13.16
C ASN A 316 -17.94 -11.93 -13.79
N LEU A 317 -17.81 -12.15 -15.09
CA LEU A 317 -16.70 -11.60 -15.85
C LEU A 317 -16.84 -10.09 -15.89
N LEU A 318 -18.08 -9.61 -15.78
CA LEU A 318 -18.37 -8.18 -15.82
C LEU A 318 -17.93 -7.50 -14.52
N ILE A 319 -18.11 -8.17 -13.38
CA ILE A 319 -17.59 -7.63 -12.12
C ILE A 319 -16.07 -7.49 -12.21
N SER A 320 -15.42 -8.51 -12.76
CA SER A 320 -13.98 -8.46 -12.91
C SER A 320 -13.53 -7.33 -13.82
N LYS A 321 -14.22 -7.09 -14.92
CA LYS A 321 -13.76 -6.07 -15.86
C LYS A 321 -13.97 -4.64 -15.29
N LEU A 322 -15.05 -4.46 -14.54
CA LEU A 322 -15.33 -3.15 -13.94
C LEU A 322 -14.32 -2.77 -12.86
N THR A 323 -13.64 -3.77 -12.32
CA THR A 323 -12.69 -3.55 -11.25
C THR A 323 -11.29 -4.05 -11.63
N ARG A 324 -10.91 -5.25 -11.20
CA ARG A 324 -9.57 -5.78 -11.44
C ARG A 324 -9.56 -7.27 -11.08
N ALA A 325 -8.78 -8.06 -11.82
CA ALA A 325 -8.61 -9.51 -11.60
C ALA A 325 -7.33 -10.02 -12.28
N ASP A 326 -6.36 -10.46 -11.50
CA ASP A 326 -5.11 -10.92 -12.05
C ASP A 326 -5.22 -12.33 -12.61
N ILE A 327 -6.12 -13.12 -12.04
CA ILE A 327 -6.44 -14.45 -12.52
C ILE A 327 -7.94 -14.49 -12.58
N GLN A 328 -8.48 -15.05 -13.65
CA GLN A 328 -9.91 -15.21 -13.77
C GLN A 328 -10.24 -16.68 -13.96
N SER A 329 -10.38 -17.41 -12.87
CA SER A 329 -10.82 -18.80 -12.96
C SER A 329 -12.23 -18.91 -13.54
N THR A 330 -12.57 -20.10 -14.02
CA THR A 330 -13.92 -20.36 -14.50
C THR A 330 -14.54 -21.61 -13.84
N ILE A 331 -15.85 -21.77 -14.07
CA ILE A 331 -16.64 -22.90 -13.58
C ILE A 331 -17.43 -23.40 -14.78
N THR A 332 -17.59 -24.70 -14.88
CA THR A 332 -18.31 -25.30 -16.01
C THR A 332 -19.81 -24.97 -15.91
N PRO A 333 -20.44 -24.70 -17.07
CA PRO A 333 -21.88 -24.43 -17.07
C PRO A 333 -22.70 -25.62 -16.56
N ASP A 334 -22.11 -26.81 -16.55
CA ASP A 334 -22.86 -28.00 -16.20
C ASP A 334 -22.59 -28.40 -14.76
N GLU A 335 -21.93 -27.53 -14.02
CA GLU A 335 -21.47 -27.89 -12.69
C GLU A 335 -22.60 -28.42 -11.80
N GLY A 336 -23.81 -27.88 -11.97
CA GLY A 336 -24.93 -28.26 -11.16
C GLY A 336 -25.78 -29.38 -11.77
N ARG A 337 -25.36 -29.88 -12.92
CA ARG A 337 -26.12 -30.88 -13.68
C ARG A 337 -25.46 -32.24 -13.55
N ASN A 338 -24.16 -32.22 -13.27
CA ASN A 338 -23.33 -33.43 -13.26
C ASN A 338 -21.86 -33.08 -13.01
N VAL A 339 -21.00 -34.09 -13.17
CA VAL A 339 -19.56 -33.88 -13.02
C VAL A 339 -18.94 -33.52 -14.36
N PRO A 340 -18.14 -32.43 -14.40
CA PRO A 340 -17.73 -31.77 -15.63
C PRO A 340 -17.24 -32.71 -16.71
N TRP A 341 -17.72 -32.47 -17.92
CA TRP A 341 -17.40 -33.23 -19.12
C TRP A 341 -16.44 -32.45 -19.98
N HIS A 342 -15.64 -33.15 -20.78
CA HIS A 342 -14.69 -32.50 -21.69
C HIS A 342 -15.29 -31.27 -22.36
N ILE A 343 -16.43 -31.43 -23.02
CA ILE A 343 -17.01 -30.35 -23.81
C ILE A 343 -17.35 -29.09 -22.97
N TYR A 344 -17.67 -29.30 -21.69
CA TYR A 344 -18.03 -28.20 -20.80
C TYR A 344 -16.86 -27.43 -20.11
N ASN A 345 -15.75 -28.10 -19.81
CA ASN A 345 -14.54 -27.38 -19.50
C ASN A 345 -14.20 -26.46 -20.66
N ILE A 346 -14.32 -26.97 -21.88
CA ILE A 346 -14.03 -26.12 -23.04
C ILE A 346 -15.02 -24.93 -23.17
N GLU A 347 -16.32 -25.16 -23.01
CA GLU A 347 -17.28 -24.06 -22.94
C GLU A 347 -16.85 -22.96 -21.94
N ALA A 348 -16.52 -23.36 -20.70
CA ALA A 348 -15.99 -22.44 -19.71
C ALA A 348 -14.84 -21.53 -20.22
N CYS A 349 -13.82 -22.11 -20.84
CA CYS A 349 -12.75 -21.30 -21.44
C CYS A 349 -13.28 -20.37 -22.54
N ASP A 350 -13.87 -20.97 -23.58
CA ASP A 350 -14.43 -20.21 -24.67
C ASP A 350 -15.19 -18.97 -24.15
N THR A 351 -16.19 -19.21 -23.29
CA THR A 351 -17.01 -18.13 -22.73
C THR A 351 -16.20 -17.07 -22.00
N ALA A 352 -15.22 -17.49 -21.20
CA ALA A 352 -14.39 -16.55 -20.45
C ALA A 352 -13.58 -15.66 -21.39
N LYS A 353 -13.01 -16.29 -22.41
CA LYS A 353 -12.27 -15.60 -23.46
C LYS A 353 -13.16 -14.70 -24.33
N GLN A 354 -14.30 -15.21 -24.76
CA GLN A 354 -15.26 -14.47 -25.57
C GLN A 354 -15.74 -13.18 -24.88
N ALA A 355 -16.14 -13.31 -23.63
CA ALA A 355 -16.65 -12.16 -22.89
C ALA A 355 -15.54 -11.12 -22.69
N LEU A 356 -14.35 -11.58 -22.32
CA LEU A 356 -13.31 -10.63 -22.00
C LEU A 356 -12.88 -9.88 -23.25
N ILE A 357 -12.87 -10.58 -24.37
CA ILE A 357 -12.46 -9.95 -25.63
C ILE A 357 -13.46 -8.91 -26.12
N GLY A 358 -14.75 -9.25 -26.01
CA GLY A 358 -15.82 -8.32 -26.33
C GLY A 358 -15.85 -7.08 -25.44
N MET A 359 -15.34 -7.19 -24.21
CA MET A 359 -15.20 -6.04 -23.33
C MET A 359 -13.81 -5.43 -23.39
N ASP A 360 -13.05 -5.72 -24.44
CA ASP A 360 -11.75 -5.04 -24.61
C ASP A 360 -11.92 -3.54 -24.64
N GLY A 361 -11.20 -2.85 -23.75
CA GLY A 361 -11.14 -1.41 -23.79
C GLY A 361 -12.33 -0.81 -23.11
N LEU A 362 -13.19 -1.65 -22.54
CA LEU A 362 -14.42 -1.15 -21.95
C LEU A 362 -14.13 0.00 -20.97
N MET A 363 -13.09 -0.12 -20.16
CA MET A 363 -12.86 0.92 -19.14
C MET A 363 -12.16 2.21 -19.66
N ASP A 364 -11.85 2.25 -20.95
CA ASP A 364 -11.50 3.53 -21.55
C ASP A 364 -12.79 4.32 -21.80
N MET A 365 -13.94 3.65 -21.73
CA MET A 365 -15.19 4.25 -22.13
C MET A 365 -16.23 4.33 -21.01
N VAL A 366 -16.02 3.54 -19.97
CA VAL A 366 -16.96 3.49 -18.85
C VAL A 366 -16.21 3.68 -17.55
N GLN A 367 -16.91 4.09 -16.50
CA GLN A 367 -16.27 4.19 -15.18
C GLN A 367 -17.25 4.09 -14.04
N LEU A 368 -16.69 3.91 -12.84
CA LEU A 368 -17.50 3.78 -11.66
C LEU A 368 -17.89 5.16 -11.16
N LYS A 369 -19.15 5.29 -10.77
CA LYS A 369 -19.63 6.51 -10.14
C LYS A 369 -19.18 6.41 -8.69
N ARG A 370 -17.96 6.89 -8.42
CA ARG A 370 -17.28 6.50 -7.19
C ARG A 370 -17.89 7.11 -5.92
N GLU A 371 -18.52 8.28 -6.04
CA GLU A 371 -19.40 8.78 -4.99
C GLU A 371 -20.84 8.59 -5.46
N GLY A 372 -21.73 8.35 -4.50
CA GLY A 372 -23.10 7.98 -4.78
C GLY A 372 -23.46 6.84 -3.84
N VAL A 373 -24.44 6.03 -4.21
CA VAL A 373 -24.74 4.87 -3.38
C VAL A 373 -23.54 3.93 -3.32
N LEU A 374 -22.64 4.05 -4.28
CA LEU A 374 -21.52 3.12 -4.37
C LEU A 374 -20.51 3.32 -3.25
N GLY A 375 -20.04 4.56 -3.10
CA GLY A 375 -18.97 4.87 -2.16
C GLY A 375 -19.42 4.68 -0.73
N ASP A 376 -20.74 4.80 -0.54
CA ASP A 376 -21.34 4.74 0.78
C ASP A 376 -21.25 3.32 1.32
N THR A 377 -21.58 2.37 0.43
CA THR A 377 -21.51 0.95 0.74
C THR A 377 -20.07 0.43 0.77
N VAL A 378 -19.21 0.96 -0.10
CA VAL A 378 -17.79 0.66 -0.02
C VAL A 378 -17.31 1.03 1.37
N ARG A 379 -17.83 2.12 1.91
CA ARG A 379 -17.38 2.60 3.21
C ARG A 379 -17.95 1.74 4.34
N GLU A 380 -19.22 1.36 4.18
CA GLU A 380 -19.91 0.59 5.22
C GLU A 380 -19.37 -0.84 5.40
N LEU A 381 -19.14 -1.54 4.29
CA LEU A 381 -18.54 -2.86 4.32
C LEU A 381 -17.18 -2.82 5.04
N LYS A 382 -16.41 -1.76 4.77
CA LYS A 382 -15.11 -1.62 5.37
C LYS A 382 -15.26 -1.48 6.88
N GLU A 383 -16.22 -0.67 7.31
CA GLU A 383 -16.49 -0.47 8.73
C GLU A 383 -16.93 -1.77 9.38
N ARG A 384 -17.90 -2.45 8.78
CA ARG A 384 -18.38 -3.73 9.30
C ARG A 384 -17.25 -4.75 9.51
N ALA A 385 -16.27 -4.78 8.61
CA ALA A 385 -15.17 -5.72 8.71
C ALA A 385 -14.26 -5.35 9.87
N VAL A 386 -13.90 -4.08 9.93
CA VAL A 386 -13.07 -3.54 11.00
C VAL A 386 -13.75 -3.84 12.34
N LEU A 387 -15.07 -3.65 12.40
CA LEU A 387 -15.81 -4.02 13.59
C LEU A 387 -15.61 -5.49 13.93
N PHE A 388 -15.87 -6.37 12.98
CA PHE A 388 -15.62 -7.80 13.17
C PHE A 388 -14.22 -8.06 13.76
N MET A 389 -13.20 -7.44 13.17
CA MET A 389 -11.83 -7.54 13.67
C MET A 389 -11.71 -7.07 15.13
N GLU A 390 -12.37 -5.95 15.45
CA GLU A 390 -12.30 -5.40 16.80
C GLU A 390 -12.84 -6.40 17.83
N GLU A 391 -13.93 -7.07 17.48
CA GLU A 391 -14.52 -8.06 18.37
C GLU A 391 -13.69 -9.33 18.55
N ILE A 392 -12.90 -9.70 17.55
CA ILE A 392 -12.02 -10.87 17.60
C ILE A 392 -10.81 -10.66 18.52
N ILE A 393 -10.39 -9.39 18.65
CA ILE A 393 -9.36 -9.02 19.61
C ILE A 393 -9.92 -8.94 21.03
N GLU A 394 -11.03 -8.24 21.18
CA GLU A 394 -11.75 -8.13 22.44
C GLU A 394 -11.97 -9.51 23.10
N ALA A 395 -12.44 -10.47 22.31
CA ALA A 395 -12.65 -11.83 22.79
C ALA A 395 -11.31 -12.56 22.98
N GLY A 396 -10.23 -11.85 22.72
CA GLY A 396 -8.92 -12.34 23.10
C GLY A 396 -8.26 -13.29 22.14
N GLY A 397 -8.40 -13.07 20.84
CA GLY A 397 -7.58 -13.77 19.87
C GLY A 397 -8.35 -14.68 18.96
N TYR A 398 -7.69 -15.15 17.88
CA TYR A 398 -8.35 -15.96 16.85
C TYR A 398 -8.97 -17.31 17.30
N PHE A 399 -8.28 -18.04 18.17
CA PHE A 399 -8.81 -19.33 18.62
C PHE A 399 -10.12 -19.14 19.40
N ASN A 400 -10.18 -18.14 20.28
CA ASN A 400 -11.40 -17.90 21.06
C ASN A 400 -12.57 -17.51 20.19
N ALA A 401 -12.30 -16.68 19.17
CA ALA A 401 -13.33 -16.29 18.20
C ALA A 401 -13.86 -17.49 17.44
N VAL A 402 -12.98 -18.39 17.00
CA VAL A 402 -13.42 -19.60 16.31
C VAL A 402 -14.29 -20.40 17.24
N GLU A 403 -13.76 -20.69 18.42
CA GLU A 403 -14.44 -21.50 19.44
C GLU A 403 -15.79 -20.94 19.88
N GLN A 404 -15.99 -19.65 19.64
CA GLN A 404 -17.24 -19.02 20.01
C GLN A 404 -18.20 -18.97 18.82
N GLY A 405 -17.82 -19.61 17.73
CA GLY A 405 -18.64 -19.66 16.53
C GLY A 405 -18.78 -18.32 15.82
N PHE A 406 -17.74 -17.49 15.95
CA PHE A 406 -17.65 -16.23 15.22
C PHE A 406 -17.77 -16.37 13.70
N PHE A 407 -17.27 -17.50 13.17
CA PHE A 407 -17.27 -17.73 11.73
C PHE A 407 -18.36 -18.68 11.21
N VAL A 408 -18.77 -18.44 9.96
CA VAL A 408 -19.73 -19.30 9.26
C VAL A 408 -21.13 -19.13 9.84
N ASP A 409 -21.27 -18.07 10.65
CA ASP A 409 -22.56 -17.64 11.18
C ASP A 409 -23.31 -16.95 10.04
N SER A 410 -24.60 -17.26 9.90
CA SER A 410 -25.38 -16.76 8.77
C SER A 410 -25.84 -15.31 8.91
N GLY A 411 -25.36 -14.62 9.94
CA GLY A 411 -25.73 -13.23 10.15
C GLY A 411 -24.87 -12.21 9.42
N TYR A 412 -25.54 -11.16 8.94
CA TYR A 412 -24.86 -10.03 8.33
C TYR A 412 -24.17 -9.22 9.42
N TYR A 413 -22.92 -9.57 9.72
CA TYR A 413 -22.20 -9.00 10.86
C TYR A 413 -22.33 -7.50 10.85
N PRO A 414 -22.47 -6.87 12.04
CA PRO A 414 -22.40 -7.39 13.43
C PRO A 414 -23.51 -8.35 13.88
N GLU A 415 -24.63 -8.39 13.15
CA GLU A 415 -25.69 -9.37 13.38
C GLU A 415 -25.16 -10.81 13.54
N ARG A 416 -25.52 -11.47 14.63
CA ARG A 416 -25.12 -12.85 14.88
C ARG A 416 -26.30 -13.78 15.23
N ASN A 417 -26.50 -14.82 14.42
CA ASN A 417 -27.60 -15.77 14.57
C ASN A 417 -27.28 -16.94 15.51
N GLY A 418 -25.99 -17.25 15.64
CA GLY A 418 -25.53 -18.33 16.51
C GLY A 418 -25.43 -19.66 15.79
N ASP A 419 -25.56 -19.62 14.48
CA ASP A 419 -25.57 -20.84 13.66
C ASP A 419 -24.20 -21.16 13.04
N GLY A 420 -23.20 -20.36 13.43
CA GLY A 420 -21.83 -20.55 12.99
C GLY A 420 -21.17 -21.85 13.43
N ILE A 421 -19.98 -22.10 12.87
CA ILE A 421 -19.23 -23.33 13.12
C ILE A 421 -18.21 -23.14 14.24
N ALA A 422 -18.46 -23.81 15.36
CA ALA A 422 -17.53 -23.76 16.47
C ALA A 422 -16.64 -25.00 16.53
N ARG A 423 -15.33 -24.77 16.53
CA ARG A 423 -14.34 -25.82 16.76
C ARG A 423 -13.76 -25.63 18.15
N GLN A 424 -13.36 -26.72 18.78
CA GLN A 424 -12.67 -26.61 20.07
C GLN A 424 -11.16 -26.47 19.87
N ILE A 425 -10.56 -25.55 20.62
CA ILE A 425 -9.11 -25.39 20.67
C ILE A 425 -8.39 -26.73 20.95
N ASN A 426 -8.91 -27.49 21.91
CA ASN A 426 -8.25 -28.68 22.43
C ASN A 426 -8.66 -29.93 21.68
N GLY A 427 -9.56 -29.76 20.74
CA GLY A 427 -10.15 -30.89 20.04
C GLY A 427 -9.87 -30.83 18.56
N GLY A 428 -10.56 -31.69 17.82
CA GLY A 428 -10.40 -31.76 16.37
C GLY A 428 -9.47 -32.89 15.96
N ILE A 429 -9.14 -32.93 14.68
CA ILE A 429 -8.30 -33.97 14.13
C ILE A 429 -6.87 -33.58 14.19
N GLY A 430 -6.14 -34.13 15.14
CA GLY A 430 -4.74 -33.82 15.29
C GLY A 430 -4.51 -33.05 16.58
N ALA A 431 -5.49 -33.14 17.47
CA ALA A 431 -5.33 -32.58 18.80
C ALA A 431 -4.19 -33.33 19.43
N GLY A 432 -3.37 -32.62 20.21
CA GLY A 432 -2.30 -33.25 20.95
C GLY A 432 -1.20 -33.77 20.06
N THR A 433 -0.96 -33.08 18.96
CA THR A 433 0.13 -33.44 18.08
C THR A 433 1.08 -32.25 17.91
N VAL A 434 0.92 -31.23 18.74
CA VAL A 434 1.86 -30.11 18.79
C VAL A 434 2.92 -30.44 19.83
N PHE A 435 4.19 -30.23 19.50
CA PHE A 435 5.26 -30.47 20.46
C PHE A 435 6.11 -29.24 20.57
N GLU A 436 6.50 -28.90 21.80
CA GLU A 436 7.33 -27.73 22.03
C GLU A 436 8.73 -27.95 21.48
N ARG A 437 9.26 -27.01 20.70
CA ARG A 437 10.66 -27.08 20.32
C ARG A 437 11.56 -26.85 21.55
N ASP A 438 12.53 -27.74 21.73
CA ASP A 438 13.52 -27.64 22.81
C ASP A 438 14.69 -26.74 22.44
N GLU A 439 15.50 -26.43 23.43
CA GLU A 439 16.58 -25.47 23.25
C GLU A 439 17.53 -25.89 22.13
N ASP A 440 17.77 -27.19 22.04
CA ASP A 440 18.71 -27.70 21.07
C ASP A 440 18.06 -28.31 19.82
N TYR A 441 16.81 -27.93 19.55
CA TYR A 441 16.10 -28.37 18.34
C TYR A 441 16.83 -27.87 17.10
N MET A 442 16.86 -28.67 16.06
CA MET A 442 17.53 -28.28 14.84
C MET A 442 16.79 -28.94 13.68
N ALA A 443 16.88 -28.35 12.49
CA ALA A 443 16.38 -28.96 11.28
C ALA A 443 17.27 -28.55 10.09
N PRO A 444 18.01 -29.52 9.52
CA PRO A 444 19.08 -29.30 8.52
C PRO A 444 18.59 -29.19 7.08
N VAL A 445 17.67 -28.28 6.81
CA VAL A 445 17.07 -28.20 5.50
C VAL A 445 16.70 -26.77 5.14
N THR A 446 16.66 -26.49 3.84
CA THR A 446 16.21 -25.17 3.39
C THR A 446 14.71 -25.05 3.65
N ALA A 447 14.23 -23.80 3.66
CA ALA A 447 12.81 -23.50 3.81
C ALA A 447 12.19 -24.00 5.11
N HIS A 448 12.87 -23.80 6.23
CA HIS A 448 12.30 -24.11 7.53
C HIS A 448 11.94 -22.81 8.23
N PHE A 449 10.76 -22.77 8.88
CA PHE A 449 10.26 -21.57 9.52
C PHE A 449 10.75 -21.39 10.95
N GLY A 450 10.13 -22.12 11.85
CA GLY A 450 10.34 -21.92 13.28
C GLY A 450 11.75 -22.08 13.82
N TYR A 451 11.87 -21.89 15.14
CA TYR A 451 13.14 -21.93 15.84
C TYR A 451 14.03 -23.11 15.43
N ASN A 452 15.16 -22.77 14.82
CA ASN A 452 16.10 -23.78 14.38
C ASN A 452 17.48 -23.49 14.95
N ASN A 453 17.86 -24.22 15.99
CA ASN A 453 19.18 -24.06 16.59
C ASN A 453 20.30 -24.69 15.74
N VAL A 454 20.94 -23.86 14.94
CA VAL A 454 21.97 -24.31 14.01
C VAL A 454 23.35 -24.02 14.56
N LYS A 455 23.44 -22.94 15.34
CA LYS A 455 24.75 -22.49 15.82
C LYS A 455 25.50 -23.65 16.42
N GLN A 456 24.84 -24.39 17.30
CA GLN A 456 25.49 -25.46 18.05
C GLN A 456 26.48 -26.29 17.23
N TYR A 457 26.13 -26.69 16.01
CA TYR A 457 27.08 -27.45 15.21
C TYR A 457 28.05 -26.59 14.39
N ASP A 458 27.57 -25.43 13.95
CA ASP A 458 28.41 -24.51 13.20
C ASP A 458 27.78 -23.13 13.19
N GLU A 459 28.46 -22.15 13.76
CA GLU A 459 27.92 -20.81 13.87
C GLU A 459 27.77 -20.15 12.50
N ALA A 460 28.55 -20.63 11.53
CA ALA A 460 28.59 -20.05 10.19
C ALA A 460 27.38 -20.43 9.34
N LEU A 461 26.87 -21.65 9.55
CA LEU A 461 25.84 -22.22 8.70
C LEU A 461 24.42 -21.71 9.02
N VAL A 462 24.29 -20.90 10.06
CA VAL A 462 22.98 -20.39 10.48
C VAL A 462 22.00 -20.09 9.34
N SER A 463 22.48 -19.48 8.26
CA SER A 463 21.60 -19.07 7.18
C SER A 463 21.55 -20.08 6.02
N GLU A 464 22.30 -21.18 6.17
CA GLU A 464 22.31 -22.26 5.18
C GLU A 464 22.28 -23.61 5.88
N PRO A 465 21.23 -23.87 6.67
CA PRO A 465 21.11 -25.08 7.49
C PRO A 465 21.36 -26.37 6.71
N SER A 466 20.99 -26.41 5.43
CA SER A 466 21.08 -27.64 4.64
C SER A 466 22.51 -28.02 4.32
N LYS A 467 23.45 -27.10 4.57
CA LYS A 467 24.84 -27.40 4.29
C LYS A 467 25.46 -28.29 5.37
N LEU A 468 24.73 -28.50 6.45
CA LEU A 468 25.11 -29.53 7.40
C LEU A 468 25.07 -30.89 6.71
N ILE A 469 24.33 -30.98 5.61
CA ILE A 469 24.19 -32.27 4.91
C ILE A 469 24.58 -32.26 3.42
N ASP A 470 25.14 -31.15 2.95
CA ASP A 470 25.52 -30.99 1.55
C ASP A 470 24.28 -31.10 0.69
N GLY A 471 23.29 -30.28 1.05
CA GLY A 471 22.05 -30.13 0.29
C GLY A 471 20.87 -30.96 0.77
N CYS A 472 19.72 -30.30 0.97
CA CYS A 472 18.46 -31.02 1.18
C CYS A 472 17.87 -31.24 -0.21
N THR A 473 16.72 -31.88 -0.32
CA THR A 473 16.27 -32.27 -1.65
C THR A 473 16.01 -31.04 -2.52
N LEU A 474 15.83 -29.89 -1.89
CA LEU A 474 15.64 -28.65 -2.64
C LEU A 474 16.90 -28.19 -3.38
N GLU A 475 18.07 -28.59 -2.89
CA GLU A 475 19.32 -28.34 -3.62
C GLU A 475 19.78 -29.56 -4.42
N VAL A 476 19.44 -30.75 -3.93
CA VAL A 476 19.97 -31.99 -4.48
C VAL A 476 18.86 -32.96 -4.82
N PRO A 477 18.24 -32.78 -5.99
CA PRO A 477 17.03 -33.52 -6.39
C PRO A 477 17.25 -35.03 -6.39
N GLU A 478 18.45 -35.46 -6.74
CA GLU A 478 18.79 -36.88 -6.80
C GLU A 478 18.67 -37.57 -5.41
N LYS A 479 18.49 -36.77 -4.37
CA LYS A 479 18.23 -37.30 -3.03
C LYS A 479 16.73 -37.61 -2.82
N ILE A 480 15.90 -37.33 -3.83
CA ILE A 480 14.48 -37.61 -3.74
C ILE A 480 14.16 -39.09 -3.93
N VAL A 481 13.58 -39.71 -2.92
CA VAL A 481 13.09 -41.08 -3.05
C VAL A 481 11.84 -41.08 -3.91
N TYR A 482 11.92 -41.74 -5.06
CA TYR A 482 10.77 -41.86 -5.94
C TYR A 482 10.06 -43.18 -5.73
N ILE A 483 8.79 -43.15 -5.34
CA ILE A 483 8.04 -44.40 -5.30
C ILE A 483 7.26 -44.53 -6.61
N ASP A 484 7.26 -45.71 -7.21
CA ASP A 484 6.44 -45.93 -8.40
C ASP A 484 4.98 -46.35 -8.09
N GLU A 485 4.80 -47.57 -7.62
CA GLU A 485 3.48 -48.07 -7.27
C GLU A 485 3.52 -48.83 -5.95
N LEU A 486 2.41 -48.82 -5.23
CA LEU A 486 2.34 -49.54 -3.98
C LEU A 486 1.14 -50.47 -3.98
N ASP A 487 0.40 -50.48 -5.09
CA ASP A 487 -0.75 -51.38 -5.29
C ASP A 487 -0.60 -52.06 -6.66
N GLU A 488 -0.70 -53.37 -6.69
CA GLU A 488 -0.48 -54.11 -7.92
C GLU A 488 -1.71 -54.19 -8.83
N ASN A 489 -2.90 -54.06 -8.24
CA ASN A 489 -4.15 -54.16 -8.98
C ASN A 489 -4.88 -52.83 -9.16
N ASP A 490 -4.59 -51.86 -8.30
CA ASP A 490 -5.18 -50.53 -8.43
C ASP A 490 -4.11 -49.54 -8.82
N ASN A 491 -3.85 -49.42 -10.11
CA ASN A 491 -2.87 -48.46 -10.60
C ASN A 491 -3.05 -48.12 -12.07
N VAL A 492 -2.31 -47.13 -12.56
CA VAL A 492 -2.49 -46.63 -13.94
C VAL A 492 -2.17 -47.67 -15.02
N ASN A 493 -1.29 -48.63 -14.71
CA ASN A 493 -0.88 -49.64 -15.68
C ASN A 493 -1.94 -50.70 -15.93
N VAL A 494 -2.78 -50.95 -14.93
CA VAL A 494 -3.89 -51.88 -15.08
C VAL A 494 -5.00 -51.23 -15.89
N ARG A 495 -5.27 -49.98 -15.54
CA ARG A 495 -6.32 -49.17 -16.16
C ARG A 495 -6.05 -49.01 -17.65
N MET A 496 -4.80 -48.72 -17.99
CA MET A 496 -4.41 -48.56 -19.38
C MET A 496 -4.46 -49.88 -20.13
N GLU A 497 -4.05 -50.96 -19.46
CA GLU A 497 -4.09 -52.30 -20.03
C GLU A 497 -5.54 -52.72 -20.35
N GLU A 498 -6.45 -52.42 -19.42
CA GLU A 498 -7.87 -52.78 -19.55
C GLU A 498 -8.42 -52.47 -20.94
N THR A 499 -8.07 -51.30 -21.47
CA THR A 499 -8.51 -50.90 -22.82
C THR A 499 -7.38 -50.65 -23.81
N LYS A 500 -6.59 -51.68 -24.09
CA LYS A 500 -5.68 -51.63 -25.23
C LYS A 500 -6.56 -51.61 -26.48
N GLU A 501 -7.47 -52.58 -26.56
CA GLU A 501 -8.55 -52.62 -27.55
C GLU A 501 -8.74 -51.34 -28.38
N PHE A 502 -8.94 -50.23 -27.68
CA PHE A 502 -9.35 -49.00 -28.33
C PHE A 502 -8.22 -48.18 -28.99
N ARG A 503 -7.02 -48.25 -28.42
CA ARG A 503 -5.90 -47.47 -28.96
C ARG A 503 -5.20 -48.17 -30.15
N SER A 506 -8.86 -50.13 -33.34
CA SER A 506 -9.40 -49.04 -34.18
C SER A 506 -10.94 -48.97 -34.19
N MET A 507 -11.53 -49.08 -33.00
CA MET A 507 -12.95 -48.75 -32.84
C MET A 507 -13.06 -47.31 -32.32
N ILE A 508 -14.28 -46.88 -32.02
CA ILE A 508 -14.50 -45.56 -31.40
C ILE A 508 -15.85 -45.49 -30.71
N LYS A 509 -15.93 -44.73 -29.62
CA LYS A 509 -17.22 -44.41 -29.04
C LYS A 509 -17.18 -43.08 -28.31
N PRO A 510 -18.37 -42.55 -27.97
CA PRO A 510 -18.49 -41.30 -27.21
C PRO A 510 -17.98 -41.46 -25.78
N GLU A 511 -17.50 -40.36 -25.21
CA GLU A 511 -17.11 -40.33 -23.81
C GLU A 511 -17.35 -38.95 -23.27
N VAL A 512 -17.53 -38.84 -21.96
CA VAL A 512 -17.61 -37.55 -21.31
C VAL A 512 -16.37 -37.29 -20.47
N GLU A 513 -15.98 -38.25 -19.64
CA GLU A 513 -14.74 -38.09 -18.89
C GLU A 513 -13.67 -39.13 -19.23
N TRP A 514 -14.04 -40.40 -19.14
CA TRP A 514 -13.11 -41.51 -19.31
C TRP A 514 -13.26 -42.21 -20.67
N GLN A 515 -12.11 -42.57 -21.25
CA GLN A 515 -12.06 -43.23 -22.57
C GLN A 515 -13.19 -44.20 -22.80
N ALA A 516 -13.97 -43.96 -23.85
CA ALA A 516 -15.02 -44.89 -24.26
C ALA A 516 -16.05 -45.19 -23.16
N ASP A 517 -16.39 -44.20 -22.34
CA ASP A 517 -17.36 -44.42 -21.27
C ASP A 517 -18.80 -44.50 -21.77
N GLY A 518 -19.00 -44.12 -23.03
CA GLY A 518 -20.25 -44.33 -23.73
C GLY A 518 -21.37 -43.35 -23.44
N THR A 519 -21.10 -42.33 -22.62
CA THR A 519 -22.12 -41.34 -22.29
C THR A 519 -22.35 -40.30 -23.38
N VAL A 520 -23.60 -39.89 -23.48
CA VAL A 520 -24.05 -38.86 -24.41
C VAL A 520 -25.18 -38.04 -23.76
N LEU A 521 -25.49 -36.90 -24.36
CA LEU A 521 -26.60 -36.09 -23.85
C LEU A 521 -27.72 -35.97 -24.88
N LEU A 522 -28.94 -36.15 -24.40
CA LEU A 522 -30.16 -36.06 -25.19
C LEU A 522 -31.03 -34.90 -24.68
N THR A 523 -31.43 -33.99 -25.57
CA THR A 523 -32.37 -32.90 -25.24
C THR A 523 -33.69 -33.09 -25.99
N MET A 524 -34.83 -32.96 -25.32
CA MET A 524 -36.11 -33.09 -26.03
C MET A 524 -37.18 -32.18 -25.45
N PHE A 525 -38.25 -31.96 -26.22
CA PHE A 525 -39.40 -31.26 -25.68
C PHE A 525 -40.64 -32.17 -25.64
N LEU A 526 -41.31 -32.24 -24.50
CA LEU A 526 -42.52 -33.06 -24.39
C LEU A 526 -43.77 -32.23 -24.02
N PRO A 527 -44.88 -32.46 -24.73
CA PRO A 527 -46.13 -31.71 -24.57
C PRO A 527 -46.92 -32.11 -23.35
N THR A 528 -46.26 -32.26 -22.19
CA THR A 528 -46.99 -32.63 -20.98
C THR A 528 -46.29 -32.07 -19.72
N SER A 529 -46.95 -32.19 -18.56
CA SER A 529 -46.39 -31.66 -17.32
C SER A 529 -45.08 -32.35 -16.96
N LYS A 530 -44.33 -31.80 -16.02
CA LYS A 530 -42.93 -32.22 -15.82
C LYS A 530 -42.74 -33.69 -15.41
N ARG A 531 -43.27 -34.05 -14.25
CA ARG A 531 -43.13 -35.42 -13.71
C ARG A 531 -43.43 -36.46 -14.78
N VAL A 532 -44.62 -36.40 -15.35
CA VAL A 532 -44.97 -37.29 -16.45
C VAL A 532 -43.97 -37.11 -17.58
N ALA A 533 -43.78 -35.88 -18.01
CA ALA A 533 -42.85 -35.60 -19.10
C ALA A 533 -41.52 -36.30 -18.86
N GLU A 534 -41.08 -36.27 -17.61
CA GLU A 534 -39.80 -36.86 -17.23
C GLU A 534 -39.78 -38.38 -17.44
N PHE A 535 -40.82 -39.05 -16.94
CA PHE A 535 -40.94 -40.50 -17.03
C PHE A 535 -41.18 -41.00 -18.45
N ALA A 536 -41.99 -40.25 -19.19
CA ALA A 536 -42.17 -40.50 -20.62
C ALA A 536 -40.84 -40.35 -21.33
N ALA A 537 -40.02 -39.43 -20.82
CA ALA A 537 -38.70 -39.12 -21.38
C ALA A 537 -37.69 -40.28 -21.25
N ILE A 538 -37.61 -40.87 -20.06
CA ILE A 538 -36.83 -42.08 -19.85
C ILE A 538 -37.11 -43.17 -20.89
N GLU A 539 -38.39 -43.46 -21.08
CA GLU A 539 -38.85 -44.43 -22.07
C GLU A 539 -38.25 -44.19 -23.45
N PHE A 540 -38.53 -43.03 -24.02
CA PHE A 540 -37.94 -42.68 -25.31
C PHE A 540 -36.44 -43.00 -25.40
N ALA A 541 -35.70 -42.66 -24.34
CA ALA A 541 -34.25 -42.92 -24.25
C ALA A 541 -33.92 -44.42 -24.29
N LYS A 542 -34.69 -45.20 -23.52
CA LYS A 542 -34.57 -46.67 -23.49
C LYS A 542 -34.73 -47.25 -24.88
N LYS A 543 -35.81 -46.88 -25.54
CA LYS A 543 -36.10 -47.31 -26.90
C LYS A 543 -34.96 -46.91 -27.83
N MET A 544 -34.29 -45.82 -27.51
CA MET A 544 -33.20 -45.35 -28.36
C MET A 544 -31.91 -46.10 -28.05
N ASN A 545 -32.04 -47.13 -27.23
CA ASN A 545 -30.96 -48.07 -26.93
C ASN A 545 -29.90 -47.59 -25.93
N LEU A 546 -30.16 -46.46 -25.28
CA LEU A 546 -29.23 -45.96 -24.27
C LEU A 546 -29.45 -46.72 -22.93
N GLU A 547 -28.39 -46.80 -22.11
CA GLU A 547 -28.45 -47.50 -20.84
C GLU A 547 -28.04 -46.56 -19.73
N GLU A 548 -28.28 -46.99 -18.49
CA GLU A 548 -27.92 -46.20 -17.32
C GLU A 548 -28.51 -44.80 -17.43
N VAL A 549 -29.65 -44.71 -18.10
CA VAL A 549 -30.33 -43.46 -18.38
C VAL A 549 -30.77 -42.73 -17.11
N GLU A 550 -30.44 -41.45 -17.00
CA GLU A 550 -31.02 -40.61 -15.95
C GLU A 550 -31.19 -39.15 -16.32
N VAL A 551 -32.21 -38.53 -15.74
CA VAL A 551 -32.57 -37.14 -16.01
C VAL A 551 -31.74 -36.20 -15.16
N ILE A 552 -31.29 -35.11 -15.76
CA ILE A 552 -30.38 -34.21 -15.05
C ILE A 552 -30.86 -32.76 -15.03
N ASN A 553 -31.91 -32.47 -15.79
CA ASN A 553 -32.47 -31.13 -15.92
C ASN A 553 -33.92 -31.18 -16.38
N ARG A 554 -34.81 -30.58 -15.62
CA ARG A 554 -36.18 -30.34 -16.08
C ARG A 554 -36.39 -28.85 -16.09
N GLU A 555 -37.08 -28.36 -17.11
CA GLU A 555 -37.51 -26.98 -17.11
C GLU A 555 -38.95 -26.85 -17.57
N VAL A 556 -39.71 -26.11 -16.79
CA VAL A 556 -41.09 -25.85 -17.13
C VAL A 556 -41.12 -24.83 -18.26
N MET A 557 -41.74 -25.18 -19.39
CA MET A 557 -42.02 -24.18 -20.41
C MET A 557 -43.30 -23.48 -19.98
N GLN A 558 -44.39 -24.23 -19.88
CA GLN A 558 -45.54 -23.78 -19.11
C GLN A 558 -46.23 -25.03 -18.58
N GLU A 559 -46.79 -24.95 -17.37
CA GLU A 559 -47.30 -26.13 -16.69
C GLU A 559 -47.87 -27.18 -17.66
N ALA A 560 -48.99 -26.87 -18.31
CA ALA A 560 -49.66 -27.86 -19.14
C ALA A 560 -49.06 -28.01 -20.53
N GLU A 561 -48.57 -26.93 -21.11
CA GLU A 561 -48.17 -26.96 -22.52
C GLU A 561 -46.96 -27.82 -22.78
N GLY A 562 -46.00 -27.82 -21.86
CA GLY A 562 -44.76 -28.48 -22.16
C GLY A 562 -43.66 -28.50 -21.12
N THR A 563 -42.69 -29.36 -21.36
CA THR A 563 -41.54 -29.50 -20.49
C THR A 563 -40.29 -29.86 -21.29
N ARG A 564 -39.20 -29.17 -20.99
CA ARG A 564 -37.90 -29.49 -21.56
C ARG A 564 -37.28 -30.48 -20.63
N ILE A 565 -36.74 -31.55 -21.19
CA ILE A 565 -36.07 -32.54 -20.38
C ILE A 565 -34.66 -32.75 -20.95
N GLU A 566 -33.71 -33.02 -20.07
CA GLU A 566 -32.38 -33.38 -20.53
C GLU A 566 -31.94 -34.66 -19.84
N LEU A 567 -31.23 -35.50 -20.61
CA LEU A 567 -30.91 -36.86 -20.21
C LEU A 567 -29.46 -37.20 -20.52
N LYS A 568 -28.76 -37.77 -19.55
CA LYS A 568 -27.46 -38.37 -19.84
C LYS A 568 -27.63 -39.87 -19.87
N GLY A 569 -27.06 -40.52 -20.87
CA GLY A 569 -27.23 -41.94 -21.07
C GLY A 569 -26.03 -42.59 -21.72
N ARG A 570 -25.95 -43.92 -21.64
CA ARG A 570 -24.80 -44.68 -22.12
C ARG A 570 -25.13 -45.46 -23.39
N VAL A 571 -24.31 -45.30 -24.43
CA VAL A 571 -24.42 -46.09 -25.65
C VAL A 571 -23.69 -47.44 -25.51
N PRO A 572 -24.43 -48.57 -25.56
CA PRO A 572 -23.85 -49.89 -25.28
C PRO A 572 -23.12 -50.55 -26.47
N PHE A 573 -22.66 -49.76 -27.43
CA PHE A 573 -21.93 -50.33 -28.56
C PHE A 573 -20.86 -49.40 -29.14
N SER A 574 -20.15 -49.90 -30.13
CA SER A 574 -19.04 -49.19 -30.75
C SER A 574 -19.35 -48.99 -32.21
N ILE A 575 -18.53 -48.19 -32.89
CA ILE A 575 -18.64 -48.00 -34.33
C ILE A 575 -17.26 -48.34 -34.84
N ASP A 576 -17.08 -48.40 -36.16
CA ASP A 576 -15.78 -48.67 -36.70
C ASP A 576 -15.42 -47.58 -37.69
N ILE A 577 -14.27 -46.95 -37.45
CA ILE A 577 -13.79 -45.90 -38.34
C ILE A 577 -13.48 -46.44 -39.73
N ASN A 578 -13.28 -47.77 -39.82
CA ASN A 578 -12.91 -48.41 -41.08
C ASN A 578 -14.08 -48.88 -41.95
N SER A 579 -15.28 -48.85 -41.41
CA SER A 579 -16.51 -49.12 -42.17
C SER A 579 -17.43 -47.89 -42.28
N LEU A 580 -16.82 -46.71 -42.26
CA LEU A 580 -17.54 -45.46 -42.50
C LEU A 580 -17.36 -45.01 -43.95
N VAL A 581 -18.47 -44.89 -44.67
CA VAL A 581 -18.43 -44.41 -46.04
C VAL A 581 -18.28 -42.89 -46.03
N ILE A 582 -17.07 -42.41 -46.25
CA ILE A 582 -16.83 -40.98 -46.23
C ILE A 582 -16.20 -40.50 -47.53
N PRO A 583 -16.95 -39.68 -48.29
CA PRO A 583 -16.52 -39.07 -49.56
C PRO A 583 -15.48 -37.94 -49.36
N PRO A 584 -15.33 -37.04 -50.34
CA PRO A 584 -14.48 -35.85 -50.15
C PRO A 584 -15.27 -34.54 -50.05
N ASP B 6 -28.08 -1.39 16.47
CA ASP B 6 -27.06 -2.44 16.44
C ASP B 6 -25.78 -1.99 15.73
N PHE B 7 -25.77 -2.06 14.41
CA PHE B 7 -24.60 -1.64 13.65
C PHE B 7 -24.32 -0.13 13.79
N GLN B 8 -25.39 0.66 13.91
CA GLN B 8 -25.24 2.12 14.06
C GLN B 8 -24.66 2.51 15.41
N GLN B 9 -25.03 1.77 16.45
CA GLN B 9 -24.44 1.93 17.78
C GLN B 9 -22.94 1.62 17.72
N ARG B 10 -22.64 0.45 17.19
CA ARG B 10 -21.28 -0.08 17.09
C ARG B 10 -20.32 0.81 16.31
N ARG B 11 -20.83 1.35 15.20
CA ARG B 11 -20.01 2.10 14.27
C ARG B 11 -19.62 3.47 14.80
N ALA B 12 -19.99 3.74 16.05
CA ALA B 12 -19.81 5.07 16.61
C ALA B 12 -18.43 5.68 16.36
N HIS B 13 -17.39 4.95 16.75
CA HIS B 13 -16.05 5.53 16.88
C HIS B 13 -15.23 5.52 15.61
N LEU B 14 -15.82 5.00 14.53
CA LEU B 14 -15.16 4.91 13.25
C LEU B 14 -15.73 5.97 12.32
N ALA B 15 -16.96 6.37 12.60
CA ALA B 15 -17.71 7.24 11.71
C ALA B 15 -16.90 8.43 11.17
N ASN B 16 -16.04 8.99 12.02
CA ASN B 16 -15.24 10.14 11.63
C ASN B 16 -13.78 9.77 11.42
N LEU B 17 -13.49 8.46 11.36
CA LEU B 17 -12.20 8.00 10.91
C LEU B 17 -12.07 8.18 9.40
N SER B 18 -10.94 8.69 8.93
CA SER B 18 -10.73 8.82 7.48
C SER B 18 -10.36 7.48 6.87
N ASP B 19 -10.58 7.37 5.56
CA ASP B 19 -10.32 6.15 4.82
C ASP B 19 -8.94 5.58 5.08
N GLU B 20 -7.92 6.44 5.10
CA GLU B 20 -6.55 6.02 5.47
C GLU B 20 -6.44 5.49 6.91
N GLU B 21 -7.16 6.11 7.84
CA GLU B 21 -7.15 5.65 9.22
C GLU B 21 -7.90 4.34 9.36
N LEU B 22 -9.01 4.21 8.64
CA LEU B 22 -9.89 3.02 8.73
C LEU B 22 -9.21 1.79 8.14
N GLN B 23 -8.52 1.99 7.03
CA GLN B 23 -7.71 0.97 6.40
C GLN B 23 -6.53 0.59 7.29
N THR B 24 -5.79 1.58 7.77
CA THR B 24 -4.59 1.29 8.54
C THR B 24 -4.95 0.60 9.84
N ARG B 25 -6.17 0.88 10.32
CA ARG B 25 -6.68 0.26 11.54
C ARG B 25 -7.10 -1.19 11.33
N PHE B 26 -7.66 -1.46 10.14
CA PHE B 26 -8.08 -2.80 9.70
C PHE B 26 -6.88 -3.73 9.61
N TRP B 27 -5.77 -3.21 9.11
CA TRP B 27 -4.55 -4.00 8.97
C TRP B 27 -3.76 -4.02 10.25
N GLU B 28 -3.97 -3.00 11.07
CA GLU B 28 -3.26 -2.91 12.33
C GLU B 28 -3.72 -4.01 13.26
N MET B 29 -5.01 -4.31 13.19
CA MET B 29 -5.59 -5.32 14.06
C MET B 29 -5.44 -6.71 13.46
N ALA B 30 -5.66 -6.81 12.15
CA ALA B 30 -5.33 -8.01 11.43
C ALA B 30 -3.96 -8.51 11.87
N GLU B 31 -2.99 -7.61 11.99
CA GLU B 31 -1.64 -8.02 12.34
C GLU B 31 -1.56 -8.58 13.75
N LYS B 32 -2.27 -7.94 14.67
CA LYS B 32 -2.22 -8.30 16.08
C LYS B 32 -2.94 -9.61 16.34
N ILE B 33 -3.86 -9.95 15.45
CA ILE B 33 -4.59 -11.20 15.55
C ILE B 33 -3.74 -12.40 15.05
N VAL B 34 -2.94 -12.18 14.04
CA VAL B 34 -2.13 -13.29 13.54
C VAL B 34 -0.83 -13.48 14.32
N ASP B 35 -0.38 -12.47 15.05
CA ASP B 35 0.94 -12.59 15.68
C ASP B 35 1.06 -13.78 16.64
N PRO B 36 0.11 -13.94 17.57
CA PRO B 36 0.16 -15.10 18.48
C PRO B 36 0.21 -16.42 17.71
N LEU B 37 -0.43 -16.46 16.54
CA LEU B 37 -0.43 -17.64 15.66
C LEU B 37 0.97 -17.92 15.14
N LEU B 38 1.64 -16.85 14.74
CA LEU B 38 2.96 -16.98 14.19
C LEU B 38 3.92 -17.42 15.26
N ASP B 39 3.75 -16.91 16.48
CA ASP B 39 4.66 -17.28 17.57
C ASP B 39 4.51 -18.77 17.87
N LEU B 40 3.26 -19.22 17.93
CA LEU B 40 2.98 -20.63 18.15
C LEU B 40 3.74 -21.44 17.12
N GLY B 41 3.84 -20.88 15.92
CA GLY B 41 4.52 -21.53 14.82
C GLY B 41 6.04 -21.57 14.95
N LYS B 42 6.61 -20.55 15.60
CA LYS B 42 8.06 -20.46 15.81
C LYS B 42 8.59 -21.41 16.88
N LYS B 43 7.84 -21.54 17.97
CA LYS B 43 8.36 -22.25 19.13
C LYS B 43 7.96 -23.74 19.23
N ASN B 44 7.18 -24.23 18.26
CA ASN B 44 6.62 -25.58 18.36
C ASN B 44 6.71 -26.38 17.06
N THR B 45 6.53 -27.69 17.15
CA THR B 45 6.56 -28.55 15.96
C THR B 45 5.45 -29.62 15.99
N THR B 46 5.23 -30.25 14.84
CA THR B 46 4.23 -31.31 14.69
C THR B 46 4.79 -32.41 13.79
N PRO B 47 4.14 -33.60 13.80
CA PRO B 47 4.50 -34.77 12.98
C PRO B 47 4.63 -34.49 11.47
N SER B 48 3.68 -33.76 10.90
CA SER B 48 3.76 -33.50 9.46
C SER B 48 4.94 -32.61 9.18
N ILE B 49 5.21 -31.66 10.07
CA ILE B 49 6.37 -30.80 9.90
C ILE B 49 7.63 -31.65 9.96
N GLU B 50 7.74 -32.43 11.03
CA GLU B 50 8.89 -33.33 11.17
C GLU B 50 9.03 -34.28 9.97
N ARG B 51 7.93 -34.85 9.49
CA ARG B 51 8.03 -35.73 8.32
C ARG B 51 8.55 -34.98 7.11
N SER B 52 8.14 -33.72 6.96
CA SER B 52 8.55 -32.89 5.83
C SER B 52 10.04 -32.54 5.84
N VAL B 53 10.59 -32.36 7.03
CA VAL B 53 12.01 -32.07 7.18
C VAL B 53 12.75 -33.27 6.69
N LEU B 54 12.24 -34.46 7.02
CA LEU B 54 12.86 -35.71 6.60
C LEU B 54 12.78 -35.88 5.10
N LEU B 55 11.62 -35.63 4.53
CA LEU B 55 11.47 -35.76 3.09
C LEU B 55 12.57 -34.97 2.40
N ARG B 56 12.79 -33.75 2.87
CA ARG B 56 13.84 -32.92 2.31
C ARG B 56 15.23 -33.48 2.56
N MET B 57 15.34 -34.34 3.56
CA MET B 57 16.62 -34.86 4.00
C MET B 57 16.93 -36.14 3.24
N GLY B 58 16.03 -36.54 2.35
CA GLY B 58 16.28 -37.70 1.49
C GLY B 58 15.61 -38.96 1.99
N PHE B 59 14.50 -38.79 2.71
CA PHE B 59 13.74 -39.95 3.13
C PHE B 59 12.40 -40.03 2.42
N SER B 60 11.93 -41.26 2.23
CA SER B 60 10.64 -41.52 1.59
C SER B 60 9.48 -41.32 2.58
N SER B 61 8.27 -41.16 2.05
CA SER B 61 7.11 -40.93 2.90
C SER B 61 6.95 -42.07 3.90
N LEU B 62 7.20 -43.29 3.44
CA LEU B 62 7.12 -44.52 4.25
C LEU B 62 8.15 -44.55 5.36
N GLU B 63 9.38 -44.19 5.02
CA GLU B 63 10.46 -44.18 5.99
C GLU B 63 10.27 -43.05 7.00
N ALA B 64 9.82 -41.89 6.49
CA ALA B 64 9.60 -40.71 7.33
C ALA B 64 8.56 -40.98 8.40
N LYS B 65 7.47 -41.65 8.02
CA LYS B 65 6.43 -41.99 8.97
C LYS B 65 6.99 -42.78 10.14
N ALA B 66 7.74 -43.82 9.85
CA ALA B 66 8.31 -44.69 10.88
C ALA B 66 9.24 -43.96 11.86
N ILE B 67 10.03 -43.00 11.37
CA ILE B 67 10.96 -42.27 12.25
C ILE B 67 10.21 -41.35 13.21
N VAL B 68 9.23 -40.62 12.67
CA VAL B 68 8.43 -39.67 13.44
C VAL B 68 7.47 -40.43 14.37
N ASP B 69 6.97 -41.57 13.89
CA ASP B 69 6.12 -42.41 14.72
C ASP B 69 6.91 -42.91 15.93
N LYS B 70 8.17 -43.27 15.70
CA LYS B 70 9.06 -43.68 16.79
C LYS B 70 9.61 -42.51 17.62
N THR B 71 9.97 -41.42 16.96
CA THR B 71 10.39 -40.23 17.68
C THR B 71 9.39 -39.83 18.76
N MET B 72 8.10 -39.89 18.41
CA MET B 72 7.01 -39.49 19.32
C MET B 72 6.88 -40.41 20.54
N ASP B 73 7.17 -41.69 20.32
CA ASP B 73 7.12 -42.72 21.36
C ASP B 73 8.14 -42.41 22.43
N ARG B 74 9.38 -42.19 22.00
CA ARG B 74 10.49 -41.93 22.91
C ARG B 74 10.46 -40.48 23.47
N GLY B 75 9.41 -39.75 23.12
CA GLY B 75 9.26 -38.36 23.55
C GLY B 75 10.41 -37.45 23.10
N LEU B 76 10.76 -37.52 21.81
CA LEU B 76 11.92 -36.78 21.32
C LEU B 76 11.59 -35.68 20.32
N MET B 77 10.30 -35.40 20.10
CA MET B 77 9.92 -34.40 19.10
C MET B 77 10.64 -33.09 19.34
N GLY B 78 10.74 -32.67 20.61
CA GLY B 78 11.30 -31.37 20.95
C GLY B 78 12.71 -31.13 20.43
N LYS B 79 13.44 -32.21 20.17
CA LYS B 79 14.81 -32.09 19.72
C LYS B 79 14.86 -31.98 18.21
N GLY B 80 13.84 -32.49 17.52
CA GLY B 80 13.81 -32.50 16.07
C GLY B 80 14.18 -33.84 15.47
N ALA B 81 13.31 -34.38 14.61
CA ALA B 81 13.53 -35.70 14.02
C ALA B 81 14.67 -35.73 13.04
N GLY B 82 14.87 -34.64 12.31
CA GLY B 82 15.98 -34.56 11.39
C GLY B 82 17.28 -34.38 12.15
N HIS B 83 17.17 -33.89 13.37
CA HIS B 83 18.30 -33.73 14.27
C HIS B 83 18.71 -35.10 14.89
N ILE B 84 17.72 -35.91 15.26
CA ILE B 84 18.00 -37.24 15.80
C ILE B 84 18.80 -38.02 14.77
N VAL B 85 18.51 -37.76 13.50
CA VAL B 85 19.10 -38.50 12.40
C VAL B 85 20.43 -37.89 12.02
N TYR B 86 20.68 -36.66 12.47
CA TYR B 86 21.97 -36.02 12.22
C TYR B 86 23.01 -36.40 13.27
N LYS B 87 22.62 -36.36 14.55
CA LYS B 87 23.52 -36.67 15.66
C LYS B 87 23.95 -38.15 15.67
N ILE B 88 23.00 -39.03 15.37
CA ILE B 88 23.25 -40.47 15.21
C ILE B 88 24.11 -40.77 13.98
N ALA B 89 23.97 -39.96 12.93
CA ALA B 89 24.79 -40.13 11.75
C ALA B 89 26.23 -39.86 12.11
N LYS B 90 26.49 -38.71 12.71
CA LYS B 90 27.86 -38.34 13.07
C LYS B 90 28.42 -39.24 14.18
N GLU B 91 27.64 -39.44 15.24
CA GLU B 91 28.12 -40.25 16.35
C GLU B 91 28.68 -41.61 15.93
N LYS B 92 27.91 -42.37 15.15
CA LYS B 92 28.35 -43.71 14.76
C LYS B 92 29.07 -43.72 13.41
N ASN B 93 29.40 -42.53 12.91
CA ASN B 93 30.03 -42.40 11.58
C ASN B 93 29.40 -43.24 10.47
N ILE B 94 28.13 -42.99 10.18
CA ILE B 94 27.51 -43.50 8.96
C ILE B 94 26.90 -42.33 8.19
N SER B 95 26.41 -42.61 6.98
CA SER B 95 25.74 -41.59 6.19
C SER B 95 24.39 -41.23 6.81
N VAL B 96 23.97 -39.97 6.61
CA VAL B 96 22.67 -39.51 7.08
C VAL B 96 21.59 -40.50 6.65
N ARG B 97 21.71 -40.98 5.43
CA ARG B 97 20.75 -41.91 4.90
C ARG B 97 20.74 -43.20 5.71
N GLU B 98 21.92 -43.79 5.90
CA GLU B 98 22.02 -45.10 6.56
C GLU B 98 21.53 -45.05 8.00
N ALA B 99 21.86 -43.95 8.70
CA ALA B 99 21.47 -43.78 10.09
C ALA B 99 19.98 -43.46 10.22
N GLY B 100 19.40 -42.95 9.14
CA GLY B 100 17.98 -42.72 9.07
C GLY B 100 17.24 -44.01 8.76
N LEU B 101 17.84 -44.86 7.93
CA LEU B 101 17.29 -46.18 7.67
C LEU B 101 17.33 -46.96 8.96
N ALA B 102 18.53 -47.03 9.53
CA ALA B 102 18.71 -47.68 10.82
C ALA B 102 17.54 -47.34 11.75
N LEU B 103 17.48 -46.09 12.22
CA LEU B 103 16.39 -45.60 13.08
C LEU B 103 14.98 -46.03 12.66
N SER B 104 14.63 -45.84 11.39
CA SER B 104 13.33 -46.30 10.88
C SER B 104 13.04 -47.75 11.24
N GLU B 105 14.06 -48.61 11.21
CA GLU B 105 13.92 -50.05 11.42
C GLU B 105 13.90 -50.47 12.88
N GLY B 106 14.08 -49.51 13.78
CA GLY B 106 14.00 -49.79 15.20
C GLY B 106 15.33 -49.75 15.90
N LYS B 107 16.39 -49.40 15.16
CA LYS B 107 17.74 -49.37 15.73
C LYS B 107 18.16 -47.99 16.25
N TYR B 108 19.27 -47.98 16.97
CA TYR B 108 19.88 -46.78 17.58
C TYR B 108 18.97 -45.90 18.47
N TRP B 109 17.84 -46.43 18.92
CA TRP B 109 16.91 -45.66 19.75
C TRP B 109 17.29 -45.57 21.23
N ASP B 110 17.77 -46.66 21.82
CA ASP B 110 18.32 -46.55 23.15
C ASP B 110 19.46 -45.50 23.11
N ASP B 111 20.27 -45.53 22.05
CA ASP B 111 21.41 -44.62 21.92
C ASP B 111 21.02 -43.16 21.76
N ALA B 112 20.00 -42.92 20.95
CA ALA B 112 19.61 -41.55 20.66
C ALA B 112 19.29 -40.77 21.93
N ILE B 113 18.80 -41.47 22.95
CA ILE B 113 18.38 -40.82 24.20
C ILE B 113 19.54 -40.13 24.95
N GLN B 114 20.60 -39.80 24.23
CA GLN B 114 21.81 -39.18 24.79
C GLN B 114 22.93 -39.11 23.76
N LEU C 5 53.03 29.56 -5.32
CA LEU C 5 54.05 30.61 -5.19
C LEU C 5 53.76 31.43 -3.94
N GLN C 6 53.23 30.74 -2.93
CA GLN C 6 53.06 31.30 -1.59
C GLN C 6 52.04 30.51 -0.81
N LEU C 7 50.95 31.21 -0.49
CA LEU C 7 50.03 30.87 0.59
C LEU C 7 50.75 30.42 1.86
N ARG C 8 50.69 31.31 2.86
CA ARG C 8 51.34 31.05 4.12
C ARG C 8 50.30 31.14 5.26
N VAL C 9 50.22 30.09 6.07
CA VAL C 9 49.04 29.80 6.90
C VAL C 9 48.63 30.87 7.90
N ASN C 10 49.56 31.74 8.27
CA ASN C 10 49.24 32.79 9.22
C ASN C 10 49.16 34.16 8.59
N GLU C 11 49.27 34.20 7.26
CA GLU C 11 49.05 35.44 6.51
C GLU C 11 47.69 35.40 5.82
N LYS C 12 47.04 36.55 5.68
CA LYS C 12 45.83 36.61 4.87
C LYS C 12 46.16 36.43 3.38
N LEU C 13 45.14 36.18 2.56
CA LEU C 13 45.33 36.09 1.12
C LEU C 13 45.61 37.49 0.63
N ASP C 14 46.60 37.64 -0.26
CA ASP C 14 46.81 38.94 -0.89
C ASP C 14 45.84 39.08 -2.06
N VAL C 15 44.70 39.69 -1.79
CA VAL C 15 43.60 39.69 -2.73
C VAL C 15 43.87 40.68 -3.86
N GLU C 16 44.50 41.81 -3.53
CA GLU C 16 44.85 42.80 -4.52
C GLU C 16 45.96 42.22 -5.39
N ASN C 17 46.79 41.37 -4.79
CA ASN C 17 47.86 40.70 -5.50
C ASN C 17 47.39 39.57 -6.44
N ILE C 18 46.19 39.04 -6.17
CA ILE C 18 45.57 38.02 -7.02
C ILE C 18 44.86 38.64 -8.23
N LEU C 19 44.42 39.89 -8.10
CA LEU C 19 43.84 40.60 -9.23
C LEU C 19 44.90 41.07 -10.26
N LYS C 20 46.15 41.25 -9.81
CA LYS C 20 47.20 41.68 -10.73
C LYS C 20 47.58 40.58 -11.74
N ASP C 21 47.75 40.96 -13.01
CA ASP C 21 48.22 40.04 -14.04
C ASP C 21 47.23 38.94 -14.43
N LEU C 22 45.93 39.20 -14.25
CA LEU C 22 44.95 38.19 -14.56
C LEU C 22 44.97 37.74 -16.03
N ASP C 23 45.29 38.68 -16.92
CA ASP C 23 45.43 38.38 -18.34
C ASP C 23 46.44 37.26 -18.61
N LYS C 24 47.43 37.13 -17.74
CA LYS C 24 48.47 36.11 -17.89
C LYS C 24 48.08 34.79 -17.21
N TYR C 25 47.09 34.82 -16.32
CA TYR C 25 46.71 33.62 -15.56
C TYR C 25 46.12 32.44 -16.38
N THR C 26 46.65 31.24 -16.15
CA THR C 26 46.13 30.04 -16.81
C THR C 26 45.87 28.90 -15.83
N PRO C 27 44.65 28.34 -15.87
CA PRO C 27 44.20 27.21 -15.04
C PRO C 27 45.25 26.11 -14.97
N LYS C 28 45.49 25.63 -13.76
CA LYS C 28 46.58 24.69 -13.47
C LYS C 28 46.24 23.23 -13.80
N ARG C 29 44.97 22.87 -13.67
CA ARG C 29 44.49 21.56 -14.10
C ARG C 29 43.11 21.75 -14.71
N ARG C 30 42.56 20.68 -15.29
CA ARG C 30 41.24 20.74 -15.88
C ARG C 30 40.31 19.65 -15.31
N GLY C 31 39.04 20.02 -15.12
CA GLY C 31 38.02 19.04 -14.81
C GLY C 31 37.85 18.57 -13.36
N TRP C 32 37.07 17.51 -13.22
CA TRP C 32 36.61 17.05 -11.91
C TRP C 32 37.57 16.07 -11.27
N THR C 33 37.65 16.15 -9.94
CA THR C 33 38.44 15.25 -9.11
C THR C 33 37.61 14.75 -7.94
N TRP C 34 37.61 13.44 -7.75
CA TRP C 34 36.92 12.80 -6.64
C TRP C 34 37.93 12.61 -5.54
N ARG C 35 37.46 12.34 -4.33
CA ARG C 35 38.36 12.06 -3.22
C ARG C 35 38.80 10.62 -3.32
N GLN C 36 40.07 10.36 -2.97
CA GLN C 36 40.61 9.00 -3.00
C GLN C 36 40.28 8.34 -1.69
N PRO C 37 39.80 7.10 -1.74
CA PRO C 37 39.57 6.21 -0.60
C PRO C 37 40.85 5.85 0.20
N ALA C 38 40.71 5.81 1.51
CA ALA C 38 41.79 5.38 2.38
C ALA C 38 41.38 4.16 3.19
N GLU C 39 41.50 2.99 2.57
CA GLU C 39 41.25 1.70 3.24
C GLU C 39 41.78 1.69 4.67
N ASN C 40 40.95 1.26 5.61
CA ASN C 40 41.41 1.02 6.98
C ASN C 40 42.36 2.09 7.54
N LEU C 41 42.09 3.36 7.27
CA LEU C 41 42.98 4.44 7.69
C LEU C 41 43.05 4.53 9.19
N GLN C 42 44.24 4.75 9.71
CA GLN C 42 44.44 4.94 11.14
C GLN C 42 44.73 6.39 11.49
N MET C 43 43.81 7.00 12.25
CA MET C 43 44.03 8.35 12.76
C MET C 43 43.80 8.32 14.24
N GLY C 44 44.80 8.80 14.98
CA GLY C 44 44.78 8.71 16.43
C GLY C 44 44.58 7.28 16.87
N PRO C 45 43.62 7.07 17.77
CA PRO C 45 43.41 5.72 18.33
C PRO C 45 42.55 4.85 17.41
N PHE C 46 41.98 5.46 16.37
CA PHE C 46 40.89 4.85 15.59
C PHE C 46 41.22 4.38 14.15
N ILE C 47 40.52 3.33 13.71
CA ILE C 47 40.59 2.83 12.33
C ILE C 47 39.28 3.15 11.61
N TYR C 48 39.41 3.79 10.44
CA TYR C 48 38.24 4.27 9.71
C TYR C 48 37.92 3.42 8.47
N LYS C 49 36.74 2.81 8.48
CA LYS C 49 36.31 1.97 7.38
C LYS C 49 35.97 2.76 6.10
N ASP C 50 35.38 3.95 6.26
CA ASP C 50 34.92 4.77 5.14
C ASP C 50 35.57 6.17 5.12
N ALA C 51 36.89 6.23 5.12
CA ALA C 51 37.53 7.55 5.04
C ALA C 51 38.23 7.80 3.71
N SER C 52 38.48 9.07 3.44
CA SER C 52 39.27 9.49 2.30
C SER C 52 40.61 9.99 2.81
N THR C 53 41.57 10.13 1.90
CA THR C 53 42.82 10.83 2.15
C THR C 53 42.59 12.12 2.95
N PRO C 54 43.41 12.32 4.00
CA PRO C 54 43.35 13.43 4.95
C PRO C 54 44.09 14.67 4.42
N LEU C 55 43.72 15.80 5.00
CA LEU C 55 44.25 17.08 4.57
C LEU C 55 45.64 17.28 5.14
N GLU C 56 46.42 18.11 4.48
CA GLU C 56 47.72 18.49 4.99
C GLU C 56 47.56 19.67 5.96
N ASN C 57 46.59 20.55 5.73
CA ASN C 57 46.27 21.63 6.68
C ASN C 57 44.76 21.85 6.83
N SER C 58 44.24 21.67 8.04
CA SER C 58 42.81 21.79 8.27
C SER C 58 42.49 22.23 9.67
N VAL C 59 41.27 22.72 9.85
CA VAL C 59 40.70 22.92 11.17
C VAL C 59 39.79 21.75 11.54
N ALA C 60 40.21 20.95 12.51
CA ALA C 60 39.42 19.81 12.98
C ALA C 60 38.21 20.32 13.75
N LEU C 61 37.28 19.39 14.07
CA LEU C 61 36.07 19.75 14.80
C LEU C 61 36.42 20.09 16.24
N PRO C 62 35.66 20.98 16.87
CA PRO C 62 35.94 21.36 18.26
C PRO C 62 36.31 20.17 19.16
N SER C 63 35.51 19.11 19.18
CA SER C 63 35.76 18.00 20.11
C SER C 63 36.96 17.10 19.77
N ALA C 64 37.65 17.42 18.68
CA ALA C 64 38.78 16.60 18.25
C ALA C 64 39.92 16.72 19.26
N LYS C 65 39.89 17.79 20.05
CA LYS C 65 40.94 17.99 21.06
C LYS C 65 41.11 16.76 21.96
N TYR C 66 40.01 16.12 22.33
CA TYR C 66 40.10 14.91 23.12
C TYR C 66 40.67 13.71 22.33
N PHE C 67 40.83 13.86 21.01
CA PHE C 67 41.34 12.73 20.20
C PHE C 67 42.59 13.04 19.35
N GLY C 68 43.31 14.12 19.68
CA GLY C 68 44.58 14.40 19.03
C GLY C 68 44.45 15.44 17.93
N ASP C 69 43.32 16.13 17.90
CA ASP C 69 43.02 17.06 16.81
C ASP C 69 43.07 16.42 15.44
N ILE C 70 42.79 15.12 15.41
CA ILE C 70 42.56 14.38 14.17
C ILE C 70 41.34 14.92 13.41
N ASP C 71 41.48 15.08 12.09
CA ASP C 71 40.44 15.65 11.26
C ASP C 71 40.00 14.73 10.10
N PRO C 72 39.49 13.53 10.42
CA PRO C 72 39.03 12.53 9.44
C PRO C 72 38.21 13.16 8.32
N GLN C 73 38.51 12.81 7.08
CA GLN C 73 37.70 13.31 5.98
C GLN C 73 36.77 12.20 5.46
N PRO C 74 35.49 12.52 5.23
CA PRO C 74 34.63 11.46 4.69
C PRO C 74 34.87 11.20 3.18
N LEU C 75 34.10 10.23 2.63
CA LEU C 75 34.18 9.82 1.22
C LEU C 75 33.61 10.79 0.17
N PRO C 76 32.36 11.25 0.37
CA PRO C 76 31.73 12.10 -0.66
C PRO C 76 32.43 13.45 -0.81
N VAL C 77 32.32 14.06 -1.98
CA VAL C 77 32.84 15.39 -2.15
C VAL C 77 31.89 16.38 -1.46
N ILE C 78 32.42 17.21 -0.57
CA ILE C 78 31.55 18.11 0.19
C ILE C 78 31.46 19.48 -0.48
N THR C 79 30.23 19.87 -0.81
CA THR C 79 29.92 21.15 -1.44
C THR C 79 29.53 22.24 -0.46
N THR C 80 30.11 23.42 -0.62
CA THR C 80 29.58 24.61 0.03
C THR C 80 29.32 25.64 -1.07
N GLU C 81 28.35 26.52 -0.86
CA GLU C 81 28.04 27.51 -1.88
C GLU C 81 28.27 28.92 -1.36
N ILE C 82 29.10 29.67 -2.08
CA ILE C 82 29.43 31.02 -1.63
C ILE C 82 29.21 32.05 -2.74
N ALA C 83 28.35 33.03 -2.48
CA ALA C 83 28.13 34.10 -3.47
C ALA C 83 27.36 35.25 -2.86
N SER C 84 28.08 36.32 -2.53
CA SER C 84 27.49 37.43 -1.79
C SER C 84 27.16 38.63 -2.68
N GLY C 85 27.73 38.65 -3.88
CA GLY C 85 27.72 39.82 -4.74
C GLY C 85 29.13 40.31 -4.97
N ARG C 86 29.95 40.18 -3.95
CA ARG C 86 31.36 40.57 -4.09
C ARG C 86 32.30 39.37 -4.12
N PHE C 87 32.57 38.85 -5.31
CA PHE C 87 33.47 37.72 -5.43
C PHE C 87 34.75 37.96 -4.60
N GLU C 88 35.15 39.22 -4.45
CA GLU C 88 36.42 39.57 -3.77
C GLU C 88 36.42 39.27 -2.26
N ASP C 89 35.29 39.57 -1.60
CA ASP C 89 35.05 39.16 -0.22
C ASP C 89 34.91 37.62 -0.17
N ASP C 90 34.10 37.07 -1.06
CA ASP C 90 33.86 35.64 -1.11
C ASP C 90 35.15 34.82 -1.16
N ILE C 91 36.19 35.40 -1.76
CA ILE C 91 37.43 34.67 -1.94
C ILE C 91 37.88 34.20 -0.58
N ARG C 92 37.78 35.10 0.39
CA ARG C 92 38.13 34.83 1.79
C ARG C 92 37.36 33.69 2.46
N ARG C 93 36.03 33.75 2.37
CA ARG C 93 35.19 32.65 2.86
C ARG C 93 35.58 31.31 2.24
N MET C 94 36.04 31.32 0.99
CA MET C 94 36.45 30.07 0.35
C MET C 94 37.66 29.46 1.02
N ARG C 95 38.46 30.28 1.69
CA ARG C 95 39.66 29.75 2.29
C ARG C 95 39.27 29.15 3.61
N MET C 96 38.38 29.84 4.31
CA MET C 96 37.85 29.34 5.57
C MET C 96 37.21 27.98 5.32
N ALA C 97 36.30 27.90 4.35
CA ALA C 97 35.57 26.66 4.11
C ALA C 97 36.50 25.52 3.74
N ALA C 98 37.34 25.76 2.74
CA ALA C 98 38.32 24.78 2.33
C ALA C 98 39.04 24.13 3.52
N TRP C 99 39.24 24.90 4.59
CA TRP C 99 39.97 24.38 5.76
C TRP C 99 39.10 23.48 6.60
N HIS C 100 37.80 23.75 6.58
CA HIS C 100 36.86 22.87 7.28
C HIS C 100 36.42 21.61 6.49
N GLY C 101 37.05 21.36 5.35
CA GLY C 101 36.79 20.17 4.57
C GLY C 101 36.15 20.32 3.19
N ALA C 102 35.67 21.54 2.87
CA ALA C 102 35.09 21.80 1.55
C ALA C 102 36.07 21.58 0.40
N ASP C 103 35.66 20.76 -0.57
CA ASP C 103 36.42 20.57 -1.80
C ASP C 103 35.53 20.76 -3.04
N HIS C 104 34.46 21.52 -2.87
CA HIS C 104 33.55 21.84 -3.96
C HIS C 104 32.88 23.18 -3.68
N ILE C 105 33.30 24.22 -4.39
CA ILE C 105 32.78 25.56 -4.18
C ILE C 105 31.88 25.94 -5.37
N MET C 106 30.78 26.63 -5.10
CA MET C 106 29.69 26.74 -6.07
C MET C 106 29.08 28.16 -6.07
N VAL C 107 29.06 28.81 -7.23
CA VAL C 107 28.81 30.25 -7.27
C VAL C 107 27.52 30.70 -8.01
N ILE C 108 26.46 30.89 -7.23
CA ILE C 108 25.18 31.34 -7.75
C ILE C 108 25.39 32.54 -8.65
N ARG C 109 24.77 32.56 -9.82
CA ARG C 109 24.87 33.74 -10.69
C ARG C 109 23.96 34.92 -10.28
N THR C 110 24.28 36.12 -10.74
CA THR C 110 23.54 37.32 -10.35
C THR C 110 22.12 37.33 -10.90
N ALA C 111 21.18 37.92 -10.18
CA ALA C 111 19.80 37.95 -10.62
C ALA C 111 19.73 38.47 -12.04
N GLY C 112 19.28 37.62 -12.96
CA GLY C 112 18.99 38.05 -14.30
C GLY C 112 20.02 37.62 -15.33
N GLN C 113 21.10 37.00 -14.87
CA GLN C 113 22.12 36.55 -15.79
C GLN C 113 21.56 35.56 -16.79
N SER C 114 20.50 34.87 -16.38
CA SER C 114 19.79 33.97 -17.28
C SER C 114 19.49 34.69 -18.57
N HIS C 115 18.92 35.88 -18.42
CA HIS C 115 18.45 36.67 -19.54
C HIS C 115 19.54 37.45 -20.32
N TYR C 116 20.79 37.40 -19.86
CA TYR C 116 21.93 37.98 -20.61
C TYR C 116 22.27 37.19 -21.87
N ASP C 117 22.06 37.82 -23.03
CA ASP C 117 22.28 37.18 -24.33
C ASP C 117 23.76 37.12 -24.76
N GLY C 118 24.58 36.38 -23.99
CA GLY C 118 26.02 36.29 -24.22
C GLY C 118 26.79 36.51 -22.94
N LEU C 119 28.12 36.38 -22.96
CA LEU C 119 28.95 36.65 -21.77
C LEU C 119 28.80 38.09 -21.24
N ILE C 120 28.99 38.30 -19.95
CA ILE C 120 29.35 39.64 -19.53
C ILE C 120 30.83 39.70 -19.17
N GLU C 121 31.37 40.90 -19.02
CA GLU C 121 32.78 41.01 -18.74
C GLU C 121 33.03 41.89 -17.52
N GLY C 122 34.13 41.63 -16.83
CA GLY C 122 34.52 42.48 -15.72
C GLY C 122 33.87 42.12 -14.40
N THR C 123 33.73 43.10 -13.51
CA THR C 123 33.35 42.79 -12.14
C THR C 123 32.36 43.77 -11.55
N PRO C 124 31.16 43.85 -12.13
CA PRO C 124 30.13 44.71 -11.54
C PRO C 124 29.59 44.05 -10.27
N GLN C 125 29.05 44.87 -9.38
CA GLN C 125 28.49 44.35 -8.14
C GLN C 125 27.28 43.49 -8.44
N GLY C 126 27.29 42.25 -7.94
CA GLY C 126 26.18 41.33 -8.17
C GLY C 126 24.94 41.65 -7.36
N ILE C 127 23.81 41.11 -7.77
CA ILE C 127 22.59 41.28 -7.00
C ILE C 127 21.94 39.92 -6.80
N GLY C 128 22.08 39.38 -5.59
CA GLY C 128 21.57 38.05 -5.26
C GLY C 128 22.51 36.94 -5.64
N GLY C 129 23.45 37.25 -6.53
CA GLY C 129 24.50 36.32 -6.91
C GLY C 129 25.77 37.05 -7.31
N VAL C 130 26.72 36.34 -7.90
CA VAL C 130 27.91 36.98 -8.43
C VAL C 130 27.85 36.99 -9.96
N PRO C 131 28.16 38.16 -10.59
CA PRO C 131 28.21 38.26 -12.06
C PRO C 131 29.34 37.43 -12.60
N ILE C 132 29.03 36.32 -13.25
CA ILE C 132 30.06 35.37 -13.65
C ILE C 132 30.75 35.76 -14.95
N THR C 133 32.02 36.11 -14.87
CA THR C 133 32.72 36.60 -16.03
C THR C 133 34.05 35.91 -16.18
N ARG C 134 34.73 36.18 -17.30
CA ARG C 134 36.09 35.73 -17.47
C ARG C 134 37.02 36.26 -16.35
N LYS C 135 36.86 37.52 -15.97
CA LYS C 135 37.75 38.10 -14.97
C LYS C 135 37.51 37.48 -13.60
N GLN C 136 36.24 37.46 -13.19
CA GLN C 136 35.84 36.89 -11.90
C GLN C 136 36.12 35.39 -11.79
N VAL C 137 35.95 34.65 -12.89
CA VAL C 137 36.30 33.23 -12.88
C VAL C 137 37.79 32.93 -12.70
N ARG C 138 38.66 33.70 -13.37
CA ARG C 138 40.11 33.50 -13.23
C ARG C 138 40.60 34.01 -11.87
N ALA C 139 39.99 35.07 -11.35
CA ALA C 139 40.30 35.49 -9.99
C ALA C 139 40.07 34.34 -9.03
N GLN C 140 38.81 33.91 -8.94
CA GLN C 140 38.45 32.90 -7.97
C GLN C 140 39.11 31.56 -8.24
N ARG C 141 39.35 31.22 -9.51
CA ARG C 141 39.98 29.94 -9.78
C ARG C 141 41.47 29.99 -9.40
N LYS C 142 42.13 31.09 -9.72
CA LYS C 142 43.54 31.27 -9.41
C LYS C 142 43.71 31.25 -7.89
N ALA C 143 42.86 31.97 -7.18
CA ALA C 143 42.86 31.90 -5.72
C ALA C 143 42.70 30.45 -5.21
N LEU C 144 41.83 29.68 -5.87
CA LEU C 144 41.59 28.28 -5.47
C LEU C 144 42.76 27.34 -5.77
N ASP C 145 43.57 27.67 -6.77
CA ASP C 145 44.80 26.90 -7.03
C ASP C 145 45.65 27.02 -5.78
N LEU C 146 45.71 28.25 -5.27
CA LEU C 146 46.52 28.56 -4.12
C LEU C 146 45.97 27.81 -2.91
N ILE C 147 44.71 28.10 -2.58
CA ILE C 147 44.08 27.50 -1.43
C ILE C 147 44.14 25.97 -1.47
N GLU C 148 43.78 25.38 -2.60
CA GLU C 148 43.78 23.92 -2.70
C GLU C 148 45.17 23.33 -2.46
N GLU C 149 46.20 24.17 -2.50
CA GLU C 149 47.57 23.69 -2.37
C GLU C 149 48.01 23.82 -0.90
N GLU C 150 47.44 24.81 -0.24
CA GLU C 150 47.59 24.95 1.20
C GLU C 150 46.92 23.78 1.93
N VAL C 151 45.65 23.53 1.66
CA VAL C 151 44.96 22.47 2.39
C VAL C 151 45.41 21.08 1.93
N GLY C 152 45.81 20.95 0.67
CA GLY C 152 46.46 19.72 0.23
C GLY C 152 45.63 18.67 -0.48
N ARG C 153 44.49 19.09 -1.02
CA ARG C 153 43.74 18.25 -1.94
C ARG C 153 42.93 19.19 -2.83
N PRO C 154 42.83 18.86 -4.14
CA PRO C 154 42.24 19.72 -5.18
C PRO C 154 40.81 20.10 -4.89
N ILE C 155 40.42 21.32 -5.25
CA ILE C 155 39.06 21.80 -5.05
C ILE C 155 38.33 21.95 -6.39
N ASN C 156 37.09 21.49 -6.44
CA ASN C 156 36.27 21.66 -7.63
C ASN C 156 35.52 23.00 -7.59
N TYR C 157 35.87 23.89 -8.54
CA TYR C 157 35.19 25.17 -8.75
C TYR C 157 34.03 24.93 -9.72
N HIS C 158 32.95 25.70 -9.56
CA HIS C 158 31.66 25.29 -10.13
C HIS C 158 30.69 26.46 -10.13
N SER C 159 29.95 26.59 -11.24
CA SER C 159 28.87 27.57 -11.37
C SER C 159 27.76 27.04 -12.31
N TYR C 160 26.99 27.93 -12.90
CA TYR C 160 25.85 27.49 -13.68
C TYR C 160 25.97 27.73 -15.18
N VAL C 161 25.89 26.66 -15.97
CA VAL C 161 25.84 26.76 -17.43
C VAL C 161 24.38 26.89 -17.95
N SER C 162 23.58 27.74 -17.32
CA SER C 162 22.18 27.90 -17.75
C SER C 162 22.02 29.15 -18.58
N GLY C 163 20.78 29.51 -18.91
CA GLY C 163 20.47 30.82 -19.49
C GLY C 163 20.28 30.80 -20.99
N VAL C 164 19.93 31.93 -21.60
CA VAL C 164 19.94 31.98 -23.08
C VAL C 164 21.37 31.95 -23.68
N ALA C 165 22.35 32.31 -22.88
CA ALA C 165 23.75 32.28 -23.29
C ALA C 165 24.37 31.00 -22.77
N GLY C 166 23.58 29.94 -22.73
CA GLY C 166 24.09 28.66 -22.31
C GLY C 166 25.42 28.30 -22.94
N PRO C 167 25.44 28.10 -24.28
CA PRO C 167 26.64 27.69 -25.02
C PRO C 167 27.77 28.71 -24.94
N ASP C 168 27.47 30.00 -24.77
CA ASP C 168 28.48 31.03 -24.57
C ASP C 168 29.33 30.68 -23.38
N ILE C 169 28.67 30.74 -22.22
CA ILE C 169 29.28 30.53 -20.92
C ILE C 169 30.07 29.21 -20.84
N ALA C 170 29.51 28.12 -21.37
CA ALA C 170 30.21 26.82 -21.39
C ALA C 170 31.59 26.85 -22.05
N VAL C 171 31.72 27.59 -23.14
CA VAL C 171 33.00 27.75 -23.79
C VAL C 171 33.96 28.35 -22.76
N MET C 172 33.59 29.49 -22.20
CA MET C 172 34.47 30.15 -21.24
C MET C 172 34.88 29.20 -20.13
N PHE C 173 33.90 28.62 -19.44
CA PHE C 173 34.18 27.64 -18.39
C PHE C 173 35.14 26.57 -18.90
N ALA C 174 34.96 26.14 -20.15
CA ALA C 174 35.85 25.14 -20.74
C ALA C 174 37.29 25.65 -20.77
N GLU C 175 37.43 26.92 -21.15
CA GLU C 175 38.72 27.58 -21.22
C GLU C 175 39.29 27.84 -19.82
N GLU C 176 38.50 28.47 -18.96
CA GLU C 176 38.97 28.92 -17.64
C GLU C 176 39.10 27.84 -16.54
N GLY C 177 38.98 26.57 -16.92
CA GLY C 177 39.22 25.47 -16.00
C GLY C 177 38.18 25.16 -14.92
N VAL C 178 36.95 25.66 -15.08
CA VAL C 178 35.87 25.35 -14.15
C VAL C 178 35.62 23.84 -14.12
N ASN C 179 35.41 23.30 -12.91
CA ASN C 179 35.50 21.87 -12.69
C ASN C 179 34.19 21.10 -12.78
N GLY C 180 33.09 21.79 -12.59
CA GLY C 180 31.79 21.22 -12.80
C GLY C 180 30.78 22.34 -12.93
N ALA C 181 29.58 21.99 -13.39
CA ALA C 181 28.56 23.01 -13.51
C ALA C 181 27.15 22.44 -13.65
N HIS C 182 26.18 23.23 -13.20
CA HIS C 182 24.80 22.88 -13.45
C HIS C 182 24.56 22.98 -14.95
N GLN C 183 23.75 22.08 -15.48
CA GLN C 183 23.27 22.18 -16.85
C GLN C 183 22.05 21.30 -17.03
N ASP C 184 20.86 21.89 -17.02
CA ASP C 184 19.65 21.11 -17.26
C ASP C 184 18.57 21.94 -17.94
N PRO C 185 18.49 21.85 -19.28
CA PRO C 185 17.61 22.69 -20.10
C PRO C 185 16.21 22.86 -19.50
N GLN C 186 15.77 21.91 -18.69
CA GLN C 186 14.43 22.00 -18.16
C GLN C 186 14.34 23.22 -17.26
N TYR C 187 15.47 23.60 -16.67
CA TYR C 187 15.47 24.75 -15.78
C TYR C 187 15.12 26.02 -16.57
N ASN C 188 15.83 26.23 -17.68
CA ASN C 188 15.51 27.33 -18.56
C ASN C 188 14.04 27.42 -18.87
N VAL C 189 13.47 26.30 -19.32
CA VAL C 189 12.07 26.25 -19.73
C VAL C 189 11.10 26.48 -18.57
N LEU C 190 11.14 25.57 -17.60
CA LEU C 190 10.18 25.58 -16.49
C LEU C 190 10.23 26.82 -15.60
N TYR C 191 11.43 27.26 -15.24
CA TYR C 191 11.55 28.31 -14.22
C TYR C 191 11.98 29.69 -14.73
N ARG C 192 12.60 29.77 -15.90
CA ARG C 192 12.96 31.07 -16.47
C ARG C 192 12.20 31.46 -17.76
N ASN C 193 11.25 30.63 -18.15
CA ASN C 193 10.45 30.89 -19.35
C ASN C 193 11.31 31.25 -20.55
N ILE C 194 12.35 30.46 -20.79
CA ILE C 194 13.13 30.58 -21.99
C ILE C 194 12.58 29.53 -22.96
N ASN C 195 12.45 29.91 -24.22
CA ASN C 195 11.82 29.08 -25.22
C ASN C 195 12.32 27.64 -25.13
N MET C 196 11.41 26.68 -25.15
CA MET C 196 11.85 25.29 -25.02
C MET C 196 12.68 24.79 -26.23
N ILE C 197 12.35 25.21 -27.44
CA ILE C 197 13.16 24.82 -28.61
C ILE C 197 14.60 25.38 -28.57
N ARG C 198 14.72 26.67 -28.30
CA ARG C 198 16.02 27.32 -28.22
C ARG C 198 16.85 26.62 -27.19
N SER C 199 16.21 26.36 -26.04
CA SER C 199 16.83 25.76 -24.87
C SER C 199 17.55 24.42 -25.11
N PHE C 200 16.83 23.41 -25.58
CA PHE C 200 17.41 22.10 -25.81
C PHE C 200 18.36 22.08 -27.01
N ILE C 201 18.12 22.96 -27.98
CA ILE C 201 19.04 23.03 -29.11
C ILE C 201 20.39 23.59 -28.69
N ASP C 202 20.35 24.53 -27.73
CA ASP C 202 21.56 25.11 -27.14
C ASP C 202 22.27 24.09 -26.23
N ALA C 203 21.47 23.35 -25.48
CA ALA C 203 22.02 22.45 -24.49
C ALA C 203 22.88 21.38 -25.15
N CYS C 204 22.50 20.98 -26.36
CA CYS C 204 23.24 19.93 -27.05
C CYS C 204 24.66 20.40 -27.13
N GLU C 205 24.83 21.72 -27.29
CA GLU C 205 26.13 22.33 -27.53
C GLU C 205 26.85 22.56 -26.19
N SER C 206 26.18 23.19 -25.25
CA SER C 206 26.73 23.34 -23.89
C SER C 206 27.25 22.02 -23.34
N LYS C 207 26.47 20.94 -23.51
CA LYS C 207 26.80 19.62 -22.96
C LYS C 207 27.99 18.99 -23.67
N THR C 208 28.02 19.12 -24.99
CA THR C 208 29.18 18.73 -25.78
C THR C 208 30.47 19.46 -25.35
N ILE C 209 30.40 20.76 -25.08
CA ILE C 209 31.60 21.49 -24.69
C ILE C 209 32.03 21.08 -23.30
N MET C 210 31.06 20.76 -22.46
CA MET C 210 31.33 20.40 -21.06
C MET C 210 31.91 19.01 -20.97
N ALA C 211 31.62 18.19 -21.97
CA ALA C 211 32.09 16.81 -21.98
C ALA C 211 33.50 16.76 -22.56
N TRP C 212 33.90 17.82 -23.23
CA TRP C 212 35.28 17.92 -23.68
C TRP C 212 36.08 18.36 -22.48
N ALA C 213 35.53 19.32 -21.74
CA ALA C 213 36.16 19.88 -20.56
C ALA C 213 36.29 18.83 -19.46
N ASP C 214 35.57 17.72 -19.63
CA ASP C 214 35.50 16.66 -18.62
C ASP C 214 34.95 17.19 -17.29
N MET C 215 34.06 18.18 -17.35
CA MET C 215 33.39 18.69 -16.16
C MET C 215 32.26 17.75 -15.70
N ALA C 216 31.96 17.80 -14.41
CA ALA C 216 30.78 17.14 -13.88
C ALA C 216 29.56 18.00 -14.13
N GLN C 217 28.45 17.36 -14.41
CA GLN C 217 27.18 18.05 -14.66
C GLN C 217 26.20 17.79 -13.51
N ILE C 218 25.39 18.80 -13.18
CA ILE C 218 24.33 18.65 -12.15
C ILE C 218 22.95 19.12 -12.66
N ASP C 219 21.91 18.30 -12.47
CA ASP C 219 20.60 18.74 -12.91
C ASP C 219 19.84 19.67 -11.96
N GLY C 220 18.55 19.89 -12.29
CA GLY C 220 17.71 20.84 -11.60
C GLY C 220 16.36 20.22 -11.29
N ALA C 221 16.31 18.91 -11.45
CA ALA C 221 15.16 18.11 -11.07
C ALA C 221 14.66 18.42 -9.67
N HIS C 222 15.58 18.59 -8.72
CA HIS C 222 15.24 18.83 -7.31
C HIS C 222 14.57 20.20 -7.14
N ASN C 223 14.66 21.03 -8.17
CA ASN C 223 13.98 22.31 -8.14
C ASN C 223 12.50 22.12 -7.97
N ALA C 224 12.03 20.92 -8.33
CA ALA C 224 10.61 20.60 -8.22
C ALA C 224 10.14 20.40 -6.78
N ASN C 225 10.97 19.81 -5.91
CA ASN C 225 10.66 19.71 -4.48
C ASN C 225 10.48 21.12 -3.97
N ALA C 226 11.52 21.92 -4.14
CA ALA C 226 11.57 23.23 -3.53
C ALA C 226 10.40 24.10 -3.95
N THR C 227 9.80 23.78 -5.10
CA THR C 227 8.68 24.56 -5.66
C THR C 227 7.28 23.99 -5.37
N ALA C 228 7.08 22.71 -5.66
CA ALA C 228 5.79 22.01 -5.50
C ALA C 228 5.18 22.13 -4.10
N ARG C 229 3.86 22.35 -4.07
CA ARG C 229 3.12 22.61 -2.83
C ARG C 229 3.49 21.65 -1.69
N GLU C 230 3.17 20.36 -1.87
CA GLU C 230 3.51 19.31 -0.90
C GLU C 230 4.60 18.39 -1.45
N ALA C 231 5.83 18.58 -1.00
CA ALA C 231 7.01 18.01 -1.65
C ALA C 231 7.03 16.49 -1.89
N TRP C 232 6.30 15.72 -1.08
CA TRP C 232 6.39 14.26 -1.17
C TRP C 232 5.61 13.73 -2.36
N LYS C 233 4.74 14.55 -2.94
CA LYS C 233 3.93 14.12 -4.09
C LYS C 233 4.68 14.24 -5.42
N VAL C 234 5.73 15.05 -5.46
CA VAL C 234 6.40 15.39 -6.72
C VAL C 234 7.39 14.30 -7.12
N MET C 235 7.42 13.22 -6.37
CA MET C 235 8.43 12.17 -6.54
C MET C 235 8.42 11.44 -7.90
N PRO C 236 7.24 11.08 -8.42
CA PRO C 236 7.28 10.56 -9.78
C PRO C 236 7.86 11.56 -10.80
N GLU C 237 7.44 12.83 -10.73
CA GLU C 237 7.93 13.86 -11.64
C GLU C 237 9.45 14.02 -11.49
N LEU C 238 9.94 13.97 -10.25
CA LEU C 238 11.38 13.99 -10.06
C LEU C 238 12.05 12.96 -10.97
N MET C 239 11.78 11.67 -10.74
CA MET C 239 12.42 10.61 -11.53
C MET C 239 12.38 10.89 -13.05
N VAL C 240 11.27 11.43 -13.55
CA VAL C 240 11.14 11.65 -14.99
C VAL C 240 12.06 12.79 -15.44
N GLN C 241 12.11 13.86 -14.66
CA GLN C 241 12.99 14.97 -14.95
C GLN C 241 14.47 14.55 -14.93
N HIS C 242 14.90 13.81 -13.91
CA HIS C 242 16.28 13.34 -13.88
C HIS C 242 16.62 12.57 -15.15
N ALA C 243 15.71 11.71 -15.59
CA ALA C 243 15.97 10.81 -16.73
C ALA C 243 16.05 11.53 -18.06
N LEU C 244 15.12 12.45 -18.32
CA LEU C 244 15.15 13.17 -19.59
C LEU C 244 16.49 13.87 -19.76
N ASN C 245 16.98 14.51 -18.70
CA ASN C 245 18.27 15.16 -18.79
C ASN C 245 19.43 14.15 -18.87
N SER C 246 19.32 13.09 -18.10
CA SER C 246 20.42 12.17 -17.95
C SER C 246 20.61 11.31 -19.19
N ILE C 247 19.51 10.92 -19.85
CA ILE C 247 19.60 10.19 -21.12
C ILE C 247 19.97 11.18 -22.25
N PHE C 248 19.35 12.36 -22.28
CA PHE C 248 19.76 13.45 -23.17
C PHE C 248 21.27 13.73 -23.08
N SER C 249 21.82 13.83 -21.87
CA SER C 249 23.26 14.04 -21.70
C SER C 249 24.08 12.90 -22.31
N LEU C 250 23.71 11.68 -21.99
CA LEU C 250 24.49 10.51 -22.39
C LEU C 250 24.58 10.35 -23.92
N LYS C 251 23.44 10.40 -24.59
CA LYS C 251 23.41 10.26 -26.04
C LYS C 251 24.33 11.30 -26.69
N VAL C 252 24.40 12.49 -26.07
CA VAL C 252 25.20 13.59 -26.58
C VAL C 252 26.69 13.30 -26.46
N GLY C 253 27.10 12.60 -25.40
CA GLY C 253 28.48 12.20 -25.30
C GLY C 253 29.14 12.22 -23.93
N MET C 254 28.47 12.80 -22.93
CA MET C 254 28.96 12.77 -21.55
C MET C 254 29.03 11.35 -21.03
N LYS C 255 30.09 11.07 -20.30
CA LYS C 255 30.27 9.75 -19.71
C LYS C 255 29.28 9.59 -18.55
N LYS C 256 28.70 8.40 -18.41
CA LYS C 256 27.74 8.16 -17.34
C LYS C 256 28.38 8.55 -16.00
N SER C 257 29.68 8.36 -15.87
CA SER C 257 30.33 8.62 -14.59
C SER C 257 30.53 10.11 -14.25
N ASN C 258 30.21 11.00 -15.19
CA ASN C 258 30.26 12.44 -14.95
C ASN C 258 28.88 13.09 -14.96
N ILE C 259 27.84 12.27 -14.91
CA ILE C 259 26.47 12.75 -14.92
C ILE C 259 25.84 12.55 -13.55
N CYS C 260 25.55 13.66 -12.88
CA CYS C 260 25.15 13.62 -11.48
C CYS C 260 23.69 14.01 -11.28
N LEU C 261 23.00 13.25 -10.44
CA LEU C 261 21.62 13.58 -10.08
C LEU C 261 21.59 14.46 -8.83
N SER C 262 20.97 15.63 -8.98
CA SER C 262 20.81 16.56 -7.89
C SER C 262 19.56 16.15 -7.09
N THR C 263 19.78 15.35 -6.03
CA THR C 263 18.68 14.67 -5.35
C THR C 263 18.47 15.07 -3.87
N VAL C 264 17.35 15.76 -3.60
CA VAL C 264 17.04 16.20 -2.25
C VAL C 264 15.94 15.35 -1.62
N PRO C 265 16.10 14.95 -0.36
CA PRO C 265 14.99 14.29 0.33
C PRO C 265 13.89 15.30 0.52
N PRO C 266 12.73 15.03 -0.12
CA PRO C 266 11.65 15.99 -0.29
C PRO C 266 11.05 16.57 0.98
N THR C 267 10.97 15.75 2.04
CA THR C 267 10.23 16.09 3.25
C THR C 267 11.13 16.33 4.48
N ALA C 268 10.58 17.02 5.49
CA ALA C 268 11.27 17.26 6.77
C ALA C 268 10.29 17.13 7.95
N PRO C 269 10.80 17.15 9.20
CA PRO C 269 9.87 17.04 10.32
C PRO C 269 8.99 18.28 10.45
N PRO C 270 7.80 18.14 11.05
CA PRO C 270 7.32 16.94 11.76
C PRO C 270 6.71 15.85 10.87
N ALA C 271 6.99 15.85 9.57
CA ALA C 271 6.46 14.79 8.70
C ALA C 271 7.29 13.53 8.92
N PRO C 272 6.66 12.35 8.84
CA PRO C 272 7.51 11.17 8.96
C PRO C 272 8.51 11.11 7.78
N SER C 273 9.57 11.90 7.87
CA SER C 273 10.37 12.19 6.68
C SER C 273 11.22 11.02 6.18
N MET C 274 11.90 10.32 7.08
CA MET C 274 12.73 9.19 6.69
C MET C 274 11.88 8.13 6.00
N TYR C 275 10.67 7.90 6.49
CA TYR C 275 9.73 6.95 5.90
C TYR C 275 9.30 7.46 4.51
N LEU C 276 8.91 8.72 4.44
CA LEU C 276 8.47 9.27 3.17
C LEU C 276 9.58 9.30 2.15
N ASP C 277 10.80 9.64 2.56
CA ASP C 277 11.87 9.93 1.63
C ASP C 277 12.79 8.76 1.34
N LEU C 278 12.89 7.80 2.25
CA LEU C 278 13.84 6.72 2.04
C LEU C 278 13.51 5.80 0.84
N PRO C 279 12.23 5.48 0.62
CA PRO C 279 11.90 4.66 -0.54
C PRO C 279 12.30 5.38 -1.83
N TYR C 280 11.89 6.64 -1.98
CA TYR C 280 12.27 7.40 -3.16
C TYR C 280 13.79 7.42 -3.33
N ALA C 281 14.50 7.62 -2.21
CA ALA C 281 15.95 7.55 -2.24
C ALA C 281 16.40 6.26 -2.91
N VAL C 282 15.90 5.12 -2.45
CA VAL C 282 16.34 3.83 -2.98
C VAL C 282 15.88 3.60 -4.41
N ALA C 283 14.63 3.94 -4.71
CA ALA C 283 14.11 3.72 -6.05
C ALA C 283 14.96 4.44 -7.08
N LEU C 284 15.47 5.62 -6.70
CA LEU C 284 16.30 6.42 -7.62
C LEU C 284 17.69 5.80 -7.86
N ARG C 285 18.39 5.45 -6.79
CA ARG C 285 19.69 4.81 -6.94
C ARG C 285 19.61 3.53 -7.79
N GLU C 286 18.45 2.88 -7.76
CA GLU C 286 18.30 1.56 -8.38
C GLU C 286 18.02 1.73 -9.85
N MET C 287 17.14 2.66 -10.18
CA MET C 287 16.86 2.94 -11.58
C MET C 287 18.03 3.61 -12.28
N PHE C 288 18.71 4.54 -11.62
CA PHE C 288 19.81 5.26 -12.26
C PHE C 288 21.17 4.65 -11.94
N GLU C 289 21.19 3.33 -11.79
CA GLU C 289 22.46 2.61 -11.64
C GLU C 289 23.43 3.05 -12.71
N GLY C 290 24.57 3.58 -12.26
CA GLY C 290 25.63 3.99 -13.16
C GLY C 290 25.87 5.49 -13.15
N TYR C 291 24.82 6.25 -12.92
CA TYR C 291 24.94 7.70 -12.80
C TYR C 291 25.43 8.11 -11.41
N ARG C 292 25.98 9.32 -11.30
CA ARG C 292 26.49 9.81 -10.01
C ARG C 292 25.38 10.43 -9.16
N MET C 293 25.50 10.26 -7.84
CA MET C 293 24.51 10.85 -6.94
C MET C 293 25.01 12.11 -6.19
N ARG C 294 24.55 13.27 -6.62
CA ARG C 294 24.81 14.47 -5.87
C ARG C 294 23.65 14.68 -4.90
N ALA C 295 23.83 14.24 -3.66
CA ALA C 295 22.85 14.52 -2.61
C ALA C 295 22.97 16.01 -2.29
N GLN C 296 21.93 16.58 -1.69
CA GLN C 296 21.89 18.01 -1.39
C GLN C 296 20.74 18.24 -0.44
N MET C 297 20.98 19.02 0.60
CA MET C 297 20.06 19.06 1.72
C MET C 297 18.85 19.92 1.45
N ASN C 298 17.88 19.83 2.37
CA ASN C 298 16.60 20.51 2.27
C ASN C 298 16.73 22.03 2.25
N THR C 299 15.79 22.71 1.59
CA THR C 299 15.76 24.17 1.53
C THR C 299 14.35 24.72 1.71
N LYS C 300 13.35 23.93 1.29
CA LYS C 300 11.96 24.35 1.26
C LYS C 300 11.35 24.51 2.64
N TYR C 301 11.66 23.57 3.52
CA TYR C 301 11.07 23.58 4.85
C TYR C 301 12.04 24.09 5.92
N MET C 302 12.92 25.01 5.54
CA MET C 302 13.76 25.71 6.50
C MET C 302 12.98 26.84 7.17
N GLU C 303 13.39 27.24 8.37
CA GLU C 303 12.85 28.45 9.00
C GLU C 303 13.96 29.33 9.59
N ALA C 304 13.63 30.13 10.61
CA ALA C 304 14.56 31.11 11.17
C ALA C 304 15.52 30.51 12.20
N SER C 305 15.28 29.25 12.55
CA SER C 305 16.04 28.60 13.59
C SER C 305 17.13 27.75 12.94
N THR C 306 18.38 28.02 13.28
CA THR C 306 19.50 27.24 12.78
C THR C 306 19.56 25.85 13.39
N ARG C 307 19.01 25.71 14.59
CA ARG C 307 18.98 24.42 15.26
C ARG C 307 18.10 23.43 14.48
N GLU C 308 16.87 23.85 14.19
CA GLU C 308 15.98 23.01 13.39
C GLU C 308 16.65 22.65 12.05
N ALA C 309 17.26 23.64 11.39
CA ALA C 309 17.95 23.39 10.13
C ALA C 309 19.04 22.32 10.22
N THR C 310 19.86 22.38 11.26
CA THR C 310 20.90 21.38 11.47
C THR C 310 20.36 19.96 11.75
N VAL C 311 19.32 19.87 12.59
CA VAL C 311 18.77 18.56 12.91
C VAL C 311 18.20 17.89 11.67
N THR C 312 17.43 18.64 10.88
CA THR C 312 16.96 18.16 9.58
C THR C 312 18.13 17.77 8.68
N HIS C 313 19.10 18.67 8.53
CA HIS C 313 20.24 18.36 7.70
C HIS C 313 20.93 17.06 8.12
N VAL C 314 20.91 16.73 9.40
CA VAL C 314 21.57 15.50 9.84
C VAL C 314 20.80 14.27 9.35
N LEU C 315 19.47 14.37 9.35
CA LEU C 315 18.61 13.36 8.74
C LEU C 315 18.86 13.26 7.24
N ASN C 316 18.94 14.39 6.53
CA ASN C 316 19.32 14.37 5.12
C ASN C 316 20.62 13.60 4.88
N LEU C 317 21.59 13.76 5.77
CA LEU C 317 22.85 13.05 5.63
C LEU C 317 22.66 11.56 5.84
N LEU C 318 21.69 11.20 6.68
CA LEU C 318 21.34 9.78 6.97
C LEU C 318 20.79 9.04 5.73
N ILE C 319 19.92 9.71 4.98
CA ILE C 319 19.45 9.14 3.73
C ILE C 319 20.60 8.88 2.76
N SER C 320 21.62 9.73 2.79
CA SER C 320 22.79 9.55 1.93
C SER C 320 23.59 8.35 2.42
N LYS C 321 23.80 8.24 3.72
CA LYS C 321 24.55 7.09 4.24
C LYS C 321 23.84 5.74 4.04
N LEU C 322 22.52 5.75 4.11
CA LEU C 322 21.75 4.51 3.93
C LEU C 322 21.76 4.10 2.47
N THR C 323 22.10 5.01 1.60
CA THR C 323 21.98 4.68 0.21
C THR C 323 23.30 4.92 -0.52
N ARG C 324 23.44 6.05 -1.18
CA ARG C 324 24.77 6.43 -1.68
C ARG C 324 24.80 7.89 -2.01
N ALA C 325 25.96 8.50 -1.78
CA ALA C 325 26.22 9.85 -2.30
C ALA C 325 27.63 9.94 -2.88
N ASP C 326 27.74 10.44 -4.10
CA ASP C 326 29.04 10.67 -4.73
C ASP C 326 29.43 12.10 -4.40
N ILE C 327 28.43 12.96 -4.29
CA ILE C 327 28.63 14.33 -3.91
C ILE C 327 27.57 14.64 -2.88
N GLN C 328 28.00 15.11 -1.71
CA GLN C 328 27.07 15.69 -0.76
C GLN C 328 27.23 17.20 -0.70
N SER C 329 26.27 17.94 -1.22
CA SER C 329 26.22 19.40 -1.07
C SER C 329 25.62 19.76 0.28
N THR C 330 25.91 20.96 0.76
CA THR C 330 25.34 21.40 2.03
C THR C 330 24.51 22.66 1.85
N ILE C 331 23.67 22.93 2.84
CA ILE C 331 22.83 24.11 2.90
C ILE C 331 23.20 24.77 4.20
N THR C 332 23.10 26.07 4.28
CA THR C 332 23.56 26.72 5.49
C THR C 332 22.41 26.80 6.52
N PRO C 333 22.74 26.66 7.81
CA PRO C 333 21.70 26.66 8.86
C PRO C 333 20.96 27.98 8.91
N ASP C 334 21.57 29.05 8.40
CA ASP C 334 20.93 30.36 8.38
C ASP C 334 20.12 30.57 7.08
N GLU C 335 20.10 29.55 6.23
CA GLU C 335 19.48 29.69 4.92
C GLU C 335 18.13 30.36 4.97
N GLY C 336 17.29 29.97 5.92
CA GLY C 336 15.92 30.47 6.00
C GLY C 336 15.77 31.73 6.84
N ARG C 337 16.88 32.29 7.28
CA ARG C 337 16.87 33.41 8.23
C ARG C 337 17.36 34.74 7.62
N ASN C 338 18.31 34.64 6.70
CA ASN C 338 19.05 35.77 6.16
C ASN C 338 19.97 35.24 5.06
N VAL C 339 20.76 36.11 4.43
CA VAL C 339 21.72 35.62 3.44
C VAL C 339 22.88 34.92 4.15
N PRO C 340 23.46 33.89 3.53
CA PRO C 340 24.50 33.15 4.24
C PRO C 340 25.77 33.92 4.63
N TRP C 341 26.13 33.77 5.90
CA TRP C 341 27.28 34.41 6.54
C TRP C 341 28.50 33.51 6.55
N HIS C 342 29.68 34.11 6.71
CA HIS C 342 30.91 33.32 6.71
C HIS C 342 30.77 32.15 7.70
N ILE C 343 30.26 32.41 8.92
CA ILE C 343 30.23 31.36 9.95
C ILE C 343 29.35 30.15 9.58
N TYR C 344 28.28 30.40 8.84
CA TYR C 344 27.30 29.35 8.62
C TYR C 344 27.70 28.40 7.50
N ASN C 345 28.50 28.86 6.56
CA ASN C 345 29.10 27.96 5.59
C ASN C 345 30.04 27.02 6.31
N ILE C 346 30.75 27.56 7.29
CA ILE C 346 31.65 26.71 8.07
C ILE C 346 30.84 25.73 8.93
N GLU C 347 29.63 26.13 9.34
CA GLU C 347 28.78 25.27 10.15
C GLU C 347 28.29 24.13 9.28
N ALA C 348 27.90 24.48 8.06
CA ALA C 348 27.48 23.51 7.06
C ALA C 348 28.56 22.45 6.88
N CYS C 349 29.77 22.90 6.59
CA CYS C 349 30.89 21.97 6.36
C CYS C 349 31.23 21.15 7.59
N ASP C 350 31.32 21.82 8.74
CA ASP C 350 31.57 21.16 10.00
C ASP C 350 30.51 20.08 10.23
N THR C 351 29.23 20.43 10.08
CA THR C 351 28.14 19.48 10.31
C THR C 351 28.31 18.27 9.42
N ALA C 352 28.49 18.50 8.11
CA ALA C 352 28.57 17.37 7.20
C ALA C 352 29.70 16.40 7.57
N LYS C 353 30.88 16.89 7.93
CA LYS C 353 31.94 15.93 8.23
C LYS C 353 31.76 15.19 9.55
N GLN C 354 31.32 15.91 10.57
CA GLN C 354 30.95 15.35 11.87
C GLN C 354 29.94 14.21 11.69
N ALA C 355 28.78 14.55 11.14
CA ALA C 355 27.74 13.57 10.91
C ALA C 355 28.22 12.32 10.16
N LEU C 356 28.81 12.47 8.99
CA LEU C 356 29.33 11.34 8.19
C LEU C 356 30.43 10.48 8.86
N ILE C 357 31.43 11.11 9.44
CA ILE C 357 32.44 10.41 10.25
C ILE C 357 31.86 9.64 11.47
N GLY C 358 30.85 10.21 12.12
CA GLY C 358 30.09 9.48 13.13
C GLY C 358 29.47 8.19 12.57
N MET C 359 29.06 8.24 11.31
CA MET C 359 28.43 7.08 10.66
C MET C 359 29.42 6.18 9.93
N ASP C 360 30.72 6.38 10.17
CA ASP C 360 31.70 5.55 9.52
C ASP C 360 31.41 4.05 9.68
N GLY C 361 31.40 3.33 8.57
CA GLY C 361 31.19 1.89 8.59
C GLY C 361 29.80 1.44 9.01
N LEU C 362 28.90 2.40 9.19
CA LEU C 362 27.55 2.11 9.60
C LEU C 362 26.87 0.97 8.80
N MET C 363 27.17 0.84 7.50
CA MET C 363 26.46 -0.16 6.72
C MET C 363 27.16 -1.53 6.73
N ASP C 364 28.18 -1.68 7.57
CA ASP C 364 28.65 -2.99 7.94
C ASP C 364 27.75 -3.53 9.05
N MET C 365 26.95 -2.67 9.67
CA MET C 365 26.17 -3.06 10.84
C MET C 365 24.68 -2.84 10.68
N VAL C 366 24.31 -2.14 9.62
CA VAL C 366 22.91 -1.79 9.35
C VAL C 366 22.55 -2.06 7.89
N GLN C 367 21.38 -2.63 7.66
CA GLN C 367 20.96 -2.83 6.29
C GLN C 367 19.46 -2.61 6.10
N LEU C 368 19.08 -2.31 4.86
CA LEU C 368 17.69 -1.99 4.53
C LEU C 368 16.78 -3.22 4.46
N LYS C 369 15.59 -3.12 5.05
CA LYS C 369 14.61 -4.18 4.88
C LYS C 369 13.98 -4.07 3.49
N ARG C 370 14.74 -4.55 2.51
CA ARG C 370 14.44 -4.35 1.10
C ARG C 370 13.13 -5.01 0.63
N GLU C 371 12.87 -6.26 1.02
CA GLU C 371 11.52 -6.80 0.92
C GLU C 371 10.69 -6.04 1.96
N GLY C 372 9.37 -6.18 1.98
CA GLY C 372 8.61 -5.40 2.93
C GLY C 372 8.32 -3.97 2.47
N VAL C 373 7.73 -3.16 3.34
CA VAL C 373 7.09 -1.92 2.90
C VAL C 373 8.00 -1.08 2.00
N LEU C 374 9.31 -1.17 2.21
CA LEU C 374 10.24 -0.45 1.36
C LEU C 374 10.14 -0.89 -0.09
N GLY C 375 10.36 -2.18 -0.34
CA GLY C 375 10.31 -2.71 -1.68
C GLY C 375 9.00 -2.41 -2.37
N ASP C 376 7.92 -2.38 -1.58
CA ASP C 376 6.62 -2.14 -2.15
C ASP C 376 6.53 -0.70 -2.65
N THR C 377 6.80 0.26 -1.79
CA THR C 377 6.84 1.68 -2.16
C THR C 377 7.90 2.03 -3.24
N VAL C 378 9.00 1.30 -3.30
CA VAL C 378 10.00 1.58 -4.33
C VAL C 378 9.46 1.21 -5.71
N ARG C 379 8.82 0.05 -5.77
CA ARG C 379 8.25 -0.44 -7.01
C ARG C 379 7.08 0.42 -7.46
N GLU C 380 6.31 0.94 -6.50
CA GLU C 380 5.21 1.82 -6.86
C GLU C 380 5.72 3.09 -7.53
N LEU C 381 6.85 3.61 -7.02
CA LEU C 381 7.44 4.85 -7.52
C LEU C 381 8.00 4.72 -8.93
N LYS C 382 8.64 3.59 -9.24
CA LYS C 382 9.10 3.33 -10.60
C LYS C 382 7.93 3.20 -11.59
N GLU C 383 7.00 2.31 -11.26
CA GLU C 383 5.83 2.11 -12.08
C GLU C 383 5.14 3.44 -12.32
N ARG C 384 5.07 4.29 -11.29
CA ARG C 384 4.39 5.56 -11.48
C ARG C 384 5.16 6.46 -12.44
N ALA C 385 6.48 6.32 -12.44
CA ALA C 385 7.34 7.11 -13.28
C ALA C 385 7.18 6.66 -14.71
N VAL C 386 7.25 5.36 -14.92
CA VAL C 386 7.00 4.79 -16.24
C VAL C 386 5.66 5.28 -16.81
N LEU C 387 4.62 5.26 -16.00
CA LEU C 387 3.31 5.75 -16.40
C LEU C 387 3.35 7.21 -16.87
N PHE C 388 4.20 8.01 -16.23
CA PHE C 388 4.31 9.42 -16.53
C PHE C 388 4.88 9.56 -17.94
N MET C 389 5.98 8.86 -18.18
CA MET C 389 6.60 8.93 -19.49
C MET C 389 5.72 8.35 -20.57
N GLU C 390 4.99 7.28 -20.26
CA GLU C 390 4.08 6.70 -21.23
C GLU C 390 3.07 7.72 -21.73
N GLU C 391 2.58 8.56 -20.82
CA GLU C 391 1.60 9.57 -21.20
C GLU C 391 2.23 10.71 -21.98
N ILE C 392 3.45 11.13 -21.61
CA ILE C 392 4.17 12.17 -22.36
C ILE C 392 4.28 11.75 -23.82
N ILE C 393 4.79 10.54 -24.04
CA ILE C 393 4.84 9.96 -25.37
C ILE C 393 3.48 10.00 -26.06
N GLU C 394 2.45 9.51 -25.37
CA GLU C 394 1.13 9.46 -25.94
C GLU C 394 0.61 10.84 -26.34
N ALA C 395 0.95 11.86 -25.57
CA ALA C 395 0.47 13.21 -25.85
C ALA C 395 1.32 13.89 -26.93
N GLY C 396 2.29 13.14 -27.47
CA GLY C 396 3.14 13.61 -28.55
C GLY C 396 4.56 14.10 -28.21
N GLY C 397 5.07 13.75 -27.04
CA GLY C 397 6.44 14.10 -26.72
C GLY C 397 6.66 15.32 -25.83
N TYR C 398 7.93 15.60 -25.58
CA TYR C 398 8.31 16.60 -24.58
C TYR C 398 7.61 17.96 -24.71
N PHE C 399 7.83 18.67 -25.82
CA PHE C 399 7.25 20.00 -25.98
C PHE C 399 5.74 20.04 -25.69
N ASN C 400 5.01 19.07 -26.24
CA ASN C 400 3.59 18.95 -26.03
C ASN C 400 3.20 18.75 -24.57
N ALA C 401 3.81 17.74 -23.94
CA ALA C 401 3.63 17.50 -22.51
C ALA C 401 3.92 18.77 -21.68
N VAL C 402 4.86 19.61 -22.11
CA VAL C 402 5.11 20.89 -21.46
C VAL C 402 4.03 21.94 -21.71
N GLU C 403 3.59 22.11 -22.95
CA GLU C 403 2.48 23.02 -23.16
C GLU C 403 1.22 22.51 -22.43
N GLN C 404 0.96 21.21 -22.47
CA GLN C 404 -0.25 20.66 -21.86
C GLN C 404 -0.25 20.72 -20.34
N GLY C 405 0.88 21.07 -19.73
CA GLY C 405 0.98 21.28 -18.28
C GLY C 405 1.46 20.12 -17.43
N PHE C 406 2.04 19.10 -18.06
CA PHE C 406 2.48 17.90 -17.35
C PHE C 406 3.40 18.18 -16.16
N PHE C 407 4.12 19.30 -16.22
CA PHE C 407 5.17 19.54 -15.24
C PHE C 407 4.84 20.48 -14.08
N VAL C 408 5.54 20.25 -12.97
CA VAL C 408 5.39 21.00 -11.71
C VAL C 408 3.92 21.13 -11.31
N ASP C 409 3.23 19.99 -11.29
CA ASP C 409 1.83 19.88 -10.92
C ASP C 409 1.80 19.34 -9.48
N SER C 410 0.79 19.72 -8.70
CA SER C 410 0.76 19.34 -7.29
C SER C 410 0.23 17.93 -7.08
N GLY C 411 -0.33 17.36 -8.14
CA GLY C 411 -0.83 16.00 -8.08
C GLY C 411 0.28 14.99 -7.83
N TYR C 412 -0.07 13.92 -7.11
CA TYR C 412 0.81 12.78 -6.99
C TYR C 412 0.56 11.88 -8.18
N TYR C 413 1.26 12.12 -9.29
CA TYR C 413 0.93 11.46 -10.55
C TYR C 413 0.60 10.00 -10.30
N PRO C 414 -0.42 9.45 -10.98
CA PRO C 414 -1.16 9.95 -12.14
C PRO C 414 -2.21 11.05 -11.88
N GLU C 415 -2.50 11.42 -10.64
CA GLU C 415 -3.42 12.55 -10.45
C GLU C 415 -2.80 13.88 -10.92
N ARG C 416 -3.59 14.64 -11.67
CA ARG C 416 -3.19 15.90 -12.22
C ARG C 416 -4.14 16.98 -11.69
N ASN C 417 -3.66 17.82 -10.78
CA ASN C 417 -4.49 18.89 -10.20
C ASN C 417 -4.64 20.10 -11.12
N GLY C 418 -4.04 20.03 -12.30
CA GLY C 418 -4.22 21.05 -13.32
C GLY C 418 -3.45 22.34 -13.12
N ASP C 419 -2.71 22.45 -12.01
CA ASP C 419 -2.01 23.68 -11.65
C ASP C 419 -0.50 23.70 -12.02
N GLY C 420 -0.08 22.78 -12.88
CA GLY C 420 1.29 22.76 -13.35
C GLY C 420 1.63 24.02 -14.12
N ILE C 421 2.85 24.09 -14.62
CA ILE C 421 3.26 25.21 -15.46
C ILE C 421 3.19 24.88 -16.95
N ALA C 422 2.82 25.87 -17.75
CA ALA C 422 2.59 25.64 -19.15
C ALA C 422 3.31 26.70 -19.96
N ARG C 423 4.49 26.37 -20.44
CA ARG C 423 5.13 27.29 -21.35
C ARG C 423 4.63 27.02 -22.78
N GLN C 424 4.50 28.07 -23.60
CA GLN C 424 4.10 27.89 -24.98
C GLN C 424 5.32 27.50 -25.83
N ILE C 425 5.16 26.60 -26.80
CA ILE C 425 6.32 26.15 -27.55
C ILE C 425 6.78 27.20 -28.58
N ASN C 426 5.96 28.22 -28.74
CA ASN C 426 6.24 29.32 -29.63
C ASN C 426 6.50 30.59 -28.81
N GLY C 427 6.68 30.42 -27.51
CA GLY C 427 6.77 31.55 -26.62
C GLY C 427 7.98 31.61 -25.72
N GLY C 428 8.01 32.63 -24.88
CA GLY C 428 9.10 32.81 -23.92
C GLY C 428 10.29 33.56 -24.49
N ILE C 429 11.22 33.90 -23.61
CA ILE C 429 12.46 34.55 -23.99
C ILE C 429 13.21 33.74 -25.06
N GLY C 430 13.46 34.37 -26.21
CA GLY C 430 14.21 33.76 -27.31
C GLY C 430 13.37 32.97 -28.31
N ALA C 431 12.08 33.28 -28.41
CA ALA C 431 11.22 32.55 -29.33
C ALA C 431 11.50 32.94 -30.79
N GLY C 432 11.62 31.94 -31.65
CA GLY C 432 11.81 32.17 -33.07
C GLY C 432 13.23 32.55 -33.46
N THR C 433 14.18 32.25 -32.59
CA THR C 433 15.58 32.49 -32.86
C THR C 433 16.29 31.17 -33.16
N VAL C 434 15.56 30.23 -33.74
CA VAL C 434 16.11 28.97 -34.23
C VAL C 434 16.22 29.03 -35.76
N PHE C 435 17.43 28.83 -36.28
CA PHE C 435 17.71 28.93 -37.70
C PHE C 435 18.19 27.59 -38.17
N GLU C 436 17.81 27.22 -39.39
CA GLU C 436 18.10 25.90 -39.93
C GLU C 436 19.47 25.85 -40.57
N ARG C 437 20.21 24.79 -40.30
CA ARG C 437 21.50 24.58 -40.94
C ARG C 437 21.26 24.23 -42.39
N ASP C 438 21.99 24.90 -43.28
CA ASP C 438 21.97 24.61 -44.69
C ASP C 438 22.93 23.47 -45.06
N GLU C 439 22.86 23.02 -46.31
CA GLU C 439 23.69 21.94 -46.78
C GLU C 439 25.18 22.19 -46.42
N ASP C 440 25.60 23.44 -46.61
CA ASP C 440 27.00 23.81 -46.50
C ASP C 440 27.33 24.57 -45.21
N TYR C 441 26.47 24.44 -44.21
CA TYR C 441 26.75 24.98 -42.89
C TYR C 441 28.14 24.53 -42.47
N MET C 442 28.89 25.37 -41.75
CA MET C 442 30.19 24.90 -41.27
C MET C 442 30.68 25.56 -39.97
N ALA C 443 31.45 24.81 -39.19
CA ALA C 443 31.93 25.29 -37.88
C ALA C 443 33.34 24.81 -37.58
N PRO C 444 34.35 25.70 -37.68
CA PRO C 444 35.80 25.37 -37.64
C PRO C 444 36.39 25.07 -36.26
N VAL C 445 35.54 24.73 -35.29
CA VAL C 445 35.97 24.61 -33.90
C VAL C 445 35.80 23.19 -33.36
N THR C 446 36.26 22.96 -32.13
CA THR C 446 36.14 21.65 -31.48
C THR C 446 34.93 21.62 -30.55
N ALA C 447 34.49 20.41 -30.21
CA ALA C 447 33.28 20.20 -29.40
C ALA C 447 32.09 20.95 -29.99
N HIS C 448 31.84 20.71 -31.28
CA HIS C 448 30.62 21.19 -31.94
C HIS C 448 29.70 19.98 -32.08
N PHE C 449 28.40 20.16 -31.81
CA PHE C 449 27.50 19.02 -31.74
C PHE C 449 26.82 18.66 -33.06
N GLY C 450 26.17 19.66 -33.66
CA GLY C 450 25.37 19.46 -34.88
C GLY C 450 26.12 19.23 -36.19
N TYR C 451 25.34 19.03 -37.25
CA TYR C 451 25.84 18.77 -38.60
C TYR C 451 26.81 19.85 -39.10
N ASN C 452 28.06 19.46 -39.34
CA ASN C 452 29.12 20.39 -39.67
C ASN C 452 29.73 20.01 -41.00
N ASN C 453 29.52 20.82 -42.03
CA ASN C 453 30.06 20.49 -43.35
C ASN C 453 31.53 20.81 -43.49
N VAL C 454 32.38 20.06 -42.78
CA VAL C 454 33.82 20.24 -42.88
C VAL C 454 34.42 19.60 -44.16
N LYS C 455 33.79 18.53 -44.62
CA LYS C 455 34.14 17.91 -45.91
C LYS C 455 34.41 18.88 -47.06
N GLN C 456 33.55 19.89 -47.23
CA GLN C 456 33.66 20.83 -48.35
C GLN C 456 34.99 21.56 -48.44
N TYR C 457 35.78 21.54 -47.37
CA TYR C 457 37.10 22.15 -47.39
C TYR C 457 38.22 21.11 -47.23
N ASP C 458 37.95 20.05 -46.49
CA ASP C 458 38.92 18.97 -46.37
C ASP C 458 38.35 17.64 -45.90
N GLU C 459 38.32 16.68 -46.82
CA GLU C 459 37.78 15.35 -46.54
C GLU C 459 38.46 14.70 -45.35
N ALA C 460 39.67 15.16 -45.04
CA ALA C 460 40.50 14.55 -44.02
C ALA C 460 40.35 15.21 -42.65
N LEU C 461 39.47 16.22 -42.57
CA LEU C 461 39.35 17.04 -41.37
C LEU C 461 38.02 16.89 -40.60
N VAL C 462 37.28 15.83 -40.90
CA VAL C 462 36.00 15.57 -40.25
C VAL C 462 36.10 15.45 -38.73
N SER C 463 37.18 14.83 -38.24
CA SER C 463 37.32 14.61 -36.81
C SER C 463 37.93 15.83 -36.11
N GLU C 464 38.62 16.65 -36.87
CA GLU C 464 39.36 17.77 -36.29
C GLU C 464 39.05 19.07 -37.02
N PRO C 465 37.81 19.56 -36.90
CA PRO C 465 37.44 20.77 -37.62
C PRO C 465 38.29 21.99 -37.27
N SER C 466 38.99 21.97 -36.13
CA SER C 466 39.73 23.15 -35.73
C SER C 466 41.06 23.24 -36.48
N LYS C 467 41.51 22.10 -37.02
CA LYS C 467 42.73 22.08 -37.80
C LYS C 467 42.59 22.99 -39.00
N LEU C 468 41.34 23.33 -39.32
CA LEU C 468 41.01 24.23 -40.43
C LEU C 468 41.45 25.65 -40.11
N ILE C 469 41.72 25.93 -38.85
CA ILE C 469 42.21 27.25 -38.47
C ILE C 469 43.47 27.16 -37.60
N ASP C 470 44.15 26.02 -37.70
CA ASP C 470 45.34 25.72 -36.89
C ASP C 470 45.06 25.60 -35.39
N GLY C 471 43.82 25.25 -35.05
CA GLY C 471 43.36 25.14 -33.68
C GLY C 471 42.48 26.31 -33.23
N CYS C 472 41.40 26.00 -32.50
CA CYS C 472 40.59 27.02 -31.82
C CYS C 472 41.15 27.28 -30.44
N THR C 473 40.45 28.10 -29.65
CA THR C 473 40.93 28.42 -28.30
C THR C 473 41.08 27.19 -27.38
N LEU C 474 40.47 26.07 -27.72
CA LEU C 474 40.63 24.87 -26.90
C LEU C 474 41.94 24.14 -27.25
N GLU C 475 42.63 24.63 -28.28
CA GLU C 475 43.96 24.13 -28.64
C GLU C 475 44.99 25.22 -28.41
N VAL C 476 44.53 26.45 -28.51
CA VAL C 476 45.43 27.60 -28.54
C VAL C 476 44.90 28.69 -27.64
N PRO C 477 45.00 28.46 -26.33
CA PRO C 477 44.60 29.37 -25.24
C PRO C 477 44.93 30.81 -25.59
N GLU C 478 45.99 31.02 -26.36
CA GLU C 478 46.48 32.36 -26.69
C GLU C 478 45.47 33.15 -27.52
N LYS C 479 44.68 32.44 -28.33
CA LYS C 479 43.65 33.09 -29.16
C LYS C 479 42.52 33.75 -28.37
N ILE C 480 42.34 33.36 -27.12
CA ILE C 480 41.31 33.92 -26.26
C ILE C 480 41.48 35.42 -26.09
N VAL C 481 40.45 36.17 -26.46
CA VAL C 481 40.45 37.61 -26.20
C VAL C 481 40.13 37.78 -24.73
N TYR C 482 40.94 38.59 -24.03
CA TYR C 482 40.71 38.88 -22.61
C TYR C 482 40.32 40.33 -22.32
N ILE C 483 39.06 40.52 -21.92
CA ILE C 483 38.54 41.80 -21.46
C ILE C 483 38.84 41.98 -19.98
N ASP C 484 39.32 43.15 -19.59
CA ASP C 484 39.48 43.44 -18.17
C ASP C 484 38.16 43.96 -17.61
N GLU C 485 37.83 45.21 -17.89
CA GLU C 485 36.60 45.81 -17.40
C GLU C 485 35.96 46.71 -18.46
N LEU C 486 34.66 46.94 -18.32
CA LEU C 486 33.94 47.77 -19.29
C LEU C 486 33.04 48.75 -18.57
N ASP C 487 33.47 49.20 -17.40
CA ASP C 487 32.70 50.18 -16.65
C ASP C 487 33.59 50.78 -15.59
N GLU C 488 33.81 52.09 -15.70
CA GLU C 488 34.74 52.80 -14.83
C GLU C 488 34.28 52.90 -13.36
N ASN C 489 32.98 53.07 -13.13
CA ASN C 489 32.43 53.36 -11.80
C ASN C 489 32.03 52.15 -10.97
N ASP C 490 31.59 51.10 -11.64
CA ASP C 490 31.14 49.89 -10.96
C ASP C 490 32.10 48.75 -11.27
N ASN C 491 33.12 48.61 -10.43
CA ASN C 491 33.99 47.44 -10.53
C ASN C 491 34.71 47.18 -9.21
N VAL C 492 35.59 46.18 -9.22
CA VAL C 492 36.24 45.70 -8.02
C VAL C 492 37.33 46.67 -7.50
N ASN C 493 38.15 47.24 -8.39
CA ASN C 493 39.15 48.23 -8.00
C ASN C 493 38.52 49.39 -7.23
N VAL C 494 37.32 49.79 -7.65
CA VAL C 494 36.57 50.84 -6.98
C VAL C 494 36.12 50.40 -5.61
N ARG C 495 35.48 49.24 -5.57
CA ARG C 495 34.99 48.68 -4.31
C ARG C 495 36.13 48.49 -3.31
N MET C 496 37.23 47.89 -3.79
CA MET C 496 38.38 47.58 -2.96
C MET C 496 39.02 48.80 -2.31
N GLU C 497 39.00 49.93 -3.01
CA GLU C 497 39.56 51.16 -2.48
C GLU C 497 38.64 51.74 -1.41
N GLU C 498 37.34 51.45 -1.51
CA GLU C 498 36.33 51.87 -0.53
C GLU C 498 36.61 51.40 0.92
N THR C 499 37.55 50.48 1.07
CA THR C 499 37.87 49.92 2.39
C THR C 499 39.37 49.66 2.59
N LYS C 500 40.21 50.26 1.76
CA LYS C 500 41.66 50.12 1.92
C LYS C 500 42.01 50.44 3.38
N GLU C 501 41.14 51.23 3.99
CA GLU C 501 41.28 51.72 5.35
C GLU C 501 41.23 50.59 6.39
N PHE C 502 41.14 49.36 5.91
CA PHE C 502 40.95 48.20 6.77
C PHE C 502 41.84 47.06 6.34
N ARG C 503 42.86 47.36 5.54
CA ARG C 503 43.58 46.28 4.88
C ARG C 503 45.05 46.65 4.70
N SER C 506 45.43 48.69 10.45
CA SER C 506 45.48 48.02 11.76
C SER C 506 44.11 48.06 12.45
N MET C 507 43.16 48.73 11.82
CA MET C 507 41.79 48.81 12.32
C MET C 507 40.98 47.55 11.99
N ILE C 508 40.06 47.18 12.87
CA ILE C 508 39.26 45.99 12.68
C ILE C 508 37.83 46.25 13.09
N LYS C 509 36.90 45.55 12.46
CA LYS C 509 35.50 45.49 12.90
C LYS C 509 34.77 44.23 12.38
N PRO C 510 33.60 43.94 12.97
CA PRO C 510 32.87 42.69 12.68
C PRO C 510 32.29 42.68 11.28
N GLU C 511 32.19 41.51 10.67
CA GLU C 511 31.59 41.40 9.36
C GLU C 511 30.86 40.07 9.25
N VAL C 512 29.88 39.99 8.34
CA VAL C 512 29.22 38.70 8.05
C VAL C 512 29.41 38.21 6.61
N GLU C 513 29.64 39.13 5.66
CA GLU C 513 29.93 38.72 4.28
C GLU C 513 30.88 39.64 3.52
N TRP C 514 30.80 40.93 3.81
CA TRP C 514 31.72 41.91 3.21
C TRP C 514 32.65 42.58 4.20
N GLN C 515 33.90 42.76 3.80
CA GLN C 515 34.91 43.49 4.58
C GLN C 515 34.33 44.61 5.44
N ALA C 516 34.41 44.43 6.75
CA ALA C 516 33.98 45.46 7.69
C ALA C 516 32.50 45.85 7.54
N ASP C 517 31.64 44.91 7.14
CA ASP C 517 30.23 45.23 6.93
C ASP C 517 29.43 45.54 8.21
N GLY C 518 30.10 45.46 9.36
CA GLY C 518 29.52 45.91 10.61
C GLY C 518 28.69 44.90 11.40
N THR C 519 27.99 44.03 10.66
CA THR C 519 26.95 43.20 11.24
C THR C 519 27.40 42.23 12.36
N VAL C 520 26.56 42.13 13.38
CA VAL C 520 26.68 41.14 14.46
C VAL C 520 25.30 40.55 14.78
N LEU C 521 25.29 39.51 15.61
CA LEU C 521 24.03 38.82 15.91
C LEU C 521 23.85 38.75 17.39
N LEU C 522 22.66 39.13 17.84
CA LEU C 522 22.33 39.29 19.24
C LEU C 522 21.18 38.34 19.58
N THR C 523 21.41 37.43 20.51
CA THR C 523 20.43 36.41 20.86
C THR C 523 19.96 36.57 22.31
N MET C 524 18.67 36.79 22.51
CA MET C 524 18.14 37.08 23.85
C MET C 524 16.76 36.47 24.14
N PHE C 525 16.41 36.36 25.42
CA PHE C 525 15.09 35.92 25.85
C PHE C 525 14.40 37.02 26.67
N LEU C 526 13.17 37.34 26.30
CA LEU C 526 12.36 38.29 27.06
C LEU C 526 11.10 37.62 27.60
N PRO C 527 10.79 37.88 28.86
CA PRO C 527 9.66 37.29 29.59
C PRO C 527 8.29 37.84 29.17
N THR C 528 7.98 37.94 27.88
CA THR C 528 6.66 38.48 27.45
C THR C 528 6.14 37.84 26.14
N SER C 529 4.97 38.26 25.66
CA SER C 529 4.40 37.74 24.39
C SER C 529 5.29 38.11 23.18
N LYS C 530 5.25 37.31 22.12
CA LYS C 530 6.24 37.48 21.04
C LYS C 530 6.29 38.85 20.40
N ARG C 531 5.13 39.48 20.18
CA ARG C 531 5.09 40.75 19.46
C ARG C 531 5.73 41.85 20.29
N VAL C 532 5.31 41.91 21.55
CA VAL C 532 5.88 42.83 22.52
C VAL C 532 7.37 42.55 22.61
N ALA C 533 7.70 41.29 22.88
CA ALA C 533 9.08 40.85 23.07
C ALA C 533 9.96 41.30 21.92
N GLU C 534 9.39 41.32 20.72
CA GLU C 534 10.09 41.66 19.49
C GLU C 534 10.42 43.13 19.49
N PHE C 535 9.39 43.95 19.71
CA PHE C 535 9.59 45.38 19.70
C PHE C 535 10.45 45.87 20.87
N ALA C 536 10.31 45.19 22.01
CA ALA C 536 11.13 45.46 23.18
C ALA C 536 12.57 45.10 22.93
N ALA C 537 12.80 43.99 22.23
CA ALA C 537 14.15 43.54 21.93
C ALA C 537 14.86 44.54 21.02
N ILE C 538 14.10 45.19 20.14
CA ILE C 538 14.64 46.20 19.23
C ILE C 538 15.28 47.32 20.04
N GLU C 539 14.46 47.96 20.86
CA GLU C 539 14.88 49.03 21.76
C GLU C 539 16.17 48.69 22.48
N PHE C 540 16.25 47.48 23.02
CA PHE C 540 17.47 47.02 23.65
C PHE C 540 18.65 47.16 22.69
N ALA C 541 18.49 46.64 21.47
CA ALA C 541 19.55 46.64 20.45
C ALA C 541 20.01 48.05 20.12
N LYS C 542 19.06 48.99 20.12
CA LYS C 542 19.36 50.39 19.91
C LYS C 542 20.24 50.89 21.04
N LYS C 543 19.77 50.69 22.27
CA LYS C 543 20.53 51.07 23.45
C LYS C 543 21.95 50.52 23.46
N MET C 544 22.15 49.35 22.88
CA MET C 544 23.48 48.75 22.82
C MET C 544 24.32 49.34 21.69
N ASN C 545 23.80 50.41 21.08
CA ASN C 545 24.49 51.15 20.01
C ASN C 545 24.41 50.52 18.63
N LEU C 546 23.52 49.54 18.45
CA LEU C 546 23.43 48.89 17.15
C LEU C 546 22.61 49.70 16.15
N GLU C 547 22.95 49.54 14.88
CA GLU C 547 22.24 50.18 13.78
C GLU C 547 21.45 49.15 12.96
N GLU C 548 20.45 49.63 12.25
CA GLU C 548 19.67 48.78 11.36
C GLU C 548 19.27 47.49 12.02
N VAL C 549 18.61 47.62 13.15
CA VAL C 549 18.13 46.48 13.90
C VAL C 549 17.00 45.79 13.14
N GLU C 550 17.21 44.52 12.80
CA GLU C 550 16.18 43.67 12.21
C GLU C 550 16.07 42.38 13.00
N VAL C 551 14.87 42.09 13.50
CA VAL C 551 14.59 40.79 14.11
C VAL C 551 14.60 39.74 13.01
N ILE C 552 15.47 38.74 13.15
CA ILE C 552 15.52 37.68 12.17
C ILE C 552 15.00 36.32 12.67
N ASN C 553 14.51 36.26 13.92
CA ASN C 553 13.92 35.02 14.44
C ASN C 553 13.07 35.17 15.71
N ARG C 554 11.94 34.48 15.76
CA ARG C 554 11.14 34.41 16.99
C ARG C 554 10.71 32.97 17.32
N GLU C 555 11.10 32.44 18.46
CA GLU C 555 10.57 31.15 18.89
C GLU C 555 9.80 31.23 20.20
N VAL C 556 8.49 31.06 20.16
CA VAL C 556 7.69 31.10 21.38
C VAL C 556 8.10 29.98 22.36
N MET C 557 8.65 30.35 23.52
CA MET C 557 8.93 29.36 24.58
C MET C 557 7.62 28.96 25.21
N GLN C 558 6.89 29.95 25.71
CA GLN C 558 5.49 29.77 26.08
C GLN C 558 4.76 31.11 25.92
N GLU C 559 3.53 31.07 25.46
CA GLU C 559 2.74 32.27 25.18
C GLU C 559 2.96 33.35 26.22
N ALA C 560 2.77 32.99 27.48
CA ALA C 560 2.90 33.95 28.59
C ALA C 560 4.34 34.08 29.10
N GLU C 561 5.01 32.95 29.34
CA GLU C 561 6.33 32.94 30.00
C GLU C 561 7.50 33.54 29.20
N GLY C 562 7.36 33.71 27.89
CA GLY C 562 8.44 34.39 27.19
C GLY C 562 8.85 33.88 25.82
N THR C 563 9.72 34.65 25.18
CA THR C 563 10.04 34.45 23.80
C THR C 563 11.53 34.49 23.58
N ARG C 564 12.00 33.70 22.62
CA ARG C 564 13.39 33.79 22.17
C ARG C 564 13.41 34.71 20.97
N ILE C 565 14.31 35.69 20.99
CA ILE C 565 14.42 36.63 19.89
C ILE C 565 15.87 36.68 19.43
N GLU C 566 16.07 36.77 18.12
CA GLU C 566 17.42 36.91 17.61
C GLU C 566 17.40 38.03 16.60
N LEU C 567 18.31 39.00 16.74
CA LEU C 567 18.44 40.07 15.75
C LEU C 567 19.84 40.26 15.20
N LYS C 568 19.92 40.84 14.01
CA LYS C 568 21.19 41.30 13.46
C LYS C 568 21.23 42.83 13.60
N GLY C 569 22.43 43.37 13.67
CA GLY C 569 22.61 44.80 13.88
C GLY C 569 23.99 45.22 13.40
N ARG C 570 24.14 46.49 13.02
CA ARG C 570 25.44 46.99 12.55
C ARG C 570 26.18 47.72 13.64
N VAL C 571 27.45 47.40 13.81
CA VAL C 571 28.27 48.13 14.77
C VAL C 571 28.90 49.38 14.14
N PRO C 572 28.55 50.56 14.68
CA PRO C 572 28.92 51.90 14.21
C PRO C 572 30.35 52.30 14.56
N PHE C 573 31.22 51.38 14.95
CA PHE C 573 32.61 51.70 15.21
C PHE C 573 33.62 50.60 14.96
N SER C 574 34.87 50.88 15.32
CA SER C 574 35.97 49.99 15.01
C SER C 574 36.92 50.02 16.21
N ILE C 575 37.99 49.23 16.14
CA ILE C 575 38.94 49.15 17.22
C ILE C 575 40.32 49.29 16.59
N ASP C 576 41.32 49.71 17.36
CA ASP C 576 42.69 49.56 16.88
C ASP C 576 43.32 48.36 17.56
N ILE C 577 43.66 47.33 16.77
CA ILE C 577 44.35 46.16 17.31
C ILE C 577 45.43 46.59 18.30
N ASN C 578 46.31 47.49 17.87
CA ASN C 578 47.41 48.02 18.67
C ASN C 578 46.97 48.77 19.96
N SER C 579 45.69 49.10 20.03
CA SER C 579 45.13 49.78 21.19
C SER C 579 44.39 48.77 22.06
N LEU C 580 44.90 47.54 22.02
CA LEU C 580 44.36 46.46 22.83
C LEU C 580 45.40 46.04 23.84
N VAL C 581 44.96 45.82 25.08
CA VAL C 581 45.84 45.31 26.11
C VAL C 581 45.71 43.79 26.22
N ILE C 582 46.72 43.08 25.73
CA ILE C 582 46.68 41.62 25.72
C ILE C 582 47.79 40.99 26.57
N PRO C 583 47.42 40.42 27.74
CA PRO C 583 48.32 39.63 28.58
C PRO C 583 48.76 38.33 27.89
N PRO C 584 49.97 37.82 28.18
CA PRO C 584 50.36 36.56 27.51
C PRO C 584 49.54 35.33 27.93
N ILE C 588 51.47 27.74 33.54
CA ILE C 588 50.17 27.14 33.79
C ILE C 588 50.23 25.60 33.80
N LEU C 589 50.14 25.01 35.00
CA LEU C 589 50.33 23.55 35.16
C LEU C 589 49.12 22.70 34.80
N SER C 590 49.40 21.60 34.12
CA SER C 590 48.37 20.77 33.50
C SER C 590 47.92 19.60 34.37
N GLU C 591 46.65 19.21 34.22
CA GLU C 591 46.14 18.03 34.90
C GLU C 591 47.09 16.83 34.72
N ASP C 592 47.72 16.74 33.55
CA ASP C 592 48.73 15.70 33.31
C ASP C 592 50.03 15.93 34.09
N GLU C 593 50.58 17.15 34.05
CA GLU C 593 51.86 17.44 34.71
C GLU C 593 51.81 17.26 36.23
N ILE C 594 50.62 17.43 36.82
CA ILE C 594 50.39 17.30 38.26
C ILE C 594 50.14 15.84 38.67
N ARG C 595 49.39 15.12 37.85
CA ARG C 595 49.12 13.72 38.10
C ARG C 595 50.46 12.98 38.10
N GLU C 596 51.40 13.46 37.30
CA GLU C 596 52.70 12.81 37.14
C GLU C 596 53.71 13.19 38.21
N ASP C 597 53.47 14.33 38.88
CA ASP C 597 54.37 14.85 39.93
C ASP C 597 54.13 14.21 41.31
N ILE C 598 52.98 13.54 41.47
CA ILE C 598 52.60 12.88 42.72
C ILE C 598 52.80 11.35 42.66
N GLU C 599 52.83 10.81 41.44
CA GLU C 599 53.28 9.43 41.23
C GLU C 599 54.80 9.40 41.41
N LYS C 600 55.44 10.55 41.19
CA LYS C 600 56.88 10.68 41.36
C LYS C 600 57.24 10.83 42.84
N THR C 601 56.44 11.61 43.56
CA THR C 601 56.63 11.85 44.99
C THR C 601 55.25 11.87 45.62
N PRO C 602 54.88 10.82 46.38
CA PRO C 602 53.54 10.84 46.97
C PRO C 602 53.33 12.09 47.83
N LEU C 603 52.08 12.54 47.91
CA LEU C 603 51.75 13.74 48.66
C LEU C 603 50.65 13.39 49.65
N LYS C 604 50.89 13.62 50.94
CA LYS C 604 49.95 13.19 52.00
C LYS C 604 49.40 14.34 52.83
N ILE C 605 48.08 14.49 52.82
CA ILE C 605 47.38 15.64 53.39
C ILE C 605 46.46 15.25 54.55
N VAL C 606 46.36 16.10 55.57
CA VAL C 606 45.26 15.99 56.54
C VAL C 606 44.24 17.10 56.27
N ALA C 607 42.95 16.78 56.33
CA ALA C 607 41.94 17.83 56.16
C ALA C 607 40.83 17.74 57.20
N ALA C 608 40.17 18.87 57.46
CA ALA C 608 39.09 18.91 58.45
C ALA C 608 38.39 20.27 58.46
N THR C 609 37.11 20.29 58.82
CA THR C 609 36.48 21.55 59.21
C THR C 609 36.86 21.86 60.65
N VAL C 610 37.34 23.08 60.86
CA VAL C 610 38.02 23.46 62.08
C VAL C 610 37.15 24.27 63.03
N GLY C 611 37.33 24.03 64.33
CA GLY C 611 36.70 24.84 65.36
C GLY C 611 35.34 24.36 65.83
N GLU C 612 34.38 25.27 65.82
CA GLU C 612 33.00 24.97 66.18
C GLU C 612 32.17 24.72 64.92
N ASP C 613 32.86 24.41 63.83
CA ASP C 613 32.24 24.43 62.51
C ASP C 613 31.81 23.05 62.04
N GLU C 614 30.51 22.83 61.93
CA GLU C 614 29.98 21.57 61.45
C GLU C 614 29.82 21.49 59.93
N HIS C 615 29.91 22.64 59.24
CA HIS C 615 29.79 22.71 57.78
C HIS C 615 30.88 21.86 57.10
N SER C 616 30.47 20.85 56.31
CA SER C 616 31.42 19.86 55.82
C SER C 616 31.57 19.80 54.30
N VAL C 617 30.51 20.14 53.58
CA VAL C 617 30.45 20.02 52.13
C VAL C 617 31.60 20.67 51.38
N GLY C 618 31.89 21.91 51.74
CA GLY C 618 32.87 22.70 51.02
C GLY C 618 34.21 22.02 50.89
N LEU C 619 34.81 21.65 52.02
CA LEU C 619 36.11 20.98 52.04
C LEU C 619 36.09 19.69 51.23
N ARG C 620 34.98 18.96 51.32
CA ARG C 620 34.79 17.70 50.60
C ARG C 620 34.58 17.93 49.10
N GLU C 621 34.01 19.08 48.72
CA GLU C 621 33.83 19.38 47.30
C GLU C 621 35.18 19.47 46.59
N VAL C 622 36.23 19.90 47.30
CA VAL C 622 37.58 19.94 46.71
C VAL C 622 38.45 18.70 47.01
N ILE C 623 37.85 17.63 47.53
CA ILE C 623 38.55 16.36 47.74
C ILE C 623 37.97 15.21 46.89
N ASP C 624 36.64 15.01 46.98
CA ASP C 624 35.94 13.99 46.20
C ASP C 624 36.15 14.14 44.69
N ILE C 625 36.12 12.99 44.01
CA ILE C 625 36.40 12.92 42.58
C ILE C 625 35.23 13.36 41.71
N LYS C 626 34.02 13.31 42.25
CA LYS C 626 32.82 13.72 41.52
C LYS C 626 33.01 15.06 40.79
N HIS C 627 33.39 16.09 41.53
CA HIS C 627 33.64 17.40 40.93
C HIS C 627 35.13 17.74 40.91
N GLY C 628 35.93 16.72 40.59
CA GLY C 628 37.36 16.88 40.35
C GLY C 628 38.12 17.40 41.54
N GLY C 629 38.28 16.54 42.54
CA GLY C 629 38.93 16.91 43.79
C GLY C 629 40.34 16.37 43.85
N ILE C 630 41.17 16.94 44.73
CA ILE C 630 42.55 16.54 44.78
C ILE C 630 42.71 15.01 44.70
N GLU C 631 41.81 14.28 45.33
CA GLU C 631 41.96 12.82 45.37
C GLU C 631 42.09 12.26 43.96
N LYS C 632 41.61 13.03 42.99
CA LYS C 632 41.61 12.65 41.57
C LYS C 632 43.04 12.57 41.01
N TYR C 633 43.90 13.39 41.59
CA TYR C 633 45.26 13.58 41.13
C TYR C 633 46.22 12.67 41.86
N GLY C 634 45.68 11.87 42.76
CA GLY C 634 46.45 10.91 43.52
C GLY C 634 47.00 11.44 44.83
N VAL C 635 46.36 12.47 45.38
CA VAL C 635 46.71 12.94 46.73
C VAL C 635 46.15 11.99 47.82
N GLU C 636 47.02 11.53 48.71
CA GLU C 636 46.56 10.73 49.82
C GLU C 636 45.90 11.66 50.84
N VAL C 637 44.57 11.65 50.88
CA VAL C 637 43.89 12.50 51.85
C VAL C 637 43.55 11.80 53.15
N HIS C 638 43.87 12.46 54.28
CA HIS C 638 43.48 11.99 55.60
C HIS C 638 42.44 12.95 56.18
N TYR C 639 41.20 12.50 56.24
CA TYR C 639 40.08 13.37 56.62
C TYR C 639 39.64 13.16 58.07
N LEU C 640 39.54 14.25 58.82
CA LEU C 640 39.29 14.17 60.27
C LEU C 640 37.86 14.56 60.70
N GLY C 641 37.11 15.13 59.75
CA GLY C 641 35.73 15.53 60.00
C GLY C 641 35.52 17.00 60.32
N THR C 642 34.40 17.27 60.97
CA THR C 642 34.01 18.64 61.24
C THR C 642 34.11 18.93 62.74
N SER C 643 34.12 20.20 63.10
CA SER C 643 34.29 20.58 64.51
C SER C 643 35.56 19.97 65.09
N VAL C 644 36.67 20.08 64.37
CA VAL C 644 37.95 19.56 64.87
C VAL C 644 38.76 20.66 65.56
N PRO C 645 39.13 20.44 66.83
CA PRO C 645 39.95 21.48 67.44
C PRO C 645 41.22 21.70 66.61
N VAL C 646 41.61 22.97 66.48
CA VAL C 646 42.78 23.35 65.70
C VAL C 646 44.00 22.51 66.08
N GLU C 647 44.15 22.24 67.37
CA GLU C 647 45.29 21.47 67.89
C GLU C 647 45.28 20.01 67.41
N LYS C 648 44.11 19.37 67.41
CA LYS C 648 44.01 18.00 66.95
C LYS C 648 44.42 17.90 65.48
N LEU C 649 44.10 18.93 64.69
CA LEU C 649 44.49 18.94 63.29
C LEU C 649 46.01 19.03 63.15
N VAL C 650 46.65 19.83 64.00
CA VAL C 650 48.10 19.87 63.94
C VAL C 650 48.74 18.58 64.46
N ASP C 651 48.32 18.13 65.66
CA ASP C 651 48.79 16.88 66.25
C ASP C 651 48.75 15.75 65.21
N ALA C 652 47.78 15.82 64.30
CA ALA C 652 47.57 14.77 63.31
C ALA C 652 48.54 14.90 62.15
N ALA C 653 48.80 16.13 61.71
CA ALA C 653 49.74 16.32 60.60
C ALA C 653 51.14 15.92 61.03
N ILE C 654 51.40 16.01 62.33
CA ILE C 654 52.67 15.55 62.88
C ILE C 654 52.73 14.02 62.84
N GLU C 655 51.95 13.38 63.72
CA GLU C 655 51.78 11.92 63.78
C GLU C 655 51.73 11.17 62.44
N LEU C 656 51.36 11.86 61.38
CA LEU C 656 51.13 11.20 60.08
C LEU C 656 52.21 11.42 59.01
N LYS C 657 53.18 12.30 59.27
CA LYS C 657 54.18 12.66 58.25
C LYS C 657 53.51 13.51 57.16
N ALA C 658 52.55 14.34 57.58
CA ALA C 658 51.77 15.17 56.66
C ALA C 658 52.63 16.21 55.95
N ASP C 659 52.50 16.28 54.61
CA ASP C 659 53.20 17.29 53.80
C ASP C 659 52.47 18.61 53.82
N ALA C 660 51.16 18.54 54.14
CA ALA C 660 50.29 19.73 54.18
C ALA C 660 49.10 19.56 55.15
N ILE C 661 48.47 20.68 55.46
CA ILE C 661 47.23 20.73 56.23
C ILE C 661 46.25 21.54 55.42
N LEU C 662 45.01 21.07 55.31
CA LEU C 662 43.96 21.85 54.64
C LEU C 662 42.78 22.09 55.56
N ALA C 663 42.51 23.35 55.87
CA ALA C 663 41.42 23.66 56.80
C ALA C 663 40.22 24.27 56.11
N SER C 664 39.04 23.74 56.41
CA SER C 664 37.80 24.36 55.99
C SER C 664 37.37 25.27 57.14
N THR C 665 37.07 26.52 56.80
CA THR C 665 36.59 27.48 57.78
C THR C 665 35.42 28.23 57.15
N ILE C 666 34.20 27.80 57.49
CA ILE C 666 33.00 28.21 56.74
C ILE C 666 32.29 29.38 57.40
N ILE C 667 32.01 29.25 58.70
CA ILE C 667 31.45 30.32 59.49
C ILE C 667 32.48 31.44 59.57
N SER C 668 32.03 32.66 59.33
CA SER C 668 32.94 33.79 59.34
C SER C 668 32.72 34.62 60.60
N HIS C 669 31.45 34.88 60.90
CA HIS C 669 31.01 35.56 62.11
C HIS C 669 32.12 35.94 63.10
N ASP C 670 32.49 37.21 63.06
CA ASP C 670 33.48 37.78 63.98
C ASP C 670 34.91 37.35 63.66
N ASP C 671 35.21 37.20 62.37
CA ASP C 671 36.54 36.81 61.89
C ASP C 671 37.14 35.56 62.55
N ILE C 672 36.28 34.70 63.11
CA ILE C 672 36.69 33.44 63.70
C ILE C 672 37.35 32.56 62.63
N HIS C 673 36.96 32.78 61.38
CA HIS C 673 37.54 32.03 60.27
C HIS C 673 39.00 32.40 60.00
N TYR C 674 39.36 33.69 60.12
CA TYR C 674 40.77 34.09 60.04
C TYR C 674 41.47 33.80 61.37
N LYS C 675 40.77 34.08 62.47
CA LYS C 675 41.29 33.76 63.79
C LYS C 675 41.77 32.32 63.85
N ASN C 676 41.00 31.42 63.23
CA ASN C 676 41.38 30.02 63.20
C ASN C 676 42.56 29.67 62.28
N MET C 677 42.73 30.38 61.17
CA MET C 677 43.92 30.22 60.34
C MET C 677 45.19 30.58 61.14
N LYS C 678 45.14 31.72 61.84
CA LYS C 678 46.26 32.16 62.68
C LYS C 678 46.61 31.14 63.77
N ARG C 679 45.64 30.77 64.61
CA ARG C 679 45.88 29.78 65.66
C ARG C 679 46.65 28.56 65.16
N ILE C 680 46.19 27.99 64.04
CA ILE C 680 46.85 26.86 63.39
C ILE C 680 48.27 27.20 62.99
N HIS C 681 48.43 28.21 62.13
CA HIS C 681 49.76 28.63 61.72
C HIS C 681 50.68 28.70 62.92
N GLU C 682 50.14 29.19 64.04
CA GLU C 682 50.94 29.41 65.25
C GLU C 682 51.32 28.12 65.97
N LEU C 683 50.42 27.15 66.00
CA LEU C 683 50.72 25.86 66.59
C LEU C 683 51.75 25.10 65.75
N ALA C 684 51.69 25.28 64.44
CA ALA C 684 52.71 24.72 63.56
C ALA C 684 54.04 25.43 63.78
N VAL C 685 53.97 26.71 64.14
CA VAL C 685 55.17 27.50 64.40
C VAL C 685 55.83 27.11 65.72
N GLU C 686 55.01 26.81 66.72
CA GLU C 686 55.51 26.48 68.04
C GLU C 686 55.96 25.02 68.14
N LYS C 687 55.43 24.15 67.27
CA LYS C 687 55.84 22.74 67.25
C LYS C 687 57.07 22.53 66.35
N GLY C 688 57.48 23.60 65.66
CA GLY C 688 58.73 23.61 64.95
C GLY C 688 58.68 22.87 63.63
N ILE C 689 57.45 22.63 63.16
CA ILE C 689 57.24 21.99 61.87
C ILE C 689 56.80 23.00 60.84
N ARG C 690 56.57 24.23 61.30
CA ARG C 690 56.01 25.29 60.46
C ARG C 690 56.74 25.51 59.14
N ASP C 691 57.76 24.71 58.85
CA ASP C 691 58.50 24.89 57.60
C ASP C 691 58.87 23.61 56.83
N LYS C 692 58.24 22.49 57.17
CA LYS C 692 58.22 21.32 56.28
C LYS C 692 56.77 20.86 56.10
N ILE C 693 55.87 21.85 56.13
CA ILE C 693 54.44 21.62 56.16
C ILE C 693 53.78 22.78 55.45
N MET C 694 53.07 22.49 54.36
CA MET C 694 52.29 23.52 53.67
C MET C 694 50.95 23.65 54.36
N ILE C 695 50.39 24.85 54.39
CA ILE C 695 49.06 25.03 54.95
C ILE C 695 48.13 25.78 53.99
N GLY C 696 46.98 25.18 53.68
CA GLY C 696 45.98 25.84 52.87
C GLY C 696 44.72 26.01 53.69
N CYS C 697 43.92 27.02 53.37
CA CYS C 697 42.68 27.26 54.12
C CYS C 697 41.58 27.78 53.20
N GLY C 698 40.38 27.21 53.33
CA GLY C 698 39.30 27.54 52.41
C GLY C 698 38.04 27.96 53.12
N GLY C 699 37.11 28.57 52.41
CA GLY C 699 35.86 29.03 53.01
C GLY C 699 35.10 30.07 52.19
N THR C 700 33.78 30.15 52.41
CA THR C 700 32.93 30.99 51.56
C THR C 700 33.39 32.43 51.63
N GLN C 701 33.93 32.81 52.78
CA GLN C 701 34.30 34.20 53.05
C GLN C 701 35.81 34.40 53.14
N VAL C 702 36.57 33.65 52.35
CA VAL C 702 38.03 33.71 52.43
C VAL C 702 38.64 34.39 51.21
N THR C 703 39.34 35.48 51.48
CA THR C 703 40.11 36.18 50.47
C THR C 703 41.51 35.58 50.45
N PRO C 704 41.89 34.92 49.36
CA PRO C 704 43.26 34.39 49.23
C PRO C 704 44.34 35.34 49.75
N GLU C 705 44.30 36.62 49.37
CA GLU C 705 45.34 37.59 49.76
C GLU C 705 45.35 37.91 51.26
N VAL C 706 44.16 37.91 51.86
CA VAL C 706 43.95 38.16 53.30
C VAL C 706 44.26 36.93 54.16
N ALA C 707 44.06 35.75 53.59
CA ALA C 707 44.36 34.52 54.32
C ALA C 707 45.86 34.38 54.51
N VAL C 708 46.63 34.70 53.46
CA VAL C 708 48.09 34.60 53.52
C VAL C 708 48.70 35.49 54.62
N LYS C 709 47.97 36.55 55.00
CA LYS C 709 48.39 37.41 56.10
C LYS C 709 48.25 36.75 57.48
N GLN C 710 47.19 35.95 57.69
CA GLN C 710 46.98 35.23 58.96
C GLN C 710 48.17 34.33 59.29
N GLY C 711 49.04 34.14 58.29
CA GLY C 711 50.26 33.38 58.49
C GLY C 711 50.31 32.11 57.68
N VAL C 712 49.26 31.87 56.90
CA VAL C 712 49.18 30.65 56.11
C VAL C 712 49.71 30.83 54.67
N ASP C 713 50.09 29.71 54.06
CA ASP C 713 50.65 29.68 52.72
C ASP C 713 49.63 29.89 51.59
N ALA C 714 48.38 29.48 51.80
CA ALA C 714 47.38 29.69 50.76
C ALA C 714 45.93 29.81 51.27
N GLY C 715 45.17 30.65 50.58
CA GLY C 715 43.77 30.84 50.90
C GLY C 715 42.93 30.52 49.68
N PHE C 716 41.75 29.98 49.93
CA PHE C 716 40.85 29.57 48.85
C PHE C 716 39.43 30.00 49.15
N GLY C 717 38.84 30.79 48.25
CA GLY C 717 37.51 31.32 48.45
C GLY C 717 36.47 30.63 47.59
N ARG C 718 35.32 31.28 47.41
CA ARG C 718 34.26 30.71 46.60
C ARG C 718 34.76 30.33 45.20
N GLY C 719 34.19 29.25 44.67
CA GLY C 719 34.52 28.79 43.32
C GLY C 719 35.83 28.05 43.20
N SER C 720 36.38 27.59 44.33
CA SER C 720 37.60 26.78 44.33
C SER C 720 37.34 25.38 43.76
N LYS C 721 38.29 24.88 42.98
CA LYS C 721 38.19 23.52 42.46
C LYS C 721 39.38 22.66 42.93
N GLY C 722 39.22 21.34 42.90
CA GLY C 722 40.30 20.46 43.27
C GLY C 722 41.59 20.87 42.60
N ILE C 723 41.50 21.25 41.33
CA ILE C 723 42.65 21.74 40.57
C ILE C 723 43.47 22.81 41.33
N HIS C 724 42.89 24.00 41.56
CA HIS C 724 43.64 25.13 42.15
C HIS C 724 44.42 24.76 43.42
N VAL C 725 43.95 23.73 44.10
CA VAL C 725 44.52 23.29 45.36
C VAL C 725 45.61 22.27 45.11
N ALA C 726 45.39 21.41 44.12
CA ALA C 726 46.39 20.43 43.73
C ALA C 726 47.60 21.19 43.19
N THR C 727 47.34 22.27 42.47
CA THR C 727 48.40 23.12 41.92
C THR C 727 49.19 23.85 43.00
N PHE C 728 48.50 24.47 43.96
CA PHE C 728 49.18 25.16 45.06
C PHE C 728 50.16 24.24 45.77
N LEU C 729 49.76 22.97 45.93
CA LEU C 729 50.57 21.94 46.61
C LEU C 729 51.85 21.54 45.86
N VAL C 730 51.73 21.15 44.59
CA VAL C 730 52.92 20.72 43.84
C VAL C 730 53.81 21.93 43.57
N LYS C 731 53.17 23.08 43.38
CA LYS C 731 53.89 24.32 43.11
C LYS C 731 54.71 24.76 44.32
N LYS C 732 54.03 25.04 45.43
CA LYS C 732 54.71 25.44 46.66
C LYS C 732 55.70 24.39 47.14
N ARG C 733 55.59 23.17 46.60
CA ARG C 733 56.45 22.06 46.99
C ARG C 733 57.84 22.20 46.35
N ARG C 734 57.87 22.32 45.03
CA ARG C 734 59.11 22.58 44.32
C ARG C 734 59.76 23.77 44.99
N GLU C 735 59.00 24.86 45.08
CA GLU C 735 59.43 26.12 45.69
C GLU C 735 60.12 25.94 47.05
N MET C 736 59.82 24.85 47.75
CA MET C 736 60.48 24.55 49.02
C MET C 736 61.85 23.89 48.78
N ARG C 737 61.83 22.67 48.21
CA ARG C 737 63.04 21.92 47.87
C ARG C 737 63.90 22.61 46.79
N ASP D 6 -7.41 4.49 -10.17
CA ASP D 6 -6.78 5.16 -11.32
C ASP D 6 -5.37 4.66 -11.55
N PHE D 7 -4.46 5.01 -10.65
CA PHE D 7 -3.15 4.42 -10.74
C PHE D 7 -3.30 2.90 -10.76
N GLN D 8 -4.30 2.38 -10.02
CA GLN D 8 -4.53 0.93 -9.96
C GLN D 8 -5.08 0.43 -11.28
N GLN D 9 -5.68 1.32 -12.04
CA GLN D 9 -6.14 0.96 -13.38
C GLN D 9 -5.04 1.10 -14.45
N ARG D 10 -4.38 2.25 -14.48
CA ARG D 10 -3.38 2.50 -15.51
C ARG D 10 -2.20 1.49 -15.49
N ARG D 11 -1.95 0.89 -14.33
CA ARG D 11 -0.74 0.09 -14.12
C ARG D 11 -0.82 -1.35 -14.60
N ALA D 12 -1.99 -1.72 -15.14
CA ALA D 12 -2.30 -3.11 -15.46
C ALA D 12 -1.25 -3.86 -16.28
N HIS D 13 -0.63 -3.17 -17.22
CA HIS D 13 0.34 -3.78 -18.11
C HIS D 13 1.73 -3.76 -17.55
N LEU D 14 1.88 -3.12 -16.38
CA LEU D 14 3.18 -3.01 -15.71
C LEU D 14 3.34 -4.12 -14.67
N ALA D 15 2.23 -4.49 -14.05
CA ALA D 15 2.22 -5.41 -12.92
C ALA D 15 3.20 -6.57 -13.01
N ASN D 16 3.30 -7.21 -14.17
CA ASN D 16 4.05 -8.46 -14.24
C ASN D 16 5.45 -8.39 -14.84
N LEU D 17 5.98 -7.17 -14.96
CA LEU D 17 7.32 -6.99 -15.45
C LEU D 17 8.33 -7.27 -14.33
N SER D 18 9.42 -7.93 -14.64
CA SER D 18 10.47 -7.99 -13.65
C SER D 18 10.99 -6.58 -13.40
N ASP D 19 11.89 -6.43 -12.43
CA ASP D 19 12.47 -5.13 -12.14
C ASP D 19 13.36 -4.73 -13.29
N GLU D 20 13.98 -5.71 -13.93
CA GLU D 20 14.82 -5.44 -15.09
C GLU D 20 13.93 -5.10 -16.27
N GLU D 21 12.76 -5.72 -16.33
CA GLU D 21 11.85 -5.43 -17.42
C GLU D 21 11.37 -3.98 -17.30
N LEU D 22 10.93 -3.61 -16.09
CA LEU D 22 10.41 -2.29 -15.80
C LEU D 22 11.52 -1.22 -15.94
N GLN D 23 12.75 -1.59 -15.59
CA GLN D 23 13.87 -0.70 -15.80
C GLN D 23 13.93 -0.41 -17.29
N THR D 24 14.19 -1.46 -18.06
CA THR D 24 14.29 -1.35 -19.50
C THR D 24 13.16 -0.50 -20.09
N ARG D 25 11.93 -0.69 -19.62
CA ARG D 25 10.83 0.11 -20.16
C ARG D 25 11.04 1.59 -19.86
N PHE D 26 11.38 1.86 -18.61
CA PHE D 26 11.68 3.19 -18.13
C PHE D 26 12.63 3.93 -19.07
N TRP D 27 13.74 3.30 -19.40
CA TRP D 27 14.72 3.97 -20.23
C TRP D 27 14.35 3.97 -21.70
N GLU D 28 13.93 2.81 -22.18
CA GLU D 28 13.41 2.66 -23.52
C GLU D 28 12.68 3.94 -23.85
N MET D 29 11.79 4.32 -22.95
CA MET D 29 10.86 5.40 -23.23
C MET D 29 11.45 6.78 -23.04
N ALA D 30 12.26 6.93 -22.00
CA ALA D 30 13.01 8.17 -21.84
C ALA D 30 13.74 8.48 -23.13
N GLU D 31 14.35 7.46 -23.73
CA GLU D 31 15.02 7.59 -25.03
C GLU D 31 14.13 8.02 -26.21
N LYS D 32 12.93 7.44 -26.30
CA LYS D 32 11.96 7.81 -27.33
C LYS D 32 11.54 9.28 -27.24
N ILE D 33 11.55 9.82 -26.02
CA ILE D 33 11.11 11.17 -25.72
C ILE D 33 12.13 12.26 -26.07
N VAL D 34 13.42 11.94 -26.02
CA VAL D 34 14.46 12.95 -26.27
C VAL D 34 15.08 12.85 -27.66
N ASP D 35 15.08 11.65 -28.24
CA ASP D 35 15.57 11.45 -29.60
C ASP D 35 15.17 12.62 -30.52
N PRO D 36 13.88 12.99 -30.54
CA PRO D 36 13.45 14.09 -31.41
C PRO D 36 14.10 15.43 -31.04
N LEU D 37 14.50 15.59 -29.77
CA LEU D 37 15.04 16.85 -29.28
C LEU D 37 16.52 16.92 -29.63
N LEU D 38 17.17 15.77 -29.59
CA LEU D 38 18.53 15.66 -30.07
C LEU D 38 18.58 16.02 -31.55
N ASP D 39 17.56 15.59 -32.29
CA ASP D 39 17.53 15.82 -33.72
C ASP D 39 17.42 17.32 -34.02
N LEU D 40 16.55 18.00 -33.29
CA LEU D 40 16.47 19.45 -33.40
C LEU D 40 17.84 20.05 -33.20
N GLY D 41 18.71 19.31 -32.51
CA GLY D 41 20.02 19.82 -32.16
C GLY D 41 21.00 19.60 -33.29
N LYS D 42 20.83 18.48 -34.01
CA LYS D 42 21.69 18.12 -35.12
C LYS D 42 21.42 19.00 -36.32
N LYS D 43 20.19 19.46 -36.46
CA LYS D 43 19.76 20.09 -37.70
C LYS D 43 19.58 21.60 -37.63
N ASN D 44 19.98 22.21 -36.52
CA ASN D 44 19.66 23.61 -36.26
C ASN D 44 20.69 24.34 -35.42
N THR D 45 20.57 25.67 -35.40
CA THR D 45 21.44 26.54 -34.61
C THR D 45 20.71 27.78 -34.10
N THR D 46 21.39 28.55 -33.27
CA THR D 46 20.79 29.68 -32.59
C THR D 46 21.84 30.79 -32.51
N PRO D 47 21.44 31.98 -32.05
CA PRO D 47 22.49 32.98 -31.91
C PRO D 47 23.60 32.47 -31.00
N SER D 48 23.23 31.95 -29.83
CA SER D 48 24.24 31.68 -28.81
C SER D 48 25.19 30.56 -29.25
N ILE D 49 24.68 29.59 -30.00
CA ILE D 49 25.57 28.58 -30.58
C ILE D 49 26.60 29.23 -31.53
N GLU D 50 26.13 30.09 -32.44
CA GLU D 50 27.04 30.72 -33.40
C GLU D 50 28.05 31.61 -32.68
N ARG D 51 27.57 32.46 -31.77
CA ARG D 51 28.49 33.26 -30.96
C ARG D 51 29.59 32.37 -30.37
N SER D 52 29.20 31.24 -29.79
CA SER D 52 30.15 30.36 -29.11
C SER D 52 31.13 29.69 -30.07
N VAL D 53 30.82 29.70 -31.37
CA VAL D 53 31.75 29.20 -32.40
C VAL D 53 32.83 30.26 -32.67
N LEU D 54 32.39 31.52 -32.69
CA LEU D 54 33.26 32.69 -32.80
C LEU D 54 34.15 32.89 -31.55
N LEU D 55 33.52 32.84 -30.38
CA LEU D 55 34.28 32.94 -29.14
C LEU D 55 35.44 31.96 -29.18
N ARG D 56 35.26 30.85 -29.88
CA ARG D 56 36.25 29.78 -29.93
C ARG D 56 37.30 30.06 -31.00
N MET D 57 36.91 30.81 -32.02
CA MET D 57 37.79 31.17 -33.13
C MET D 57 38.62 32.39 -32.76
N GLY D 58 38.35 32.95 -31.59
CA GLY D 58 39.24 33.95 -31.06
C GLY D 58 38.72 35.36 -31.16
N PHE D 59 37.41 35.53 -30.94
CA PHE D 59 36.79 36.84 -30.89
C PHE D 59 36.24 37.14 -29.48
N SER D 60 36.00 38.42 -29.22
CA SER D 60 35.57 38.87 -27.91
C SER D 60 34.09 38.64 -27.82
N SER D 61 33.53 38.67 -26.61
CA SER D 61 32.10 38.57 -26.45
C SER D 61 31.41 39.65 -27.31
N LEU D 62 31.89 40.88 -27.21
CA LEU D 62 31.32 42.01 -27.94
C LEU D 62 31.38 41.81 -29.45
N GLU D 63 32.56 41.46 -29.94
CA GLU D 63 32.79 41.28 -31.37
C GLU D 63 31.83 40.24 -31.94
N ALA D 64 31.77 39.07 -31.29
CA ALA D 64 30.82 38.00 -31.65
C ALA D 64 29.37 38.49 -31.78
N LYS D 65 28.95 39.35 -30.88
CA LYS D 65 27.61 39.92 -30.98
C LYS D 65 27.44 40.55 -32.34
N ALA D 66 28.37 41.44 -32.70
CA ALA D 66 28.22 42.27 -33.89
C ALA D 66 28.27 41.46 -35.17
N ILE D 67 28.95 40.32 -35.12
CA ILE D 67 28.98 39.41 -36.26
C ILE D 67 27.70 38.60 -36.35
N VAL D 68 27.19 38.11 -35.21
CA VAL D 68 25.96 37.31 -35.26
C VAL D 68 24.71 38.14 -35.55
N ASP D 69 24.59 39.27 -34.86
CA ASP D 69 23.53 40.24 -35.16
C ASP D 69 23.50 40.60 -36.66
N LYS D 70 24.68 40.80 -37.24
CA LYS D 70 24.80 41.20 -38.64
C LYS D 70 24.50 40.03 -39.56
N THR D 71 24.73 38.80 -39.08
CA THR D 71 24.42 37.59 -39.83
C THR D 71 22.93 37.28 -39.82
N MET D 72 22.23 37.64 -38.74
CA MET D 72 20.80 37.41 -38.64
C MET D 72 20.03 38.37 -39.51
N ASP D 73 20.54 39.58 -39.64
CA ASP D 73 19.91 40.62 -40.45
C ASP D 73 19.99 40.28 -41.95
N ARG D 74 21.00 39.51 -42.32
CA ARG D 74 21.18 39.12 -43.71
C ARG D 74 20.94 37.63 -43.85
N GLY D 75 19.83 37.15 -43.29
CA GLY D 75 19.39 35.76 -43.35
C GLY D 75 20.49 34.75 -43.65
N LEU D 76 21.60 34.84 -42.94
CA LEU D 76 22.78 34.06 -43.26
C LEU D 76 23.11 32.97 -42.23
N MET D 77 22.35 32.90 -41.14
CA MET D 77 22.62 31.93 -40.09
C MET D 77 22.80 30.54 -40.68
N GLY D 78 21.97 30.21 -41.67
CA GLY D 78 22.03 28.91 -42.32
C GLY D 78 23.43 28.40 -42.62
N LYS D 79 24.32 29.29 -43.04
CA LYS D 79 25.67 28.92 -43.42
C LYS D 79 26.54 28.75 -42.19
N GLY D 80 26.18 29.46 -41.12
CA GLY D 80 26.97 29.48 -39.90
C GLY D 80 27.88 30.70 -39.90
N ALA D 81 27.83 31.51 -38.83
CA ALA D 81 28.57 32.78 -38.75
C ALA D 81 30.07 32.57 -38.79
N GLY D 82 30.55 31.56 -38.09
CA GLY D 82 31.97 31.23 -38.16
C GLY D 82 32.39 30.72 -39.53
N HIS D 83 31.41 30.45 -40.38
CA HIS D 83 31.69 29.95 -41.73
C HIS D 83 31.85 31.14 -42.67
N ILE D 84 31.09 32.21 -42.40
CA ILE D 84 31.20 33.48 -43.09
C ILE D 84 32.61 34.03 -42.90
N VAL D 85 33.03 34.12 -41.65
CA VAL D 85 34.35 34.63 -41.28
C VAL D 85 35.47 33.89 -42.02
N TYR D 86 35.38 32.56 -42.05
CA TYR D 86 36.42 31.72 -42.67
C TYR D 86 36.45 31.74 -44.21
N LYS D 87 35.27 31.79 -44.88
CA LYS D 87 35.24 31.98 -46.34
C LYS D 87 35.65 33.42 -46.74
N ILE D 88 35.48 34.37 -45.83
CA ILE D 88 35.91 35.73 -46.07
C ILE D 88 37.40 35.85 -45.79
N ALA D 89 37.93 34.96 -44.97
CA ALA D 89 39.38 34.91 -44.80
C ALA D 89 40.02 34.36 -46.08
N LYS D 90 39.61 33.16 -46.44
CA LYS D 90 40.10 32.49 -47.64
C LYS D 90 40.02 33.38 -48.90
N GLU D 91 38.90 34.10 -49.05
CA GLU D 91 38.67 34.93 -50.24
C GLU D 91 39.60 36.10 -50.34
N LYS D 92 39.56 36.97 -49.33
CA LYS D 92 40.31 38.21 -49.38
C LYS D 92 41.75 38.00 -48.97
N ASN D 93 42.14 36.73 -48.84
CA ASN D 93 43.52 36.38 -48.54
C ASN D 93 44.04 37.10 -47.30
N ILE D 94 43.23 37.17 -46.25
CA ILE D 94 43.65 37.76 -44.99
C ILE D 94 43.43 36.75 -43.88
N SER D 95 43.69 37.15 -42.63
CA SER D 95 43.69 36.21 -41.51
C SER D 95 42.34 36.16 -40.81
N VAL D 96 42.00 34.97 -40.30
CA VAL D 96 40.72 34.75 -39.62
C VAL D 96 40.31 35.93 -38.77
N ARG D 97 41.20 36.37 -37.89
CA ARG D 97 40.86 37.46 -36.99
C ARG D 97 40.52 38.73 -37.77
N GLU D 98 41.33 39.03 -38.78
CA GLU D 98 41.17 40.24 -39.58
C GLU D 98 39.82 40.24 -40.29
N ALA D 99 39.50 39.12 -40.92
CA ALA D 99 38.24 38.99 -41.64
C ALA D 99 37.07 39.26 -40.70
N GLY D 100 36.99 38.45 -39.64
CA GLY D 100 35.95 38.60 -38.64
C GLY D 100 35.86 40.01 -38.10
N LEU D 101 36.98 40.52 -37.60
CA LEU D 101 37.06 41.91 -37.16
C LEU D 101 36.40 42.84 -38.17
N ALA D 102 36.83 42.76 -39.44
CA ALA D 102 36.21 43.56 -40.52
C ALA D 102 34.67 43.46 -40.61
N LEU D 103 34.14 42.25 -40.74
CA LEU D 103 32.70 41.97 -40.71
C LEU D 103 31.96 42.68 -39.56
N SER D 104 32.57 42.64 -38.37
CA SER D 104 31.96 43.17 -37.16
C SER D 104 31.75 44.67 -37.27
N GLU D 105 32.59 45.32 -38.06
CA GLU D 105 32.51 46.76 -38.30
C GLU D 105 31.60 47.13 -39.49
N GLY D 106 30.96 46.14 -40.11
CA GLY D 106 30.01 46.38 -41.19
C GLY D 106 30.50 46.19 -42.62
N LYS D 107 31.77 45.81 -42.78
CA LYS D 107 32.37 45.64 -44.09
C LYS D 107 32.31 44.20 -44.57
N TYR D 108 32.22 44.03 -45.88
CA TYR D 108 32.30 42.72 -46.54
C TYR D 108 30.99 41.92 -46.58
N TRP D 109 29.89 42.51 -46.11
CA TRP D 109 28.62 41.79 -46.11
C TRP D 109 28.06 41.53 -47.50
N ASP D 110 28.37 42.43 -48.42
CA ASP D 110 27.88 42.25 -49.78
C ASP D 110 28.73 41.22 -50.55
N ASP D 111 30.03 41.18 -50.28
CA ASP D 111 30.85 40.11 -50.86
C ASP D 111 30.34 38.79 -50.30
N ALA D 112 30.10 38.76 -49.00
CA ALA D 112 29.66 37.53 -48.35
C ALA D 112 28.26 37.13 -48.80
N ILE D 113 27.36 38.10 -48.92
CA ILE D 113 26.05 37.77 -49.44
C ILE D 113 26.11 37.09 -50.81
N GLN D 114 26.94 37.61 -51.70
CA GLN D 114 26.97 37.07 -53.07
C GLN D 114 28.10 36.06 -53.29
N LEU E 5 -62.95 -17.13 -21.73
CA LEU E 5 -63.30 -18.32 -20.98
C LEU E 5 -62.07 -18.91 -20.31
N GLN E 6 -61.72 -18.37 -19.15
CA GLN E 6 -60.80 -19.03 -18.23
C GLN E 6 -59.36 -19.22 -18.76
N LEU E 7 -59.05 -20.41 -19.26
CA LEU E 7 -57.69 -20.88 -19.47
C LEU E 7 -57.02 -21.20 -18.13
N ARG E 8 -57.34 -22.35 -17.55
CA ARG E 8 -56.78 -22.72 -16.25
C ARG E 8 -55.34 -23.19 -16.41
N VAL E 9 -54.48 -22.85 -15.45
CA VAL E 9 -53.02 -23.03 -15.59
C VAL E 9 -52.58 -24.45 -15.86
N ASN E 10 -53.36 -25.42 -15.38
CA ASN E 10 -53.00 -26.83 -15.50
C ASN E 10 -53.58 -27.48 -16.75
N GLU E 11 -54.30 -26.70 -17.55
CA GLU E 11 -54.91 -27.21 -18.77
C GLU E 11 -54.17 -26.74 -19.99
N LYS E 12 -54.06 -27.59 -21.01
CA LYS E 12 -53.48 -27.15 -22.28
C LYS E 12 -54.47 -26.21 -22.95
N LEU E 13 -54.00 -25.48 -23.96
CA LEU E 13 -54.85 -24.52 -24.67
C LEU E 13 -55.69 -25.24 -25.73
N ASP E 14 -56.93 -24.79 -25.89
CA ASP E 14 -57.87 -25.46 -26.79
C ASP E 14 -57.80 -24.92 -28.21
N VAL E 15 -56.62 -25.02 -28.83
CA VAL E 15 -56.40 -24.54 -30.19
C VAL E 15 -57.58 -24.85 -31.13
N GLU E 16 -58.06 -26.08 -31.09
CA GLU E 16 -59.16 -26.51 -31.94
C GLU E 16 -60.41 -25.68 -31.67
N ASN E 17 -60.66 -25.42 -30.38
CA ASN E 17 -61.80 -24.60 -29.98
C ASN E 17 -61.58 -23.11 -30.21
N ILE E 18 -60.31 -22.69 -30.12
CA ILE E 18 -59.92 -21.30 -30.38
C ILE E 18 -60.22 -20.94 -31.83
N LEU E 19 -59.99 -21.90 -32.72
CA LEU E 19 -60.25 -21.74 -34.14
C LEU E 19 -61.74 -21.63 -34.48
N LYS E 20 -62.61 -21.88 -33.50
CA LYS E 20 -64.04 -21.91 -33.78
C LYS E 20 -64.74 -20.58 -33.53
N ASP E 21 -65.57 -20.18 -34.50
CA ASP E 21 -66.38 -18.97 -34.42
C ASP E 21 -65.55 -17.70 -34.54
N LEU E 22 -64.68 -17.68 -35.54
CA LEU E 22 -63.76 -16.56 -35.70
C LEU E 22 -64.41 -15.34 -36.34
N ASP E 23 -65.50 -15.54 -37.07
CA ASP E 23 -66.20 -14.43 -37.67
C ASP E 23 -66.82 -13.49 -36.63
N LYS E 24 -67.16 -14.02 -35.46
CA LYS E 24 -67.79 -13.19 -34.43
C LYS E 24 -66.79 -12.52 -33.50
N TYR E 25 -65.50 -12.71 -33.75
CA TYR E 25 -64.44 -12.20 -32.87
C TYR E 25 -64.02 -10.77 -33.19
N THR E 26 -63.79 -9.99 -32.14
CA THR E 26 -63.16 -8.67 -32.25
C THR E 26 -62.32 -8.39 -31.00
N PRO E 27 -61.22 -7.64 -31.16
CA PRO E 27 -60.16 -7.47 -30.15
C PRO E 27 -60.64 -6.79 -28.90
N LYS E 28 -60.14 -7.22 -27.73
CA LYS E 28 -60.38 -6.53 -26.47
C LYS E 28 -59.81 -5.12 -26.56
N ARG E 29 -58.58 -5.02 -27.07
CA ARG E 29 -57.84 -3.76 -27.03
C ARG E 29 -57.33 -3.33 -28.40
N ARG E 30 -56.84 -2.09 -28.48
CA ARG E 30 -56.16 -1.59 -29.67
C ARG E 30 -54.97 -0.77 -29.21
N GLY E 31 -53.99 -0.59 -30.09
CA GLY E 31 -52.85 0.25 -29.77
C GLY E 31 -51.72 -0.42 -29.01
N TRP E 32 -50.69 0.34 -28.68
CA TRP E 32 -49.50 -0.25 -28.09
C TRP E 32 -49.46 0.00 -26.58
N THR E 33 -49.07 -1.03 -25.83
CA THR E 33 -48.95 -0.98 -24.39
C THR E 33 -47.47 -1.03 -24.01
N TRP E 34 -47.01 -0.12 -23.15
CA TRP E 34 -45.64 -0.17 -22.63
C TRP E 34 -45.67 -0.88 -21.28
N ARG E 35 -44.53 -0.91 -20.59
CA ARG E 35 -44.47 -1.56 -19.29
C ARG E 35 -44.48 -0.53 -18.18
N GLN E 36 -44.95 -0.97 -17.01
CA GLN E 36 -45.29 -0.07 -15.90
C GLN E 36 -44.22 0.01 -14.83
N PRO E 37 -43.38 1.06 -14.87
CA PRO E 37 -42.35 1.18 -13.84
C PRO E 37 -42.89 0.95 -12.43
N ALA E 38 -42.22 0.10 -11.66
CA ALA E 38 -42.55 -0.09 -10.26
C ALA E 38 -41.40 0.39 -9.37
N GLU E 39 -41.29 1.71 -9.24
CA GLU E 39 -40.22 2.36 -8.44
C GLU E 39 -40.00 1.70 -7.07
N ASN E 40 -38.76 1.28 -6.82
CA ASN E 40 -38.40 0.72 -5.52
C ASN E 40 -39.28 -0.44 -5.07
N LEU E 41 -39.50 -1.39 -5.98
CA LEU E 41 -40.34 -2.57 -5.72
C LEU E 41 -39.59 -3.63 -4.92
N GLN E 42 -40.28 -4.26 -3.97
CA GLN E 42 -39.65 -5.26 -3.13
C GLN E 42 -40.16 -6.66 -3.47
N MET E 43 -39.24 -7.59 -3.69
CA MET E 43 -39.63 -8.97 -3.99
C MET E 43 -38.69 -9.85 -3.21
N GLY E 44 -39.25 -10.69 -2.35
CA GLY E 44 -38.44 -11.47 -1.42
C GLY E 44 -37.51 -10.57 -0.63
N PRO E 45 -36.26 -11.00 -0.44
CA PRO E 45 -35.24 -10.29 0.37
C PRO E 45 -34.75 -8.94 -0.23
N PHE E 46 -35.16 -8.62 -1.46
CA PHE E 46 -34.54 -7.55 -2.27
C PHE E 46 -35.44 -6.38 -2.70
N ILE E 47 -34.78 -5.27 -3.08
CA ILE E 47 -35.41 -4.06 -3.60
C ILE E 47 -34.88 -3.75 -5.02
N TYR E 48 -35.80 -3.40 -5.91
CA TYR E 48 -35.45 -3.20 -7.32
C TYR E 48 -35.57 -1.75 -7.77
N LYS E 49 -34.50 -1.28 -8.40
CA LYS E 49 -34.40 0.09 -8.87
C LYS E 49 -34.95 0.25 -10.30
N ASP E 50 -34.91 -0.80 -11.09
CA ASP E 50 -35.38 -0.70 -12.48
C ASP E 50 -36.37 -1.80 -12.83
N ALA E 51 -37.34 -2.04 -11.96
CA ALA E 51 -38.24 -3.15 -12.12
C ALA E 51 -39.58 -2.73 -12.71
N SER E 52 -40.26 -3.66 -13.38
CA SER E 52 -41.60 -3.39 -13.86
C SER E 52 -42.60 -4.26 -13.12
N THR E 53 -43.88 -4.04 -13.42
CA THR E 53 -44.98 -4.69 -12.71
C THR E 53 -44.95 -6.20 -12.86
N PRO E 54 -44.79 -6.92 -11.74
CA PRO E 54 -44.72 -8.38 -11.71
C PRO E 54 -45.90 -9.03 -12.44
N LEU E 55 -45.70 -10.22 -12.99
CA LEU E 55 -46.81 -11.01 -13.53
C LEU E 55 -47.60 -11.73 -12.41
N GLU E 56 -48.87 -12.02 -12.69
CA GLU E 56 -49.71 -12.76 -11.75
C GLU E 56 -49.36 -14.23 -11.85
N ASN E 57 -48.89 -14.61 -13.02
CA ASN E 57 -48.50 -15.99 -13.29
C ASN E 57 -47.32 -16.12 -14.24
N SER E 58 -46.23 -16.72 -13.75
CA SER E 58 -45.00 -16.83 -14.55
C SER E 58 -44.19 -18.09 -14.22
N VAL E 59 -43.14 -18.33 -15.00
CA VAL E 59 -42.12 -19.29 -14.65
C VAL E 59 -40.89 -18.48 -14.25
N ALA E 60 -40.48 -18.55 -13.00
CA ALA E 60 -39.29 -17.81 -12.59
C ALA E 60 -38.06 -18.57 -13.04
N LEU E 61 -36.92 -17.88 -12.98
CA LEU E 61 -35.65 -18.47 -13.35
C LEU E 61 -35.36 -19.68 -12.43
N PRO E 62 -34.77 -20.76 -12.98
CA PRO E 62 -34.38 -21.91 -12.17
C PRO E 62 -33.78 -21.56 -10.82
N SER E 63 -32.80 -20.65 -10.80
CA SER E 63 -32.13 -20.27 -9.57
C SER E 63 -32.98 -19.37 -8.68
N ALA E 64 -34.23 -19.15 -9.05
CA ALA E 64 -35.13 -18.38 -8.20
C ALA E 64 -35.58 -19.22 -7.00
N LYS E 65 -35.38 -20.53 -7.11
CA LYS E 65 -35.76 -21.44 -6.05
C LYS E 65 -35.04 -21.11 -4.75
N TYR E 66 -33.82 -20.59 -4.85
CA TYR E 66 -33.06 -20.18 -3.67
C TYR E 66 -33.61 -18.90 -3.03
N PHE E 67 -34.55 -18.25 -3.71
CA PHE E 67 -34.97 -16.91 -3.29
C PHE E 67 -36.48 -16.77 -3.08
N GLY E 68 -37.16 -17.88 -2.82
CA GLY E 68 -38.61 -17.88 -2.71
C GLY E 68 -39.28 -17.66 -4.06
N ASP E 69 -38.87 -18.43 -5.06
CA ASP E 69 -39.33 -18.25 -6.43
C ASP E 69 -39.81 -16.85 -6.87
N ILE E 70 -39.00 -15.82 -6.64
CA ILE E 70 -39.29 -14.51 -7.24
C ILE E 70 -38.97 -14.45 -8.75
N ASP E 71 -39.82 -13.74 -9.50
CA ASP E 71 -39.64 -13.56 -10.94
C ASP E 71 -39.73 -12.09 -11.33
N PRO E 72 -38.73 -11.26 -10.93
CA PRO E 72 -38.75 -9.84 -11.30
C PRO E 72 -38.72 -9.64 -12.83
N GLN E 73 -39.48 -8.66 -13.32
CA GLN E 73 -39.54 -8.28 -14.74
C GLN E 73 -38.90 -6.90 -15.03
N PRO E 74 -38.05 -6.80 -16.07
CA PRO E 74 -37.29 -5.57 -16.30
C PRO E 74 -38.14 -4.46 -16.95
N LEU E 75 -37.54 -3.30 -17.22
CA LEU E 75 -38.29 -2.19 -17.81
C LEU E 75 -38.71 -2.35 -19.29
N PRO E 76 -37.78 -2.75 -20.17
CA PRO E 76 -38.21 -2.69 -21.57
C PRO E 76 -39.21 -3.79 -21.95
N VAL E 77 -39.93 -3.55 -23.03
CA VAL E 77 -40.76 -4.58 -23.62
C VAL E 77 -39.84 -5.66 -24.17
N ILE E 78 -40.16 -6.92 -23.87
CA ILE E 78 -39.32 -8.05 -24.27
C ILE E 78 -39.95 -8.83 -25.40
N THR E 79 -39.22 -8.97 -26.50
CA THR E 79 -39.76 -9.51 -27.75
C THR E 79 -39.27 -10.93 -28.04
N THR E 80 -40.05 -11.67 -28.81
CA THR E 80 -39.61 -12.97 -29.35
C THR E 80 -40.34 -13.33 -30.65
N GLU E 81 -39.65 -13.99 -31.57
CA GLU E 81 -40.20 -14.25 -32.90
C GLU E 81 -40.70 -15.67 -33.01
N ILE E 82 -42.01 -15.81 -33.25
CA ILE E 82 -42.63 -17.12 -33.38
C ILE E 82 -43.35 -17.30 -34.72
N ALA E 83 -42.76 -18.12 -35.59
CA ALA E 83 -43.25 -18.30 -36.95
C ALA E 83 -42.72 -19.61 -37.52
N SER E 84 -43.53 -20.65 -37.43
CA SER E 84 -43.06 -21.98 -37.77
C SER E 84 -43.51 -22.38 -39.16
N GLY E 85 -44.64 -21.82 -39.59
CA GLY E 85 -45.30 -22.17 -40.83
C GLY E 85 -46.71 -22.66 -40.54
N ARG E 86 -46.91 -23.14 -39.31
CA ARG E 86 -48.20 -23.60 -38.86
C ARG E 86 -48.60 -22.84 -37.62
N PHE E 87 -49.18 -21.66 -37.82
CA PHE E 87 -49.57 -20.81 -36.72
C PHE E 87 -50.33 -21.55 -35.61
N GLU E 88 -51.06 -22.61 -35.96
CA GLU E 88 -51.88 -23.33 -34.96
C GLU E 88 -51.02 -24.02 -33.89
N ASP E 89 -49.76 -24.29 -34.23
CA ASP E 89 -48.79 -24.78 -33.27
C ASP E 89 -48.18 -23.62 -32.50
N ASP E 90 -47.74 -22.62 -33.25
CA ASP E 90 -47.09 -21.45 -32.70
C ASP E 90 -47.92 -20.76 -31.62
N ILE E 91 -49.23 -21.01 -31.63
CA ILE E 91 -50.09 -20.45 -30.62
C ILE E 91 -49.75 -21.06 -29.27
N ARG E 92 -49.21 -22.28 -29.31
CA ARG E 92 -48.84 -22.98 -28.09
C ARG E 92 -47.55 -22.41 -27.48
N ARG E 93 -46.52 -22.27 -28.34
CA ARG E 93 -45.21 -21.69 -27.95
C ARG E 93 -45.37 -20.30 -27.37
N MET E 94 -46.33 -19.55 -27.91
CA MET E 94 -46.62 -18.21 -27.44
C MET E 94 -47.07 -18.19 -25.96
N ARG E 95 -47.82 -19.20 -25.54
CA ARG E 95 -48.22 -19.23 -24.14
C ARG E 95 -47.00 -19.57 -23.30
N MET E 96 -46.16 -20.46 -23.85
CA MET E 96 -44.88 -20.77 -23.24
C MET E 96 -44.06 -19.50 -23.07
N ALA E 97 -43.78 -18.79 -24.17
CA ALA E 97 -42.95 -17.58 -24.11
C ALA E 97 -43.53 -16.53 -23.18
N ALA E 98 -44.84 -16.35 -23.22
CA ALA E 98 -45.49 -15.33 -22.38
C ALA E 98 -45.31 -15.57 -20.89
N TRP E 99 -45.39 -16.84 -20.49
CA TRP E 99 -45.17 -17.20 -19.09
C TRP E 99 -43.71 -16.92 -18.74
N HIS E 100 -42.86 -16.92 -19.76
CA HIS E 100 -41.43 -16.75 -19.53
C HIS E 100 -40.91 -15.31 -19.53
N GLY E 101 -41.79 -14.36 -19.83
CA GLY E 101 -41.41 -12.96 -19.81
C GLY E 101 -41.90 -12.11 -20.98
N ALA E 102 -41.96 -12.71 -22.17
CA ALA E 102 -42.31 -11.98 -23.39
C ALA E 102 -43.65 -11.26 -23.30
N ASP E 103 -43.64 -9.95 -23.55
CA ASP E 103 -44.89 -9.25 -23.77
C ASP E 103 -44.89 -8.55 -25.13
N HIS E 104 -44.09 -9.09 -26.05
CA HIS E 104 -44.08 -8.66 -27.44
C HIS E 104 -43.81 -9.87 -28.37
N ILE E 105 -44.87 -10.41 -28.96
CA ILE E 105 -44.78 -11.58 -29.83
C ILE E 105 -44.82 -11.13 -31.28
N MET E 106 -43.92 -11.66 -32.10
CA MET E 106 -43.69 -11.08 -33.41
C MET E 106 -43.74 -12.18 -34.50
N VAL E 107 -44.64 -12.04 -35.46
CA VAL E 107 -44.83 -13.09 -36.46
C VAL E 107 -44.23 -12.74 -37.83
N ILE E 108 -43.16 -13.43 -38.21
CA ILE E 108 -42.56 -13.29 -39.54
C ILE E 108 -43.51 -13.82 -40.62
N ARG E 109 -43.58 -13.14 -41.76
CA ARG E 109 -44.49 -13.53 -42.82
C ARG E 109 -43.92 -14.63 -43.74
N THR E 110 -44.79 -15.56 -44.15
CA THR E 110 -44.46 -16.56 -45.18
C THR E 110 -43.66 -15.93 -46.31
N ALA E 111 -42.59 -16.59 -46.73
CA ALA E 111 -41.63 -15.96 -47.65
C ALA E 111 -42.36 -15.48 -48.87
N GLY E 112 -41.96 -14.31 -49.37
CA GLY E 112 -42.49 -13.81 -50.62
C GLY E 112 -43.90 -13.23 -50.61
N GLN E 113 -44.53 -13.20 -49.43
CA GLN E 113 -45.79 -12.49 -49.25
C GLN E 113 -45.53 -11.02 -49.58
N SER E 114 -44.25 -10.67 -49.64
CA SER E 114 -43.86 -9.34 -50.03
C SER E 114 -44.37 -9.09 -51.42
N HIS E 115 -44.24 -10.09 -52.28
CA HIS E 115 -44.59 -9.88 -53.67
C HIS E 115 -46.06 -10.11 -53.97
N TYR E 116 -46.84 -10.43 -52.94
CA TYR E 116 -48.29 -10.58 -53.05
C TYR E 116 -48.97 -9.20 -53.18
N ASP E 117 -49.65 -9.00 -54.31
CA ASP E 117 -50.30 -7.74 -54.66
C ASP E 117 -51.72 -7.65 -54.10
N GLY E 118 -51.85 -7.97 -52.82
CA GLY E 118 -53.13 -7.94 -52.13
C GLY E 118 -53.02 -8.81 -50.90
N LEU E 119 -54.10 -8.85 -50.12
CA LEU E 119 -54.17 -9.70 -48.95
C LEU E 119 -54.17 -11.15 -49.37
N ILE E 120 -53.81 -12.02 -48.44
CA ILE E 120 -54.07 -13.42 -48.67
C ILE E 120 -55.12 -13.81 -47.63
N GLU E 121 -55.88 -14.87 -47.91
CA GLU E 121 -56.90 -15.31 -46.95
C GLU E 121 -56.72 -16.76 -46.49
N GLY E 122 -57.39 -17.12 -45.40
CA GLY E 122 -57.38 -18.50 -44.93
C GLY E 122 -56.09 -18.90 -44.26
N THR E 123 -55.73 -20.17 -44.38
CA THR E 123 -54.59 -20.72 -43.64
C THR E 123 -53.70 -21.66 -44.47
N PRO E 124 -53.19 -21.17 -45.59
CA PRO E 124 -52.26 -22.03 -46.34
C PRO E 124 -51.05 -22.40 -45.48
N GLN E 125 -50.34 -23.46 -45.85
CA GLN E 125 -49.14 -23.81 -45.13
C GLN E 125 -48.05 -22.80 -45.43
N GLY E 126 -47.26 -22.44 -44.42
CA GLY E 126 -46.21 -21.46 -44.56
C GLY E 126 -44.90 -22.03 -45.10
N ILE E 127 -44.08 -21.14 -45.65
CA ILE E 127 -42.70 -21.46 -46.01
C ILE E 127 -41.83 -20.37 -45.43
N GLY E 128 -41.06 -20.69 -44.39
CA GLY E 128 -40.19 -19.71 -43.79
C GLY E 128 -40.89 -18.72 -42.88
N GLY E 129 -42.22 -18.73 -42.90
CA GLY E 129 -42.96 -17.90 -41.98
C GLY E 129 -44.43 -18.22 -42.01
N VAL E 130 -45.21 -17.57 -41.16
CA VAL E 130 -46.67 -17.71 -41.22
C VAL E 130 -47.22 -16.81 -42.35
N PRO E 131 -48.13 -17.35 -43.18
CA PRO E 131 -48.88 -16.53 -44.13
C PRO E 131 -49.87 -15.64 -43.38
N ILE E 132 -49.68 -14.34 -43.45
CA ILE E 132 -50.51 -13.43 -42.69
C ILE E 132 -51.84 -13.14 -43.38
N THR E 133 -52.94 -13.53 -42.73
CA THR E 133 -54.29 -13.31 -43.24
C THR E 133 -55.16 -12.79 -42.12
N ARG E 134 -56.44 -12.57 -42.41
CA ARG E 134 -57.38 -12.10 -41.38
C ARG E 134 -57.83 -13.23 -40.47
N LYS E 135 -57.98 -14.42 -41.03
CA LYS E 135 -58.39 -15.57 -40.23
C LYS E 135 -57.32 -15.84 -39.17
N GLN E 136 -56.08 -15.99 -39.64
CA GLN E 136 -54.97 -16.35 -38.77
C GLN E 136 -54.61 -15.26 -37.75
N VAL E 137 -54.66 -14.00 -38.17
CA VAL E 137 -54.48 -12.88 -37.23
C VAL E 137 -55.53 -12.87 -36.12
N ARG E 138 -56.79 -13.10 -36.46
CA ARG E 138 -57.84 -13.16 -35.43
C ARG E 138 -57.65 -14.36 -34.49
N ALA E 139 -57.11 -15.46 -35.02
CA ALA E 139 -56.86 -16.68 -34.23
C ALA E 139 -55.83 -16.45 -33.16
N GLN E 140 -54.64 -15.99 -33.57
CA GLN E 140 -53.53 -15.65 -32.67
C GLN E 140 -53.79 -14.45 -31.74
N ARG E 141 -54.68 -13.54 -32.14
CA ARG E 141 -55.01 -12.40 -31.31
C ARG E 141 -56.08 -12.80 -30.31
N LYS E 142 -57.03 -13.63 -30.77
CA LYS E 142 -57.98 -14.25 -29.85
C LYS E 142 -57.24 -15.01 -28.78
N ALA E 143 -56.33 -15.89 -29.20
CA ALA E 143 -55.52 -16.68 -28.28
C ALA E 143 -54.74 -15.82 -27.27
N LEU E 144 -54.02 -14.81 -27.78
CA LEU E 144 -53.26 -13.90 -26.91
C LEU E 144 -54.07 -13.14 -25.82
N ASP E 145 -55.33 -12.81 -26.09
CA ASP E 145 -56.17 -12.22 -25.06
C ASP E 145 -56.34 -13.21 -23.90
N LEU E 146 -56.36 -14.49 -24.23
CA LEU E 146 -56.49 -15.53 -23.22
C LEU E 146 -55.23 -15.56 -22.39
N ILE E 147 -54.11 -15.77 -23.07
CA ILE E 147 -52.76 -15.76 -22.47
C ILE E 147 -52.47 -14.51 -21.65
N GLU E 148 -52.47 -13.34 -22.28
CA GLU E 148 -52.21 -12.08 -21.56
C GLU E 148 -53.06 -11.92 -20.28
N GLU E 149 -54.30 -12.40 -20.34
CA GLU E 149 -55.20 -12.29 -19.20
C GLU E 149 -54.70 -13.22 -18.08
N GLU E 150 -54.22 -14.40 -18.50
CA GLU E 150 -53.65 -15.41 -17.61
C GLU E 150 -52.38 -14.94 -16.91
N VAL E 151 -51.37 -14.52 -17.67
CA VAL E 151 -50.12 -14.07 -17.08
C VAL E 151 -50.35 -12.83 -16.22
N GLY E 152 -51.31 -11.99 -16.61
CA GLY E 152 -51.67 -10.83 -15.82
C GLY E 152 -51.04 -9.52 -16.26
N ARG E 153 -50.80 -9.39 -17.56
CA ARG E 153 -50.20 -8.20 -18.16
C ARG E 153 -50.33 -8.27 -19.69
N PRO E 154 -50.60 -7.13 -20.35
CA PRO E 154 -50.92 -7.08 -21.80
C PRO E 154 -49.81 -7.59 -22.73
N ILE E 155 -50.18 -8.17 -23.87
CA ILE E 155 -49.20 -8.60 -24.84
C ILE E 155 -49.37 -7.87 -26.17
N ASN E 156 -48.26 -7.32 -26.68
CA ASN E 156 -48.22 -6.66 -27.99
C ASN E 156 -48.02 -7.65 -29.12
N TYR E 157 -48.96 -7.72 -30.05
CA TYR E 157 -48.87 -8.66 -31.16
C TYR E 157 -48.39 -7.90 -32.39
N HIS E 158 -47.62 -8.55 -33.25
CA HIS E 158 -46.81 -7.79 -34.18
C HIS E 158 -46.46 -8.52 -35.48
N SER E 159 -46.76 -7.92 -36.63
CA SER E 159 -46.30 -8.49 -37.89
C SER E 159 -45.68 -7.44 -38.83
N TYR E 160 -45.73 -7.69 -40.14
CA TYR E 160 -45.05 -6.80 -41.07
C TYR E 160 -45.95 -6.13 -42.10
N VAL E 161 -45.85 -4.81 -42.21
CA VAL E 161 -46.56 -4.07 -43.25
C VAL E 161 -45.55 -3.74 -44.35
N SER E 162 -45.22 -4.73 -45.17
CA SER E 162 -44.32 -4.55 -46.29
C SER E 162 -44.91 -5.13 -47.58
N GLY E 163 -44.16 -5.02 -48.66
CA GLY E 163 -44.55 -5.66 -49.91
C GLY E 163 -45.23 -4.69 -50.85
N VAL E 164 -45.73 -5.20 -51.98
CA VAL E 164 -46.47 -4.35 -52.90
C VAL E 164 -47.80 -3.97 -52.30
N ALA E 165 -48.24 -4.72 -51.30
CA ALA E 165 -49.55 -4.53 -50.72
C ALA E 165 -49.51 -3.96 -49.29
N GLY E 166 -48.66 -2.97 -49.08
CA GLY E 166 -48.53 -2.32 -47.80
C GLY E 166 -49.87 -1.91 -47.20
N PRO E 167 -50.58 -0.99 -47.89
CA PRO E 167 -51.84 -0.42 -47.41
C PRO E 167 -52.89 -1.47 -47.10
N ASP E 168 -53.05 -2.44 -48.01
CA ASP E 168 -54.01 -3.52 -47.83
C ASP E 168 -53.93 -4.14 -46.42
N ILE E 169 -52.74 -4.59 -46.00
CA ILE E 169 -52.56 -5.13 -44.65
C ILE E 169 -52.62 -4.05 -43.55
N ALA E 170 -52.27 -2.82 -43.90
CA ALA E 170 -52.31 -1.75 -42.92
C ALA E 170 -53.73 -1.58 -42.39
N VAL E 171 -54.68 -1.61 -43.31
CA VAL E 171 -56.09 -1.53 -42.94
C VAL E 171 -56.43 -2.78 -42.13
N MET E 172 -56.09 -3.93 -42.68
CA MET E 172 -56.41 -5.21 -42.06
C MET E 172 -55.86 -5.32 -40.63
N PHE E 173 -54.61 -4.92 -40.44
CA PHE E 173 -54.03 -4.89 -39.11
C PHE E 173 -54.80 -3.96 -38.19
N ALA E 174 -55.07 -2.76 -38.69
CA ALA E 174 -55.65 -1.72 -37.87
C ALA E 174 -57.03 -2.16 -37.36
N GLU E 175 -57.79 -2.84 -38.20
CA GLU E 175 -59.08 -3.39 -37.81
C GLU E 175 -58.89 -4.53 -36.80
N GLU E 176 -58.03 -5.50 -37.12
CA GLU E 176 -57.97 -6.76 -36.39
C GLU E 176 -57.13 -6.73 -35.11
N GLY E 177 -56.74 -5.52 -34.70
CA GLY E 177 -56.10 -5.30 -33.41
C GLY E 177 -54.61 -5.54 -33.27
N VAL E 178 -53.87 -5.50 -34.37
CA VAL E 178 -52.43 -5.67 -34.30
C VAL E 178 -51.77 -4.46 -33.59
N ASN E 179 -50.87 -4.75 -32.67
CA ASN E 179 -50.37 -3.75 -31.72
C ASN E 179 -49.09 -3.02 -32.16
N GLY E 180 -48.31 -3.67 -33.02
CA GLY E 180 -47.11 -3.06 -33.54
C GLY E 180 -46.86 -3.70 -34.89
N ALA E 181 -45.87 -3.21 -35.62
CA ALA E 181 -45.53 -3.77 -36.93
C ALA E 181 -44.40 -2.98 -37.53
N HIS E 182 -43.56 -3.66 -38.29
CA HIS E 182 -42.50 -3.01 -39.01
C HIS E 182 -43.10 -2.23 -40.15
N GLN E 183 -42.64 -1.00 -40.34
CA GLN E 183 -42.90 -0.32 -41.60
C GLN E 183 -41.82 0.71 -41.95
N ASP E 184 -40.92 0.30 -42.84
CA ASP E 184 -39.91 1.16 -43.40
C ASP E 184 -39.79 0.85 -44.88
N PRO E 185 -40.24 1.79 -45.72
CA PRO E 185 -40.26 1.67 -47.19
C PRO E 185 -38.88 1.44 -47.81
N GLN E 186 -37.80 1.68 -47.08
CA GLN E 186 -36.48 1.40 -47.62
C GLN E 186 -36.29 -0.13 -47.80
N TYR E 187 -36.78 -0.90 -46.83
CA TYR E 187 -36.71 -2.35 -46.91
C TYR E 187 -37.23 -2.84 -48.25
N ASN E 188 -38.44 -2.42 -48.61
CA ASN E 188 -39.02 -2.74 -49.91
C ASN E 188 -38.06 -2.48 -51.09
N VAL E 189 -37.51 -1.27 -51.14
CA VAL E 189 -36.61 -0.88 -52.22
C VAL E 189 -35.32 -1.70 -52.22
N LEU E 190 -34.60 -1.64 -51.11
CA LEU E 190 -33.27 -2.21 -51.07
C LEU E 190 -33.27 -3.73 -51.18
N TYR E 191 -34.18 -4.38 -50.49
CA TYR E 191 -34.10 -5.82 -50.25
C TYR E 191 -35.17 -6.66 -50.96
N ARG E 192 -36.08 -6.03 -51.69
CA ARG E 192 -37.15 -6.76 -52.37
C ARG E 192 -37.29 -6.33 -53.81
N ASN E 193 -36.37 -5.48 -54.25
CA ASN E 193 -36.41 -4.80 -55.54
C ASN E 193 -37.80 -4.33 -55.94
N ILE E 194 -38.56 -3.86 -54.97
CA ILE E 194 -39.87 -3.27 -55.26
C ILE E 194 -39.69 -1.82 -55.71
N ASN E 195 -40.35 -1.43 -56.80
CA ASN E 195 -40.16 -0.10 -57.36
C ASN E 195 -40.12 0.98 -56.28
N MET E 196 -39.15 1.89 -56.36
CA MET E 196 -38.96 2.84 -55.27
C MET E 196 -40.05 3.91 -55.18
N ILE E 197 -40.68 4.22 -56.32
CA ILE E 197 -41.75 5.20 -56.40
C ILE E 197 -43.04 4.65 -55.81
N ARG E 198 -43.46 3.50 -56.32
CA ARG E 198 -44.58 2.74 -55.77
C ARG E 198 -44.37 2.54 -54.27
N SER E 199 -43.14 2.22 -53.89
CA SER E 199 -42.77 1.96 -52.52
C SER E 199 -43.18 3.08 -51.57
N PHE E 200 -42.72 4.30 -51.85
CA PHE E 200 -42.92 5.41 -50.93
C PHE E 200 -44.32 6.05 -50.96
N ILE E 201 -44.97 6.02 -52.12
CA ILE E 201 -46.31 6.57 -52.22
C ILE E 201 -47.27 5.69 -51.43
N ASP E 202 -46.87 4.43 -51.23
CA ASP E 202 -47.63 3.45 -50.44
C ASP E 202 -47.39 3.61 -48.95
N ALA E 203 -46.15 3.81 -48.54
CA ALA E 203 -45.86 3.97 -47.12
C ALA E 203 -46.69 5.10 -46.51
N CYS E 204 -46.79 6.24 -47.19
CA CYS E 204 -47.58 7.38 -46.70
C CYS E 204 -48.94 6.94 -46.20
N GLU E 205 -49.68 6.26 -47.07
CA GLU E 205 -50.98 5.70 -46.71
C GLU E 205 -50.89 4.72 -45.53
N SER E 206 -49.95 3.78 -45.61
CA SER E 206 -49.77 2.76 -44.59
C SER E 206 -49.49 3.41 -43.24
N LYS E 207 -48.45 4.25 -43.18
CA LYS E 207 -48.09 4.89 -41.92
C LYS E 207 -49.27 5.68 -41.39
N THR E 208 -50.06 6.23 -42.29
CA THR E 208 -51.25 6.97 -41.88
C THR E 208 -52.24 6.07 -41.10
N ILE E 209 -52.66 4.96 -41.72
CA ILE E 209 -53.52 3.97 -41.05
C ILE E 209 -52.93 3.52 -39.71
N MET E 210 -51.61 3.38 -39.64
CA MET E 210 -50.97 2.94 -38.41
C MET E 210 -51.03 4.02 -37.32
N ALA E 211 -50.84 5.28 -37.71
CA ALA E 211 -51.00 6.37 -36.74
C ALA E 211 -52.41 6.30 -36.11
N TRP E 212 -53.44 6.27 -36.96
CA TRP E 212 -54.83 6.12 -36.50
C TRP E 212 -54.99 5.00 -35.48
N ALA E 213 -54.41 3.84 -35.80
CA ALA E 213 -54.51 2.66 -34.95
C ALA E 213 -53.64 2.74 -33.69
N ASP E 214 -52.81 3.78 -33.61
CA ASP E 214 -51.91 3.98 -32.47
C ASP E 214 -50.91 2.86 -32.28
N MET E 215 -50.46 2.26 -33.38
CA MET E 215 -49.49 1.17 -33.30
C MET E 215 -48.07 1.70 -33.13
N ALA E 216 -47.21 0.89 -32.52
CA ALA E 216 -45.77 1.18 -32.58
C ALA E 216 -45.26 0.74 -33.95
N GLN E 217 -44.31 1.49 -34.49
CA GLN E 217 -43.72 1.16 -35.78
C GLN E 217 -42.24 1.02 -35.63
N ILE E 218 -41.75 -0.08 -36.19
CA ILE E 218 -40.34 -0.46 -36.12
C ILE E 218 -39.69 -0.39 -37.50
N ASP E 219 -38.50 0.18 -37.63
CA ASP E 219 -37.89 0.27 -38.95
C ASP E 219 -36.93 -0.85 -39.31
N GLY E 220 -36.31 -0.69 -40.47
CA GLY E 220 -35.57 -1.78 -41.09
C GLY E 220 -34.09 -1.56 -41.30
N ALA E 221 -33.53 -0.56 -40.63
CA ALA E 221 -32.14 -0.17 -40.85
C ALA E 221 -31.09 -1.26 -40.54
N HIS E 222 -31.42 -2.19 -39.66
CA HIS E 222 -30.47 -3.21 -39.21
C HIS E 222 -30.29 -4.31 -40.25
N ASN E 223 -31.22 -4.44 -41.17
CA ASN E 223 -31.00 -5.33 -42.29
C ASN E 223 -29.72 -4.93 -43.01
N ALA E 224 -29.26 -3.70 -42.79
CA ALA E 224 -28.02 -3.22 -43.39
C ALA E 224 -26.81 -3.86 -42.71
N ASN E 225 -26.86 -3.85 -41.38
CA ASN E 225 -26.08 -4.76 -40.54
C ASN E 225 -25.88 -6.14 -41.14
N ALA E 226 -27.01 -6.83 -41.32
CA ALA E 226 -27.03 -8.25 -41.63
C ALA E 226 -26.49 -8.58 -43.02
N THR E 227 -26.58 -7.63 -43.94
CA THR E 227 -26.12 -7.87 -45.30
C THR E 227 -24.68 -7.38 -45.56
N ALA E 228 -24.22 -6.40 -44.79
CA ALA E 228 -22.91 -5.78 -45.07
C ALA E 228 -21.73 -6.68 -44.72
N ARG E 229 -20.73 -6.71 -45.62
CA ARG E 229 -19.52 -7.52 -45.44
C ARG E 229 -18.97 -7.41 -44.03
N GLU E 230 -18.44 -6.23 -43.72
CA GLU E 230 -17.94 -5.86 -42.40
C GLU E 230 -18.95 -4.96 -41.71
N ALA E 231 -19.57 -5.45 -40.64
CA ALA E 231 -20.69 -4.74 -40.02
C ALA E 231 -20.31 -3.40 -39.40
N TRP E 232 -19.12 -3.32 -38.82
CA TRP E 232 -18.71 -2.04 -38.20
C TRP E 232 -18.69 -0.81 -39.12
N LYS E 233 -18.28 -0.97 -40.37
CA LYS E 233 -18.15 0.17 -41.28
C LYS E 233 -19.50 0.78 -41.72
N VAL E 234 -20.59 0.07 -41.41
CA VAL E 234 -21.92 0.41 -41.93
C VAL E 234 -22.58 1.52 -41.12
N MET E 235 -21.90 1.97 -40.07
CA MET E 235 -22.53 2.85 -39.10
C MET E 235 -23.03 4.24 -39.57
N PRO E 236 -22.31 4.88 -40.51
CA PRO E 236 -22.88 6.07 -41.15
C PRO E 236 -24.21 5.81 -41.91
N GLU E 237 -24.27 4.73 -42.69
CA GLU E 237 -25.52 4.40 -43.38
C GLU E 237 -26.72 4.19 -42.42
N LEU E 238 -26.45 3.63 -41.24
CA LEU E 238 -27.48 3.35 -40.24
C LEU E 238 -28.13 4.62 -39.71
N MET E 239 -27.31 5.64 -39.47
CA MET E 239 -27.86 6.87 -38.90
C MET E 239 -28.68 7.53 -39.97
N VAL E 240 -28.22 7.43 -41.21
CA VAL E 240 -28.95 8.01 -42.33
C VAL E 240 -30.26 7.25 -42.54
N GLN E 241 -30.18 5.92 -42.59
CA GLN E 241 -31.38 5.14 -42.84
C GLN E 241 -32.40 5.33 -41.76
N HIS E 242 -31.94 5.33 -40.51
CA HIS E 242 -32.80 5.59 -39.37
C HIS E 242 -33.44 6.98 -39.51
N ALA E 243 -32.67 7.95 -39.99
CA ALA E 243 -33.17 9.33 -40.06
C ALA E 243 -34.27 9.50 -41.10
N LEU E 244 -34.06 8.96 -42.30
CA LEU E 244 -35.05 9.14 -43.35
C LEU E 244 -36.41 8.61 -42.91
N ASN E 245 -36.46 7.34 -42.54
CA ASN E 245 -37.72 6.74 -42.13
C ASN E 245 -38.41 7.43 -40.95
N SER E 246 -37.63 7.96 -40.01
CA SER E 246 -38.21 8.60 -38.84
C SER E 246 -38.83 9.97 -39.13
N ILE E 247 -38.09 10.86 -39.80
CA ILE E 247 -38.65 12.16 -40.21
C ILE E 247 -39.83 11.99 -41.17
N PHE E 248 -39.71 11.06 -42.11
CA PHE E 248 -40.83 10.67 -42.98
C PHE E 248 -42.08 10.29 -42.19
N SER E 249 -41.95 9.30 -41.30
CA SER E 249 -43.06 8.88 -40.47
C SER E 249 -43.64 10.01 -39.65
N LEU E 250 -42.77 10.91 -39.18
CA LEU E 250 -43.18 12.03 -38.32
C LEU E 250 -44.02 13.08 -39.06
N LYS E 251 -43.57 13.47 -40.25
CA LYS E 251 -44.28 14.45 -41.08
C LYS E 251 -45.59 13.86 -41.56
N VAL E 252 -45.64 12.55 -41.65
CA VAL E 252 -46.89 11.89 -41.99
C VAL E 252 -47.90 12.04 -40.87
N GLY E 253 -47.47 11.88 -39.61
CA GLY E 253 -48.37 12.11 -38.50
C GLY E 253 -48.24 11.24 -37.26
N MET E 254 -47.31 10.28 -37.29
CA MET E 254 -47.09 9.44 -36.13
C MET E 254 -46.43 10.23 -35.02
N LYS E 255 -46.63 9.77 -33.78
CA LYS E 255 -46.00 10.42 -32.63
C LYS E 255 -44.57 9.88 -32.49
N LYS E 256 -43.62 10.74 -32.17
CA LYS E 256 -42.25 10.28 -31.89
C LYS E 256 -42.25 9.06 -30.96
N SER E 257 -43.06 9.13 -29.91
CA SER E 257 -43.14 8.07 -28.91
C SER E 257 -43.55 6.70 -29.49
N ASN E 258 -44.14 6.68 -30.68
CA ASN E 258 -44.44 5.42 -31.36
C ASN E 258 -43.51 5.13 -32.53
N ILE E 259 -42.44 5.90 -32.69
CA ILE E 259 -41.48 5.64 -33.77
C ILE E 259 -40.19 5.01 -33.21
N CYS E 260 -39.96 3.73 -33.50
CA CYS E 260 -38.86 3.00 -32.88
C CYS E 260 -37.75 2.67 -33.84
N LEU E 261 -36.51 2.97 -33.45
CA LEU E 261 -35.35 2.56 -34.24
C LEU E 261 -34.95 1.11 -33.94
N SER E 262 -34.71 0.37 -35.00
CA SER E 262 -34.33 -1.01 -34.89
C SER E 262 -32.82 -1.05 -34.82
N THR E 263 -32.27 -0.82 -33.63
CA THR E 263 -30.82 -0.69 -33.46
C THR E 263 -30.15 -1.97 -32.88
N VAL E 264 -29.31 -2.57 -33.73
CA VAL E 264 -28.56 -3.75 -33.38
C VAL E 264 -27.08 -3.40 -33.32
N PRO E 265 -26.41 -3.78 -32.21
CA PRO E 265 -24.97 -3.63 -32.20
C PRO E 265 -24.36 -4.34 -33.40
N PRO E 266 -23.55 -3.61 -34.18
CA PRO E 266 -23.00 -4.13 -35.42
C PRO E 266 -22.05 -5.33 -35.29
N THR E 267 -21.24 -5.40 -34.22
CA THR E 267 -20.16 -6.42 -34.12
C THR E 267 -20.22 -7.39 -32.92
N ALA E 268 -19.44 -8.47 -33.02
CA ALA E 268 -19.37 -9.50 -31.98
C ALA E 268 -17.93 -9.96 -31.87
N PRO E 269 -17.56 -10.60 -30.74
CA PRO E 269 -16.20 -11.13 -30.53
C PRO E 269 -15.88 -12.25 -31.50
N PRO E 270 -14.62 -12.35 -31.97
CA PRO E 270 -13.39 -11.76 -31.45
C PRO E 270 -13.16 -10.26 -31.67
N ALA E 271 -13.98 -9.58 -32.47
CA ALA E 271 -13.82 -8.12 -32.57
C ALA E 271 -13.95 -7.47 -31.18
N PRO E 272 -13.27 -6.34 -30.98
CA PRO E 272 -13.51 -5.62 -29.71
C PRO E 272 -14.91 -4.99 -29.73
N SER E 273 -15.95 -5.82 -29.62
CA SER E 273 -17.31 -5.38 -29.91
C SER E 273 -17.82 -4.23 -29.04
N MET E 274 -17.53 -4.25 -27.74
CA MET E 274 -17.98 -3.17 -26.89
C MET E 274 -17.28 -1.87 -27.24
N TYR E 275 -15.98 -1.92 -27.47
CA TYR E 275 -15.26 -0.72 -27.86
C TYR E 275 -15.89 -0.14 -29.13
N LEU E 276 -16.28 -0.99 -30.07
CA LEU E 276 -16.79 -0.56 -31.39
C LEU E 276 -18.23 -0.04 -31.42
N ASP E 277 -19.12 -0.71 -30.69
CA ASP E 277 -20.55 -0.42 -30.79
C ASP E 277 -21.03 0.64 -29.80
N LEU E 278 -20.27 0.86 -28.72
CA LEU E 278 -20.76 1.74 -27.66
C LEU E 278 -20.72 3.22 -28.07
N PRO E 279 -19.77 3.61 -28.94
CA PRO E 279 -19.88 5.00 -29.39
C PRO E 279 -21.03 5.15 -30.38
N TYR E 280 -21.26 4.13 -31.19
CA TYR E 280 -22.34 4.22 -32.17
C TYR E 280 -23.67 4.23 -31.44
N ALA E 281 -23.79 3.44 -30.38
CA ALA E 281 -25.02 3.40 -29.60
C ALA E 281 -25.28 4.76 -28.97
N VAL E 282 -24.23 5.35 -28.39
CA VAL E 282 -24.36 6.64 -27.73
C VAL E 282 -24.70 7.80 -28.71
N ALA E 283 -24.06 7.78 -29.88
CA ALA E 283 -24.31 8.80 -30.90
C ALA E 283 -25.67 8.68 -31.58
N LEU E 284 -26.23 7.48 -31.69
CA LEU E 284 -27.55 7.33 -32.27
C LEU E 284 -28.56 7.85 -31.28
N ARG E 285 -28.30 7.64 -29.99
CA ARG E 285 -29.26 8.02 -28.96
C ARG E 285 -29.37 9.53 -28.83
N GLU E 286 -28.22 10.19 -28.80
CA GLU E 286 -28.13 11.64 -28.87
C GLU E 286 -28.82 12.25 -30.10
N MET E 287 -28.49 11.73 -31.26
CA MET E 287 -29.01 12.31 -32.49
C MET E 287 -30.53 12.15 -32.56
N PHE E 288 -31.07 11.14 -31.88
CA PHE E 288 -32.49 10.84 -31.99
C PHE E 288 -33.27 10.97 -30.67
N GLU E 289 -33.05 12.03 -29.90
CA GLU E 289 -33.78 12.18 -28.64
C GLU E 289 -35.26 12.29 -28.95
N GLY E 290 -36.10 11.76 -28.08
CA GLY E 290 -37.53 11.78 -28.33
C GLY E 290 -38.08 10.60 -29.11
N TYR E 291 -37.23 9.87 -29.82
CA TYR E 291 -37.66 8.70 -30.59
C TYR E 291 -37.42 7.41 -29.80
N ARG E 292 -38.26 6.40 -30.02
CA ARG E 292 -38.10 5.14 -29.30
C ARG E 292 -36.85 4.39 -29.76
N MET E 293 -36.26 3.61 -28.85
CA MET E 293 -35.15 2.73 -29.19
C MET E 293 -35.54 1.29 -29.03
N ARG E 294 -35.67 0.58 -30.15
CA ARG E 294 -35.90 -0.86 -30.15
C ARG E 294 -34.57 -1.60 -30.33
N ALA E 295 -33.93 -1.93 -29.22
CA ALA E 295 -32.70 -2.72 -29.28
C ALA E 295 -33.01 -4.11 -29.80
N GLN E 296 -32.26 -4.56 -30.79
CA GLN E 296 -32.31 -5.96 -31.21
C GLN E 296 -30.93 -6.61 -31.04
N MET E 297 -30.91 -7.93 -30.85
CA MET E 297 -29.67 -8.70 -30.65
C MET E 297 -29.02 -9.17 -31.96
N ASN E 298 -27.73 -9.49 -31.91
CA ASN E 298 -27.01 -9.86 -33.12
C ASN E 298 -27.53 -11.10 -33.83
N THR E 299 -27.48 -11.07 -35.16
CA THR E 299 -27.74 -12.27 -35.96
C THR E 299 -26.63 -12.54 -36.97
N LYS E 300 -25.95 -11.49 -37.41
CA LYS E 300 -24.94 -11.63 -38.46
C LYS E 300 -23.80 -12.57 -38.07
N TYR E 301 -23.13 -12.26 -36.97
CA TYR E 301 -21.99 -13.05 -36.50
C TYR E 301 -22.42 -14.21 -35.59
N MET E 302 -23.25 -15.08 -36.14
CA MET E 302 -23.85 -16.16 -35.35
C MET E 302 -23.45 -17.51 -35.92
N GLU E 303 -23.45 -18.52 -35.06
CA GLU E 303 -22.95 -19.82 -35.44
C GLU E 303 -23.70 -20.89 -34.70
N ALA E 304 -23.17 -22.11 -34.69
CA ALA E 304 -23.91 -23.26 -34.21
C ALA E 304 -23.78 -23.47 -32.70
N SER E 305 -22.80 -22.81 -32.09
CA SER E 305 -22.61 -22.87 -30.64
C SER E 305 -23.69 -22.03 -29.95
N THR E 306 -24.69 -22.67 -29.35
CA THR E 306 -25.72 -21.89 -28.69
C THR E 306 -25.09 -21.10 -27.56
N ARG E 307 -23.99 -21.61 -27.02
CA ARG E 307 -23.24 -20.93 -25.96
C ARG E 307 -22.67 -19.65 -26.54
N GLU E 308 -22.03 -19.75 -27.70
CA GLU E 308 -21.54 -18.55 -28.33
C GLU E 308 -22.65 -17.51 -28.46
N ALA E 309 -23.78 -17.91 -29.04
CA ALA E 309 -24.94 -17.04 -29.23
C ALA E 309 -25.38 -16.32 -27.95
N THR E 310 -25.46 -17.07 -26.86
CA THR E 310 -25.99 -16.55 -25.59
C THR E 310 -25.04 -15.56 -24.93
N VAL E 311 -23.75 -15.88 -24.97
CA VAL E 311 -22.74 -14.99 -24.41
C VAL E 311 -22.73 -13.63 -25.11
N THR E 312 -22.79 -13.66 -26.44
CA THR E 312 -22.82 -12.45 -27.23
C THR E 312 -24.12 -11.69 -26.98
N HIS E 313 -25.20 -12.42 -26.82
CA HIS E 313 -26.48 -11.77 -26.56
C HIS E 313 -26.42 -11.01 -25.24
N VAL E 314 -25.65 -11.52 -24.29
CA VAL E 314 -25.54 -10.82 -23.02
C VAL E 314 -24.77 -9.52 -23.20
N LEU E 315 -23.69 -9.56 -23.97
CA LEU E 315 -22.97 -8.34 -24.33
C LEU E 315 -23.85 -7.32 -25.05
N ASN E 316 -24.94 -7.76 -25.68
CA ASN E 316 -25.85 -6.83 -26.34
C ASN E 316 -26.81 -6.14 -25.40
N LEU E 317 -27.30 -6.90 -24.44
CA LEU E 317 -28.10 -6.34 -23.39
C LEU E 317 -27.23 -5.36 -22.61
N LEU E 318 -25.92 -5.57 -22.64
CA LEU E 318 -25.03 -4.65 -21.94
C LEU E 318 -25.07 -3.27 -22.61
N ILE E 319 -24.98 -3.27 -23.95
CA ILE E 319 -25.04 -2.03 -24.69
C ILE E 319 -26.33 -1.30 -24.38
N SER E 320 -27.44 -2.02 -24.27
CA SER E 320 -28.72 -1.37 -23.97
C SER E 320 -28.73 -0.71 -22.58
N LYS E 321 -28.35 -1.48 -21.55
CA LYS E 321 -28.27 -0.98 -20.19
C LYS E 321 -27.44 0.29 -20.05
N LEU E 322 -26.28 0.34 -20.71
CA LEU E 322 -25.34 1.48 -20.58
C LEU E 322 -25.85 2.72 -21.30
N THR E 323 -26.90 2.52 -22.11
CA THR E 323 -27.50 3.62 -22.82
C THR E 323 -29.00 3.55 -22.60
N ARG E 324 -29.76 3.07 -23.59
CA ARG E 324 -31.20 2.89 -23.43
C ARG E 324 -31.81 1.93 -24.44
N ALA E 325 -32.77 1.14 -23.98
CA ALA E 325 -33.62 0.39 -24.90
C ALA E 325 -35.05 0.53 -24.40
N ASP E 326 -35.92 1.06 -25.24
CA ASP E 326 -37.33 1.14 -24.90
C ASP E 326 -37.99 -0.21 -25.19
N ILE E 327 -37.56 -0.84 -26.27
CA ILE E 327 -37.88 -2.24 -26.48
C ILE E 327 -36.59 -3.03 -26.49
N GLN E 328 -36.67 -4.27 -26.07
CA GLN E 328 -35.55 -5.18 -26.18
C GLN E 328 -36.05 -6.46 -26.82
N SER E 329 -35.77 -6.60 -28.11
CA SER E 329 -36.08 -7.82 -28.85
C SER E 329 -35.02 -8.83 -28.55
N THR E 330 -35.31 -10.10 -28.76
CA THR E 330 -34.33 -11.16 -28.55
C THR E 330 -34.19 -12.01 -29.77
N ILE E 331 -33.06 -12.73 -29.84
CA ILE E 331 -32.78 -13.72 -30.86
C ILE E 331 -32.63 -15.05 -30.14
N THR E 332 -33.09 -16.13 -30.76
CA THR E 332 -32.97 -17.45 -30.15
C THR E 332 -31.52 -17.96 -30.33
N PRO E 333 -30.98 -18.65 -29.30
CA PRO E 333 -29.58 -19.10 -29.36
C PRO E 333 -29.28 -20.11 -30.47
N ASP E 334 -30.29 -20.53 -31.22
CA ASP E 334 -30.12 -21.54 -32.27
C ASP E 334 -30.27 -20.92 -33.64
N GLU E 335 -30.44 -19.61 -33.65
CA GLU E 335 -30.82 -18.87 -34.83
C GLU E 335 -29.97 -19.21 -36.06
N GLY E 336 -28.68 -19.48 -35.85
CA GLY E 336 -27.76 -19.77 -36.93
C GLY E 336 -27.43 -21.24 -37.04
N ARG E 337 -28.32 -22.07 -36.49
CA ARG E 337 -28.11 -23.52 -36.38
C ARG E 337 -29.26 -24.34 -36.95
N ASN E 338 -30.48 -23.93 -36.62
CA ASN E 338 -31.68 -24.57 -37.11
C ASN E 338 -32.83 -23.58 -37.01
N VAL E 339 -34.02 -23.96 -37.44
CA VAL E 339 -35.19 -23.12 -37.24
C VAL E 339 -35.56 -23.11 -35.76
N PRO E 340 -35.70 -21.91 -35.17
CA PRO E 340 -35.94 -21.77 -33.73
C PRO E 340 -36.89 -22.83 -33.18
N TRP E 341 -36.51 -23.51 -32.10
CA TRP E 341 -37.40 -24.46 -31.42
C TRP E 341 -38.01 -23.88 -30.17
N HIS E 342 -39.21 -24.35 -29.81
CA HIS E 342 -39.86 -23.96 -28.54
C HIS E 342 -38.86 -23.62 -27.44
N ILE E 343 -38.00 -24.58 -27.11
CA ILE E 343 -37.12 -24.47 -25.93
C ILE E 343 -36.15 -23.30 -26.03
N TYR E 344 -35.79 -22.94 -27.26
CA TYR E 344 -34.85 -21.86 -27.50
C TYR E 344 -35.51 -20.48 -27.55
N ASN E 345 -36.77 -20.41 -27.99
CA ASN E 345 -37.52 -19.18 -27.84
C ASN E 345 -37.56 -18.82 -26.38
N ILE E 346 -37.78 -19.84 -25.53
CA ILE E 346 -37.84 -19.63 -24.08
C ILE E 346 -36.46 -19.36 -23.48
N GLU E 347 -35.42 -19.96 -24.04
CA GLU E 347 -34.07 -19.63 -23.63
C GLU E 347 -33.81 -18.12 -23.80
N ALA E 348 -34.18 -17.57 -24.96
CA ALA E 348 -33.94 -16.14 -25.21
C ALA E 348 -34.70 -15.24 -24.25
N CYS E 349 -35.92 -15.61 -23.88
CA CYS E 349 -36.69 -14.84 -22.89
C CYS E 349 -36.05 -14.89 -21.50
N ASP E 350 -35.57 -16.06 -21.07
CA ASP E 350 -34.94 -16.21 -19.74
C ASP E 350 -33.61 -15.44 -19.64
N THR E 351 -32.82 -15.50 -20.70
CA THR E 351 -31.56 -14.78 -20.74
C THR E 351 -31.71 -13.25 -20.66
N ALA E 352 -32.60 -12.68 -21.46
CA ALA E 352 -32.83 -11.23 -21.41
C ALA E 352 -33.24 -10.78 -20.01
N LYS E 353 -34.20 -11.49 -19.41
CA LYS E 353 -34.65 -11.22 -18.05
C LYS E 353 -33.51 -11.41 -17.05
N GLN E 354 -32.70 -12.43 -17.29
CA GLN E 354 -31.63 -12.76 -16.38
C GLN E 354 -30.57 -11.67 -16.35
N ALA E 355 -30.07 -11.30 -17.53
CA ALA E 355 -29.02 -10.32 -17.67
C ALA E 355 -29.52 -8.98 -17.19
N LEU E 356 -30.70 -8.61 -17.66
CA LEU E 356 -31.26 -7.29 -17.36
C LEU E 356 -31.56 -7.10 -15.87
N ILE E 357 -32.06 -8.14 -15.21
CA ILE E 357 -32.33 -8.07 -13.78
C ILE E 357 -30.99 -8.10 -13.04
N GLY E 358 -30.04 -8.83 -13.60
CA GLY E 358 -28.70 -8.84 -13.04
C GLY E 358 -28.15 -7.42 -12.99
N MET E 359 -28.27 -6.69 -14.09
CA MET E 359 -27.71 -5.36 -14.18
C MET E 359 -28.62 -4.31 -13.58
N ASP E 360 -29.52 -4.74 -12.70
CA ASP E 360 -30.47 -3.82 -12.05
C ASP E 360 -29.70 -2.78 -11.28
N GLY E 361 -30.12 -1.52 -11.41
CA GLY E 361 -29.56 -0.41 -10.66
C GLY E 361 -28.16 -0.04 -11.10
N LEU E 362 -27.65 -0.78 -12.09
CA LEU E 362 -26.29 -0.62 -12.57
C LEU E 362 -25.91 0.80 -12.96
N MET E 363 -26.81 1.57 -13.55
CA MET E 363 -26.36 2.86 -14.00
C MET E 363 -26.39 3.89 -12.87
N ASP E 364 -26.54 3.42 -11.64
CA ASP E 364 -26.33 4.27 -10.50
C ASP E 364 -24.90 4.17 -10.01
N MET E 365 -24.22 3.08 -10.35
CA MET E 365 -22.84 2.84 -9.91
C MET E 365 -21.82 3.00 -11.03
N VAL E 366 -22.33 3.15 -12.24
CA VAL E 366 -21.51 3.15 -13.44
C VAL E 366 -21.98 4.27 -14.38
N GLN E 367 -21.05 5.01 -14.96
CA GLN E 367 -21.43 6.02 -15.95
C GLN E 367 -20.45 6.04 -17.12
N LEU E 368 -20.89 6.49 -18.30
CA LEU E 368 -19.97 6.54 -19.43
C LEU E 368 -18.93 7.66 -19.27
N LYS E 369 -17.73 7.47 -19.80
CA LYS E 369 -16.73 8.53 -19.86
C LYS E 369 -16.87 9.26 -21.20
N ARG E 370 -17.93 10.06 -21.29
CA ARG E 370 -18.25 10.80 -22.49
C ARG E 370 -17.01 11.56 -23.03
N GLU E 371 -16.43 12.44 -22.23
CA GLU E 371 -15.26 13.19 -22.66
C GLU E 371 -14.03 12.28 -22.76
N GLY E 372 -13.69 11.89 -23.97
CA GLY E 372 -12.62 10.92 -24.14
C GLY E 372 -12.75 10.28 -25.49
N VAL E 373 -12.17 9.10 -25.65
CA VAL E 373 -12.22 8.44 -26.96
C VAL E 373 -13.67 8.28 -27.42
N LEU E 374 -14.54 7.95 -26.47
CA LEU E 374 -15.98 7.83 -26.72
C LEU E 374 -16.61 9.10 -27.36
N GLY E 375 -16.45 10.23 -26.70
CA GLY E 375 -17.03 11.46 -27.23
C GLY E 375 -16.47 11.79 -28.59
N ASP E 376 -15.16 11.59 -28.73
CA ASP E 376 -14.44 11.81 -29.98
C ASP E 376 -14.99 10.97 -31.12
N THR E 377 -15.13 9.67 -30.90
CA THR E 377 -15.69 8.80 -31.92
C THR E 377 -17.16 9.13 -32.16
N VAL E 378 -17.87 9.53 -31.10
CA VAL E 378 -19.29 9.84 -31.22
C VAL E 378 -19.47 10.98 -32.22
N ARG E 379 -18.54 11.93 -32.14
CA ARG E 379 -18.52 13.10 -33.00
C ARG E 379 -18.24 12.73 -34.45
N GLU E 380 -17.23 11.89 -34.66
CA GLU E 380 -16.81 11.43 -35.98
C GLU E 380 -18.00 10.80 -36.71
N LEU E 381 -18.63 9.84 -36.05
CA LEU E 381 -19.82 9.16 -36.56
C LEU E 381 -20.96 10.11 -36.93
N LYS E 382 -21.19 11.15 -36.15
CA LYS E 382 -22.23 12.13 -36.48
C LYS E 382 -21.82 12.93 -37.71
N GLU E 383 -20.58 13.36 -37.76
CA GLU E 383 -20.12 14.14 -38.91
C GLU E 383 -20.16 13.29 -40.16
N ARG E 384 -19.75 12.04 -40.05
CA ARG E 384 -19.81 11.12 -41.19
C ARG E 384 -21.25 10.97 -41.71
N ALA E 385 -22.19 10.87 -40.79
CA ALA E 385 -23.57 10.69 -41.16
C ALA E 385 -24.08 11.92 -41.90
N VAL E 386 -23.63 13.09 -41.48
CA VAL E 386 -24.04 14.33 -42.14
C VAL E 386 -23.46 14.49 -43.56
N LEU E 387 -22.18 14.11 -43.75
CA LEU E 387 -21.56 14.14 -45.08
C LEU E 387 -22.30 13.22 -46.03
N PHE E 388 -22.77 12.10 -45.50
CA PHE E 388 -23.55 11.13 -46.26
C PHE E 388 -24.85 11.78 -46.70
N MET E 389 -25.53 12.43 -45.78
CA MET E 389 -26.76 13.13 -46.11
C MET E 389 -26.48 14.20 -47.15
N GLU E 390 -25.41 14.96 -46.96
CA GLU E 390 -25.12 16.09 -47.85
C GLU E 390 -24.91 15.60 -49.28
N GLU E 391 -24.17 14.50 -49.42
CA GLU E 391 -23.88 13.97 -50.74
C GLU E 391 -25.13 13.41 -51.40
N ILE E 392 -26.13 13.04 -50.59
CA ILE E 392 -27.40 12.59 -51.14
C ILE E 392 -28.11 13.72 -51.84
N ILE E 393 -28.23 14.86 -51.15
CA ILE E 393 -28.84 16.05 -51.71
C ILE E 393 -28.06 16.53 -52.93
N GLU E 394 -26.74 16.62 -52.80
CA GLU E 394 -25.89 17.01 -53.91
C GLU E 394 -26.15 16.21 -55.18
N ALA E 395 -26.43 14.91 -55.03
CA ALA E 395 -26.70 14.07 -56.20
C ALA E 395 -28.14 14.24 -56.68
N GLY E 396 -28.85 15.19 -56.07
CA GLY E 396 -30.18 15.52 -56.49
C GLY E 396 -31.30 14.64 -55.98
N GLY E 397 -31.16 14.15 -54.74
CA GLY E 397 -32.28 13.50 -54.06
C GLY E 397 -32.13 12.03 -53.72
N TYR E 398 -33.14 11.48 -53.05
CA TYR E 398 -33.09 10.13 -52.53
C TYR E 398 -33.12 9.09 -53.63
N PHE E 399 -34.15 9.11 -54.47
CA PHE E 399 -34.22 8.18 -55.58
C PHE E 399 -32.90 8.14 -56.34
N ASN E 400 -32.37 9.31 -56.70
CA ASN E 400 -31.11 9.41 -57.46
C ASN E 400 -29.96 8.73 -56.71
N ALA E 401 -29.93 8.95 -55.40
CA ALA E 401 -28.96 8.29 -54.55
C ALA E 401 -29.09 6.75 -54.57
N VAL E 402 -30.30 6.24 -54.72
CA VAL E 402 -30.52 4.77 -54.74
C VAL E 402 -30.12 4.16 -56.07
N GLU E 403 -30.45 4.83 -57.18
CA GLU E 403 -29.99 4.42 -58.51
C GLU E 403 -28.47 4.47 -58.64
N GLN E 404 -27.84 5.34 -57.85
CA GLN E 404 -26.39 5.53 -57.91
C GLN E 404 -25.63 4.62 -56.97
N GLY E 405 -26.33 3.66 -56.40
CA GLY E 405 -25.74 2.66 -55.51
C GLY E 405 -25.10 3.21 -54.24
N PHE E 406 -25.74 4.19 -53.61
CA PHE E 406 -25.23 4.80 -52.38
C PHE E 406 -25.42 3.92 -51.15
N PHE E 407 -26.39 3.01 -51.19
CA PHE E 407 -26.78 2.23 -50.02
C PHE E 407 -26.31 0.76 -50.05
N VAL E 408 -25.94 0.20 -48.89
CA VAL E 408 -25.46 -1.18 -48.85
C VAL E 408 -24.09 -1.32 -49.50
N ASP E 409 -23.33 -0.23 -49.50
CA ASP E 409 -21.96 -0.24 -49.99
C ASP E 409 -21.04 -0.72 -48.88
N SER E 410 -19.99 -1.47 -49.22
CA SER E 410 -19.15 -2.09 -48.20
C SER E 410 -17.98 -1.23 -47.74
N GLY E 411 -18.04 0.07 -48.02
CA GLY E 411 -17.05 1.00 -47.53
C GLY E 411 -17.47 1.70 -46.25
N TYR E 412 -16.51 2.33 -45.59
CA TYR E 412 -16.80 3.11 -44.39
C TYR E 412 -16.93 4.60 -44.74
N TYR E 413 -18.17 5.02 -44.99
CA TYR E 413 -18.45 6.37 -45.48
C TYR E 413 -17.62 7.44 -44.77
N PRO E 414 -17.06 8.37 -45.53
CA PRO E 414 -17.29 8.61 -46.95
C PRO E 414 -16.64 7.61 -47.92
N GLU E 415 -16.02 6.55 -47.43
CA GLU E 415 -15.37 5.60 -48.33
C GLU E 415 -16.39 4.80 -49.15
N ARG E 416 -16.25 4.78 -50.48
CA ARG E 416 -17.19 4.01 -51.30
C ARG E 416 -16.51 2.89 -52.12
N ASN E 417 -16.75 1.64 -51.71
CA ASN E 417 -16.21 0.47 -52.41
C ASN E 417 -16.91 0.22 -53.74
N GLY E 418 -18.12 0.74 -53.89
CA GLY E 418 -18.85 0.66 -55.15
C GLY E 418 -19.60 -0.64 -55.35
N ASP E 419 -20.15 -1.18 -54.27
CA ASP E 419 -20.78 -2.49 -54.32
C ASP E 419 -22.11 -2.57 -53.60
N GLY E 420 -22.76 -1.42 -53.41
CA GLY E 420 -24.10 -1.42 -52.86
C GLY E 420 -25.12 -1.93 -53.87
N ILE E 421 -26.39 -1.96 -53.47
CA ILE E 421 -27.47 -2.43 -54.35
C ILE E 421 -28.10 -1.30 -55.16
N ALA E 422 -27.73 -1.17 -56.43
CA ALA E 422 -28.34 -0.14 -57.26
C ALA E 422 -29.72 -0.58 -57.75
N ARG E 423 -30.74 0.26 -57.52
CA ARG E 423 -32.09 -0.01 -58.04
C ARG E 423 -32.46 1.00 -59.13
N GLN E 424 -33.28 0.59 -60.09
CA GLN E 424 -33.78 1.48 -61.15
C GLN E 424 -35.01 2.27 -60.73
N ILE E 425 -35.04 3.57 -61.03
CA ILE E 425 -36.16 4.44 -60.63
C ILE E 425 -37.51 3.93 -61.14
N ASN E 426 -37.55 3.44 -62.38
CA ASN E 426 -38.77 2.83 -62.88
C ASN E 426 -38.50 1.37 -63.23
N GLY E 427 -37.63 0.75 -62.45
CA GLY E 427 -37.43 -0.68 -62.51
C GLY E 427 -38.06 -1.28 -61.27
N GLY E 428 -38.01 -2.61 -61.16
CA GLY E 428 -38.52 -3.28 -59.97
C GLY E 428 -39.96 -3.74 -60.05
N ILE E 429 -40.33 -4.61 -59.12
CA ILE E 429 -41.69 -5.09 -59.01
C ILE E 429 -42.63 -3.92 -58.72
N GLY E 430 -43.41 -3.53 -59.71
CA GLY E 430 -44.41 -2.49 -59.50
C GLY E 430 -44.17 -1.23 -60.30
N ALA E 431 -43.14 -1.24 -61.13
CA ALA E 431 -42.85 -0.08 -61.95
C ALA E 431 -44.12 0.24 -62.74
N GLY E 432 -44.42 1.53 -62.88
CA GLY E 432 -45.55 1.95 -63.66
C GLY E 432 -46.92 1.56 -63.13
N THR E 433 -47.05 1.53 -61.81
CA THR E 433 -48.36 1.35 -61.20
C THR E 433 -48.72 2.62 -60.47
N VAL E 434 -47.99 3.69 -60.74
CA VAL E 434 -48.25 4.95 -60.07
C VAL E 434 -49.12 5.89 -60.93
N PHE E 435 -50.30 6.22 -60.44
CA PHE E 435 -51.24 7.05 -61.20
C PHE E 435 -51.43 8.43 -60.58
N GLU E 436 -51.55 9.44 -61.45
CA GLU E 436 -51.71 10.82 -61.00
C GLU E 436 -53.13 11.08 -60.53
N ARG E 437 -53.29 11.81 -59.41
CA ARG E 437 -54.62 12.21 -58.92
C ARG E 437 -55.18 13.39 -59.69
N ASP E 438 -56.49 13.37 -59.94
CA ASP E 438 -57.17 14.45 -60.65
C ASP E 438 -57.86 15.38 -59.63
N GLU E 439 -58.28 16.56 -60.09
CA GLU E 439 -58.88 17.55 -59.19
C GLU E 439 -60.06 16.98 -58.46
N ASP E 440 -60.72 16.02 -59.08
CA ASP E 440 -61.90 15.39 -58.50
C ASP E 440 -61.62 14.02 -57.86
N TYR E 441 -60.36 13.72 -57.57
CA TYR E 441 -60.04 12.48 -56.90
C TYR E 441 -60.74 12.44 -55.54
N MET E 442 -61.26 11.28 -55.15
CA MET E 442 -61.90 11.21 -53.84
C MET E 442 -61.92 9.80 -53.20
N ALA E 443 -61.58 9.73 -51.92
CA ALA E 443 -61.73 8.52 -51.13
C ALA E 443 -62.59 8.81 -49.91
N PRO E 444 -63.76 8.17 -49.81
CA PRO E 444 -64.72 8.40 -48.72
C PRO E 444 -64.41 7.58 -47.45
N VAL E 445 -63.14 7.47 -47.09
CA VAL E 445 -62.73 6.64 -45.96
C VAL E 445 -61.84 7.45 -45.02
N THR E 446 -61.70 6.95 -43.80
CA THR E 446 -60.92 7.62 -42.76
C THR E 446 -59.48 7.16 -42.84
N ALA E 447 -58.57 7.99 -42.33
CA ALA E 447 -57.13 7.72 -42.34
C ALA E 447 -56.53 7.63 -43.75
N HIS E 448 -56.81 8.63 -44.59
CA HIS E 448 -56.25 8.71 -45.93
C HIS E 448 -55.25 9.87 -45.96
N PHE E 449 -54.14 9.71 -46.69
CA PHE E 449 -53.04 10.68 -46.62
C PHE E 449 -53.08 11.77 -47.69
N GLY E 450 -53.26 11.37 -48.94
CA GLY E 450 -53.13 12.26 -50.08
C GLY E 450 -54.33 13.15 -50.43
N TYR E 451 -54.16 13.97 -51.45
CA TYR E 451 -55.17 14.92 -51.89
C TYR E 451 -56.56 14.33 -52.03
N ASN E 452 -57.39 14.54 -51.02
CA ASN E 452 -58.75 14.04 -51.06
C ASN E 452 -59.73 15.19 -51.36
N ASN E 453 -60.55 15.03 -52.38
CA ASN E 453 -61.50 16.08 -52.74
C ASN E 453 -62.94 15.82 -52.30
N VAL E 454 -63.25 16.27 -51.09
CA VAL E 454 -64.56 16.09 -50.49
C VAL E 454 -65.41 17.37 -50.63
N LYS E 455 -64.76 18.52 -50.55
CA LYS E 455 -65.39 19.81 -50.84
C LYS E 455 -66.44 19.72 -51.95
N GLN E 456 -66.12 18.98 -53.02
CA GLN E 456 -67.00 18.89 -54.18
C GLN E 456 -68.28 18.15 -53.85
N TYR E 457 -68.44 17.80 -52.56
CA TYR E 457 -69.59 17.02 -52.09
C TYR E 457 -70.19 17.58 -50.80
N ASP E 458 -69.39 18.38 -50.08
CA ASP E 458 -69.83 18.96 -48.82
C ASP E 458 -68.62 19.55 -48.07
N GLU E 459 -68.50 20.87 -48.07
CA GLU E 459 -67.47 21.55 -47.29
C GLU E 459 -67.42 21.00 -45.87
N ALA E 460 -68.59 20.66 -45.34
CA ALA E 460 -68.73 20.27 -43.95
C ALA E 460 -68.06 18.95 -43.59
N LEU E 461 -67.64 18.19 -44.60
CA LEU E 461 -67.08 16.86 -44.36
C LEU E 461 -65.59 16.75 -44.68
N VAL E 462 -64.96 17.91 -44.86
CA VAL E 462 -63.51 18.00 -45.02
C VAL E 462 -62.85 16.97 -44.12
N SER E 463 -63.04 17.15 -42.82
CA SER E 463 -62.25 16.47 -41.81
C SER E 463 -62.80 15.11 -41.40
N GLU E 464 -63.78 14.59 -42.13
CA GLU E 464 -64.33 13.26 -41.85
C GLU E 464 -64.92 12.60 -43.08
N PRO E 465 -64.08 12.33 -44.10
CA PRO E 465 -64.60 11.78 -45.36
C PRO E 465 -65.43 10.53 -45.14
N SER E 466 -65.30 9.90 -43.99
CA SER E 466 -66.10 8.71 -43.68
C SER E 466 -67.60 8.99 -43.62
N LYS E 467 -67.99 10.17 -43.15
CA LYS E 467 -69.41 10.51 -43.06
C LYS E 467 -70.12 10.50 -44.42
N LEU E 468 -69.34 10.51 -45.49
CA LEU E 468 -69.88 10.36 -46.85
C LEU E 468 -70.67 9.07 -46.96
N ILE E 469 -70.22 8.05 -46.25
CA ILE E 469 -70.75 6.71 -46.42
C ILE E 469 -71.19 6.15 -45.08
N ASP E 470 -71.50 7.03 -44.15
CA ASP E 470 -71.97 6.62 -42.83
C ASP E 470 -70.94 5.73 -42.15
N GLY E 471 -69.68 6.17 -42.23
CA GLY E 471 -68.57 5.46 -41.62
C GLY E 471 -67.95 4.37 -42.47
N CYS E 472 -66.65 4.16 -42.29
CA CYS E 472 -65.94 3.09 -42.96
C CYS E 472 -65.64 1.97 -41.99
N THR E 473 -65.06 0.88 -42.49
CA THR E 473 -64.79 -0.28 -41.65
C THR E 473 -64.05 0.07 -40.35
N LEU E 474 -63.36 1.21 -40.34
CA LEU E 474 -62.66 1.65 -39.14
C LEU E 474 -63.65 2.13 -38.06
N GLU E 475 -64.69 2.85 -38.48
CA GLU E 475 -65.72 3.32 -37.55
C GLU E 475 -66.81 2.27 -37.35
N VAL E 476 -67.08 1.50 -38.40
CA VAL E 476 -68.17 0.53 -38.37
C VAL E 476 -67.66 -0.89 -38.69
N PRO E 477 -67.17 -1.60 -37.66
CA PRO E 477 -66.54 -2.91 -37.82
C PRO E 477 -67.40 -3.86 -38.63
N GLU E 478 -68.71 -3.68 -38.61
CA GLU E 478 -69.61 -4.64 -39.22
C GLU E 478 -69.47 -4.65 -40.74
N LYS E 479 -69.01 -3.53 -41.30
CA LYS E 479 -68.81 -3.46 -42.74
C LYS E 479 -67.71 -4.40 -43.23
N ILE E 480 -66.92 -4.94 -42.29
CA ILE E 480 -65.78 -5.79 -42.61
C ILE E 480 -66.17 -7.14 -43.17
N VAL E 481 -65.69 -7.41 -44.38
CA VAL E 481 -65.96 -8.69 -45.02
C VAL E 481 -64.99 -9.72 -44.50
N TYR E 482 -65.50 -10.72 -43.79
CA TYR E 482 -64.67 -11.83 -43.31
C TYR E 482 -64.61 -12.94 -44.37
N ILE E 483 -63.42 -13.49 -44.58
CA ILE E 483 -63.26 -14.64 -45.48
C ILE E 483 -62.58 -15.79 -44.78
N ASP E 484 -63.14 -16.98 -44.90
CA ASP E 484 -62.67 -18.13 -44.13
C ASP E 484 -61.57 -18.94 -44.82
N GLU E 485 -61.86 -19.48 -46.01
CA GLU E 485 -60.88 -20.30 -46.72
C GLU E 485 -60.95 -20.11 -48.21
N LEU E 486 -59.85 -20.34 -48.92
CA LEU E 486 -59.88 -20.32 -50.38
C LEU E 486 -59.27 -21.58 -51.00
N ASP E 487 -58.61 -22.39 -50.17
CA ASP E 487 -58.14 -23.72 -50.59
C ASP E 487 -58.74 -24.76 -49.63
N GLU E 488 -59.16 -25.90 -50.18
CA GLU E 488 -59.91 -26.88 -49.40
C GLU E 488 -59.07 -28.08 -48.95
N ASN E 489 -57.84 -28.16 -49.46
CA ASN E 489 -56.89 -29.23 -49.12
C ASN E 489 -55.79 -28.73 -48.17
N ASP E 490 -55.33 -27.51 -48.44
CA ASP E 490 -54.30 -26.85 -47.63
C ASP E 490 -54.90 -25.80 -46.70
N ASN E 491 -55.32 -26.24 -45.51
CA ASN E 491 -55.86 -25.32 -44.52
C ASN E 491 -55.82 -25.91 -43.12
N VAL E 492 -55.88 -25.03 -42.12
CA VAL E 492 -55.59 -25.41 -40.75
C VAL E 492 -56.47 -26.55 -40.24
N ASN E 493 -57.69 -26.62 -40.75
CA ASN E 493 -58.64 -27.66 -40.34
C ASN E 493 -58.25 -29.05 -40.84
N VAL E 494 -57.71 -29.10 -42.06
CA VAL E 494 -57.17 -30.32 -42.63
C VAL E 494 -55.90 -30.75 -41.89
N ARG E 495 -55.07 -29.77 -41.53
CA ARG E 495 -53.82 -30.05 -40.83
C ARG E 495 -54.09 -30.62 -39.44
N MET E 496 -55.08 -30.04 -38.77
CA MET E 496 -55.50 -30.49 -37.45
C MET E 496 -55.93 -31.95 -37.45
N GLU E 497 -56.78 -32.31 -38.41
CA GLU E 497 -57.15 -33.70 -38.62
C GLU E 497 -55.92 -34.61 -38.62
N GLU E 498 -54.90 -34.21 -39.39
CA GLU E 498 -53.72 -35.05 -39.63
C GLU E 498 -52.99 -35.53 -38.36
N THR E 499 -53.21 -34.84 -37.22
CA THR E 499 -52.64 -35.27 -35.93
C THR E 499 -53.68 -35.20 -34.80
N LYS E 500 -54.92 -35.55 -35.12
CA LYS E 500 -55.97 -35.64 -34.11
C LYS E 500 -55.57 -36.66 -33.04
N GLU E 501 -54.83 -37.69 -33.49
CA GLU E 501 -54.29 -38.74 -32.64
C GLU E 501 -53.81 -38.22 -31.27
N PHE E 502 -52.91 -37.24 -31.32
CA PHE E 502 -52.27 -36.71 -30.11
C PHE E 502 -53.04 -35.57 -29.43
N ARG E 503 -54.35 -35.70 -29.34
CA ARG E 503 -55.16 -34.68 -28.67
C ARG E 503 -56.28 -35.29 -27.82
N SER E 506 -54.17 -39.61 -26.25
CA SER E 506 -53.17 -39.43 -25.21
C SER E 506 -51.90 -40.29 -25.43
N MET E 507 -51.47 -40.37 -26.68
CA MET E 507 -50.12 -40.84 -26.98
C MET E 507 -49.23 -39.61 -27.22
N ILE E 508 -47.98 -39.67 -26.79
CA ILE E 508 -47.11 -38.49 -26.82
C ILE E 508 -45.78 -38.76 -27.50
N LYS E 509 -45.29 -37.79 -28.25
CA LYS E 509 -43.93 -37.81 -28.77
C LYS E 509 -43.30 -36.41 -28.73
N PRO E 510 -41.98 -36.36 -28.67
CA PRO E 510 -41.24 -35.10 -28.57
C PRO E 510 -41.55 -34.20 -29.74
N GLU E 511 -41.32 -32.91 -29.59
CA GLU E 511 -41.49 -31.97 -30.70
C GLU E 511 -40.61 -30.72 -30.53
N VAL E 512 -40.27 -30.06 -31.65
CA VAL E 512 -39.48 -28.83 -31.61
C VAL E 512 -40.28 -27.62 -32.10
N GLU E 513 -41.10 -27.82 -33.13
CA GLU E 513 -41.94 -26.73 -33.62
C GLU E 513 -43.43 -27.12 -33.82
N TRP E 514 -43.71 -28.08 -34.70
CA TRP E 514 -45.09 -28.53 -34.95
C TRP E 514 -45.49 -29.74 -34.09
N GLN E 515 -46.78 -29.94 -33.87
CA GLN E 515 -47.26 -31.03 -33.01
C GLN E 515 -46.75 -32.39 -33.47
N ALA E 516 -46.22 -33.17 -32.53
CA ALA E 516 -45.74 -34.51 -32.82
C ALA E 516 -44.73 -34.63 -33.96
N ASP E 517 -43.95 -33.59 -34.23
CA ASP E 517 -42.89 -33.69 -35.25
C ASP E 517 -41.78 -34.68 -34.85
N GLY E 518 -41.72 -35.00 -33.56
CA GLY E 518 -40.86 -36.05 -33.01
C GLY E 518 -39.36 -35.86 -33.09
N THR E 519 -38.89 -34.65 -32.88
CA THR E 519 -37.49 -34.34 -33.08
C THR E 519 -36.77 -34.14 -31.74
N VAL E 520 -35.52 -34.59 -31.67
CA VAL E 520 -34.72 -34.38 -30.47
C VAL E 520 -33.29 -33.99 -30.84
N LEU E 521 -32.60 -33.33 -29.92
CA LEU E 521 -31.20 -32.96 -30.12
C LEU E 521 -30.32 -34.03 -29.49
N LEU E 522 -29.23 -34.38 -30.16
CA LEU E 522 -28.29 -35.37 -29.62
C LEU E 522 -26.89 -34.79 -29.54
N THR E 523 -26.37 -34.61 -28.33
CA THR E 523 -25.03 -34.08 -28.15
C THR E 523 -24.10 -35.16 -27.64
N MET E 524 -22.93 -35.27 -28.28
CA MET E 524 -21.91 -36.21 -27.85
C MET E 524 -20.51 -35.64 -28.07
N PHE E 525 -19.51 -36.28 -27.45
CA PHE E 525 -18.12 -35.96 -27.79
C PHE E 525 -17.44 -37.20 -28.35
N LEU E 526 -16.72 -37.06 -29.45
CA LEU E 526 -16.04 -38.21 -30.05
C LEU E 526 -14.50 -38.02 -30.15
N PRO E 527 -13.73 -39.06 -29.77
CA PRO E 527 -12.27 -38.98 -29.64
C PRO E 527 -11.50 -38.98 -30.96
N THR E 528 -11.88 -38.13 -31.91
CA THR E 528 -11.25 -38.13 -33.24
C THR E 528 -11.41 -36.79 -33.98
N SER E 529 -10.87 -36.69 -35.20
CA SER E 529 -10.85 -35.43 -35.97
C SER E 529 -12.25 -35.04 -36.46
N LYS E 530 -12.47 -33.77 -36.78
CA LYS E 530 -13.84 -33.27 -37.06
C LYS E 530 -14.68 -34.14 -38.04
N ARG E 531 -14.14 -34.41 -39.22
CA ARG E 531 -14.86 -35.09 -40.29
C ARG E 531 -15.25 -36.52 -39.97
N VAL E 532 -14.32 -37.27 -39.41
CA VAL E 532 -14.55 -38.67 -39.10
C VAL E 532 -15.53 -38.83 -37.94
N ALA E 533 -15.69 -37.78 -37.14
CA ALA E 533 -16.53 -37.85 -35.95
C ALA E 533 -17.94 -37.51 -36.33
N GLU E 534 -18.05 -36.70 -37.38
CA GLU E 534 -19.34 -36.32 -37.93
C GLU E 534 -20.04 -37.59 -38.41
N PHE E 535 -19.41 -38.29 -39.36
CA PHE E 535 -20.00 -39.51 -39.92
C PHE E 535 -20.11 -40.60 -38.88
N ALA E 536 -19.26 -40.55 -37.88
CA ALA E 536 -19.38 -41.48 -36.76
C ALA E 536 -20.62 -41.14 -35.93
N ALA E 537 -20.77 -39.88 -35.56
CA ALA E 537 -21.91 -39.41 -34.77
C ALA E 537 -23.22 -39.76 -35.47
N ILE E 538 -23.21 -39.62 -36.80
CA ILE E 538 -24.35 -40.04 -37.61
C ILE E 538 -24.78 -41.49 -37.36
N GLU E 539 -23.89 -42.45 -37.63
CA GLU E 539 -24.20 -43.87 -37.41
C GLU E 539 -24.72 -44.15 -36.01
N PHE E 540 -24.04 -43.62 -35.01
CA PHE E 540 -24.51 -43.77 -33.65
C PHE E 540 -25.98 -43.38 -33.54
N ALA E 541 -26.31 -42.22 -34.10
CA ALA E 541 -27.68 -41.71 -34.07
C ALA E 541 -28.65 -42.69 -34.74
N LYS E 542 -28.27 -43.21 -35.90
CA LYS E 542 -29.07 -44.23 -36.61
C LYS E 542 -29.29 -45.45 -35.73
N LYS E 543 -28.19 -46.00 -35.21
CA LYS E 543 -28.25 -47.18 -34.34
C LYS E 543 -29.13 -46.96 -33.11
N MET E 544 -29.57 -45.72 -32.89
CA MET E 544 -30.52 -45.42 -31.82
C MET E 544 -31.87 -45.09 -32.44
N ASN E 545 -32.11 -45.62 -33.63
CA ASN E 545 -33.42 -45.52 -34.26
C ASN E 545 -33.78 -44.11 -34.68
N LEU E 546 -32.80 -43.34 -35.13
CA LEU E 546 -33.10 -41.96 -35.50
C LEU E 546 -33.27 -41.82 -37.00
N GLU E 547 -34.44 -41.32 -37.39
CA GLU E 547 -34.71 -41.07 -38.78
C GLU E 547 -34.29 -39.63 -39.03
N GLU E 548 -33.86 -39.37 -40.27
CA GLU E 548 -33.52 -38.02 -40.73
C GLU E 548 -32.46 -37.37 -39.84
N VAL E 549 -31.25 -37.91 -39.91
CA VAL E 549 -30.17 -37.44 -39.06
C VAL E 549 -29.39 -36.30 -39.74
N GLU E 550 -29.38 -35.13 -39.12
CA GLU E 550 -28.54 -34.02 -39.59
C GLU E 550 -27.56 -33.64 -38.49
N VAL E 551 -26.28 -33.57 -38.84
CA VAL E 551 -25.29 -32.97 -37.95
C VAL E 551 -25.40 -31.42 -38.02
N ILE E 552 -25.89 -30.80 -36.95
CA ILE E 552 -26.14 -29.37 -37.01
C ILE E 552 -25.09 -28.48 -36.35
N ASN E 553 -24.14 -29.08 -35.65
CA ASN E 553 -23.08 -28.31 -34.98
C ASN E 553 -21.86 -29.16 -34.77
N ARG E 554 -20.69 -28.61 -35.11
CA ARG E 554 -19.39 -29.23 -34.83
C ARG E 554 -18.43 -28.21 -34.24
N GLU E 555 -17.96 -28.46 -33.02
CA GLU E 555 -16.84 -27.68 -32.46
C GLU E 555 -15.63 -28.59 -32.19
N VAL E 556 -14.45 -28.18 -32.67
CA VAL E 556 -13.21 -28.87 -32.37
C VAL E 556 -12.75 -28.63 -30.93
N MET E 557 -12.59 -29.67 -30.12
CA MET E 557 -11.99 -29.51 -28.81
C MET E 557 -10.47 -29.43 -28.94
N GLN E 558 -9.92 -30.34 -29.74
CA GLN E 558 -8.57 -30.23 -30.31
C GLN E 558 -8.54 -31.14 -31.52
N GLU E 559 -7.74 -30.80 -32.52
CA GLU E 559 -7.77 -31.53 -33.80
C GLU E 559 -7.74 -33.05 -33.63
N ALA E 560 -6.76 -33.52 -32.86
CA ALA E 560 -6.52 -34.95 -32.72
C ALA E 560 -7.18 -35.53 -31.48
N GLU E 561 -7.41 -34.72 -30.45
CA GLU E 561 -7.95 -35.26 -29.20
C GLU E 561 -9.44 -35.61 -29.24
N GLY E 562 -10.22 -34.89 -30.02
CA GLY E 562 -11.64 -35.13 -30.00
C GLY E 562 -12.46 -33.97 -30.50
N THR E 563 -13.74 -34.23 -30.72
CA THR E 563 -14.62 -33.31 -31.42
C THR E 563 -16.02 -33.44 -30.83
N ARG E 564 -16.66 -32.30 -30.63
CA ARG E 564 -18.02 -32.23 -30.12
C ARG E 564 -18.99 -32.24 -31.29
N ILE E 565 -19.97 -33.14 -31.26
CA ILE E 565 -20.99 -33.17 -32.30
C ILE E 565 -22.38 -32.97 -31.72
N GLU E 566 -23.18 -32.15 -32.40
CA GLU E 566 -24.58 -32.03 -32.06
C GLU E 566 -25.39 -32.31 -33.31
N LEU E 567 -26.46 -33.09 -33.15
CA LEU E 567 -27.32 -33.43 -34.28
C LEU E 567 -28.77 -33.63 -33.87
N LYS E 568 -29.66 -33.30 -34.80
CA LYS E 568 -31.09 -33.57 -34.64
C LYS E 568 -31.53 -34.79 -35.47
N GLY E 569 -32.66 -35.37 -35.09
CA GLY E 569 -33.20 -36.52 -35.76
C GLY E 569 -34.58 -36.81 -35.21
N ARG E 570 -35.33 -37.64 -35.91
CA ARG E 570 -36.73 -37.90 -35.57
C ARG E 570 -36.92 -39.28 -34.95
N VAL E 571 -37.62 -39.29 -33.82
CA VAL E 571 -37.99 -40.50 -33.11
C VAL E 571 -39.29 -41.09 -33.68
N PRO E 572 -39.20 -42.30 -34.26
CA PRO E 572 -40.31 -42.92 -35.02
C PRO E 572 -41.41 -43.52 -34.14
N PHE E 573 -41.27 -43.45 -32.82
CA PHE E 573 -42.26 -44.06 -31.93
C PHE E 573 -42.95 -43.08 -31.00
N SER E 574 -43.97 -43.58 -30.29
CA SER E 574 -44.78 -42.77 -29.39
C SER E 574 -44.90 -43.46 -28.03
N ILE E 575 -45.46 -42.77 -27.05
CA ILE E 575 -45.57 -43.34 -25.71
C ILE E 575 -46.97 -43.13 -25.11
N ASP E 576 -47.60 -44.22 -24.72
CA ASP E 576 -48.89 -44.13 -24.06
C ASP E 576 -48.66 -43.70 -22.61
N ILE E 577 -49.08 -42.49 -22.27
CA ILE E 577 -48.95 -41.98 -20.90
C ILE E 577 -49.46 -43.01 -19.89
N ASN E 578 -50.37 -43.88 -20.33
CA ASN E 578 -50.95 -44.95 -19.50
C ASN E 578 -49.96 -46.08 -19.24
N SER E 579 -49.24 -46.48 -20.29
CA SER E 579 -48.20 -47.50 -20.19
C SER E 579 -47.06 -47.05 -19.28
N LEU E 580 -47.13 -45.80 -18.81
CA LEU E 580 -46.08 -45.28 -17.95
C LEU E 580 -46.32 -45.68 -16.52
N VAL E 581 -45.32 -46.35 -15.95
CA VAL E 581 -45.35 -46.74 -14.54
C VAL E 581 -44.62 -45.71 -13.69
N ILE E 582 -45.38 -44.75 -13.18
CA ILE E 582 -44.83 -43.67 -12.39
C ILE E 582 -45.15 -43.89 -10.90
N PRO E 583 -44.12 -43.98 -10.08
CA PRO E 583 -44.34 -44.14 -8.64
C PRO E 583 -44.78 -42.79 -8.07
N PRO E 584 -45.14 -42.76 -6.77
CA PRO E 584 -45.37 -41.50 -6.03
C PRO E 584 -44.19 -40.52 -6.13
N ILE E 588 -39.05 -37.01 0.95
CA ILE E 588 -38.12 -35.88 0.93
C ILE E 588 -38.18 -35.04 2.21
N LEU E 589 -37.08 -35.01 2.96
CA LEU E 589 -36.92 -34.03 4.02
C LEU E 589 -35.90 -32.98 3.55
N SER E 590 -36.28 -31.72 3.61
CA SER E 590 -35.37 -30.65 3.19
C SER E 590 -34.25 -30.49 4.22
N GLU E 591 -33.12 -29.96 3.79
CA GLU E 591 -32.04 -29.68 4.71
C GLU E 591 -32.60 -28.87 5.89
N ASP E 592 -33.54 -27.98 5.61
CA ASP E 592 -34.15 -27.16 6.64
C ASP E 592 -35.01 -27.96 7.62
N GLU E 593 -35.75 -28.94 7.11
CA GLU E 593 -36.60 -29.78 7.97
C GLU E 593 -35.78 -30.77 8.82
N ILE E 594 -34.62 -31.19 8.32
CA ILE E 594 -33.70 -32.03 9.08
C ILE E 594 -33.07 -31.23 10.21
N ARG E 595 -32.66 -30.00 9.91
CA ARG E 595 -31.98 -29.17 10.91
C ARG E 595 -32.92 -28.80 12.04
N GLU E 596 -34.21 -28.63 11.72
CA GLU E 596 -35.21 -28.26 12.72
C GLU E 596 -35.45 -29.42 13.68
N ASP E 597 -35.45 -30.65 13.18
CA ASP E 597 -35.67 -31.80 14.03
C ASP E 597 -34.57 -31.88 15.08
N ILE E 598 -33.38 -31.43 14.67
CA ILE E 598 -32.14 -31.57 15.45
C ILE E 598 -31.85 -30.41 16.43
N GLU E 599 -32.32 -29.20 16.09
CA GLU E 599 -32.28 -28.05 16.99
C GLU E 599 -33.27 -28.22 18.14
N LYS E 600 -34.51 -28.61 17.79
CA LYS E 600 -35.58 -28.81 18.77
C LYS E 600 -35.36 -30.07 19.63
N THR E 601 -34.85 -31.13 19.00
CA THR E 601 -34.51 -32.38 19.70
C THR E 601 -33.05 -32.77 19.36
N PRO E 602 -32.10 -32.40 20.23
CA PRO E 602 -30.66 -32.61 19.97
C PRO E 602 -30.23 -34.06 19.83
N LEU E 603 -29.14 -34.26 19.08
CA LEU E 603 -28.78 -35.56 18.52
C LEU E 603 -27.28 -35.78 18.67
N LYS E 604 -26.89 -36.84 19.37
CA LYS E 604 -25.49 -37.03 19.74
C LYS E 604 -24.98 -38.41 19.31
N ILE E 605 -23.83 -38.43 18.65
CA ILE E 605 -23.31 -39.62 17.99
C ILE E 605 -21.93 -39.93 18.56
N VAL E 606 -21.56 -41.20 18.64
CA VAL E 606 -20.15 -41.57 18.70
C VAL E 606 -19.84 -42.29 17.38
N ALA E 607 -18.68 -42.02 16.79
CA ALA E 607 -18.35 -42.60 15.50
C ALA E 607 -16.89 -43.03 15.44
N ALA E 608 -16.62 -44.11 14.71
CA ALA E 608 -15.27 -44.65 14.63
C ALA E 608 -15.06 -45.51 13.39
N THR E 609 -13.81 -45.61 12.94
CA THR E 609 -13.42 -46.67 12.03
C THR E 609 -12.95 -47.86 12.88
N VAL E 610 -13.62 -48.99 12.69
CA VAL E 610 -13.69 -50.08 13.67
C VAL E 610 -12.82 -51.31 13.35
N GLY E 611 -12.28 -51.95 14.39
CA GLY E 611 -11.54 -53.18 14.22
C GLY E 611 -10.05 -52.91 14.20
N GLU E 612 -9.37 -53.35 13.14
CA GLU E 612 -7.97 -53.01 12.96
C GLU E 612 -7.79 -52.11 11.74
N ASP E 613 -8.92 -51.65 11.20
CA ASP E 613 -8.95 -50.77 10.03
C ASP E 613 -8.29 -49.40 10.25
N GLU E 614 -7.44 -48.99 9.33
CA GLU E 614 -6.74 -47.70 9.44
C GLU E 614 -7.32 -46.67 8.48
N HIS E 615 -8.30 -47.10 7.67
CA HIS E 615 -8.97 -46.22 6.71
C HIS E 615 -9.97 -45.30 7.44
N SER E 616 -9.74 -43.99 7.38
CA SER E 616 -10.59 -43.04 8.13
C SER E 616 -11.33 -42.03 7.25
N VAL E 617 -10.77 -41.75 6.09
CA VAL E 617 -11.31 -40.76 5.16
C VAL E 617 -12.83 -40.87 4.90
N GLY E 618 -13.29 -42.09 4.60
CA GLY E 618 -14.69 -42.36 4.33
C GLY E 618 -15.68 -41.87 5.40
N LEU E 619 -15.50 -42.32 6.64
CA LEU E 619 -16.37 -41.89 7.74
C LEU E 619 -16.38 -40.37 7.90
N ARG E 620 -15.20 -39.76 7.88
CA ARG E 620 -15.11 -38.31 8.00
C ARG E 620 -15.84 -37.64 6.83
N GLU E 621 -15.86 -38.28 5.66
CA GLU E 621 -16.51 -37.68 4.48
C GLU E 621 -18.00 -37.47 4.66
N VAL E 622 -18.59 -38.12 5.65
CA VAL E 622 -20.00 -37.90 5.92
C VAL E 622 -20.21 -37.22 7.27
N ILE E 623 -19.12 -36.70 7.84
CA ILE E 623 -19.19 -35.88 9.05
C ILE E 623 -18.90 -34.41 8.74
N ASP E 624 -17.68 -34.14 8.30
CA ASP E 624 -17.24 -32.77 8.00
C ASP E 624 -18.29 -31.99 7.22
N ILE E 625 -18.37 -30.69 7.48
CA ILE E 625 -19.32 -29.82 6.82
C ILE E 625 -18.93 -29.55 5.36
N LYS E 626 -17.69 -29.86 5.02
CA LYS E 626 -17.18 -29.67 3.65
C LYS E 626 -18.14 -30.20 2.56
N HIS E 627 -18.36 -31.51 2.50
CA HIS E 627 -19.23 -32.06 1.47
C HIS E 627 -20.58 -32.52 1.98
N GLY E 628 -21.09 -31.84 2.99
CA GLY E 628 -22.41 -32.11 3.49
C GLY E 628 -22.51 -33.21 4.54
N GLY E 629 -21.41 -33.50 5.23
CA GLY E 629 -21.45 -34.46 6.31
C GLY E 629 -22.41 -33.97 7.37
N ILE E 630 -22.86 -34.88 8.25
CA ILE E 630 -23.98 -34.61 9.16
C ILE E 630 -23.81 -33.41 10.11
N GLU E 631 -22.57 -33.12 10.50
CA GLU E 631 -22.29 -31.88 11.20
C GLU E 631 -23.27 -30.78 10.82
N LYS E 632 -23.37 -30.54 9.52
CA LYS E 632 -24.19 -29.50 8.94
C LYS E 632 -25.52 -29.27 9.68
N TYR E 633 -26.26 -30.37 9.89
CA TYR E 633 -27.60 -30.33 10.46
C TYR E 633 -27.64 -30.19 11.97
N GLY E 634 -26.48 -30.20 12.62
CA GLY E 634 -26.41 -29.92 14.04
C GLY E 634 -26.16 -31.13 14.92
N VAL E 635 -25.76 -32.23 14.29
CA VAL E 635 -25.45 -33.44 15.03
C VAL E 635 -24.19 -33.26 15.86
N GLU E 636 -24.21 -33.77 17.08
CA GLU E 636 -23.04 -33.73 17.94
C GLU E 636 -22.18 -34.98 17.73
N VAL E 637 -21.00 -34.81 17.14
CA VAL E 637 -20.19 -35.99 16.79
C VAL E 637 -18.97 -36.22 17.68
N HIS E 638 -18.95 -37.34 18.38
CA HIS E 638 -17.80 -37.71 19.18
C HIS E 638 -17.00 -38.72 18.41
N TYR E 639 -15.98 -38.25 17.70
CA TYR E 639 -15.23 -39.13 16.83
C TYR E 639 -14.04 -39.72 17.60
N LEU E 640 -13.90 -41.04 17.52
CA LEU E 640 -12.92 -41.75 18.34
C LEU E 640 -11.73 -42.24 17.49
N GLY E 641 -11.70 -41.86 16.22
CA GLY E 641 -10.58 -42.20 15.39
C GLY E 641 -10.66 -43.58 14.76
N THR E 642 -9.51 -44.17 14.44
CA THR E 642 -9.49 -45.47 13.77
C THR E 642 -8.87 -46.60 14.61
N SER E 643 -8.85 -47.79 14.03
CA SER E 643 -8.45 -49.02 14.72
C SER E 643 -9.13 -49.20 16.07
N VAL E 644 -10.30 -48.60 16.23
CA VAL E 644 -11.04 -48.68 17.48
C VAL E 644 -11.66 -50.07 17.64
N PRO E 645 -11.26 -50.77 18.72
CA PRO E 645 -11.90 -52.08 18.97
C PRO E 645 -13.40 -51.89 19.18
N VAL E 646 -14.16 -52.94 18.88
CA VAL E 646 -15.59 -52.82 18.77
C VAL E 646 -16.32 -52.52 20.09
N GLU E 647 -15.89 -53.12 21.20
CA GLU E 647 -16.49 -52.83 22.49
C GLU E 647 -16.06 -51.45 23.01
N LYS E 648 -14.91 -50.98 22.56
CA LYS E 648 -14.45 -49.63 22.88
C LYS E 648 -15.49 -48.62 22.41
N LEU E 649 -16.20 -48.97 21.35
CA LEU E 649 -17.18 -48.08 20.74
C LEU E 649 -18.49 -48.10 21.52
N VAL E 650 -18.90 -49.29 21.96
CA VAL E 650 -20.12 -49.43 22.73
C VAL E 650 -19.96 -48.85 24.15
N ASP E 651 -18.82 -49.11 24.78
CA ASP E 651 -18.51 -48.51 26.08
C ASP E 651 -18.37 -46.98 25.97
N ALA E 652 -18.25 -46.49 24.75
CA ALA E 652 -18.22 -45.06 24.48
C ALA E 652 -19.64 -44.53 24.34
N ALA E 653 -20.46 -45.26 23.58
CA ALA E 653 -21.86 -44.89 23.41
C ALA E 653 -22.60 -44.88 24.74
N ILE E 654 -22.22 -45.79 25.66
CA ILE E 654 -22.85 -45.80 26.98
C ILE E 654 -22.29 -44.71 27.88
N GLU E 655 -20.97 -44.61 27.98
CA GLU E 655 -20.35 -43.57 28.81
C GLU E 655 -20.83 -42.13 28.48
N LEU E 656 -21.14 -41.87 27.21
CA LEU E 656 -21.55 -40.55 26.77
C LEU E 656 -23.04 -40.47 26.48
N LYS E 657 -23.77 -41.52 26.84
CA LYS E 657 -25.18 -41.68 26.47
C LYS E 657 -25.52 -41.15 25.07
N ALA E 658 -24.91 -41.75 24.07
CA ALA E 658 -25.11 -41.37 22.68
C ALA E 658 -26.45 -41.87 22.13
N ASP E 659 -27.02 -41.11 21.20
CA ASP E 659 -28.29 -41.46 20.58
C ASP E 659 -28.10 -42.61 19.57
N ALA E 660 -26.95 -42.63 18.90
CA ALA E 660 -26.64 -43.63 17.88
C ALA E 660 -25.14 -43.89 17.75
N ILE E 661 -24.78 -45.08 17.26
CA ILE E 661 -23.39 -45.46 16.94
C ILE E 661 -23.15 -45.46 15.43
N LEU E 662 -22.03 -44.89 14.95
CA LEU E 662 -21.68 -44.95 13.53
C LEU E 662 -20.30 -45.53 13.25
N ALA E 663 -20.27 -46.66 12.54
CA ALA E 663 -19.02 -47.39 12.30
C ALA E 663 -18.69 -47.52 10.83
N SER E 664 -17.46 -47.15 10.48
CA SER E 664 -16.94 -47.31 9.12
C SER E 664 -16.21 -48.63 9.06
N THR E 665 -16.25 -49.26 7.89
CA THR E 665 -15.79 -50.63 7.78
C THR E 665 -15.26 -50.83 6.35
N ILE E 666 -14.03 -50.39 6.11
CA ILE E 666 -13.50 -50.32 4.74
C ILE E 666 -13.04 -51.68 4.24
N ILE E 667 -11.83 -52.07 4.63
CA ILE E 667 -11.34 -53.44 4.49
C ILE E 667 -12.47 -54.48 4.58
N SER E 668 -12.50 -55.41 3.64
CA SER E 668 -13.59 -56.38 3.61
C SER E 668 -13.12 -57.83 3.63
N HIS E 669 -11.80 -58.04 3.71
CA HIS E 669 -11.26 -59.39 3.58
C HIS E 669 -11.84 -60.37 4.61
N ASP E 670 -12.27 -61.54 4.12
CA ASP E 670 -12.87 -62.57 4.95
C ASP E 670 -14.11 -62.02 5.67
N ASP E 671 -14.95 -61.34 4.90
CA ASP E 671 -16.16 -60.69 5.41
C ASP E 671 -16.02 -60.07 6.80
N ILE E 672 -14.84 -59.55 7.10
CA ILE E 672 -14.56 -58.95 8.40
C ILE E 672 -15.42 -57.73 8.65
N HIS E 673 -15.84 -57.06 7.58
CA HIS E 673 -16.67 -55.89 7.76
C HIS E 673 -18.07 -56.28 8.22
N TYR E 674 -18.78 -57.09 7.45
CA TYR E 674 -20.11 -57.51 7.92
C TYR E 674 -20.00 -58.16 9.31
N LYS E 675 -18.84 -58.74 9.59
CA LYS E 675 -18.65 -59.47 10.84
C LYS E 675 -18.60 -58.52 12.02
N ASN E 676 -17.82 -57.44 11.89
CA ASN E 676 -17.71 -56.45 12.95
C ASN E 676 -19.04 -55.76 13.24
N MET E 677 -19.78 -55.42 12.18
CA MET E 677 -21.16 -54.95 12.33
C MET E 677 -21.99 -55.90 13.19
N LYS E 678 -21.91 -57.19 12.87
CA LYS E 678 -22.50 -58.25 13.67
C LYS E 678 -22.07 -58.15 15.13
N ARG E 679 -20.76 -58.03 15.36
CA ARG E 679 -20.21 -58.00 16.72
C ARG E 679 -20.62 -56.72 17.50
N ILE E 680 -20.93 -55.64 16.77
CA ILE E 680 -21.36 -54.40 17.43
C ILE E 680 -22.78 -54.56 17.99
N HIS E 681 -23.72 -54.87 17.11
CA HIS E 681 -25.10 -55.15 17.51
C HIS E 681 -25.18 -56.09 18.70
N GLU E 682 -24.42 -57.17 18.65
CA GLU E 682 -24.39 -58.15 19.73
C GLU E 682 -24.08 -57.47 21.05
N LEU E 683 -22.90 -56.88 21.15
CA LEU E 683 -22.51 -56.19 22.37
C LEU E 683 -23.63 -55.28 22.87
N ALA E 684 -24.21 -54.51 21.96
CA ALA E 684 -25.30 -53.60 22.32
C ALA E 684 -26.48 -54.36 22.92
N VAL E 685 -26.80 -55.49 22.31
CA VAL E 685 -27.88 -56.35 22.79
C VAL E 685 -27.54 -56.88 24.18
N GLU E 686 -26.26 -57.18 24.37
CA GLU E 686 -25.80 -57.77 25.61
C GLU E 686 -25.49 -56.68 26.67
N LYS E 687 -26.08 -55.51 26.49
CA LYS E 687 -25.96 -54.41 27.46
C LYS E 687 -27.29 -53.70 27.70
N GLY E 688 -28.35 -54.23 27.11
CA GLY E 688 -29.69 -53.76 27.38
C GLY E 688 -29.94 -52.36 26.84
N ILE E 689 -29.08 -51.95 25.92
CA ILE E 689 -29.21 -50.65 25.27
C ILE E 689 -29.52 -50.79 23.80
N ARG E 690 -29.66 -52.02 23.32
CA ARG E 690 -29.91 -52.23 21.90
C ARG E 690 -31.31 -51.75 21.51
N ASP E 691 -32.21 -51.68 22.50
CA ASP E 691 -33.57 -51.25 22.21
C ASP E 691 -33.73 -49.72 22.27
N LYS E 692 -32.71 -49.04 22.76
CA LYS E 692 -32.76 -47.58 22.92
C LYS E 692 -31.72 -46.82 22.10
N ILE E 693 -30.90 -47.55 21.33
CA ILE E 693 -29.84 -46.98 20.50
C ILE E 693 -30.04 -47.27 19.01
N MET E 694 -29.61 -46.32 18.18
CA MET E 694 -29.61 -46.54 16.73
C MET E 694 -28.20 -46.97 16.31
N ILE E 695 -28.10 -47.83 15.29
CA ILE E 695 -26.81 -48.24 14.78
C ILE E 695 -26.77 -48.14 13.26
N GLY E 696 -25.70 -47.54 12.74
CA GLY E 696 -25.50 -47.41 11.31
C GLY E 696 -24.06 -47.72 10.95
N CYS E 697 -23.87 -48.38 9.82
CA CYS E 697 -22.55 -48.84 9.39
C CYS E 697 -22.36 -48.58 7.89
N GLY E 698 -21.11 -48.33 7.50
CA GLY E 698 -20.80 -48.03 6.12
C GLY E 698 -19.42 -48.52 5.73
N GLY E 699 -19.14 -48.46 4.43
CA GLY E 699 -17.86 -48.84 3.89
C GLY E 699 -18.00 -49.07 2.40
N THR E 700 -16.91 -48.94 1.66
CA THR E 700 -16.91 -49.23 0.24
C THR E 700 -17.74 -50.49 -0.07
N GLN E 701 -17.40 -51.59 0.61
CA GLN E 701 -17.94 -52.90 0.25
C GLN E 701 -19.21 -53.32 0.98
N VAL E 702 -19.99 -52.33 1.43
CA VAL E 702 -21.23 -52.60 2.16
C VAL E 702 -22.47 -52.46 1.27
N THR E 703 -23.29 -53.52 1.25
CA THR E 703 -24.63 -53.48 0.70
C THR E 703 -25.61 -53.24 1.85
N PRO E 704 -26.46 -52.19 1.75
CA PRO E 704 -27.37 -51.93 2.87
C PRO E 704 -28.15 -53.16 3.26
N GLU E 705 -28.89 -53.73 2.32
CA GLU E 705 -29.75 -54.89 2.59
C GLU E 705 -29.07 -55.94 3.48
N VAL E 706 -27.79 -56.20 3.21
CA VAL E 706 -27.05 -57.22 3.94
C VAL E 706 -26.68 -56.72 5.32
N ALA E 707 -26.19 -55.48 5.37
CA ALA E 707 -25.77 -54.90 6.63
C ALA E 707 -26.88 -55.03 7.66
N VAL E 708 -28.11 -54.79 7.23
CA VAL E 708 -29.27 -54.90 8.12
C VAL E 708 -29.50 -56.35 8.58
N LYS E 709 -29.23 -57.32 7.71
CA LYS E 709 -29.34 -58.73 8.12
C LYS E 709 -28.41 -59.04 9.29
N GLN E 710 -27.34 -58.25 9.46
CA GLN E 710 -26.38 -58.52 10.52
C GLN E 710 -26.94 -58.13 11.89
N GLY E 711 -28.06 -57.40 11.89
CA GLY E 711 -28.67 -56.93 13.13
C GLY E 711 -28.53 -55.44 13.42
N VAL E 712 -27.80 -54.70 12.59
CA VAL E 712 -27.70 -53.25 12.77
C VAL E 712 -28.90 -52.56 12.11
N ASP E 713 -29.10 -51.27 12.38
CA ASP E 713 -30.31 -50.56 11.93
C ASP E 713 -30.29 -50.07 10.48
N ALA E 714 -29.11 -49.75 9.95
CA ALA E 714 -29.03 -49.40 8.55
C ALA E 714 -27.61 -49.56 8.06
N GLY E 715 -27.45 -49.60 6.74
CA GLY E 715 -26.13 -49.78 6.16
C GLY E 715 -25.90 -48.80 5.03
N PHE E 716 -24.68 -48.27 4.93
CA PHE E 716 -24.35 -47.28 3.90
C PHE E 716 -23.13 -47.73 3.10
N GLY E 717 -23.18 -47.54 1.80
CA GLY E 717 -22.12 -48.03 0.92
C GLY E 717 -21.57 -46.94 0.04
N ARG E 718 -21.16 -47.29 -1.16
CA ARG E 718 -20.66 -46.29 -2.08
C ARG E 718 -21.64 -45.12 -2.20
N GLY E 719 -21.09 -43.90 -2.29
CA GLY E 719 -21.87 -42.72 -2.66
C GLY E 719 -22.75 -42.11 -1.59
N SER E 720 -22.65 -42.61 -0.37
CA SER E 720 -23.43 -42.07 0.73
C SER E 720 -22.97 -40.65 1.03
N LYS E 721 -23.93 -39.78 1.35
CA LYS E 721 -23.59 -38.43 1.70
C LYS E 721 -24.22 -38.12 3.05
N GLY E 722 -23.86 -36.98 3.60
CA GLY E 722 -24.41 -36.53 4.86
C GLY E 722 -25.93 -36.58 4.90
N ILE E 723 -26.58 -36.04 3.86
CA ILE E 723 -28.04 -36.00 3.84
C ILE E 723 -28.62 -37.39 4.07
N HIS E 724 -28.04 -38.40 3.43
CA HIS E 724 -28.50 -39.79 3.55
C HIS E 724 -28.48 -40.26 5.00
N VAL E 725 -27.37 -39.99 5.67
CA VAL E 725 -27.13 -40.45 7.02
C VAL E 725 -27.99 -39.68 7.98
N ALA E 726 -28.00 -38.36 7.86
CA ALA E 726 -28.84 -37.55 8.74
C ALA E 726 -30.33 -37.91 8.60
N THR E 727 -30.81 -38.10 7.36
CA THR E 727 -32.21 -38.49 7.12
C THR E 727 -32.58 -39.79 7.81
N PHE E 728 -31.68 -40.77 7.75
CA PHE E 728 -31.89 -42.03 8.44
C PHE E 728 -31.98 -41.79 9.94
N LEU E 729 -31.18 -40.84 10.44
CA LEU E 729 -31.09 -40.63 11.88
C LEU E 729 -32.32 -39.95 12.48
N VAL E 730 -32.90 -39.00 11.75
CA VAL E 730 -34.10 -38.34 12.23
C VAL E 730 -35.31 -39.26 12.06
N LYS E 731 -35.32 -40.06 11.00
CA LYS E 731 -36.42 -40.98 10.72
C LYS E 731 -36.48 -42.16 11.68
N LYS E 732 -35.38 -42.93 11.73
CA LYS E 732 -35.30 -44.08 12.64
C LYS E 732 -35.65 -43.67 14.06
N ARG E 733 -35.44 -42.40 14.36
CA ARG E 733 -35.63 -41.88 15.70
C ARG E 733 -37.10 -41.55 15.94
N ARG E 734 -37.72 -40.86 14.98
CA ARG E 734 -39.15 -40.64 15.06
C ARG E 734 -39.79 -42.02 15.18
N GLU E 735 -39.35 -42.90 14.28
CA GLU E 735 -39.86 -44.25 14.15
C GLU E 735 -39.64 -45.09 15.41
N MET E 736 -39.30 -44.45 16.53
CA MET E 736 -39.28 -45.16 17.81
C MET E 736 -40.11 -44.46 18.90
N ARG E 737 -40.46 -43.20 18.66
CA ARG E 737 -41.36 -42.45 19.57
C ARG E 737 -42.82 -42.97 19.51
N ASP F 6 -9.48 12.12 -47.37
CA ASP F 6 -10.85 11.70 -47.62
C ASP F 6 -11.81 12.33 -46.60
N PHE F 7 -12.00 11.65 -45.47
CA PHE F 7 -12.95 12.12 -44.47
C PHE F 7 -12.48 13.43 -43.84
N GLN F 8 -11.18 13.60 -43.67
CA GLN F 8 -10.69 14.81 -43.02
C GLN F 8 -10.74 16.02 -43.94
N GLN F 9 -10.80 15.78 -45.24
CA GLN F 9 -10.97 16.85 -46.20
C GLN F 9 -12.40 17.37 -46.21
N ARG F 10 -13.34 16.43 -46.28
CA ARG F 10 -14.74 16.73 -46.53
C ARG F 10 -15.48 17.29 -45.31
N ARG F 11 -14.98 16.96 -44.12
CA ARG F 11 -15.64 17.35 -42.88
C ARG F 11 -15.28 18.75 -42.50
N ALA F 12 -14.41 19.36 -43.29
CA ALA F 12 -13.85 20.68 -42.98
C ALA F 12 -14.90 21.70 -42.54
N HIS F 13 -15.95 21.88 -43.35
CA HIS F 13 -16.95 22.90 -43.09
C HIS F 13 -17.87 22.56 -41.93
N LEU F 14 -17.58 21.48 -41.21
CA LEU F 14 -18.36 21.05 -40.04
C LEU F 14 -17.54 21.21 -38.76
N ALA F 15 -16.23 21.30 -38.91
CA ALA F 15 -15.31 21.42 -37.79
C ALA F 15 -15.68 22.48 -36.75
N ASN F 16 -16.30 23.58 -37.18
CA ASN F 16 -16.66 24.69 -36.28
C ASN F 16 -18.07 24.61 -35.72
N LEU F 17 -18.84 23.64 -36.18
CA LEU F 17 -20.21 23.50 -35.73
C LEU F 17 -20.25 22.85 -34.35
N SER F 18 -21.07 23.38 -33.46
CA SER F 18 -21.34 22.73 -32.18
C SER F 18 -22.21 21.50 -32.39
N ASP F 19 -22.21 20.58 -31.42
CA ASP F 19 -23.01 19.37 -31.49
C ASP F 19 -24.49 19.67 -31.79
N GLU F 20 -25.00 20.74 -31.20
CA GLU F 20 -26.40 21.09 -31.34
C GLU F 20 -26.60 21.62 -32.72
N GLU F 21 -25.62 22.35 -33.21
CA GLU F 21 -25.67 22.85 -34.58
C GLU F 21 -25.72 21.67 -35.53
N LEU F 22 -24.77 20.74 -35.36
CA LEU F 22 -24.67 19.54 -36.20
C LEU F 22 -25.97 18.77 -36.25
N GLN F 23 -26.49 18.42 -35.08
CA GLN F 23 -27.77 17.74 -34.99
C GLN F 23 -28.82 18.43 -35.87
N THR F 24 -28.86 19.75 -35.81
CA THR F 24 -29.85 20.54 -36.53
C THR F 24 -29.69 20.44 -38.03
N ARG F 25 -28.44 20.41 -38.47
CA ARG F 25 -28.15 20.26 -39.87
C ARG F 25 -28.44 18.83 -40.32
N PHE F 26 -28.29 17.88 -39.40
CA PHE F 26 -28.56 16.49 -39.69
C PHE F 26 -30.05 16.36 -39.99
N TRP F 27 -30.87 16.87 -39.08
CA TRP F 27 -32.30 16.75 -39.25
C TRP F 27 -32.93 17.68 -40.28
N GLU F 28 -32.37 18.86 -40.49
CA GLU F 28 -32.96 19.74 -41.47
C GLU F 28 -32.58 19.29 -42.89
N MET F 29 -31.57 18.44 -42.99
CA MET F 29 -31.31 17.82 -44.29
C MET F 29 -32.20 16.60 -44.51
N ALA F 30 -32.39 15.81 -43.45
CA ALA F 30 -33.34 14.71 -43.50
C ALA F 30 -34.67 15.23 -44.03
N GLU F 31 -35.16 16.31 -43.42
CA GLU F 31 -36.35 16.98 -43.90
C GLU F 31 -36.23 17.29 -45.41
N LYS F 32 -35.11 17.85 -45.82
CA LYS F 32 -34.92 18.21 -47.21
C LYS F 32 -35.06 17.01 -48.16
N ILE F 33 -34.67 15.83 -47.67
CA ILE F 33 -34.60 14.59 -48.47
C ILE F 33 -35.91 13.80 -48.58
N VAL F 34 -36.66 13.71 -47.48
CA VAL F 34 -37.93 13.00 -47.51
C VAL F 34 -39.07 13.85 -48.09
N ASP F 35 -38.92 15.17 -47.98
CA ASP F 35 -39.96 16.12 -48.37
C ASP F 35 -40.61 15.85 -49.73
N PRO F 36 -39.82 15.76 -50.79
CA PRO F 36 -40.44 15.53 -52.09
C PRO F 36 -41.10 14.14 -52.24
N LEU F 37 -40.76 13.18 -51.37
CA LEU F 37 -41.39 11.85 -51.36
C LEU F 37 -42.79 11.99 -50.82
N LEU F 38 -42.91 12.63 -49.66
CA LEU F 38 -44.19 13.01 -49.09
C LEU F 38 -45.04 13.73 -50.14
N ASP F 39 -44.37 14.56 -50.91
CA ASP F 39 -45.00 15.30 -51.98
C ASP F 39 -45.53 14.38 -53.08
N LEU F 40 -44.65 13.52 -53.61
CA LEU F 40 -45.06 12.44 -54.51
C LEU F 40 -46.27 11.69 -53.96
N GLY F 41 -46.34 11.58 -52.64
CA GLY F 41 -47.35 10.80 -51.95
C GLY F 41 -48.71 11.45 -51.87
N LYS F 42 -48.75 12.78 -51.76
CA LYS F 42 -50.01 13.55 -51.75
C LYS F 42 -50.63 13.62 -53.13
N LYS F 43 -49.78 13.70 -54.14
CA LYS F 43 -50.22 14.01 -55.49
C LYS F 43 -50.50 12.81 -56.38
N ASN F 44 -50.47 11.59 -55.81
CA ASN F 44 -50.62 10.37 -56.62
C ASN F 44 -51.35 9.24 -55.92
N THR F 45 -51.74 8.21 -56.67
CA THR F 45 -52.28 7.00 -56.05
C THR F 45 -51.64 5.76 -56.67
N THR F 46 -51.94 4.60 -56.08
CA THR F 46 -51.48 3.33 -56.65
C THR F 46 -52.53 2.26 -56.43
N PRO F 47 -52.38 1.11 -57.11
CA PRO F 47 -53.30 -0.01 -56.96
C PRO F 47 -53.55 -0.37 -55.51
N SER F 48 -52.48 -0.47 -54.73
CA SER F 48 -52.58 -0.91 -53.34
C SER F 48 -53.34 0.08 -52.49
N ILE F 49 -53.27 1.36 -52.85
CA ILE F 49 -53.96 2.38 -52.10
C ILE F 49 -55.44 2.40 -52.49
N GLU F 50 -55.73 2.23 -53.76
CA GLU F 50 -57.11 2.13 -54.21
C GLU F 50 -57.78 0.89 -53.62
N ARG F 51 -57.09 -0.24 -53.67
CA ARG F 51 -57.59 -1.48 -53.06
C ARG F 51 -57.87 -1.27 -51.56
N SER F 52 -56.88 -0.73 -50.86
CA SER F 52 -57.00 -0.47 -49.44
C SER F 52 -58.20 0.42 -49.13
N VAL F 53 -58.46 1.43 -49.97
CA VAL F 53 -59.60 2.31 -49.78
C VAL F 53 -60.91 1.54 -49.88
N LEU F 54 -60.97 0.57 -50.79
CA LEU F 54 -62.20 -0.22 -50.96
C LEU F 54 -62.33 -1.27 -49.85
N LEU F 55 -61.19 -1.78 -49.36
CA LEU F 55 -61.21 -2.65 -48.19
C LEU F 55 -61.92 -1.96 -47.05
N ARG F 56 -61.89 -0.63 -47.09
CA ARG F 56 -62.36 0.19 -45.99
C ARG F 56 -63.80 0.59 -46.19
N MET F 57 -64.32 0.35 -47.39
CA MET F 57 -65.72 0.65 -47.71
C MET F 57 -66.65 -0.54 -47.48
N GLY F 58 -66.07 -1.74 -47.41
CA GLY F 58 -66.85 -2.91 -47.08
C GLY F 58 -66.76 -3.98 -48.16
N PHE F 59 -65.60 -4.09 -48.81
CA PHE F 59 -65.38 -5.12 -49.81
C PHE F 59 -64.27 -6.11 -49.43
N SER F 60 -64.39 -7.36 -49.87
CA SER F 60 -63.32 -8.32 -49.62
C SER F 60 -62.16 -7.98 -50.54
N SER F 61 -61.02 -8.62 -50.33
CA SER F 61 -59.86 -8.36 -51.16
C SER F 61 -60.10 -8.81 -52.59
N LEU F 62 -60.94 -9.83 -52.75
CA LEU F 62 -61.29 -10.32 -54.09
C LEU F 62 -62.06 -9.25 -54.82
N GLU F 63 -63.20 -8.86 -54.25
CA GLU F 63 -64.00 -7.76 -54.76
C GLU F 63 -63.13 -6.56 -55.12
N ALA F 64 -62.37 -6.06 -54.16
CA ALA F 64 -61.52 -4.91 -54.39
C ALA F 64 -60.45 -5.14 -55.48
N LYS F 65 -60.01 -6.38 -55.65
CA LYS F 65 -59.04 -6.68 -56.70
C LYS F 65 -59.71 -6.59 -58.08
N ALA F 66 -61.02 -6.83 -58.12
CA ALA F 66 -61.78 -6.83 -59.37
C ALA F 66 -62.04 -5.41 -59.84
N ILE F 67 -62.40 -4.55 -58.88
CA ILE F 67 -62.72 -3.15 -59.17
C ILE F 67 -61.49 -2.39 -59.65
N VAL F 68 -60.45 -2.42 -58.84
CA VAL F 68 -59.23 -1.71 -59.16
C VAL F 68 -58.63 -2.20 -60.47
N ASP F 69 -58.89 -3.46 -60.82
CA ASP F 69 -58.39 -4.04 -62.08
C ASP F 69 -59.12 -3.46 -63.28
N LYS F 70 -60.43 -3.33 -63.16
CA LYS F 70 -61.25 -2.70 -64.20
C LYS F 70 -60.93 -1.21 -64.25
N THR F 71 -60.97 -0.57 -63.10
CA THR F 71 -60.72 0.85 -63.00
C THR F 71 -59.48 1.26 -63.76
N MET F 72 -58.42 0.47 -63.62
CA MET F 72 -57.18 0.72 -64.34
C MET F 72 -57.36 0.54 -65.85
N ASP F 73 -58.16 -0.46 -66.22
CA ASP F 73 -58.45 -0.72 -67.63
C ASP F 73 -59.13 0.50 -68.26
N ARG F 74 -59.85 1.28 -67.44
CA ARG F 74 -60.55 2.47 -67.93
C ARG F 74 -59.72 3.76 -67.83
N GLY F 75 -58.46 3.64 -67.39
CA GLY F 75 -57.59 4.79 -67.15
C GLY F 75 -58.15 5.75 -66.12
N LEU F 76 -59.02 5.23 -65.26
CA LEU F 76 -59.86 6.06 -64.41
C LEU F 76 -59.38 6.09 -62.97
N MET F 77 -58.10 5.79 -62.75
CA MET F 77 -57.54 5.79 -61.40
C MET F 77 -57.30 7.20 -60.81
N GLY F 78 -57.11 8.19 -61.68
CA GLY F 78 -56.92 9.56 -61.23
C GLY F 78 -58.15 10.07 -60.52
N LYS F 79 -59.26 9.36 -60.71
CA LYS F 79 -60.56 9.72 -60.15
C LYS F 79 -60.80 9.05 -58.81
N GLY F 80 -60.08 7.96 -58.56
CA GLY F 80 -60.20 7.22 -57.30
C GLY F 80 -61.30 6.18 -57.32
N ALA F 81 -60.90 4.90 -57.28
CA ALA F 81 -61.82 3.75 -57.40
C ALA F 81 -62.96 3.74 -56.39
N GLY F 82 -62.75 4.34 -55.22
CA GLY F 82 -63.78 4.40 -54.20
C GLY F 82 -64.77 5.49 -54.51
N HIS F 83 -64.26 6.57 -55.08
CA HIS F 83 -65.07 7.61 -55.69
C HIS F 83 -66.00 7.01 -56.76
N ILE F 84 -65.44 6.21 -57.67
CA ILE F 84 -66.23 5.66 -58.76
C ILE F 84 -67.39 4.87 -58.20
N VAL F 85 -67.15 4.19 -57.09
CA VAL F 85 -68.23 3.43 -56.47
C VAL F 85 -69.26 4.38 -55.89
N TYR F 86 -68.77 5.49 -55.34
CA TYR F 86 -69.65 6.48 -54.75
C TYR F 86 -70.56 7.20 -55.78
N LYS F 87 -69.96 7.82 -56.80
CA LYS F 87 -70.77 8.48 -57.85
C LYS F 87 -71.77 7.51 -58.51
N ILE F 88 -71.32 6.29 -58.81
CA ILE F 88 -72.19 5.30 -59.44
C ILE F 88 -73.24 4.78 -58.45
N ALA F 89 -72.97 4.92 -57.17
CA ALA F 89 -73.95 4.53 -56.17
C ALA F 89 -75.04 5.58 -56.06
N LYS F 90 -74.64 6.83 -55.81
CA LYS F 90 -75.61 7.89 -55.57
C LYS F 90 -76.37 8.34 -56.81
N GLU F 91 -75.95 7.88 -57.99
CA GLU F 91 -76.68 8.16 -59.22
C GLU F 91 -77.74 7.11 -59.55
N LYS F 92 -77.34 5.86 -59.75
CA LYS F 92 -78.31 4.77 -59.94
C LYS F 92 -79.20 4.52 -58.72
N ASN F 93 -79.11 5.40 -57.72
CA ASN F 93 -79.91 5.29 -56.50
C ASN F 93 -79.78 3.95 -55.76
N ILE F 94 -78.58 3.39 -55.71
CA ILE F 94 -78.33 2.16 -54.95
C ILE F 94 -77.33 2.36 -53.80
N SER F 95 -76.96 1.28 -53.13
CA SER F 95 -76.06 1.37 -51.99
C SER F 95 -74.64 1.13 -52.45
N VAL F 96 -73.69 1.29 -51.53
CA VAL F 96 -72.28 1.14 -51.86
C VAL F 96 -71.88 -0.27 -52.31
N ARG F 97 -72.09 -1.27 -51.46
CA ARG F 97 -71.76 -2.65 -51.87
C ARG F 97 -72.54 -2.99 -53.11
N GLU F 98 -73.73 -2.40 -53.20
CA GLU F 98 -74.60 -2.56 -54.35
C GLU F 98 -73.88 -2.21 -55.66
N ALA F 99 -73.20 -1.08 -55.66
CA ALA F 99 -72.59 -0.54 -56.88
C ALA F 99 -71.21 -1.11 -57.17
N GLY F 100 -70.48 -1.47 -56.11
CA GLY F 100 -69.17 -2.06 -56.24
C GLY F 100 -69.26 -3.44 -56.88
N LEU F 101 -70.08 -4.29 -56.25
CA LEU F 101 -70.43 -5.59 -56.80
C LEU F 101 -70.66 -5.49 -58.31
N ALA F 102 -71.56 -4.61 -58.70
CA ALA F 102 -71.87 -4.44 -60.11
C ALA F 102 -70.59 -4.11 -60.89
N LEU F 103 -69.91 -3.07 -60.45
CA LEU F 103 -68.71 -2.59 -61.14
C LEU F 103 -67.73 -3.73 -61.35
N SER F 104 -67.52 -4.53 -60.31
CA SER F 104 -66.56 -5.64 -60.36
C SER F 104 -66.96 -6.73 -61.36
N GLU F 105 -68.17 -6.61 -61.89
CA GLU F 105 -68.72 -7.59 -62.82
C GLU F 105 -68.75 -7.10 -64.27
N GLY F 106 -68.25 -5.88 -64.47
CA GLY F 106 -68.21 -5.31 -65.81
C GLY F 106 -69.34 -4.33 -66.09
N LYS F 107 -70.18 -4.08 -65.08
CA LYS F 107 -71.39 -3.29 -65.23
C LYS F 107 -71.20 -1.82 -64.89
N TYR F 108 -72.06 -0.98 -65.43
CA TYR F 108 -72.05 0.46 -65.17
C TYR F 108 -70.75 1.17 -65.57
N TRP F 109 -69.81 0.46 -66.19
CA TRP F 109 -68.55 1.10 -66.56
C TRP F 109 -68.73 2.04 -67.75
N ASP F 110 -69.97 2.11 -68.24
CA ASP F 110 -70.35 3.01 -69.33
C ASP F 110 -70.73 4.38 -68.78
N ASP F 111 -71.64 4.38 -67.81
CA ASP F 111 -72.01 5.62 -67.09
C ASP F 111 -70.76 6.17 -66.44
N ALA F 112 -69.95 5.26 -65.91
CA ALA F 112 -68.73 5.64 -65.23
C ALA F 112 -67.96 6.59 -66.13
N ILE F 113 -67.94 6.31 -67.42
CA ILE F 113 -67.18 7.15 -68.34
C ILE F 113 -67.86 8.50 -68.67
N GLN F 114 -68.96 8.80 -67.96
CA GLN F 114 -69.48 10.17 -67.85
C GLN F 114 -70.00 10.43 -66.42
N LEU G 5 -9.28 25.14 38.46
CA LEU G 5 -8.71 26.15 39.33
C LEU G 5 -7.41 26.73 38.76
N GLN G 6 -7.49 27.19 37.52
CA GLN G 6 -6.53 28.13 36.93
C GLN G 6 -5.57 27.58 35.90
N LEU G 7 -4.48 28.34 35.76
CA LEU G 7 -3.62 28.37 34.57
C LEU G 7 -4.39 28.68 33.32
N ARG G 8 -4.10 29.86 32.76
CA ARG G 8 -4.75 30.33 31.55
C ARG G 8 -3.64 30.60 30.56
N VAL G 9 -3.82 30.13 29.32
CA VAL G 9 -2.71 30.03 28.38
C VAL G 9 -1.91 31.30 28.20
N ASN G 10 -2.55 32.45 28.43
CA ASN G 10 -1.92 33.74 28.14
C ASN G 10 -1.52 34.54 29.38
N GLU G 11 -1.80 33.98 30.56
CA GLU G 11 -1.38 34.56 31.83
C GLU G 11 -0.15 33.86 32.38
N LYS G 12 0.83 34.64 32.84
CA LYS G 12 2.02 34.06 33.45
C LYS G 12 1.69 33.38 34.77
N LEU G 13 2.55 32.44 35.15
CA LEU G 13 2.45 31.75 36.42
C LEU G 13 2.61 32.70 37.60
N ASP G 14 1.66 32.70 38.52
CA ASP G 14 1.88 33.42 39.77
C ASP G 14 2.50 32.48 40.78
N VAL G 15 3.81 32.58 40.96
CA VAL G 15 4.49 31.71 41.88
C VAL G 15 4.23 32.24 43.29
N GLU G 16 4.02 33.54 43.39
CA GLU G 16 3.63 34.18 44.64
C GLU G 16 2.43 33.44 45.21
N ASN G 17 1.47 33.13 44.35
CA ASN G 17 0.32 32.35 44.75
C ASN G 17 0.68 30.88 45.03
N ILE G 18 1.50 30.27 44.18
CA ILE G 18 1.86 28.88 44.36
C ILE G 18 2.47 28.62 45.74
N LEU G 19 3.44 29.46 46.10
CA LEU G 19 4.13 29.39 47.38
C LEU G 19 3.21 29.57 48.61
N LYS G 20 1.96 29.96 48.38
CA LYS G 20 0.99 30.11 49.46
C LYS G 20 0.28 28.80 49.81
N ASP G 21 -0.10 28.66 51.07
CA ASP G 21 -0.82 27.47 51.57
C ASP G 21 -0.13 26.15 51.20
N LEU G 22 1.20 26.18 51.15
CA LEU G 22 1.97 24.99 50.89
C LEU G 22 1.84 23.96 52.01
N ASP G 23 1.40 24.39 53.18
CA ASP G 23 1.25 23.46 54.30
C ASP G 23 0.01 22.60 54.13
N LYS G 24 -0.83 22.95 53.15
CA LYS G 24 -2.04 22.17 52.87
C LYS G 24 -2.00 21.34 51.58
N TYR G 25 -0.95 21.48 50.79
CA TYR G 25 -0.85 20.78 49.52
C TYR G 25 -0.53 19.27 49.61
N THR G 26 -1.39 18.46 49.01
CA THR G 26 -1.11 17.04 48.84
C THR G 26 -0.90 16.89 47.35
N PRO G 27 -0.10 15.89 46.91
CA PRO G 27 0.08 15.72 45.46
C PRO G 27 -1.20 15.26 44.78
N LYS G 28 -1.40 15.67 43.53
CA LYS G 28 -2.52 15.19 42.71
C LYS G 28 -2.51 13.66 42.59
N ARG G 29 -1.33 13.08 42.37
CA ARG G 29 -1.19 11.66 42.11
C ARG G 29 0.20 11.14 42.46
N ARG G 30 0.34 9.81 42.52
CA ARG G 30 1.63 9.19 42.81
C ARG G 30 2.07 8.31 41.65
N GLY G 31 3.35 7.95 41.65
CA GLY G 31 3.86 6.95 40.71
C GLY G 31 4.35 7.54 39.41
N TRP G 32 5.03 6.69 38.65
CA TRP G 32 5.52 7.04 37.32
C TRP G 32 4.45 6.79 36.26
N THR G 33 4.40 7.66 35.25
CA THR G 33 3.56 7.44 34.06
C THR G 33 4.38 7.35 32.76
N TRP G 34 4.17 6.27 32.00
CA TRP G 34 4.70 6.13 30.64
C TRP G 34 3.84 6.84 29.60
N ARG G 35 4.27 6.78 28.35
CA ARG G 35 3.51 7.35 27.26
C ARG G 35 2.58 6.31 26.64
N GLN G 36 1.36 6.72 26.34
CA GLN G 36 0.40 5.86 25.69
C GLN G 36 0.63 5.94 24.19
N PRO G 37 0.97 4.81 23.56
CA PRO G 37 0.98 4.74 22.10
C PRO G 37 -0.31 5.30 21.46
N ALA G 38 -0.15 6.02 20.35
CA ALA G 38 -1.27 6.42 19.52
C ALA G 38 -1.06 5.72 18.19
N GLU G 39 -1.40 4.45 18.15
CA GLU G 39 -1.08 3.62 17.01
C GLU G 39 -1.76 4.10 15.72
N ASN G 40 -1.03 4.00 14.60
CA ASN G 40 -1.47 4.57 13.31
C ASN G 40 -2.28 5.85 13.44
N LEU G 41 -1.72 6.87 14.11
CA LEU G 41 -2.41 8.12 14.30
C LEU G 41 -2.34 8.94 13.00
N GLN G 42 -3.33 9.80 12.78
CA GLN G 42 -3.29 10.73 11.66
C GLN G 42 -3.22 12.17 12.12
N MET G 43 -2.23 12.89 11.60
CA MET G 43 -2.04 14.28 11.92
C MET G 43 -1.72 14.95 10.60
N GLY G 44 -2.48 15.99 10.26
CA GLY G 44 -2.41 16.57 8.93
C GLY G 44 -2.43 15.48 7.86
N PRO G 45 -1.57 15.63 6.85
CA PRO G 45 -1.63 14.71 5.72
C PRO G 45 -1.22 13.31 6.12
N PHE G 46 -0.53 13.18 7.25
CA PHE G 46 0.25 11.98 7.50
C PHE G 46 -0.33 10.99 8.52
N ILE G 47 0.03 9.73 8.33
CA ILE G 47 -0.21 8.70 9.33
C ILE G 47 1.12 8.40 9.98
N TYR G 48 1.15 8.45 11.32
CA TYR G 48 2.31 8.07 12.11
C TYR G 48 2.25 6.60 12.65
N LYS G 49 3.38 5.91 12.56
CA LYS G 49 3.48 4.54 13.06
C LYS G 49 4.09 4.44 14.46
N ASP G 50 4.87 5.46 14.87
CA ASP G 50 5.56 5.45 16.17
C ASP G 50 5.25 6.68 17.03
N ALA G 51 4.01 7.17 16.96
CA ALA G 51 3.60 8.28 17.81
C ALA G 51 2.97 7.85 19.15
N SER G 52 2.90 8.82 20.06
CA SER G 52 2.22 8.67 21.31
C SER G 52 1.09 9.70 21.29
N THR G 53 0.27 9.70 22.34
CA THR G 53 -0.86 10.63 22.44
C THR G 53 -0.41 12.08 22.33
N PRO G 54 -1.12 12.87 21.51
CA PRO G 54 -0.93 14.31 21.27
C PRO G 54 -1.18 15.09 22.51
N LEU G 55 -0.66 16.31 22.55
CA LEU G 55 -0.88 17.24 23.65
C LEU G 55 -2.17 18.07 23.47
N GLU G 56 -2.81 18.44 24.57
CA GLU G 56 -3.98 19.33 24.47
C GLU G 56 -3.54 20.77 24.12
N ASN G 57 -2.37 21.16 24.62
CA ASN G 57 -1.76 22.45 24.31
C ASN G 57 -0.25 22.33 24.23
N SER G 58 0.35 22.86 23.16
CA SER G 58 1.79 22.79 23.01
C SER G 58 2.34 23.85 22.07
N VAL G 59 3.66 23.89 21.95
CA VAL G 59 4.33 24.76 21.00
C VAL G 59 4.91 23.90 19.93
N ALA G 60 4.42 24.05 18.71
CA ALA G 60 4.85 23.21 17.59
C ALA G 60 6.27 23.55 17.12
N LEU G 61 6.87 22.66 16.33
CA LEU G 61 8.13 22.98 15.68
C LEU G 61 7.96 24.12 14.64
N PRO G 62 8.98 24.97 14.49
CA PRO G 62 8.89 26.04 13.48
C PRO G 62 8.35 25.52 12.15
N SER G 63 8.96 24.48 11.59
CA SER G 63 8.49 23.89 10.34
C SER G 63 7.09 23.30 10.35
N ALA G 64 6.41 23.29 11.50
CA ALA G 64 5.03 22.81 11.50
C ALA G 64 4.13 23.68 10.63
N LYS G 65 4.36 25.00 10.60
CA LYS G 65 3.47 25.91 9.87
C LYS G 65 3.22 25.44 8.46
N TYR G 66 4.14 24.63 7.92
CA TYR G 66 3.93 24.05 6.61
C TYR G 66 2.93 22.92 6.65
N PHE G 67 2.88 22.18 7.76
CA PHE G 67 2.00 20.99 7.84
C PHE G 67 0.85 21.16 8.82
N GLY G 68 0.30 22.38 8.91
CA GLY G 68 -0.93 22.61 9.67
C GLY G 68 -0.70 22.78 11.16
N ASP G 69 0.49 23.23 11.53
CA ASP G 69 0.90 23.36 12.92
C ASP G 69 0.58 22.12 13.75
N ILE G 70 1.04 20.98 13.24
CA ILE G 70 0.92 19.72 13.95
C ILE G 70 2.14 19.44 14.84
N ASP G 71 1.90 18.78 15.97
CA ASP G 71 2.94 18.54 16.99
C ASP G 71 3.04 17.08 17.50
N PRO G 72 3.42 16.12 16.63
CA PRO G 72 3.46 14.70 17.00
C PRO G 72 4.40 14.35 18.14
N GLN G 73 3.89 13.73 19.19
CA GLN G 73 4.75 13.26 20.26
C GLN G 73 5.25 11.84 20.00
N PRO G 74 6.57 11.59 20.08
CA PRO G 74 7.14 10.24 19.96
C PRO G 74 6.89 9.30 21.17
N LEU G 75 7.32 8.05 21.05
CA LEU G 75 7.00 7.03 22.05
C LEU G 75 7.65 7.21 23.41
N PRO G 76 8.98 7.47 23.43
CA PRO G 76 9.72 7.55 24.70
C PRO G 76 9.33 8.73 25.58
N VAL G 77 9.54 8.60 26.88
CA VAL G 77 9.40 9.74 27.76
C VAL G 77 10.63 10.61 27.55
N ILE G 78 10.41 11.92 27.46
CA ILE G 78 11.48 12.88 27.21
C ILE G 78 11.85 13.69 28.47
N THR G 79 13.13 13.73 28.78
CA THR G 79 13.64 14.36 30.00
C THR G 79 14.37 15.68 29.75
N THR G 80 14.16 16.64 30.64
CA THR G 80 14.96 17.85 30.70
C THR G 80 15.41 18.17 32.14
N GLU G 81 16.70 18.52 32.33
CA GLU G 81 17.22 18.85 33.66
C GLU G 81 17.15 20.36 33.90
N ILE G 82 16.39 20.76 34.91
CA ILE G 82 16.30 22.15 35.30
C ILE G 82 16.59 22.33 36.78
N ALA G 83 17.59 23.15 37.08
CA ALA G 83 18.01 23.32 38.46
C ALA G 83 19.09 24.38 38.48
N SER G 84 18.73 25.61 38.88
CA SER G 84 19.65 26.72 38.76
C SER G 84 20.06 27.32 40.11
N GLY G 85 19.53 26.78 41.19
CA GLY G 85 19.75 27.36 42.49
C GLY G 85 18.59 28.20 42.97
N ARG G 86 17.70 28.56 42.05
CA ARG G 86 16.47 29.25 42.44
C ARG G 86 15.24 28.55 41.90
N PHE G 87 14.72 27.61 42.67
CA PHE G 87 13.60 26.81 42.22
C PHE G 87 12.43 27.68 41.76
N GLU G 88 12.41 28.95 42.17
CA GLU G 88 11.26 29.81 41.83
C GLU G 88 11.37 30.51 40.47
N ASP G 89 12.57 30.51 39.88
CA ASP G 89 12.75 30.99 38.50
C ASP G 89 12.57 29.80 37.59
N ASP G 90 13.10 28.66 38.05
CA ASP G 90 13.06 27.36 37.37
C ASP G 90 11.66 26.88 37.03
N ILE G 91 10.72 27.11 37.93
CA ILE G 91 9.33 26.65 37.76
C ILE G 91 8.80 27.23 36.48
N ARG G 92 9.27 28.44 36.17
CA ARG G 92 8.79 29.16 35.00
C ARG G 92 9.29 28.46 33.77
N ARG G 93 10.51 27.93 33.85
CA ARG G 93 11.12 27.24 32.71
C ARG G 93 10.50 25.86 32.48
N MET G 94 10.00 25.27 33.56
CA MET G 94 9.36 23.97 33.48
C MET G 94 8.05 24.04 32.70
N ARG G 95 7.35 25.17 32.79
CA ARG G 95 6.13 25.36 32.00
C ARG G 95 6.49 25.54 30.53
N MET G 96 7.58 26.24 30.27
CA MET G 96 8.10 26.40 28.92
C MET G 96 8.43 25.02 28.36
N ALA G 97 9.18 24.26 29.15
CA ALA G 97 9.62 22.93 28.77
C ALA G 97 8.45 21.94 28.55
N ALA G 98 7.40 22.05 29.36
CA ALA G 98 6.23 21.19 29.19
C ALA G 98 5.55 21.42 27.85
N TRP G 99 5.47 22.68 27.44
CA TRP G 99 4.80 23.01 26.19
C TRP G 99 5.57 22.47 24.99
N HIS G 100 6.89 22.34 25.13
CA HIS G 100 7.74 21.87 24.05
C HIS G 100 7.89 20.36 24.08
N GLY G 101 7.16 19.73 24.99
CA GLY G 101 7.04 18.29 24.94
C GLY G 101 7.71 17.50 26.04
N ALA G 102 8.50 18.17 26.87
CA ALA G 102 9.10 17.51 28.02
C ALA G 102 8.01 16.98 28.96
N ASP G 103 8.18 15.75 29.41
CA ASP G 103 7.22 15.17 30.33
C ASP G 103 7.94 14.42 31.45
N HIS G 104 9.19 14.81 31.70
CA HIS G 104 10.02 14.27 32.78
C HIS G 104 10.99 15.38 33.18
N ILE G 105 10.72 16.02 34.32
CA ILE G 105 11.52 17.15 34.76
C ILE G 105 12.50 16.73 35.86
N MET G 106 13.79 17.02 35.68
CA MET G 106 14.78 16.46 36.58
C MET G 106 15.55 17.55 37.31
N VAL G 107 15.58 17.45 38.64
CA VAL G 107 16.19 18.48 39.47
C VAL G 107 17.45 18.03 40.22
N ILE G 108 18.59 18.54 39.76
CA ILE G 108 19.89 18.27 40.36
C ILE G 108 19.96 18.89 41.76
N ARG G 109 20.65 18.25 42.69
CA ARG G 109 20.70 18.76 44.05
C ARG G 109 21.86 19.72 44.25
N THR G 110 21.63 20.72 45.11
CA THR G 110 22.63 21.77 45.38
C THR G 110 23.92 21.09 45.78
N ALA G 111 25.06 21.75 45.55
CA ALA G 111 26.36 21.16 45.84
C ALA G 111 26.46 20.55 47.25
N GLY G 112 26.80 19.27 47.29
CA GLY G 112 27.07 18.58 48.53
C GLY G 112 25.88 18.12 49.33
N GLN G 113 24.67 18.21 48.79
CA GLN G 113 23.51 17.70 49.53
C GLN G 113 23.73 16.22 49.85
N SER G 114 24.56 15.60 49.05
CA SER G 114 24.99 14.22 49.24
C SER G 114 25.63 13.98 50.60
N HIS G 115 26.00 15.07 51.28
CA HIS G 115 26.75 14.95 52.53
C HIS G 115 25.95 15.37 53.75
N TYR G 116 24.81 16.02 53.49
CA TYR G 116 23.82 16.31 54.52
C TYR G 116 23.35 15.00 55.15
N ASP G 117 23.52 14.87 56.47
CA ASP G 117 23.02 13.68 57.18
C ASP G 117 21.57 13.85 57.63
N GLY G 118 20.68 14.13 56.68
CA GLY G 118 19.26 14.22 56.96
C GLY G 118 18.62 15.21 56.00
N LEU G 119 17.30 15.33 56.04
CA LEU G 119 16.61 16.32 55.23
C LEU G 119 17.08 17.70 55.65
N ILE G 120 16.89 18.69 54.76
CA ILE G 120 16.98 20.10 55.12
C ILE G 120 15.62 20.72 54.86
N GLU G 121 15.42 21.99 55.24
CA GLU G 121 14.08 22.57 55.16
C GLU G 121 14.07 23.94 54.52
N GLY G 122 12.89 24.34 54.06
CA GLY G 122 12.73 25.68 53.52
C GLY G 122 13.44 25.82 52.21
N THR G 123 13.97 27.02 51.95
CA THR G 123 14.37 27.39 50.62
C THR G 123 15.58 28.31 50.57
N PRO G 124 16.74 27.82 51.00
CA PRO G 124 17.95 28.62 50.79
C PRO G 124 18.40 28.53 49.34
N GLN G 125 18.88 29.65 48.81
CA GLN G 125 19.58 29.72 47.55
C GLN G 125 20.56 28.57 47.42
N GLY G 126 20.45 27.84 46.31
CA GLY G 126 21.33 26.73 46.06
C GLY G 126 22.53 27.11 45.21
N ILE G 127 23.47 26.18 45.12
CA ILE G 127 24.62 26.39 44.27
C ILE G 127 24.95 25.11 43.50
N GLY G 128 24.80 25.19 42.18
CA GLY G 128 25.03 24.06 41.31
C GLY G 128 23.83 23.16 41.18
N GLY G 129 22.71 23.61 41.75
CA GLY G 129 21.48 22.86 41.74
C GLY G 129 20.52 23.43 42.76
N VAL G 130 19.39 22.78 42.97
CA VAL G 130 18.41 23.23 43.95
C VAL G 130 18.52 22.44 45.27
N PRO G 131 18.47 23.15 46.39
CA PRO G 131 18.41 22.50 47.72
C PRO G 131 17.06 21.85 47.91
N ILE G 132 17.01 20.53 47.79
CA ILE G 132 15.77 19.79 47.85
C ILE G 132 15.28 19.66 49.27
N THR G 133 14.10 20.18 49.51
CA THR G 133 13.52 20.20 50.84
C THR G 133 12.04 19.98 50.68
N ARG G 134 11.34 19.63 51.75
CA ARG G 134 9.91 19.39 51.66
C ARG G 134 9.14 20.54 51.02
N LYS G 135 9.55 21.77 51.31
CA LYS G 135 8.80 22.93 50.82
C LYS G 135 8.95 23.14 49.32
N GLN G 136 10.16 22.96 48.80
CA GLN G 136 10.44 23.19 47.40
C GLN G 136 9.84 22.09 46.51
N VAL G 137 9.94 20.85 46.96
CA VAL G 137 9.25 19.73 46.30
C VAL G 137 7.76 19.97 46.16
N ARG G 138 7.12 20.43 47.22
CA ARG G 138 5.70 20.72 47.19
C ARG G 138 5.36 21.86 46.24
N ALA G 139 6.13 22.92 46.28
CA ALA G 139 5.86 24.08 45.43
C ALA G 139 6.09 23.74 43.95
N GLN G 140 7.08 22.90 43.67
CA GLN G 140 7.34 22.49 42.29
C GLN G 140 6.35 21.42 41.77
N ARG G 141 6.01 20.46 42.62
CA ARG G 141 5.10 19.36 42.25
C ARG G 141 3.68 19.92 42.10
N LYS G 142 3.38 20.94 42.90
CA LYS G 142 2.12 21.69 42.84
C LYS G 142 2.08 22.50 41.54
N ALA G 143 3.13 23.25 41.28
CA ALA G 143 3.25 23.96 40.01
C ALA G 143 3.18 23.00 38.80
N LEU G 144 3.76 21.82 38.92
CA LEU G 144 3.64 20.82 37.86
C LEU G 144 2.22 20.24 37.71
N ASP G 145 1.43 20.26 38.77
CA ASP G 145 0.05 19.78 38.65
C ASP G 145 -0.67 20.70 37.69
N LEU G 146 -0.43 22.00 37.86
CA LEU G 146 -1.09 22.99 37.07
C LEU G 146 -0.59 22.89 35.66
N ILE G 147 0.73 22.79 35.52
CA ILE G 147 1.35 22.69 34.20
C ILE G 147 0.99 21.41 33.43
N GLU G 148 0.77 20.29 34.12
CA GLU G 148 0.41 19.06 33.41
C GLU G 148 -1.05 19.02 32.96
N GLU G 149 -1.94 19.67 33.70
CA GLU G 149 -3.33 19.79 33.30
C GLU G 149 -3.39 20.68 32.08
N GLU G 150 -2.60 21.74 32.08
CA GLU G 150 -2.61 22.69 30.97
C GLU G 150 -2.25 21.97 29.68
N VAL G 151 -1.07 21.34 29.63
CA VAL G 151 -0.67 20.70 28.39
C VAL G 151 -1.40 19.39 28.10
N GLY G 152 -1.98 18.75 29.12
CA GLY G 152 -2.88 17.63 28.88
C GLY G 152 -2.31 16.22 28.89
N ARG G 153 -1.17 16.07 29.54
CA ARG G 153 -0.61 14.75 29.75
C ARG G 153 0.34 14.83 30.96
N PRO G 154 0.27 13.84 31.87
CA PRO G 154 1.04 13.87 33.12
C PRO G 154 2.55 14.02 32.94
N ILE G 155 3.18 14.72 33.89
CA ILE G 155 4.61 14.97 33.86
C ILE G 155 5.29 14.25 35.03
N ASN G 156 6.45 13.64 34.78
CA ASN G 156 7.21 12.98 35.84
C ASN G 156 8.26 13.89 36.51
N TYR G 157 8.02 14.24 37.76
CA TYR G 157 8.97 14.99 38.58
C TYR G 157 10.02 14.02 39.15
N HIS G 158 11.24 14.49 39.35
CA HIS G 158 12.37 13.59 39.52
C HIS G 158 13.56 14.32 40.15
N SER G 159 14.15 13.70 41.17
CA SER G 159 15.38 14.16 41.79
C SER G 159 16.23 12.96 42.24
N TYR G 160 17.15 13.17 43.17
CA TYR G 160 18.07 12.09 43.44
C TYR G 160 17.98 11.65 44.90
N VAL G 161 17.87 10.34 45.10
CA VAL G 161 17.87 9.73 46.41
C VAL G 161 19.29 9.24 46.67
N SER G 162 20.22 10.15 46.95
CA SER G 162 21.60 9.77 47.14
C SER G 162 22.20 10.22 48.49
N GLY G 163 23.50 10.00 48.70
CA GLY G 163 24.17 10.52 49.88
C GLY G 163 24.02 9.68 51.14
N VAL G 164 24.43 10.25 52.27
CA VAL G 164 24.37 9.57 53.56
C VAL G 164 22.94 9.52 54.15
N ALA G 165 22.07 10.36 53.63
CA ALA G 165 20.66 10.34 54.02
C ALA G 165 19.77 9.91 52.86
N GLY G 166 20.00 8.70 52.35
CA GLY G 166 19.17 8.14 51.31
C GLY G 166 17.75 7.85 51.78
N PRO G 167 17.61 7.05 52.86
CA PRO G 167 16.34 6.74 53.52
C PRO G 167 15.48 7.95 53.85
N ASP G 168 16.12 9.02 54.32
CA ASP G 168 15.43 10.26 54.66
C ASP G 168 14.68 10.83 53.46
N ILE G 169 15.41 11.30 52.44
CA ILE G 169 14.81 11.85 51.21
C ILE G 169 13.89 10.84 50.53
N ALA G 170 14.26 9.56 50.56
CA ALA G 170 13.39 8.51 50.01
C ALA G 170 11.97 8.66 50.57
N VAL G 171 11.82 8.60 51.90
CA VAL G 171 10.52 8.79 52.54
C VAL G 171 9.79 10.04 52.04
N MET G 172 10.47 11.18 52.12
CA MET G 172 9.89 12.44 51.67
C MET G 172 9.50 12.46 50.20
N PHE G 173 10.35 11.91 49.33
CA PHE G 173 9.94 11.80 47.94
C PHE G 173 8.66 10.97 47.87
N ALA G 174 8.59 9.87 48.63
CA ALA G 174 7.40 9.01 48.64
C ALA G 174 6.13 9.76 49.05
N GLU G 175 6.21 10.47 50.18
CA GLU G 175 5.11 11.31 50.66
C GLU G 175 4.69 12.35 49.62
N GLU G 176 5.67 13.13 49.16
CA GLU G 176 5.41 14.30 48.33
C GLU G 176 5.18 14.02 46.85
N GLY G 177 5.16 12.76 46.46
CA GLY G 177 4.70 12.40 45.14
C GLY G 177 5.70 12.53 44.01
N VAL G 178 6.99 12.55 44.36
CA VAL G 178 8.02 12.54 43.34
C VAL G 178 7.82 11.28 42.51
N ASN G 179 7.83 11.43 41.19
CA ASN G 179 7.44 10.33 40.33
C ASN G 179 8.58 9.39 39.95
N GLY G 180 9.82 9.87 39.99
CA GLY G 180 10.97 9.04 39.66
C GLY G 180 12.25 9.59 40.28
N ALA G 181 13.27 8.74 40.42
CA ALA G 181 14.47 9.18 41.13
C ALA G 181 15.69 8.40 40.69
N HIS G 182 16.86 9.01 40.84
CA HIS G 182 18.12 8.28 40.73
C HIS G 182 18.29 7.53 42.03
N GLN G 183 18.71 6.27 41.97
CA GLN G 183 19.23 5.64 43.18
C GLN G 183 20.07 4.44 42.82
N ASP G 184 21.38 4.54 43.08
CA ASP G 184 22.33 3.45 42.82
C ASP G 184 23.46 3.63 43.80
N PRO G 185 23.53 2.75 44.81
CA PRO G 185 24.49 3.03 45.89
C PRO G 185 25.97 2.94 45.42
N GLN G 186 26.18 2.37 44.24
CA GLN G 186 27.53 2.36 43.70
C GLN G 186 28.04 3.79 43.57
N TYR G 187 27.14 4.72 43.26
CA TYR G 187 27.56 6.11 43.09
C TYR G 187 28.14 6.69 44.37
N ASN G 188 27.41 6.55 45.47
CA ASN G 188 27.89 6.97 46.78
C ASN G 188 29.27 6.51 47.15
N VAL G 189 29.60 5.27 46.78
CA VAL G 189 30.89 4.70 47.10
C VAL G 189 32.01 5.24 46.20
N LEU G 190 31.89 5.04 44.90
CA LEU G 190 32.93 5.49 43.96
C LEU G 190 33.21 6.99 44.00
N TYR G 191 32.16 7.80 44.04
CA TYR G 191 32.32 9.21 43.69
C TYR G 191 32.15 10.21 44.83
N ARG G 192 31.52 9.81 45.94
CA ARG G 192 31.38 10.70 47.08
C ARG G 192 32.11 10.14 48.31
N ASN G 193 32.96 9.16 48.11
CA ASN G 193 33.58 8.41 49.20
C ASN G 193 32.76 8.21 50.49
N ILE G 194 31.48 7.84 50.34
CA ILE G 194 30.68 7.43 51.48
C ILE G 194 30.96 5.94 51.80
N ASN G 195 30.92 5.56 53.08
CA ASN G 195 31.28 4.18 53.45
C ASN G 195 30.44 3.12 52.75
N MET G 196 31.09 2.07 52.27
CA MET G 196 30.41 1.17 51.36
C MET G 196 29.41 0.26 52.07
N ILE G 197 29.65 -0.01 53.34
CA ILE G 197 28.72 -0.79 54.16
C ILE G 197 27.45 0.02 54.45
N ARG G 198 27.66 1.21 55.02
CA ARG G 198 26.56 2.14 55.33
C ARG G 198 25.67 2.36 54.12
N SER G 199 26.31 2.62 52.99
CA SER G 199 25.64 2.96 51.75
C SER G 199 24.66 1.89 51.26
N PHE G 200 25.13 0.64 51.26
CA PHE G 200 24.38 -0.51 50.74
C PHE G 200 23.33 -1.02 51.69
N ILE G 201 23.52 -0.76 52.98
CA ILE G 201 22.50 -1.09 53.96
C ILE G 201 21.37 -0.06 53.93
N ASP G 202 21.73 1.22 53.80
CA ASP G 202 20.75 2.28 53.60
C ASP G 202 19.92 2.06 52.32
N ALA G 203 20.59 1.60 51.28
CA ALA G 203 19.95 1.51 49.98
C ALA G 203 18.79 0.51 49.96
N CYS G 204 18.92 -0.61 50.68
CA CYS G 204 17.82 -1.58 50.77
C CYS G 204 16.54 -0.87 51.21
N GLU G 205 16.66 -0.01 52.22
CA GLU G 205 15.52 0.75 52.68
C GLU G 205 15.06 1.78 51.62
N SER G 206 16.00 2.57 51.11
CA SER G 206 15.65 3.56 50.10
C SER G 206 14.82 2.94 48.98
N LYS G 207 15.34 1.87 48.38
CA LYS G 207 14.65 1.18 47.29
C LYS G 207 13.28 0.58 47.68
N THR G 208 13.13 0.16 48.93
CA THR G 208 11.86 -0.40 49.36
C THR G 208 10.78 0.65 49.32
N ILE G 209 11.11 1.84 49.81
CA ILE G 209 10.18 2.98 49.75
C ILE G 209 9.75 3.31 48.32
N MET G 210 10.75 3.39 47.43
CA MET G 210 10.52 3.74 46.03
C MET G 210 9.63 2.73 45.36
N ALA G 211 9.81 1.46 45.72
CA ALA G 211 8.90 0.40 45.27
C ALA G 211 7.49 0.69 45.72
N TRP G 212 7.34 1.06 46.99
CA TRP G 212 6.02 1.29 47.55
C TRP G 212 5.36 2.44 46.80
N ALA G 213 6.16 3.48 46.53
CA ALA G 213 5.64 4.68 45.88
C ALA G 213 5.50 4.51 44.37
N ASP G 214 5.61 3.28 43.88
CA ASP G 214 5.69 2.96 42.44
C ASP G 214 6.57 3.94 41.64
N MET G 215 7.77 4.21 42.13
CA MET G 215 8.64 5.20 41.49
C MET G 215 9.57 4.52 40.51
N ALA G 216 9.90 5.21 39.43
CA ALA G 216 10.92 4.72 38.51
C ALA G 216 12.33 5.05 39.02
N GLN G 217 13.23 4.08 38.88
CA GLN G 217 14.58 4.19 39.42
C GLN G 217 15.61 4.22 38.31
N ILE G 218 16.50 5.20 38.38
CA ILE G 218 17.59 5.37 37.41
C ILE G 218 18.93 5.16 38.08
N ASP G 219 19.82 4.39 37.45
CA ASP G 219 21.14 4.16 38.03
C ASP G 219 22.20 5.14 37.56
N GLY G 220 23.45 4.85 37.87
CA GLY G 220 24.50 5.83 37.68
C GLY G 220 25.75 5.25 37.08
N ALA G 221 25.58 4.19 36.32
CA ALA G 221 26.71 3.48 35.72
C ALA G 221 27.38 4.38 34.70
N HIS G 222 26.55 5.20 34.06
CA HIS G 222 27.02 6.11 33.03
C HIS G 222 28.00 7.13 33.60
N ASN G 223 27.98 7.32 34.92
CA ASN G 223 28.97 8.19 35.56
C ASN G 223 30.41 7.82 35.21
N ALA G 224 30.66 6.56 34.89
CA ALA G 224 32.01 6.12 34.58
C ALA G 224 32.53 6.64 33.23
N ASN G 225 31.61 7.12 32.38
CA ASN G 225 31.95 7.72 31.09
C ASN G 225 32.69 9.04 31.31
N ALA G 226 32.11 9.92 32.13
CA ALA G 226 32.79 11.16 32.50
C ALA G 226 34.15 10.96 33.23
N THR G 227 34.12 10.27 34.39
CA THR G 227 35.35 10.01 35.18
C THR G 227 36.44 9.16 34.48
N ALA G 228 36.11 8.56 33.33
CA ALA G 228 37.06 7.67 32.66
C ALA G 228 37.61 8.24 31.36
N ARG G 229 38.93 8.06 31.20
CA ARG G 229 39.71 8.71 30.17
C ARG G 229 39.19 8.50 28.74
N GLU G 230 39.42 7.31 28.17
CA GLU G 230 38.97 7.01 26.81
C GLU G 230 37.65 6.26 26.83
N ALA G 231 36.53 7.00 26.81
CA ALA G 231 35.24 6.41 27.12
C ALA G 231 34.98 5.01 26.55
N TRP G 232 35.52 4.67 25.37
CA TRP G 232 35.14 3.40 24.74
C TRP G 232 35.63 2.13 25.47
N LYS G 233 36.68 2.30 26.26
CA LYS G 233 37.29 1.21 27.04
C LYS G 233 36.54 0.77 28.32
N VAL G 234 35.53 1.52 28.73
CA VAL G 234 34.85 1.33 30.02
C VAL G 234 33.59 0.43 29.94
N MET G 235 33.30 -0.06 28.75
CA MET G 235 32.06 -0.78 28.48
C MET G 235 31.81 -2.06 29.28
N PRO G 236 32.84 -2.91 29.42
CA PRO G 236 32.65 -4.02 30.36
C PRO G 236 32.23 -3.51 31.77
N GLU G 237 32.89 -2.46 32.29
CA GLU G 237 32.58 -1.99 33.63
C GLU G 237 31.18 -1.41 33.68
N LEU G 238 30.70 -0.91 32.54
CA LEU G 238 29.35 -0.35 32.47
C LEU G 238 28.35 -1.48 32.64
N MET G 239 28.62 -2.63 32.03
CA MET G 239 27.67 -3.71 32.09
C MET G 239 27.65 -4.28 33.51
N VAL G 240 28.81 -4.28 34.16
CA VAL G 240 28.90 -4.74 35.53
C VAL G 240 28.18 -3.78 36.49
N GLN G 241 28.38 -2.49 36.32
CA GLN G 241 27.72 -1.50 37.16
C GLN G 241 26.23 -1.51 36.95
N HIS G 242 25.79 -1.69 35.71
CA HIS G 242 24.36 -1.76 35.44
C HIS G 242 23.74 -2.99 36.09
N ALA G 243 24.48 -4.09 36.07
CA ALA G 243 23.99 -5.38 36.54
C ALA G 243 23.79 -5.41 38.06
N LEU G 244 24.84 -5.05 38.78
CA LEU G 244 24.83 -5.08 40.24
C LEU G 244 23.72 -4.22 40.81
N ASN G 245 23.54 -3.02 40.30
CA ASN G 245 22.47 -2.20 40.85
C ASN G 245 21.14 -2.81 40.49
N SER G 246 21.08 -3.35 39.27
CA SER G 246 19.83 -3.88 38.73
C SER G 246 19.34 -5.13 39.44
N ILE G 247 20.19 -6.13 39.60
CA ILE G 247 19.74 -7.37 40.24
C ILE G 247 19.44 -7.09 41.70
N PHE G 248 20.26 -6.25 42.32
CA PHE G 248 20.08 -5.84 43.70
C PHE G 248 18.73 -5.11 43.91
N SER G 249 18.33 -4.30 42.95
CA SER G 249 17.07 -3.60 43.08
C SER G 249 15.91 -4.58 42.96
N LEU G 250 16.14 -5.68 42.24
CA LEU G 250 15.09 -6.65 41.97
C LEU G 250 14.84 -7.53 43.18
N LYS G 251 15.92 -8.05 43.75
CA LYS G 251 15.80 -8.88 44.94
C LYS G 251 15.09 -8.08 46.02
N VAL G 252 15.36 -6.79 46.11
CA VAL G 252 14.76 -6.00 47.17
C VAL G 252 13.26 -5.88 46.94
N GLY G 253 12.87 -5.85 45.68
CA GLY G 253 11.46 -5.89 45.34
C GLY G 253 10.95 -4.79 44.42
N MET G 254 11.85 -4.16 43.65
CA MET G 254 11.40 -3.27 42.59
C MET G 254 10.93 -4.11 41.43
N LYS G 255 9.95 -3.60 40.70
CA LYS G 255 9.53 -4.21 39.46
C LYS G 255 10.61 -3.98 38.41
N LYS G 256 10.94 -5.02 37.65
CA LYS G 256 11.86 -4.88 36.53
C LYS G 256 11.46 -3.71 35.61
N SER G 257 10.16 -3.51 35.42
CA SER G 257 9.66 -2.40 34.58
C SER G 257 9.80 -1.00 35.21
N ASN G 258 10.34 -0.93 36.43
CA ASN G 258 10.59 0.36 37.05
C ASN G 258 12.07 0.56 37.24
N ILE G 259 12.84 -0.45 36.85
CA ILE G 259 14.32 -0.41 36.91
C ILE G 259 14.92 0.03 35.55
N CYS G 260 15.63 1.15 35.56
CA CYS G 260 16.06 1.79 34.33
C CYS G 260 17.56 1.98 34.30
N LEU G 261 18.18 1.56 33.23
CA LEU G 261 19.60 1.76 33.08
C LEU G 261 19.85 3.13 32.46
N SER G 262 20.68 3.90 33.13
CA SER G 262 21.26 5.09 32.56
C SER G 262 22.27 4.70 31.49
N THR G 263 21.84 4.68 30.23
CA THR G 263 22.74 4.24 29.16
C THR G 263 23.04 5.31 28.11
N VAL G 264 24.21 5.92 28.25
CA VAL G 264 24.74 6.89 27.30
C VAL G 264 25.65 6.22 26.27
N PRO G 265 25.48 6.54 24.97
CA PRO G 265 26.47 6.14 23.97
C PRO G 265 27.79 6.85 24.28
N PRO G 266 28.85 6.06 24.45
CA PRO G 266 30.12 6.51 25.03
C PRO G 266 30.92 7.53 24.21
N THR G 267 31.10 7.27 22.92
CA THR G 267 32.00 8.07 22.10
C THR G 267 31.24 9.09 21.21
N ALA G 268 31.94 10.15 20.81
CA ALA G 268 31.44 11.15 19.88
C ALA G 268 32.44 11.32 18.72
N PRO G 269 32.03 11.99 17.64
CA PRO G 269 33.00 12.23 16.57
C PRO G 269 34.02 13.25 17.05
N PRO G 270 35.25 13.22 16.53
CA PRO G 270 35.74 12.51 15.34
C PRO G 270 35.85 10.98 15.42
N ALA G 271 35.47 10.35 16.53
CA ALA G 271 35.56 8.88 16.58
C ALA G 271 34.51 8.30 15.64
N PRO G 272 34.72 7.08 15.17
CA PRO G 272 33.63 6.43 14.45
C PRO G 272 32.66 5.92 15.51
N SER G 273 31.85 6.83 16.02
CA SER G 273 31.06 6.63 17.23
C SER G 273 29.90 5.60 17.12
N MET G 274 29.18 5.61 16.01
CA MET G 274 28.19 4.58 15.79
C MET G 274 28.79 3.16 15.86
N TYR G 275 29.95 2.99 15.21
CA TYR G 275 30.56 1.67 15.07
C TYR G 275 31.09 1.20 16.42
N LEU G 276 31.47 2.15 17.26
CA LEU G 276 32.03 1.86 18.57
C LEU G 276 30.93 1.63 19.59
N ASP G 277 29.89 2.46 19.54
CA ASP G 277 28.81 2.36 20.48
C ASP G 277 27.71 1.36 20.13
N LEU G 278 27.34 1.26 18.85
CA LEU G 278 26.21 0.44 18.49
C LEU G 278 26.34 -1.02 18.93
N PRO G 279 27.52 -1.64 18.74
CA PRO G 279 27.59 -2.99 19.32
C PRO G 279 27.29 -3.00 20.82
N TYR G 280 27.69 -1.97 21.57
CA TYR G 280 27.42 -1.90 23.01
C TYR G 280 25.90 -1.80 23.29
N ALA G 281 25.22 -0.83 22.68
CA ALA G 281 23.76 -0.67 22.87
C ALA G 281 22.93 -1.93 22.55
N VAL G 282 23.49 -2.80 21.72
CA VAL G 282 22.82 -3.99 21.30
C VAL G 282 23.08 -5.04 22.34
N ALA G 283 24.33 -5.06 22.80
CA ALA G 283 24.78 -6.03 23.77
C ALA G 283 24.13 -5.81 25.12
N LEU G 284 24.22 -4.59 25.63
CA LEU G 284 23.57 -4.22 26.88
C LEU G 284 22.08 -4.54 26.82
N ARG G 285 21.41 -4.25 25.70
CA ARG G 285 19.96 -4.46 25.65
C ARG G 285 19.55 -5.93 25.56
N GLU G 286 20.50 -6.81 25.23
CA GLU G 286 20.22 -8.24 25.12
C GLU G 286 20.44 -8.85 26.47
N MET G 287 21.49 -8.39 27.14
CA MET G 287 21.78 -8.84 28.49
C MET G 287 20.76 -8.35 29.53
N PHE G 288 20.15 -7.19 29.31
CA PHE G 288 19.15 -6.67 30.25
C PHE G 288 17.73 -6.69 29.69
N GLU G 289 17.40 -7.71 28.91
CA GLU G 289 16.04 -7.90 28.44
C GLU G 289 15.07 -7.93 29.61
N GLY G 290 14.01 -7.14 29.52
CA GLY G 290 13.05 -7.03 30.62
C GLY G 290 13.18 -5.76 31.47
N TYR G 291 14.36 -5.15 31.48
CA TYR G 291 14.54 -3.90 32.19
C TYR G 291 14.27 -2.71 31.26
N ARG G 292 14.04 -1.53 31.85
CA ARG G 292 13.87 -0.30 31.06
C ARG G 292 15.22 0.31 30.64
N MET G 293 15.21 1.01 29.52
CA MET G 293 16.42 1.61 28.99
C MET G 293 16.23 3.10 28.98
N ARG G 294 16.92 3.79 29.89
CA ARG G 294 16.92 5.26 29.91
C ARG G 294 18.13 5.83 29.18
N ALA G 295 17.95 6.11 27.90
CA ALA G 295 19.01 6.68 27.11
C ALA G 295 19.24 8.11 27.57
N GLN G 296 20.51 8.46 27.72
CA GLN G 296 20.90 9.83 28.06
C GLN G 296 21.94 10.27 27.02
N MET G 297 21.86 11.51 26.58
CA MET G 297 22.82 12.00 25.59
C MET G 297 24.21 12.22 26.18
N ASN G 298 25.18 12.36 25.26
CA ASN G 298 26.59 12.53 25.55
C ASN G 298 26.90 13.83 26.27
N THR G 299 27.78 13.77 27.28
CA THR G 299 28.22 15.02 27.92
C THR G 299 29.74 15.20 27.99
N LYS G 300 30.48 14.09 28.05
CA LYS G 300 31.92 14.14 28.18
C LYS G 300 32.66 14.86 27.05
N TYR G 301 32.43 14.42 25.83
CA TYR G 301 33.10 14.97 24.66
C TYR G 301 32.30 16.12 24.11
N MET G 302 32.33 17.23 24.83
CA MET G 302 31.47 18.36 24.49
C MET G 302 32.26 19.64 24.57
N GLU G 303 31.87 20.63 23.78
CA GLU G 303 32.59 21.88 23.78
C GLU G 303 31.65 23.05 23.82
N ALA G 304 32.08 24.18 23.25
CA ALA G 304 31.30 25.40 23.32
C ALA G 304 30.42 25.66 22.10
N SER G 305 30.38 24.70 21.18
CA SER G 305 29.62 24.85 19.95
C SER G 305 28.24 24.23 20.12
N THR G 306 27.19 25.05 20.19
CA THR G 306 25.85 24.48 20.29
C THR G 306 25.56 23.62 19.08
N ARG G 307 26.05 24.05 17.91
CA ARG G 307 25.91 23.27 16.69
C ARG G 307 26.54 21.91 16.81
N GLU G 308 27.77 21.85 17.31
CA GLU G 308 28.41 20.54 17.46
C GLU G 308 27.55 19.65 18.36
N ALA G 309 27.28 20.13 19.57
CA ALA G 309 26.49 19.34 20.50
C ALA G 309 25.21 18.77 19.86
N THR G 310 24.43 19.64 19.23
CA THR G 310 23.20 19.19 18.59
C THR G 310 23.42 18.05 17.60
N VAL G 311 24.48 18.16 16.79
CA VAL G 311 24.73 17.12 15.81
C VAL G 311 25.08 15.77 16.45
N THR G 312 25.88 15.81 17.52
CA THR G 312 26.21 14.59 18.26
C THR G 312 24.96 13.98 18.92
N HIS G 313 24.05 14.83 19.41
CA HIS G 313 22.86 14.30 20.07
C HIS G 313 21.93 13.65 19.08
N VAL G 314 21.88 14.16 17.86
CA VAL G 314 21.04 13.52 16.86
C VAL G 314 21.53 12.10 16.64
N LEU G 315 22.84 11.92 16.54
CA LEU G 315 23.44 10.58 16.48
C LEU G 315 23.13 9.74 17.73
N ASN G 316 23.20 10.34 18.92
CA ASN G 316 22.71 9.69 20.15
C ASN G 316 21.27 9.18 20.02
N LEU G 317 20.41 10.03 19.45
CA LEU G 317 19.01 9.69 19.19
C LEU G 317 18.88 8.53 18.19
N LEU G 318 19.88 8.39 17.32
CA LEU G 318 19.86 7.36 16.30
C LEU G 318 20.19 6.01 16.91
N ILE G 319 21.06 6.02 17.91
CA ILE G 319 21.40 4.81 18.61
C ILE G 319 20.18 4.26 19.35
N SER G 320 19.40 5.15 19.94
CA SER G 320 18.19 4.73 20.62
C SER G 320 17.11 4.22 19.64
N LYS G 321 16.98 4.84 18.48
CA LYS G 321 15.98 4.35 17.54
C LYS G 321 16.34 2.97 16.98
N LEU G 322 17.57 2.81 16.52
CA LEU G 322 18.08 1.54 16.01
C LEU G 322 17.89 0.41 17.02
N THR G 323 17.81 0.74 18.29
CA THR G 323 17.72 -0.30 19.31
C THR G 323 16.45 -0.13 20.16
N ARG G 324 16.61 0.33 21.41
CA ARG G 324 15.44 0.66 22.21
C ARG G 324 15.72 1.82 23.15
N ALA G 325 14.67 2.55 23.50
CA ALA G 325 14.70 3.54 24.58
C ALA G 325 13.31 3.71 25.19
N ASP G 326 13.20 3.45 26.50
CA ASP G 326 11.95 3.65 27.21
C ASP G 326 11.82 5.07 27.76
N ILE G 327 12.96 5.64 28.15
CA ILE G 327 13.03 7.03 28.58
C ILE G 327 14.15 7.63 27.80
N GLN G 328 13.93 8.78 27.19
CA GLN G 328 15.04 9.41 26.50
C GLN G 328 15.33 10.78 27.10
N SER G 329 16.47 10.92 27.76
CA SER G 329 16.85 12.21 28.32
C SER G 329 17.62 13.07 27.30
N THR G 330 17.49 14.38 27.48
CA THR G 330 18.17 15.33 26.62
C THR G 330 19.30 16.03 27.38
N ILE G 331 20.19 16.69 26.64
CA ILE G 331 21.29 17.47 27.19
C ILE G 331 21.27 18.78 26.46
N THR G 332 21.41 19.88 27.18
CA THR G 332 21.41 21.18 26.52
C THR G 332 22.64 21.34 25.58
N PRO G 333 22.44 21.94 24.39
CA PRO G 333 23.57 22.20 23.47
C PRO G 333 24.62 23.15 24.08
N ASP G 334 24.18 24.03 24.96
CA ASP G 334 25.11 24.93 25.64
C ASP G 334 25.84 24.30 26.84
N GLU G 335 25.82 22.98 26.96
CA GLU G 335 26.33 22.30 28.16
C GLU G 335 27.79 22.59 28.43
N GLY G 336 28.59 22.60 27.36
CA GLY G 336 30.02 22.77 27.50
C GLY G 336 30.45 24.22 27.49
N ARG G 337 29.47 25.11 27.50
CA ARG G 337 29.71 26.54 27.28
C ARG G 337 29.43 27.37 28.53
N ASN G 338 28.28 27.09 29.14
CA ASN G 338 27.81 27.85 30.28
C ASN G 338 26.84 26.95 31.03
N VAL G 339 26.34 27.43 32.16
CA VAL G 339 25.26 26.71 32.82
C VAL G 339 24.00 26.94 31.97
N PRO G 340 23.17 25.90 31.82
CA PRO G 340 22.02 25.95 30.91
C PRO G 340 21.05 27.11 31.10
N TRP G 341 20.75 27.79 29.98
CA TRP G 341 19.75 28.87 29.88
C TRP G 341 18.38 28.34 29.46
N HIS G 342 17.33 29.10 29.77
CA HIS G 342 15.96 28.73 29.40
C HIS G 342 15.88 28.16 27.99
N ILE G 343 16.53 28.85 27.06
CA ILE G 343 16.33 28.52 25.65
C ILE G 343 17.08 27.29 25.14
N TYR G 344 18.14 26.89 25.81
CA TYR G 344 18.79 25.64 25.38
C TYR G 344 18.18 24.35 25.96
N ASN G 345 17.36 24.48 27.00
CA ASN G 345 16.51 23.39 27.45
C ASN G 345 15.45 23.21 26.39
N ILE G 346 14.89 24.33 25.96
CA ILE G 346 13.87 24.27 24.94
C ILE G 346 14.48 23.83 23.62
N GLU G 347 15.74 24.16 23.37
CA GLU G 347 16.40 23.61 22.18
C GLU G 347 16.47 22.11 22.29
N ALA G 348 16.95 21.63 23.43
CA ALA G 348 17.11 20.20 23.67
C ALA G 348 15.81 19.41 23.44
N CYS G 349 14.67 19.94 23.90
CA CYS G 349 13.42 19.22 23.71
C CYS G 349 13.04 19.18 22.23
N ASP G 350 12.93 20.37 21.63
CA ASP G 350 12.69 20.51 20.21
C ASP G 350 13.55 19.55 19.38
N THR G 351 14.85 19.52 19.62
CA THR G 351 15.71 18.59 18.89
C THR G 351 15.31 17.12 18.99
N ALA G 352 14.89 16.68 20.17
CA ALA G 352 14.58 15.27 20.38
C ALA G 352 13.26 14.86 19.71
N LYS G 353 12.21 15.62 19.98
CA LYS G 353 10.97 15.50 19.27
C LYS G 353 11.24 15.45 17.76
N GLN G 354 12.03 16.39 17.25
CA GLN G 354 12.30 16.50 15.81
C GLN G 354 13.02 15.29 15.19
N ALA G 355 14.09 14.80 15.79
CA ALA G 355 14.74 13.64 15.18
C ALA G 355 14.03 12.28 15.36
N LEU G 356 13.29 12.09 16.45
CA LEU G 356 12.55 10.85 16.62
C LEU G 356 11.30 10.84 15.73
N ILE G 357 10.77 12.02 15.45
CA ILE G 357 9.57 12.10 14.64
C ILE G 357 10.00 11.93 13.21
N GLY G 358 11.12 12.55 12.87
CA GLY G 358 11.76 12.33 11.59
C GLY G 358 11.99 10.85 11.33
N MET G 359 12.35 10.09 12.36
CA MET G 359 12.71 8.69 12.23
C MET G 359 11.52 7.76 12.43
N ASP G 360 10.32 8.33 12.32
CA ASP G 360 9.08 7.56 12.52
C ASP G 360 8.99 6.33 11.62
N GLY G 361 8.76 5.18 12.23
CA GLY G 361 8.64 3.92 11.50
C GLY G 361 9.87 3.55 10.72
N LEU G 362 10.99 4.18 11.01
CA LEU G 362 12.26 3.85 10.39
C LEU G 362 12.60 2.37 10.46
N MET G 363 12.12 1.67 11.49
CA MET G 363 12.52 0.26 11.64
C MET G 363 11.66 -0.70 10.84
N ASP G 364 10.79 -0.17 10.00
CA ASP G 364 10.13 -1.03 9.04
C ASP G 364 10.99 -1.10 7.81
N MET G 365 11.83 -0.10 7.61
CA MET G 365 12.66 -0.06 6.42
C MET G 365 14.12 -0.43 6.69
N VAL G 366 14.53 -0.42 7.96
CA VAL G 366 15.93 -0.69 8.35
C VAL G 366 16.10 -1.71 9.49
N GLN G 367 17.11 -2.57 9.38
CA GLN G 367 17.40 -3.49 10.45
C GLN G 367 18.89 -3.75 10.61
N LEU G 368 19.27 -4.19 11.81
CA LEU G 368 20.65 -4.43 12.17
C LEU G 368 21.26 -5.62 11.45
N LYS G 369 22.38 -5.42 10.76
CA LYS G 369 23.13 -6.50 10.14
C LYS G 369 23.76 -7.34 11.23
N ARG G 370 22.91 -8.11 11.89
CA ARG G 370 23.21 -8.67 13.20
C ARG G 370 24.31 -9.72 13.22
N GLU G 371 24.28 -10.63 12.25
CA GLU G 371 25.34 -11.63 12.08
C GLU G 371 26.40 -11.02 11.17
N GLY G 372 27.45 -10.46 11.77
CA GLY G 372 28.47 -9.74 11.02
C GLY G 372 29.52 -9.28 12.03
N VAL G 373 30.20 -8.18 11.74
CA VAL G 373 31.15 -7.62 12.71
C VAL G 373 30.41 -7.21 14.01
N LEU G 374 29.11 -6.96 13.88
CA LEU G 374 28.29 -6.58 15.02
C LEU G 374 28.17 -7.72 16.02
N GLY G 375 27.63 -8.84 15.58
CA GLY G 375 27.47 -9.99 16.43
C GLY G 375 28.77 -10.49 17.07
N ASP G 376 29.90 -10.26 16.38
CA ASP G 376 31.21 -10.64 16.91
C ASP G 376 31.55 -9.73 18.07
N THR G 377 31.48 -8.42 17.79
CA THR G 377 31.74 -7.40 18.78
C THR G 377 30.70 -7.47 19.89
N VAL G 378 29.46 -7.83 19.55
CA VAL G 378 28.45 -7.96 20.59
C VAL G 378 28.78 -9.10 21.56
N ARG G 379 29.24 -10.21 21.01
CA ARG G 379 29.64 -11.36 21.83
C ARG G 379 30.83 -11.04 22.69
N GLU G 380 31.76 -10.27 22.12
CA GLU G 380 33.06 -9.99 22.74
C GLU G 380 32.88 -9.14 23.99
N LEU G 381 31.99 -8.15 23.92
CA LEU G 381 31.67 -7.32 25.08
C LEU G 381 30.97 -8.14 26.17
N LYS G 382 30.04 -9.01 25.76
CA LYS G 382 29.41 -9.91 26.73
C LYS G 382 30.47 -10.70 27.49
N GLU G 383 31.37 -11.35 26.76
CA GLU G 383 32.42 -12.14 27.38
C GLU G 383 33.30 -11.31 28.31
N ARG G 384 33.66 -10.09 27.89
CA ARG G 384 34.48 -9.24 28.74
C ARG G 384 33.74 -8.97 30.04
N ALA G 385 32.41 -8.85 29.95
CA ALA G 385 31.61 -8.59 31.15
C ALA G 385 31.64 -9.77 32.12
N VAL G 386 31.28 -10.95 31.61
CA VAL G 386 31.37 -12.17 32.39
C VAL G 386 32.71 -12.39 33.10
N LEU G 387 33.81 -12.24 32.38
CA LEU G 387 35.15 -12.31 32.99
C LEU G 387 35.30 -11.34 34.18
N PHE G 388 34.89 -10.09 33.99
CA PHE G 388 34.92 -9.06 35.03
C PHE G 388 34.20 -9.54 36.30
N MET G 389 32.97 -10.02 36.14
CA MET G 389 32.24 -10.67 37.23
C MET G 389 33.00 -11.83 37.86
N GLU G 390 33.61 -12.68 37.03
CA GLU G 390 34.35 -13.79 37.60
C GLU G 390 35.43 -13.27 38.52
N GLU G 391 36.12 -12.19 38.11
CA GLU G 391 37.24 -11.72 38.89
C GLU G 391 36.81 -11.12 40.24
N ILE G 392 35.64 -10.50 40.27
CA ILE G 392 35.13 -9.86 41.48
C ILE G 392 34.84 -10.94 42.54
N ILE G 393 34.14 -11.98 42.11
CA ILE G 393 33.89 -13.19 42.90
C ILE G 393 35.23 -13.76 43.35
N GLU G 394 36.08 -13.97 42.37
CA GLU G 394 37.38 -14.58 42.57
C GLU G 394 38.18 -13.88 43.66
N ALA G 395 37.92 -12.60 43.87
CA ALA G 395 38.71 -11.78 44.80
C ALA G 395 38.04 -11.60 46.16
N GLY G 396 36.96 -12.34 46.37
CA GLY G 396 36.25 -12.32 47.64
C GLY G 396 34.99 -11.48 47.63
N GLY G 397 34.51 -11.10 46.44
CA GLY G 397 33.26 -10.36 46.33
C GLY G 397 33.33 -8.87 46.09
N TYR G 398 32.17 -8.23 45.94
CA TYR G 398 32.07 -6.80 45.66
C TYR G 398 32.90 -5.90 46.58
N PHE G 399 32.68 -5.96 47.90
CA PHE G 399 33.43 -5.12 48.83
C PHE G 399 34.93 -5.18 48.58
N ASN G 400 35.49 -6.39 48.50
CA ASN G 400 36.92 -6.62 48.19
C ASN G 400 37.36 -6.05 46.86
N ALA G 401 36.54 -6.29 45.84
CA ALA G 401 36.84 -5.77 44.53
C ALA G 401 36.97 -4.24 44.60
N VAL G 402 36.09 -3.58 45.35
CA VAL G 402 36.17 -2.12 45.46
C VAL G 402 37.48 -1.66 46.12
N GLU G 403 37.89 -2.33 47.20
CA GLU G 403 39.18 -2.00 47.86
C GLU G 403 40.38 -2.16 46.95
N GLN G 404 40.30 -3.07 46.00
CA GLN G 404 41.44 -3.33 45.12
C GLN G 404 41.47 -2.42 43.87
N GLY G 405 40.55 -1.46 43.80
CA GLY G 405 40.52 -0.53 42.69
C GLY G 405 39.98 -1.06 41.36
N PHE G 406 39.21 -2.14 41.42
CA PHE G 406 38.53 -2.67 40.24
C PHE G 406 37.73 -1.63 39.44
N PHE G 407 37.18 -0.62 40.12
CA PHE G 407 36.30 0.32 39.44
C PHE G 407 36.95 1.66 39.13
N VAL G 408 36.67 2.15 37.93
CA VAL G 408 37.10 3.47 37.46
C VAL G 408 38.59 3.40 37.04
N ASP G 409 39.05 2.19 36.79
CA ASP G 409 40.32 1.94 36.11
C ASP G 409 40.18 2.37 34.63
N SER G 410 41.22 2.99 34.09
CA SER G 410 41.16 3.49 32.71
C SER G 410 41.44 2.40 31.69
N GLY G 411 41.74 1.20 32.17
CA GLY G 411 41.98 0.06 31.29
C GLY G 411 40.75 -0.48 30.57
N TYR G 412 40.98 -1.14 29.45
CA TYR G 412 39.93 -1.88 28.77
C TYR G 412 39.96 -3.29 29.33
N TYR G 413 39.02 -3.58 30.22
CA TYR G 413 39.02 -4.82 30.96
C TYR G 413 39.09 -5.99 29.99
N PRO G 414 39.84 -7.08 30.32
CA PRO G 414 40.50 -7.38 31.60
C PRO G 414 41.79 -6.60 31.84
N GLU G 415 42.17 -5.73 30.92
CA GLU G 415 43.32 -4.85 31.14
C GLU G 415 43.09 -3.99 32.38
N ARG G 416 44.14 -3.82 33.16
CA ARG G 416 44.11 -2.94 34.32
C ARG G 416 45.32 -2.01 34.37
N ASN G 417 45.12 -0.74 34.03
CA ASN G 417 46.16 0.26 34.13
C ASN G 417 46.47 0.63 35.58
N GLY G 418 45.62 0.17 36.50
CA GLY G 418 45.90 0.34 37.91
C GLY G 418 45.57 1.69 38.54
N ASP G 419 44.79 2.52 37.84
CA ASP G 419 44.44 3.84 38.35
C ASP G 419 42.99 3.96 38.83
N GLY G 420 42.40 2.84 39.26
CA GLY G 420 41.02 2.88 39.70
C GLY G 420 40.88 3.49 41.08
N ILE G 421 39.63 3.71 41.48
CA ILE G 421 39.29 4.23 42.79
C ILE G 421 39.16 3.10 43.78
N ALA G 422 39.92 3.20 44.84
CA ALA G 422 39.94 2.16 45.85
C ALA G 422 39.47 2.77 47.16
N ARG G 423 38.34 2.28 47.67
CA ARG G 423 37.75 2.83 48.86
C ARG G 423 37.96 1.85 49.99
N GLN G 424 38.21 2.35 51.20
CA GLN G 424 38.40 1.49 52.36
C GLN G 424 37.04 0.98 52.88
N ILE G 425 36.86 -0.34 52.87
CA ILE G 425 35.64 -0.98 53.38
C ILE G 425 35.18 -0.50 54.76
N ASN G 426 36.12 -0.12 55.60
CA ASN G 426 35.87 0.36 56.96
C ASN G 426 36.16 1.85 57.02
N GLY G 427 36.23 2.48 55.84
CA GLY G 427 36.59 3.88 55.72
C GLY G 427 35.49 4.64 55.04
N GLY G 428 35.68 5.94 54.86
CA GLY G 428 34.75 6.78 54.12
C GLY G 428 33.85 7.54 55.07
N ILE G 429 33.07 8.49 54.54
CA ILE G 429 32.06 9.18 55.34
C ILE G 429 31.02 8.20 55.81
N GLY G 430 30.65 8.31 57.09
CA GLY G 430 29.65 7.46 57.69
C GLY G 430 30.14 6.08 58.05
N ALA G 431 31.45 5.93 58.26
CA ALA G 431 32.01 4.65 58.69
C ALA G 431 31.74 4.45 60.16
N GLY G 432 31.65 3.19 60.57
CA GLY G 432 31.40 2.84 61.95
C GLY G 432 30.06 3.36 62.46
N THR G 433 29.08 3.41 61.57
CA THR G 433 27.71 3.78 61.96
C THR G 433 26.71 2.63 61.68
N VAL G 434 27.21 1.42 61.49
CA VAL G 434 26.29 0.30 61.29
C VAL G 434 26.13 -0.53 62.58
N PHE G 435 24.87 -0.80 62.94
CA PHE G 435 24.55 -1.45 64.21
C PHE G 435 23.75 -2.73 63.96
N GLU G 436 24.09 -3.80 64.66
CA GLU G 436 23.34 -5.04 64.52
C GLU G 436 21.89 -4.92 65.05
N ARG G 437 20.92 -5.47 64.32
CA ARG G 437 19.53 -5.55 64.79
C ARG G 437 19.35 -6.60 65.87
N ASP G 438 18.73 -6.23 66.99
CA ASP G 438 18.54 -7.16 68.08
C ASP G 438 17.35 -8.05 67.83
N GLU G 439 17.23 -9.13 68.61
CA GLU G 439 16.08 -10.02 68.44
C GLU G 439 14.79 -9.22 68.54
N ASP G 440 14.79 -8.23 69.41
CA ASP G 440 13.57 -7.47 69.64
C ASP G 440 13.50 -6.19 68.84
N TYR G 441 14.34 -6.07 67.80
CA TYR G 441 14.30 -4.88 66.95
C TYR G 441 12.90 -4.69 66.38
N MET G 442 12.46 -3.44 66.27
CA MET G 442 11.13 -3.18 65.69
C MET G 442 10.99 -1.82 65.03
N ALA G 443 10.27 -1.81 63.91
CA ALA G 443 10.00 -0.60 63.15
C ALA G 443 8.54 -0.63 62.68
N PRO G 444 7.70 0.25 63.25
CA PRO G 444 6.24 0.33 63.12
C PRO G 444 5.70 1.06 61.89
N VAL G 445 6.39 0.94 60.75
CA VAL G 445 6.00 1.68 59.56
C VAL G 445 5.76 0.79 58.35
N THR G 446 5.17 1.35 57.29
CA THR G 446 5.04 0.66 56.03
C THR G 446 6.35 0.76 55.26
N ALA G 447 6.65 -0.24 54.44
CA ALA G 447 7.85 -0.22 53.61
C ALA G 447 9.13 -0.26 54.41
N HIS G 448 9.28 -1.26 55.28
CA HIS G 448 10.55 -1.46 55.95
C HIS G 448 11.22 -2.70 55.37
N PHE G 449 12.53 -2.67 55.17
CA PHE G 449 13.23 -3.77 54.52
C PHE G 449 13.76 -4.86 55.45
N GLY G 450 14.53 -4.48 56.46
CA GLY G 450 15.20 -5.44 57.32
C GLY G 450 14.31 -6.27 58.25
N TYR G 451 14.94 -7.03 59.12
CA TYR G 451 14.22 -7.88 60.06
C TYR G 451 13.47 -7.02 61.07
N ASN G 452 12.16 -7.26 61.14
CA ASN G 452 11.24 -6.42 61.89
C ASN G 452 10.39 -7.28 62.80
N ASN G 453 10.61 -7.19 64.11
CA ASN G 453 9.86 -7.98 65.09
C ASN G 453 8.50 -7.38 65.47
N VAL G 454 7.43 -7.90 64.86
CA VAL G 454 6.10 -7.38 65.12
C VAL G 454 5.30 -8.41 65.93
N LYS G 455 5.64 -9.67 65.73
CA LYS G 455 5.19 -10.78 66.58
C LYS G 455 5.12 -10.38 68.03
N GLN G 456 6.25 -9.94 68.56
CA GLN G 456 6.35 -9.62 69.98
C GLN G 456 5.23 -8.70 70.46
N TYR G 457 4.46 -8.12 69.54
CA TYR G 457 3.33 -7.25 69.89
C TYR G 457 1.95 -7.73 69.37
N ASP G 458 1.90 -8.19 68.12
CA ASP G 458 0.65 -8.70 67.54
C ASP G 458 0.93 -9.62 66.35
N GLU G 459 0.95 -10.92 66.60
CA GLU G 459 1.20 -11.91 65.55
C GLU G 459 0.41 -11.64 64.26
N ALA G 460 -0.83 -11.20 64.40
CA ALA G 460 -1.65 -10.90 63.22
C ALA G 460 -0.98 -9.90 62.28
N LEU G 461 -0.45 -8.83 62.87
CA LEU G 461 -0.04 -7.59 62.18
C LEU G 461 1.28 -7.60 61.39
N VAL G 462 1.94 -8.75 61.30
CA VAL G 462 3.25 -8.82 60.64
C VAL G 462 3.29 -8.25 59.22
N SER G 463 2.20 -8.40 58.47
CA SER G 463 2.19 -7.93 57.10
C SER G 463 1.85 -6.44 57.01
N GLU G 464 1.45 -5.84 58.13
CA GLU G 464 1.14 -4.41 58.15
C GLU G 464 1.60 -3.73 59.44
N PRO G 465 2.91 -3.59 59.63
CA PRO G 465 3.45 -3.00 60.85
C PRO G 465 2.82 -1.65 61.19
N SER G 466 2.49 -0.85 60.18
CA SER G 466 1.95 0.49 60.41
C SER G 466 0.70 0.52 61.31
N LYS G 467 -0.03 -0.59 61.40
CA LYS G 467 -1.22 -0.60 62.24
C LYS G 467 -0.83 -0.41 63.71
N LEU G 468 0.22 -1.09 64.14
CA LEU G 468 0.81 -0.85 65.45
C LEU G 468 0.66 0.60 65.95
N ILE G 469 0.62 1.59 65.04
CA ILE G 469 0.36 2.99 65.42
C ILE G 469 -0.76 3.64 64.61
N ASP G 470 -1.63 2.81 64.02
CA ASP G 470 -2.75 3.28 63.19
C ASP G 470 -2.31 4.06 61.95
N GLY G 471 -1.36 3.48 61.21
CA GLY G 471 -0.78 4.09 60.01
C GLY G 471 0.43 4.98 60.27
N CYS G 472 1.40 4.92 59.36
CA CYS G 472 2.50 5.89 59.32
C CYS G 472 2.12 6.97 58.33
N THR G 473 3.03 7.90 58.06
CA THR G 473 2.72 8.97 57.10
C THR G 473 2.29 8.46 55.72
N LEU G 474 2.66 7.22 55.38
CA LEU G 474 2.34 6.67 54.06
C LEU G 474 0.85 6.37 53.93
N GLU G 475 0.19 6.09 55.06
CA GLU G 475 -1.25 5.87 55.09
C GLU G 475 -2.00 7.13 55.54
N VAL G 476 -1.29 8.00 56.25
CA VAL G 476 -1.92 9.08 56.99
C VAL G 476 -1.13 10.37 56.82
N PRO G 477 -1.23 10.97 55.63
CA PRO G 477 -0.59 12.26 55.31
C PRO G 477 -0.65 13.28 56.45
N GLU G 478 -1.66 13.19 57.31
CA GLU G 478 -1.86 14.18 58.36
C GLU G 478 -0.76 14.17 59.43
N LYS G 479 0.01 13.09 59.50
CA LYS G 479 1.11 12.99 60.48
C LYS G 479 2.44 13.69 60.05
N ILE G 480 2.54 14.06 58.78
CA ILE G 480 3.73 14.69 58.26
C ILE G 480 3.88 16.06 58.83
N VAL G 481 5.04 16.32 59.43
CA VAL G 481 5.35 17.64 59.97
C VAL G 481 5.95 18.58 58.92
N TYR G 482 5.33 19.73 58.75
CA TYR G 482 5.76 20.66 57.74
C TYR G 482 6.61 21.81 58.33
N ILE G 483 7.92 21.78 58.06
CA ILE G 483 8.76 22.91 58.42
C ILE G 483 8.85 23.90 57.26
N ASP G 484 8.45 25.14 57.53
CA ASP G 484 8.40 26.16 56.50
C ASP G 484 9.75 26.80 56.20
N GLU G 485 10.29 27.59 57.13
CA GLU G 485 11.63 28.14 56.96
C GLU G 485 12.47 28.05 58.23
N LEU G 486 13.78 28.14 58.06
CA LEU G 486 14.69 28.02 59.18
C LEU G 486 15.65 29.19 59.14
N ASP G 487 15.71 29.86 57.99
CA ASP G 487 16.62 30.99 57.87
C ASP G 487 15.79 32.21 57.54
N GLU G 488 15.82 33.20 58.43
CA GLU G 488 15.07 34.42 58.26
C GLU G 488 15.59 35.25 57.08
N ASN G 489 16.83 34.98 56.67
CA ASN G 489 17.48 35.73 55.60
C ASN G 489 17.68 34.97 54.29
N ASP G 490 18.10 33.73 54.41
CA ASP G 490 18.29 32.90 53.24
C ASP G 490 17.02 32.18 52.90
N ASN G 491 16.11 32.84 52.19
CA ASN G 491 14.96 32.14 51.64
C ASN G 491 14.25 32.81 50.46
N VAL G 492 13.30 32.06 49.89
CA VAL G 492 12.52 32.45 48.72
C VAL G 492 11.85 33.83 48.82
N ASN G 493 11.24 34.13 49.96
CA ASN G 493 10.50 35.37 50.09
C ASN G 493 11.45 36.55 50.08
N VAL G 494 12.57 36.41 50.77
CA VAL G 494 13.54 37.48 50.76
C VAL G 494 14.00 37.70 49.34
N ARG G 495 14.25 36.58 48.65
CA ARG G 495 14.70 36.61 47.26
C ARG G 495 13.71 37.26 46.32
N MET G 496 12.44 37.12 46.67
CA MET G 496 11.36 37.50 45.77
C MET G 496 10.93 38.95 45.91
N GLU G 497 11.10 39.53 47.10
CA GLU G 497 10.81 40.93 47.28
C GLU G 497 11.83 41.72 46.47
N GLU G 498 13.08 41.28 46.51
CA GLU G 498 14.12 41.95 45.76
C GLU G 498 13.82 42.01 44.25
N THR G 499 12.64 41.51 43.86
CA THR G 499 12.18 41.65 42.47
C THR G 499 10.70 42.08 42.35
N LYS G 500 10.11 42.47 43.47
CA LYS G 500 8.77 43.04 43.50
C LYS G 500 8.63 44.06 42.36
N GLU G 501 9.64 44.93 42.26
CA GLU G 501 9.74 45.91 41.19
C GLU G 501 10.02 45.25 39.84
N PHE G 502 9.12 44.38 39.40
CA PHE G 502 9.26 43.66 38.14
C PHE G 502 8.07 42.73 37.91
N ARG G 503 6.98 42.98 38.64
CA ARG G 503 5.73 42.25 38.42
C ARG G 503 4.50 43.08 38.79
N SER G 506 6.22 46.68 35.98
CA SER G 506 5.86 46.63 34.55
C SER G 506 7.04 46.88 33.61
N MET G 507 8.22 47.04 34.17
CA MET G 507 9.42 47.07 33.35
C MET G 507 9.78 45.66 32.89
N ILE G 508 10.82 45.55 32.07
CA ILE G 508 11.21 44.26 31.52
C ILE G 508 12.66 44.32 31.10
N LYS G 509 13.43 43.33 31.52
CA LYS G 509 14.77 43.13 30.94
C LYS G 509 15.06 41.66 30.66
N PRO G 510 16.02 41.39 29.76
CA PRO G 510 16.35 40.01 29.38
C PRO G 510 16.90 39.17 30.54
N GLU G 511 16.54 37.89 30.57
CA GLU G 511 17.07 36.97 31.56
C GLU G 511 17.51 35.72 30.85
N VAL G 512 18.46 34.98 31.42
CA VAL G 512 18.75 33.66 30.87
C VAL G 512 18.36 32.56 31.82
N GLU G 513 18.28 32.88 33.10
CA GLU G 513 17.94 31.86 34.10
C GLU G 513 17.14 32.39 35.28
N TRP G 514 17.66 33.46 35.87
CA TRP G 514 16.99 34.13 36.97
C TRP G 514 16.33 35.41 36.51
N GLN G 515 15.14 35.70 37.03
CA GLN G 515 14.38 36.90 36.67
C GLN G 515 15.25 38.14 36.52
N ALA G 516 15.14 38.80 35.36
CA ALA G 516 15.88 40.05 35.13
C ALA G 516 17.39 39.96 35.36
N ASP G 517 18.01 38.83 35.07
CA ASP G 517 19.45 38.73 35.30
C ASP G 517 20.21 39.55 34.26
N GLY G 518 19.50 39.92 33.19
CA GLY G 518 20.05 40.79 32.16
C GLY G 518 20.92 40.17 31.08
N THR G 519 21.19 38.89 31.17
CA THR G 519 22.17 38.26 30.29
C THR G 519 21.70 38.03 28.85
N VAL G 520 22.63 38.25 27.91
CA VAL G 520 22.36 38.14 26.50
C VAL G 520 23.58 37.57 25.79
N LEU G 521 23.36 36.98 24.61
CA LEU G 521 24.46 36.39 23.88
C LEU G 521 24.73 37.19 22.61
N LEU G 522 26.01 37.34 22.29
CA LEU G 522 26.43 38.13 21.17
C LEU G 522 27.36 37.29 20.31
N THR G 523 27.05 37.17 19.02
CA THR G 523 27.85 36.34 18.14
C THR G 523 28.49 37.18 17.05
N MET G 524 29.77 36.96 16.76
CA MET G 524 30.41 37.83 15.79
C MET G 524 31.59 37.19 15.09
N PHE G 525 31.93 37.77 13.95
CA PHE G 525 33.10 37.34 13.22
C PHE G 525 34.09 38.50 13.15
N LEU G 526 35.34 38.24 13.53
CA LEU G 526 36.38 39.25 13.40
C LEU G 526 37.49 38.69 12.56
N PRO G 527 37.80 39.39 11.46
CA PRO G 527 38.79 38.98 10.47
C PRO G 527 40.21 39.00 11.02
N THR G 528 40.50 38.18 12.03
CA THR G 528 41.82 38.18 12.65
C THR G 528 42.15 36.84 13.34
N SER G 529 43.35 36.70 13.89
CA SER G 529 43.72 35.54 14.69
C SER G 529 42.83 35.44 15.94
N LYS G 530 42.79 34.27 16.58
CA LYS G 530 41.77 34.04 17.63
C LYS G 530 42.02 34.68 18.99
N ARG G 531 43.27 34.74 19.41
CA ARG G 531 43.59 35.36 20.69
C ARG G 531 43.26 36.85 20.63
N VAL G 532 43.66 37.48 19.52
CA VAL G 532 43.30 38.88 19.27
C VAL G 532 41.80 39.03 19.09
N ALA G 533 41.24 38.15 18.25
CA ALA G 533 39.80 38.14 17.99
C ALA G 533 39.01 38.11 19.28
N GLU G 534 39.53 37.40 20.28
CA GLU G 534 38.89 37.32 21.58
C GLU G 534 38.88 38.67 22.29
N PHE G 535 40.02 39.36 22.29
CA PHE G 535 40.11 40.62 23.03
C PHE G 535 39.45 41.81 22.34
N ALA G 536 39.57 41.89 21.02
CA ALA G 536 38.82 42.85 20.26
C ALA G 536 37.32 42.64 20.47
N ALA G 537 36.91 41.38 20.56
CA ALA G 537 35.52 41.04 20.86
C ALA G 537 35.03 41.59 22.20
N ILE G 538 35.85 41.55 23.24
CA ILE G 538 35.40 42.05 24.53
C ILE G 538 35.20 43.55 24.43
N GLU G 539 36.16 44.22 23.79
CA GLU G 539 36.10 45.67 23.64
C GLU G 539 34.87 46.12 22.85
N PHE G 540 34.55 45.41 21.78
CA PHE G 540 33.29 45.70 21.09
C PHE G 540 32.13 45.59 22.06
N ALA G 541 32.04 44.46 22.75
CA ALA G 541 30.98 44.21 23.75
C ALA G 541 30.80 45.35 24.77
N LYS G 542 31.90 45.81 25.34
CA LYS G 542 31.89 46.91 26.30
C LYS G 542 31.43 48.20 25.63
N LYS G 543 31.92 48.46 24.43
CA LYS G 543 31.49 49.61 23.62
C LYS G 543 29.98 49.57 23.35
N MET G 544 29.40 48.37 23.40
CA MET G 544 27.95 48.19 23.25
C MET G 544 27.17 48.24 24.58
N ASN G 545 27.86 48.57 25.67
CA ASN G 545 27.22 48.75 26.99
C ASN G 545 26.93 47.46 27.76
N LEU G 546 27.62 46.39 27.40
CA LEU G 546 27.44 45.12 28.10
C LEU G 546 28.36 45.03 29.31
N GLU G 547 27.78 44.83 30.49
CA GLU G 547 28.58 44.55 31.68
C GLU G 547 28.98 43.03 31.79
N GLU G 548 30.04 42.72 32.53
CA GLU G 548 30.43 41.32 32.81
C GLU G 548 30.75 40.45 31.56
N VAL G 549 31.41 41.08 30.59
CA VAL G 549 31.70 40.47 29.29
C VAL G 549 32.71 39.31 29.32
N GLU G 550 32.23 38.10 29.02
CA GLU G 550 33.11 36.93 28.95
C GLU G 550 32.96 36.15 27.66
N VAL G 551 34.08 35.95 26.96
CA VAL G 551 34.12 35.08 25.80
C VAL G 551 33.85 33.64 26.23
N ILE G 552 32.91 32.98 25.56
CA ILE G 552 32.51 31.64 25.95
C ILE G 552 32.64 30.61 24.82
N ASN G 553 33.06 31.06 23.65
CA ASN G 553 33.30 30.17 22.51
C ASN G 553 34.19 30.83 21.47
N ARG G 554 35.20 30.09 21.04
CA ARG G 554 36.01 30.52 19.93
C ARG G 554 36.11 29.41 18.92
N GLU G 555 35.68 29.67 17.69
CA GLU G 555 35.99 28.74 16.62
C GLU G 555 36.82 29.42 15.52
N VAL G 556 37.92 28.77 15.16
CA VAL G 556 38.83 29.26 14.12
C VAL G 556 38.29 29.02 12.69
N MET G 557 37.86 30.09 12.02
CA MET G 557 37.49 29.98 10.60
C MET G 557 38.70 29.58 9.76
N GLN G 558 39.75 30.39 9.81
CA GLN G 558 41.06 30.00 9.28
C GLN G 558 42.10 30.83 10.05
N GLU G 559 43.12 30.17 10.58
CA GLU G 559 44.07 30.82 11.49
C GLU G 559 44.26 32.34 11.30
N ALA G 560 44.36 32.77 10.05
CA ALA G 560 44.65 34.16 9.72
C ALA G 560 43.46 34.97 9.23
N GLU G 561 42.51 34.28 8.59
CA GLU G 561 41.40 34.90 7.87
C GLU G 561 40.28 35.42 8.75
N GLY G 562 40.16 34.88 9.95
CA GLY G 562 39.09 35.33 10.81
C GLY G 562 38.70 34.27 11.80
N THR G 563 37.94 34.68 12.82
CA THR G 563 37.63 33.84 13.94
C THR G 563 36.22 34.11 14.43
N ARG G 564 35.51 33.05 14.82
CA ARG G 564 34.16 33.20 15.33
C ARG G 564 34.15 33.32 16.85
N ILE G 565 33.40 34.28 17.39
CA ILE G 565 33.36 34.52 18.84
C ILE G 565 31.94 34.64 19.37
N GLU G 566 31.70 34.05 20.55
CA GLU G 566 30.40 34.18 21.21
C GLU G 566 30.60 34.69 22.64
N LEU G 567 29.79 35.67 23.03
CA LEU G 567 29.96 36.37 24.30
C LEU G 567 28.70 36.46 25.12
N LYS G 568 28.85 36.36 26.43
CA LYS G 568 27.75 36.71 27.31
C LYS G 568 28.08 38.02 27.99
N GLY G 569 27.07 38.86 28.14
CA GLY G 569 27.20 40.13 28.79
C GLY G 569 25.83 40.45 29.37
N ARG G 570 25.80 41.35 30.36
CA ARG G 570 24.55 41.71 31.01
C ARG G 570 24.16 43.11 30.58
N VAL G 571 22.88 43.27 30.27
CA VAL G 571 22.31 44.54 29.84
C VAL G 571 21.88 45.37 31.06
N PRO G 572 22.45 46.58 31.18
CA PRO G 572 22.37 47.41 32.39
C PRO G 572 21.06 48.13 32.62
N PHE G 573 20.06 47.97 31.76
CA PHE G 573 18.83 48.76 31.90
C PHE G 573 17.57 48.03 31.51
N SER G 574 16.44 48.71 31.64
CA SER G 574 15.13 48.15 31.36
C SER G 574 14.34 49.03 30.38
N ILE G 575 13.25 48.49 29.85
CA ILE G 575 12.31 49.26 29.05
C ILE G 575 10.95 49.16 29.71
N ASP G 576 10.14 50.20 29.61
CA ASP G 576 8.75 50.09 30.04
C ASP G 576 7.97 49.61 28.83
N ILE G 577 7.38 48.42 28.92
CA ILE G 577 6.52 47.93 27.85
C ILE G 577 5.70 49.09 27.31
N ASN G 578 5.11 49.86 28.22
CA ASN G 578 4.25 51.02 27.91
C ASN G 578 4.91 52.13 27.05
N SER G 579 6.24 52.14 26.98
CA SER G 579 6.96 53.12 26.17
C SER G 579 7.10 52.63 24.73
N LEU G 580 6.45 51.53 24.41
CA LEU G 580 6.64 50.87 23.12
C LEU G 580 5.64 51.33 22.04
N VAL G 581 6.17 51.61 20.86
CA VAL G 581 5.35 51.93 19.70
C VAL G 581 5.11 50.69 18.84
N ILE G 582 3.86 50.24 18.74
CA ILE G 582 3.55 49.04 17.96
C ILE G 582 2.31 49.18 17.06
N PRO G 583 2.52 49.32 15.73
CA PRO G 583 1.42 49.33 14.74
C PRO G 583 0.73 47.97 14.65
N PRO G 584 -0.60 47.95 14.39
CA PRO G 584 -1.29 46.66 14.26
C PRO G 584 -1.25 46.09 12.84
N ASP H 6 46.71 -11.76 26.88
CA ASP H 6 45.98 -11.01 27.90
C ASP H 6 44.54 -11.52 27.97
N PHE H 7 43.73 -11.19 26.96
CA PHE H 7 42.29 -11.48 26.95
C PHE H 7 41.98 -12.79 26.27
N GLN H 8 42.74 -13.11 25.22
CA GLN H 8 42.47 -14.31 24.43
C GLN H 8 42.65 -15.60 25.22
N GLN H 9 43.56 -15.59 26.19
CA GLN H 9 43.73 -16.75 27.04
C GLN H 9 42.65 -16.81 28.13
N ARG H 10 42.25 -15.63 28.60
CA ARG H 10 41.30 -15.58 29.71
C ARG H 10 39.91 -15.95 29.27
N ARG H 11 39.61 -15.70 27.99
CA ARG H 11 38.29 -15.98 27.47
C ARG H 11 38.17 -17.44 27.10
N ALA H 12 39.32 -18.12 27.06
CA ALA H 12 39.41 -19.48 26.56
C ALA H 12 38.29 -20.38 27.10
N HIS H 13 38.06 -20.32 28.40
CA HIS H 13 37.07 -21.19 29.04
C HIS H 13 35.60 -20.93 28.66
N LEU H 14 35.33 -19.82 27.99
CA LEU H 14 33.97 -19.40 27.70
C LEU H 14 33.58 -19.75 26.26
N ALA H 15 34.59 -19.92 25.42
CA ALA H 15 34.38 -20.00 23.97
C ALA H 15 33.25 -20.95 23.57
N ASN H 16 33.05 -22.01 24.34
CA ASN H 16 32.05 -23.02 23.97
C ASN H 16 30.64 -22.80 24.51
N LEU H 17 30.48 -21.88 25.46
CA LEU H 17 29.16 -21.53 25.96
C LEU H 17 28.30 -20.95 24.87
N SER H 18 27.01 -21.26 24.86
CA SER H 18 26.15 -20.63 23.90
C SER H 18 25.96 -19.17 24.33
N ASP H 19 25.32 -18.37 23.49
CA ASP H 19 25.07 -17.00 23.83
C ASP H 19 24.12 -16.91 25.01
N GLU H 20 23.31 -17.95 25.17
CA GLU H 20 22.31 -17.95 26.22
C GLU H 20 22.86 -18.60 27.50
N GLU H 21 23.88 -19.42 27.36
CA GLU H 21 24.54 -19.97 28.53
C GLU H 21 25.44 -18.87 29.12
N LEU H 22 26.00 -18.04 28.24
CA LEU H 22 26.86 -16.93 28.67
C LEU H 22 26.06 -15.88 29.44
N GLN H 23 24.81 -15.69 29.06
CA GLN H 23 23.97 -14.72 29.72
C GLN H 23 23.56 -15.24 31.09
N THR H 24 23.24 -16.51 31.14
CA THR H 24 22.82 -17.12 32.40
C THR H 24 23.96 -16.99 33.39
N ARG H 25 25.15 -17.28 32.95
CA ARG H 25 26.29 -17.26 33.85
C ARG H 25 26.58 -15.83 34.31
N PHE H 26 26.42 -14.87 33.39
CA PHE H 26 26.55 -13.47 33.72
C PHE H 26 25.62 -13.07 34.88
N TRP H 27 24.41 -13.61 34.89
CA TRP H 27 23.47 -13.26 35.94
C TRP H 27 23.56 -14.11 37.21
N GLU H 28 24.09 -15.32 37.12
CA GLU H 28 24.19 -16.14 38.32
C GLU H 28 25.22 -15.48 39.18
N MET H 29 26.31 -15.06 38.55
CA MET H 29 27.38 -14.39 39.27
C MET H 29 26.88 -13.07 39.85
N ALA H 30 26.23 -12.27 39.02
CA ALA H 30 25.61 -11.04 39.49
C ALA H 30 24.89 -11.30 40.81
N GLU H 31 23.99 -12.28 40.82
CA GLU H 31 23.18 -12.59 41.99
C GLU H 31 24.03 -13.08 43.17
N LYS H 32 25.03 -13.93 42.89
CA LYS H 32 25.99 -14.36 43.91
C LYS H 32 26.66 -13.16 44.57
N ILE H 33 27.08 -12.19 43.76
CA ILE H 33 27.78 -11.00 44.24
C ILE H 33 26.92 -10.14 45.18
N VAL H 34 25.64 -9.98 44.85
CA VAL H 34 24.74 -9.13 45.65
C VAL H 34 24.14 -9.79 46.90
N ASP H 35 23.98 -11.11 46.88
CA ASP H 35 23.38 -11.84 48.00
C ASP H 35 23.95 -11.41 49.35
N PRO H 36 25.28 -11.37 49.49
CA PRO H 36 25.82 -10.98 50.80
C PRO H 36 25.44 -9.54 51.14
N LEU H 37 25.19 -8.72 50.13
CA LEU H 37 24.87 -7.32 50.34
C LEU H 37 23.49 -7.18 50.94
N LEU H 38 22.53 -7.86 50.34
CA LEU H 38 21.18 -7.95 50.87
C LEU H 38 21.14 -8.50 52.30
N ASP H 39 22.10 -9.34 52.63
CA ASP H 39 22.22 -9.85 53.99
C ASP H 39 22.47 -8.74 54.97
N LEU H 40 23.40 -7.86 54.63
CA LEU H 40 23.74 -6.72 55.46
C LEU H 40 22.52 -5.86 55.79
N GLY H 41 21.65 -5.66 54.79
CA GLY H 41 20.47 -4.84 54.96
C GLY H 41 19.36 -5.53 55.76
N LYS H 42 19.43 -6.85 55.91
CA LYS H 42 18.44 -7.57 56.69
C LYS H 42 18.77 -7.59 58.18
N LYS H 43 20.06 -7.55 58.50
CA LYS H 43 20.54 -7.77 59.86
C LYS H 43 20.99 -6.51 60.63
N ASN H 44 21.07 -5.38 59.95
CA ASN H 44 21.59 -4.17 60.59
C ASN H 44 20.75 -2.95 60.28
N THR H 45 20.95 -1.90 61.04
CA THR H 45 20.35 -0.63 60.75
C THR H 45 21.38 0.49 60.86
N THR H 46 21.00 1.71 60.49
CA THR H 46 21.92 2.85 60.51
C THR H 46 21.17 4.13 60.91
N PRO H 47 21.90 5.21 61.20
CA PRO H 47 21.18 6.43 61.61
C PRO H 47 20.11 6.90 60.60
N SER H 48 20.39 6.78 59.31
CA SER H 48 19.46 7.35 58.34
C SER H 48 18.21 6.49 58.28
N ILE H 49 18.37 5.17 58.41
CA ILE H 49 17.21 4.29 58.42
C ILE H 49 16.34 4.58 59.63
N GLU H 50 16.95 4.84 60.78
CA GLU H 50 16.18 5.07 62.00
C GLU H 50 15.48 6.44 61.98
N ARG H 51 16.20 7.47 61.55
CA ARG H 51 15.56 8.77 61.31
C ARG H 51 14.34 8.60 60.38
N SER H 52 14.48 7.74 59.37
CA SER H 52 13.42 7.57 58.37
C SER H 52 12.24 6.72 58.89
N VAL H 53 12.48 5.86 59.87
CA VAL H 53 11.36 5.23 60.54
C VAL H 53 10.61 6.28 61.37
N LEU H 54 11.33 7.03 62.20
CA LEU H 54 10.77 8.21 62.89
C LEU H 54 10.01 9.18 61.95
N LEU H 55 10.62 9.55 60.83
CA LEU H 55 9.95 10.39 59.86
C LEU H 55 8.55 9.90 59.53
N ARG H 56 8.43 8.59 59.36
CA ARG H 56 7.16 7.93 59.01
C ARG H 56 6.18 7.84 60.19
N MET H 57 6.66 8.16 61.38
CA MET H 57 5.87 8.02 62.60
C MET H 57 5.28 9.34 63.10
N GLY H 58 5.63 10.44 62.45
CA GLY H 58 5.04 11.71 62.78
C GLY H 58 6.06 12.64 63.38
N PHE H 59 7.33 12.48 63.01
CA PHE H 59 8.34 13.37 63.55
C PHE H 59 9.06 14.15 62.46
N SER H 60 9.63 15.29 62.83
CA SER H 60 10.33 16.17 61.92
C SER H 60 11.78 15.74 61.81
N SER H 61 12.43 16.11 60.71
CA SER H 61 13.83 15.78 60.49
C SER H 61 14.62 16.22 61.70
N LEU H 62 14.21 17.35 62.28
CA LEU H 62 14.86 17.89 63.46
C LEU H 62 14.74 16.99 64.69
N GLU H 63 13.51 16.61 65.03
CA GLU H 63 13.22 15.67 66.11
C GLU H 63 13.84 14.28 65.89
N ALA H 64 13.79 13.77 64.66
CA ALA H 64 14.39 12.49 64.33
C ALA H 64 15.89 12.47 64.62
N LYS H 65 16.57 13.57 64.33
CA LYS H 65 18.00 13.65 64.64
C LYS H 65 18.17 13.52 66.16
N ALA H 66 17.49 14.38 66.90
CA ALA H 66 17.54 14.36 68.36
C ALA H 66 17.41 12.95 68.93
N ILE H 67 16.35 12.25 68.54
CA ILE H 67 16.07 10.93 69.06
C ILE H 67 17.18 10.00 68.65
N VAL H 68 17.36 9.86 67.35
CA VAL H 68 18.40 8.96 66.83
C VAL H 68 19.79 9.19 67.45
N ASP H 69 20.17 10.46 67.67
CA ASP H 69 21.42 10.76 68.40
C ASP H 69 21.41 10.31 69.89
N LYS H 70 20.31 10.56 70.60
CA LYS H 70 20.17 10.00 71.95
C LYS H 70 20.06 8.47 71.93
N THR H 71 19.43 7.90 70.91
CA THR H 71 19.37 6.44 70.78
C THR H 71 20.76 5.86 70.62
N MET H 72 21.62 6.59 69.93
CA MET H 72 22.92 6.06 69.58
C MET H 72 23.94 6.18 70.71
N ASP H 73 23.78 7.21 71.53
CA ASP H 73 24.68 7.52 72.64
C ASP H 73 24.54 6.49 73.74
N ARG H 74 23.39 5.81 73.75
CA ARG H 74 23.08 4.80 74.75
C ARG H 74 23.08 3.42 74.12
N GLY H 75 23.70 3.30 72.96
CA GLY H 75 23.86 2.04 72.24
C GLY H 75 22.59 1.21 72.07
N LEU H 76 21.49 1.88 71.75
CA LEU H 76 20.18 1.24 71.69
C LEU H 76 19.66 1.10 70.27
N MET H 77 20.41 1.57 69.27
CA MET H 77 20.02 1.40 67.86
C MET H 77 19.50 0.01 67.55
N GLY H 78 20.15 -1.01 68.09
CA GLY H 78 19.77 -2.38 67.80
C GLY H 78 18.34 -2.73 68.16
N LYS H 79 17.68 -1.85 68.89
CA LYS H 79 16.29 -2.06 69.30
C LYS H 79 15.35 -1.41 68.30
N GLY H 80 15.87 -0.45 67.55
CA GLY H 80 15.05 0.38 66.68
C GLY H 80 14.57 1.63 67.39
N ALA H 81 15.05 2.78 66.94
CA ALA H 81 14.61 4.06 67.47
C ALA H 81 13.10 4.13 67.64
N GLY H 82 12.37 3.74 66.60
CA GLY H 82 10.92 3.87 66.60
C GLY H 82 10.26 2.87 67.52
N HIS H 83 10.99 1.80 67.83
CA HIS H 83 10.57 0.88 68.86
C HIS H 83 10.55 1.60 70.22
N ILE H 84 11.63 2.31 70.53
CA ILE H 84 11.74 3.07 71.78
C ILE H 84 10.47 3.89 71.92
N VAL H 85 10.20 4.74 70.95
CA VAL H 85 9.08 5.67 71.05
C VAL H 85 7.76 4.93 71.29
N TYR H 86 7.61 3.75 70.70
CA TYR H 86 6.42 2.92 70.86
C TYR H 86 6.20 2.44 72.31
N LYS H 87 7.19 1.76 72.86
CA LYS H 87 7.10 1.19 74.21
C LYS H 87 7.04 2.27 75.28
N ILE H 88 7.83 3.33 75.10
CA ILE H 88 7.80 4.43 76.05
C ILE H 88 6.45 5.12 76.00
N ALA H 89 5.78 5.00 74.87
CA ALA H 89 4.47 5.60 74.74
C ALA H 89 3.43 4.69 75.39
N LYS H 90 3.66 3.37 75.33
CA LYS H 90 2.71 2.43 75.93
C LYS H 90 2.95 2.17 77.43
N GLU H 91 4.10 2.59 77.93
CA GLU H 91 4.35 2.53 79.37
C GLU H 91 3.93 3.81 80.10
N LYS H 92 3.58 4.85 79.35
CA LYS H 92 3.22 6.12 79.98
C LYS H 92 1.79 6.55 79.65
N ASN H 93 1.12 5.81 78.78
CA ASN H 93 -0.21 6.20 78.30
C ASN H 93 -0.23 7.61 77.72
N ILE H 94 0.84 7.96 77.02
CA ILE H 94 0.84 9.15 76.18
C ILE H 94 0.75 8.68 74.74
N SER H 95 0.58 9.61 73.81
CA SER H 95 0.53 9.20 72.41
C SER H 95 1.95 9.07 71.86
N VAL H 96 2.11 8.09 70.96
CA VAL H 96 3.32 7.93 70.18
C VAL H 96 3.97 9.29 69.97
N ARG H 97 3.17 10.27 69.54
CA ARG H 97 3.68 11.62 69.24
C ARG H 97 4.29 12.33 70.46
N GLU H 98 3.58 12.26 71.59
CA GLU H 98 4.04 12.90 72.83
C GLU H 98 5.20 12.11 73.43
N ALA H 99 5.14 10.78 73.29
CA ALA H 99 6.25 9.95 73.72
C ALA H 99 7.52 10.41 73.02
N GLY H 100 7.44 10.47 71.68
CA GLY H 100 8.56 10.85 70.84
C GLY H 100 9.09 12.22 71.18
N LEU H 101 8.22 13.22 71.11
CA LEU H 101 8.61 14.60 71.40
C LEU H 101 9.30 14.69 72.76
N ALA H 102 8.79 13.94 73.72
CA ALA H 102 9.40 13.91 75.05
C ALA H 102 10.85 13.44 74.95
N LEU H 103 11.05 12.35 74.22
CA LEU H 103 12.38 11.78 74.04
C LEU H 103 13.34 12.75 73.35
N SER H 104 12.82 13.62 72.49
CA SER H 104 13.65 14.56 71.72
C SER H 104 14.18 15.66 72.60
N GLU H 105 13.37 16.05 73.60
CA GLU H 105 13.79 17.00 74.61
C GLU H 105 14.55 16.28 75.73
N GLY H 106 14.89 15.02 75.50
CA GLY H 106 15.77 14.29 76.40
C GLY H 106 15.15 13.85 77.72
N LYS H 107 13.85 13.57 77.71
CA LYS H 107 13.19 13.00 78.88
C LYS H 107 12.97 11.51 78.71
N TYR H 108 12.61 10.81 79.79
CA TYR H 108 12.37 9.36 79.79
C TYR H 108 13.51 8.51 79.22
N TRP H 109 14.72 9.05 79.08
CA TRP H 109 15.80 8.18 78.61
C TRP H 109 16.20 7.14 79.65
N ASP H 110 16.29 7.55 80.92
CA ASP H 110 16.55 6.60 82.01
C ASP H 110 15.51 5.46 81.98
N ASP H 111 14.23 5.81 81.80
CA ASP H 111 13.16 4.81 81.64
C ASP H 111 13.37 3.92 80.43
N ALA H 112 13.74 4.54 79.31
CA ALA H 112 14.00 3.80 78.10
C ALA H 112 15.11 2.79 78.35
N ILE H 113 16.04 3.12 79.23
CA ILE H 113 17.17 2.24 79.50
C ILE H 113 16.81 0.88 80.14
N GLN H 114 15.68 0.80 80.85
CA GLN H 114 14.88 -0.44 80.89
C GLN H 114 13.53 -0.23 80.20
N1 5AD I . 0.91 -52.85 -0.41
C2 5AD I . -0.26 -52.45 -0.94
N3 5AD I . -0.72 -51.12 -0.70
C4 5AD I . 0.06 -50.23 0.10
N9 5AD I . -0.15 -48.94 0.47
C8 5AD I . 0.91 -48.50 1.25
N7 5AD I . 1.78 -49.58 1.35
C5 5AD I . 1.28 -50.64 0.65
C6 5AD I . 1.72 -51.93 0.41
N6 5AD I . 2.98 -52.40 0.96
C1' 5AD I . -1.26 -48.23 -0.04
C2' 5AD I . -1.58 -47.70 -1.44
C3' 5AD I . -2.94 -48.28 -1.74
C4' 5AD I . -3.58 -48.45 -0.35
C5' 5AD I . -4.96 -49.01 -0.14
O4' 5AD I . -2.50 -48.78 0.54
O2' 5AD I . -1.17 -46.42 -1.79
O3' 5AD I . -3.61 -47.79 -2.84
C Z98 J . -12.49 -24.21 -6.73
N Z98 J . -11.12 -22.71 -5.50
O Z98 J . -13.45 -24.99 -6.66
P Z98 J . -9.00 -30.99 0.09
N1 Z98 J . -7.81 -25.74 0.51
C2 Z98 J . -8.71 -24.61 0.15
C3 Z98 J . -9.97 -24.89 -0.56
O3 Z98 J . -10.74 -23.77 -0.88
C4 Z98 J . -10.33 -26.29 -0.94
C5 Z98 J . -9.39 -27.41 -0.56
C6 Z98 J . -8.15 -27.16 0.14
CA Z98 J . -11.68 -24.06 -5.51
CB Z98 J . -12.58 -24.53 -4.34
ND Z98 J . -12.59 -25.67 -2.03
CG Z98 J . -11.94 -24.74 -3.00
C2A Z98 J . -8.37 -23.19 0.51
C4A Z98 J . -11.59 -26.67 -1.66
C5A Z98 J . -9.78 -28.83 -0.94
OP1 Z98 J . -8.15 -30.59 1.37
OP2 Z98 J . -8.39 -32.29 -0.49
OP3 Z98 J . -10.49 -31.26 0.37
OP4 Z98 J . -8.78 -29.80 -0.85
OXT Z98 J . -12.45 -23.07 -7.53
CO B12 K . 24.81 26.76 57.73
N21 B12 K . 25.73 28.45 57.81
N22 B12 K . 24.95 26.72 59.65
N23 B12 K . 23.82 25.11 57.52
N24 B12 K . 25.22 26.86 55.88
C1 B12 K . 25.89 29.17 56.50
C20 B12 K . 27.39 29.31 56.24
C2 B12 K . 25.33 30.58 56.66
C25 B12 K . 26.28 31.57 55.98
C26 B12 K . 23.91 30.81 56.13
C27 B12 K . 23.51 32.29 56.22
O28 B12 K . 23.09 32.79 57.26
N29 B12 K . 23.61 33.02 55.11
C3 B12 K . 25.31 30.81 58.18
C30 B12 K . 26.62 31.34 58.75
C31 B12 K . 26.60 32.84 59.06
C32 B12 K . 27.98 33.43 59.24
O34 B12 K . 28.85 32.88 59.88
N33 B12 K . 28.16 34.60 58.64
C4 B12 K . 25.16 29.41 58.68
C5 B12 K . 24.51 29.10 59.96
C35 B12 K . 23.97 30.24 60.77
C6 B12 K . 24.41 27.82 60.39
C7 B12 K . 23.81 27.40 61.72
C36 B12 K . 24.43 28.16 62.89
C37 B12 K . 22.29 27.57 61.72
C38 B12 K . 21.67 27.00 62.99
O39 B12 K . 21.01 27.76 63.70
N40 B12 K . 21.86 25.71 63.26
C8 B12 K . 24.21 25.94 61.80
C41 B12 K . 25.54 25.83 62.52
C42 B12 K . 26.30 24.56 62.13
C43 B12 K . 27.40 24.28 63.12
O44 B12 K . 28.48 24.82 63.00
N45 B12 K . 27.12 23.41 64.11
C9 B12 K . 24.43 25.61 60.36
C10 B12 K . 24.10 24.29 59.80
C11 B12 K . 23.86 24.08 58.51
C12 B12 K . 23.48 22.66 58.10
C46 B12 K . 22.19 22.46 57.32
C47 B12 K . 24.35 21.46 58.44
C13 B12 K . 24.12 22.83 56.69
C48 B12 K . 25.52 22.24 56.45
C49 B12 K . 25.48 20.79 55.96
C50 B12 K . 26.89 20.26 55.76
O51 B12 K . 27.76 21.00 55.35
N52 B12 K . 27.08 18.96 56.06
C14 B12 K . 24.11 24.30 56.37
C15 B12 K . 24.14 24.89 55.02
C53 B12 K . 23.52 24.12 53.88
C16 B12 K . 24.57 26.16 54.84
C17 B12 K . 24.65 26.95 53.55
C54 B12 K . 23.23 27.36 53.15
C55 B12 K . 25.33 26.13 52.45
C56 B12 K . 26.84 26.14 52.58
C57 B12 K . 27.41 25.10 51.64
O58 B12 K . 27.51 23.94 52.01
N59 B12 K . 27.79 25.56 50.43
C18 B12 K . 25.45 28.21 53.93
C60 B12 K . 25.04 29.51 53.26
C61 B12 K . 25.97 29.78 52.07
O63 B12 K . 27.19 29.84 52.20
N62 B12 K . 25.36 29.90 50.87
C19 B12 K . 25.45 28.18 55.44
C1P B12 K . 28.23 24.72 49.34
C2P B12 K . 29.74 24.51 49.43
C3P B12 K . 30.29 23.65 48.29
O3 B12 K . 30.35 25.79 49.38
O4 B12 K . 31.35 25.59 51.68
O5 B12 K . 31.70 27.65 50.32
P B12 K . 31.59 26.15 50.32
O2 B12 K . 32.94 25.54 49.69
C3R B12 K . 33.63 26.05 48.55
C2R B12 K . 34.63 27.16 48.88
O7R B12 K . 34.36 27.86 50.10
C1R B12 K . 36.01 26.49 48.86
O6R B12 K . 35.87 25.49 47.83
C4R B12 K . 34.53 24.96 47.94
C5R B12 K . 34.04 24.39 46.61
O8R B12 K . 34.06 25.40 45.58
N1B B12 K . 36.43 25.85 50.18
C8B B12 K . 37.65 25.36 50.43
C2B B12 K . 35.69 25.66 51.28
N3B B12 K . 36.40 25.04 52.28
C9B B12 K . 37.63 24.81 51.81
C4B B12 K . 38.78 24.24 52.35
C5B B12 K . 39.93 24.15 51.59
C5M B12 K . 41.18 23.54 52.15
C6B B12 K . 39.94 24.68 50.20
C6M B12 K . 41.18 24.59 49.35
C7B B12 K . 38.80 25.27 49.67
C Z98 L . 21.89 24.06 -6.04
N Z98 L . 21.18 26.01 -4.71
O Z98 L . 22.84 23.98 -5.29
P Z98 L . 20.45 31.15 -13.44
N1 Z98 L . 20.35 25.90 -13.81
C2 Z98 L . 20.03 24.87 -12.79
C3 Z98 L . 19.75 25.29 -11.41
O3 Z98 L . 19.46 24.30 -10.51
C4 Z98 L . 19.75 26.74 -11.04
C5 Z98 L . 20.08 27.77 -12.11
C6 Z98 L . 20.37 27.36 -13.47
CA Z98 L . 20.90 25.17 -5.84
CB Z98 L . 20.53 25.93 -7.11
ND Z98 L . 18.58 26.43 -8.74
CG Z98 L . 19.32 25.47 -7.89
C2A Z98 L . 20.04 23.40 -13.15
C4A Z98 L . 19.48 27.17 -9.63
C5A Z98 L . 20.16 29.26 -11.74
OP1 Z98 L . 20.24 30.73 -14.96
OP2 Z98 L . 21.95 30.91 -13.12
OP3 Z98 L . 20.07 32.61 -13.18
OP4 Z98 L . 19.57 30.24 -12.57
OXT Z98 L . 21.59 23.01 -6.88
CO B12 M . -6.01 -49.04 1.67
N21 B12 M . -7.28 -50.44 1.34
N22 B12 M . -5.15 -50.21 2.95
N23 B12 M . -4.74 -47.60 1.91
N24 B12 M . -7.25 -47.96 0.74
C1 B12 M . -8.23 -50.17 0.22
C20 B12 M . -9.62 -50.11 0.82
C2 B12 M . -8.15 -51.39 -0.75
C25 B12 M . -9.56 -51.74 -1.23
C26 B12 M . -7.24 -51.32 -1.99
C27 B12 M . -7.22 -52.69 -2.68
O28 B12 M . -6.80 -53.69 -2.10
N29 B12 M . -7.68 -52.80 -3.92
C3 B12 M . -7.56 -52.52 0.12
C30 B12 M . -8.63 -53.28 0.88
C31 B12 M . -8.78 -54.71 0.43
C32 B12 M . -9.80 -55.39 1.32
O34 B12 M . -9.57 -55.56 2.51
N33 B12 M . -10.93 -55.78 0.75
C4 B12 M . -6.75 -51.73 1.09
C5 B12 M . -5.53 -52.27 1.66
C35 B12 M . -5.15 -53.65 1.23
C6 B12 M . -4.78 -51.53 2.50
C7 B12 M . -3.49 -52.00 3.14
C36 B12 M . -3.68 -53.31 3.88
C37 B12 M . -2.38 -52.08 2.10
C38 B12 M . -1.02 -52.21 2.74
O39 B12 M . -0.42 -53.28 2.67
N40 B12 M . -0.51 -51.14 3.37
C8 B12 M . -3.13 -50.87 4.11
C41 B12 M . -3.31 -51.26 5.57
C42 B12 M . -4.71 -51.00 6.10
C43 B12 M . -4.60 -50.91 7.61
O44 B12 M . -3.66 -50.33 8.11
N45 B12 M . -5.56 -51.49 8.33
C9 B12 M . -4.03 -49.77 3.68
C10 B12 M . -3.73 -48.38 3.98
C11 B12 M . -4.08 -47.39 3.15
C12 B12 M . -3.62 -46.00 3.57
C46 B12 M . -2.68 -45.28 2.62
C47 B12 M . -4.19 -45.35 4.82
C13 B12 M . -4.73 -45.31 2.74
C48 B12 M . -5.92 -44.78 3.54
C49 B12 M . -5.94 -43.26 3.62
C50 B12 M . -7.11 -42.85 4.50
O51 B12 M . -8.26 -43.13 4.19
N52 B12 M . -6.80 -42.18 5.60
C14 B12 M . -5.24 -46.28 1.73
C15 B12 M . -6.08 -45.88 0.60
C53 B12 M . -5.81 -44.54 -0.02
C16 B12 M . -6.97 -46.74 0.11
C17 B12 M . -7.94 -46.48 -1.03
C54 B12 M . -7.24 -46.15 -2.35
C55 B12 M . -8.79 -45.33 -0.52
C56 B12 M . -10.27 -45.39 -0.85
C57 B12 M . -10.94 -44.30 -0.05
O58 B12 M . -10.32 -43.76 0.87
N59 B12 M . -12.18 -43.99 -0.40
C18 B12 M . -8.71 -47.81 -1.16
C60 B12 M . -8.87 -48.28 -2.61
C61 B12 M . -10.28 -47.90 -3.03
O63 B12 M . -11.23 -48.05 -2.26
N62 B12 M . -10.45 -47.37 -4.24
C19 B12 M . -8.04 -48.72 -0.16
C1P B12 M . -12.68 -42.62 -0.50
C2P B12 M . -13.88 -42.49 0.42
C3P B12 M . -14.63 -41.21 0.16
O3 B12 M . -14.73 -43.57 0.12
O4 B12 M . -14.02 -45.03 2.10
O5 B12 M . -15.66 -45.87 0.49
P B12 M . -15.16 -44.65 1.21
O2 B12 M . -16.36 -43.99 2.05
C3R B12 M . -17.59 -43.64 1.41
C2R B12 M . -18.57 -44.75 1.66
O7R B12 M . -17.84 -45.90 2.07
C1R B12 M . -19.45 -44.25 2.79
O6R B12 M . -19.41 -42.82 2.73
C4R B12 M . -18.19 -42.41 2.10
C5R B12 M . -18.43 -41.26 1.13
O8R B12 M . -19.25 -41.66 0.03
N1B B12 M . -18.98 -44.71 4.14
C8B B12 M . -19.68 -44.59 5.27
C2B B12 M . -17.81 -45.30 4.42
N3B B12 M . -17.70 -45.59 5.74
C9B B12 M . -18.83 -45.18 6.34
C4B B12 M . -19.27 -45.20 7.65
C5B B12 M . -20.52 -44.68 7.96
C5M B12 M . -21.04 -44.69 9.38
C6B B12 M . -21.37 -44.10 6.91
C6M B12 M . -22.71 -43.54 7.28
C7B B12 M . -20.92 -44.07 5.59
C Z98 N . -36.60 -8.16 -36.90
N Z98 N . -35.09 -10.07 -36.70
O Z98 N . -37.68 -8.67 -36.69
P Z98 N . -41.49 -9.26 -45.88
N1 Z98 N . -40.02 -4.60 -43.08
C2 Z98 N . -38.84 -4.41 -42.19
C3 Z98 N . -37.92 -5.53 -41.98
O3 Z98 N . -36.81 -5.34 -41.16
C4 Z98 N . -38.13 -6.84 -42.65
C5 Z98 N . -39.34 -7.02 -43.56
C6 Z98 N . -40.26 -5.92 -43.76
CA Z98 N . -35.62 -9.03 -37.57
CB Z98 N . -36.11 -9.47 -38.99
ND Z98 N . -37.28 -8.71 -41.15
CG Z98 N . -36.34 -8.37 -40.03
C2A Z98 N . -38.56 -3.10 -41.46
C4A Z98 N . -37.11 -7.90 -42.37
C5A Z98 N . -39.63 -8.36 -44.27
OP1 Z98 N . -42.82 -10.05 -45.54
OP2 Z98 N . -40.44 -10.25 -46.50
OP3 Z98 N . -41.82 -8.13 -46.84
OP4 Z98 N . -40.99 -8.64 -44.54
OXT Z98 N . -36.48 -6.78 -36.98
N1 5AD O . 18.55 29.11 62.83
C2 5AD O . 19.17 29.46 61.67
N3 5AD O . 19.42 28.46 60.70
C4 5AD O . 19.03 27.09 60.92
N9 5AD O . 19.15 25.95 60.17
C8 5AD O . 18.59 24.91 60.88
N7 5AD O . 18.12 25.42 62.08
C5 5AD O . 18.39 26.75 62.12
C6 5AD O . 18.14 27.71 63.07
N6 5AD O . 17.49 27.33 64.33
C1' 5AD O . 19.70 25.91 58.84
C2' 5AD O . 19.22 26.33 57.43
C3' 5AD O . 20.33 27.18 56.89
C4' 5AD O . 21.57 26.69 57.60
C5' 5AD O . 22.87 27.43 57.40
O4' 5AD O . 21.15 26.19 58.89
O2' 5AD O . 18.46 25.45 56.65
O3' 5AD O . 20.38 27.43 55.55
C Z98 P . 21.92 12.42 34.81
N Z98 P . 23.32 14.32 35.35
O Z98 P . 21.11 13.20 34.33
P Z98 P . 24.24 14.23 44.63
N1 Z98 P . 22.98 9.33 42.41
C2 Z98 P . 23.14 8.89 41.03
C3 Z98 P . 23.83 9.77 40.07
O3 Z98 P . 23.99 9.32 38.76
C4 Z98 P . 24.36 11.08 40.50
C5 Z98 P . 24.17 11.54 41.94
C6 Z98 P . 23.49 10.65 42.86
CA Z98 P . 23.31 12.92 34.98
CB Z98 P . 24.23 11.97 35.79
ND Z98 P . 24.16 12.18 38.32
CG Z98 P . 24.92 12.43 37.06
C2A Z98 P . 22.62 7.55 40.54
C4A Z98 P . 25.00 11.96 39.49
C5A Z98 P . 24.72 12.88 42.44
OP1 Z98 P . 22.99 15.11 45.07
OP2 Z98 P . 25.56 15.07 44.69
OP3 Z98 P . 24.30 13.03 45.57
OP4 Z98 P . 23.90 13.72 43.21
OXT Z98 P . 21.65 11.06 34.79
#